data_4RET
#
_entry.id   4RET
#
_cell.length_a   118.240
_cell.length_b   118.350
_cell.length_c   494.090
_cell.angle_alpha   90.00
_cell.angle_beta   90.00
_cell.angle_gamma   90.00
#
_symmetry.space_group_name_H-M   'P 21 21 21'
#
loop_
_entity.id
_entity.type
_entity.pdbx_description
1 polymer 'Sodium/potassium-transporting ATPase subunit alpha-1'
2 polymer 'Sodium/potassium-transporting ATPase subunit beta-1'
3 polymer 'Na+/K+ ATPase gamma subunit transcript variant a'
4 branched 2-acetamido-2-deoxy-beta-D-glucopyranose-(1-4)-2-acetamido-2-deoxy-beta-D-glucopyranose
5 branched beta-D-fructofuranose-(2-1)-alpha-D-glucopyranose
6 non-polymer 'MAGNESIUM ION'
7 non-polymer CHOLESTEROL
8 non-polymer DIGOXIN
9 non-polymer O-[(S)-({(2R)-2,3-bis[(9Z)-octadec-9-enoyloxy]propyl}oxy)(hydroxy)phosphoryl]-L-serine
10 non-polymer 2-acetamido-2-deoxy-beta-D-glucopyranose
11 water water
#
loop_
_entity_poly.entity_id
_entity_poly.type
_entity_poly.pdbx_seq_one_letter_code
_entity_poly.pdbx_strand_id
1 'polypeptide(L)'
;MGKGVGRDKYEPAAVSEHGDKKKAKKERDMDELKKEVSMDDHKLSLDELHRKYGTDLSRGLTPARAAEILARDGPNALTP
PPTTPEWVKFCRQLFGGFSMLLWIGAILCFLAYGIQAATEEEPQNDNLYLGVVLSAVVIITGCFSYYQEAKSSKIMESFK
NMVPQQALVIRNGEKMSINAEEVVVGDLVEVKGGDRIPADLRIISANGCKVDNSSLTGESEPQTRSPDFTNENPLETRNI
AFFSTNCVEGTARGIVVYTGDRTVMGRIATLASGLEGGQTPIAAEIEHFIHIITGVAVFLGVSFFILSLILEYTWLEAVI
FLIGIIVANVPEGLLATVTVCLTLTAKRMARKNCLVKNLEAVETLGSTSTICS(PHD)KTGTLTQNRMTVAHMWSDNQIH
EADTTENQSGVSFDKTSATWLALSRIAGLCNRAVFQANQENLPILKRAVAGDASESALLKCIELCCGSVKEMRERYTKIV
EIPFNSTNKYQLSIHKNPNTAEPRHLLVMKGAPERILDRCSSILIHGKEQPLDEELKDAFQNAYLELGGLGERVLGFCHL
FLPDEQFPEGFQFDTDDVNFPLDNLCFVGLISMIDPPRAAVPDAVGKCRSAGIKVIMVTGDHPITAKAIAKGVGIISEGN
ETVEDIAARLNIPVSQVNPRDAKACVVHGSDLKDMTSEQLDDILKYHTEIVFARTSPQQKLIIVEGCQRQGAIVAVTGDG
VNDSPASKKADIGVAMGIAGSDVSKQAADMILLDDNFASIVTGVEEGRLIFDNLKKSIAYTLTSNIPEITPFLIFIIANI
PLPLGTVTILCIDLGTDMVPAISLAYEQAESDIMKRQPRNPKTDKLVNEQLISMAYGQIGMIQALGGFFTYFVILAENGF
LPIHLLGLRVNWDDRWINDVEDSYGQQWTYEQRKIVEFTCHTPFFVTIVVVQWADLVICKTRRNSVFQQGMKNKILIFGL
FEETALAAFLSYCPGMGVALRMYPLKPTWWFCAFPYSLLIFVYDEVRKLIIRRRPGGWVEKETYY
;
A,C
2 'polypeptide(L)'
;MARGKAKEEGSWKKFIWNSEKKEFLGRTGGSWFKILLFYVIFYGCLAGIFIGTIQVMLLTISEFKPTYQDRVAPPGLTQI
PQSQKTEISFRPNDPQSYESYVVSIVRFLEKYKDLAQKDDMIFEDCGNVPSELKERGEYNNERGERKVCRFRLEWLGNCS
GLNDETYGYKDGKPCVIIKLNRVLGFKPKPPKNESLETYPVMKYNPYVLPVHCTGKRDEDKEKVGTMEYFGLGGYPGFPL
QYYPYYGKLLQPKYLQPLMAVQFTNLTMDTEIRIECKAYGENIGYSEKDRFQGRFDVKIEVKS
;
B,D
3 'polypeptide(L)' MAGLSTDDGGSPKGDVDPFYYDYETVRNGGLIFAALAFIVGLIIILSKRLRCGGKKHRPINEDEL G,E
#
loop_
_chem_comp.id
_chem_comp.type
_chem_comp.name
_chem_comp.formula
17F non-polymer O-[(S)-({(2R)-2,3-bis[(9Z)-octadec-9-enoyloxy]propyl}oxy)(hydroxy)phosphoryl]-L-serine 'C42 H78 N O10 P'
CLR non-polymer CHOLESTEROL 'C27 H46 O'
DGX non-polymer DIGOXIN 'C41 H64 O14'
FRU D-saccharide, beta linking beta-D-fructofuranose 'C6 H12 O6'
GLC D-saccharide, alpha linking alpha-D-glucopyranose 'C6 H12 O6'
MG non-polymer 'MAGNESIUM ION' 'Mg 2'
NAG D-saccharide, beta linking 2-acetamido-2-deoxy-beta-D-glucopyranose 'C8 H15 N O6'
#
# COMPACT_ATOMS: atom_id res chain seq x y z
N LYS A 26 14.91 46.52 49.60
CA LYS A 26 13.65 46.95 50.20
C LYS A 26 12.65 47.37 49.13
N GLU A 27 12.67 46.68 47.99
CA GLU A 27 11.73 46.96 46.90
C GLU A 27 10.37 46.33 47.18
N ARG A 28 10.36 45.35 48.07
CA ARG A 28 9.14 44.72 48.53
C ARG A 28 8.18 45.79 49.07
N ASP A 29 8.72 46.70 49.87
CA ASP A 29 7.96 47.80 50.47
C ASP A 29 7.49 48.78 49.39
N MET A 30 8.33 48.99 48.39
CA MET A 30 8.00 49.88 47.28
C MET A 30 6.76 49.36 46.55
N ASP A 31 6.83 48.11 46.08
CA ASP A 31 5.70 47.48 45.42
C ASP A 31 4.49 47.34 46.35
N GLU A 32 4.74 47.28 47.66
CA GLU A 32 3.65 47.27 48.64
C GLU A 32 2.95 48.62 48.69
N LEU A 33 3.69 49.70 48.48
CA LEU A 33 3.10 51.04 48.41
C LEU A 33 2.44 51.28 47.05
N LYS A 34 2.89 50.54 46.05
CA LYS A 34 2.34 50.67 44.70
C LYS A 34 1.03 49.91 44.50
N LYS A 35 0.77 48.92 45.35
CA LYS A 35 -0.47 48.16 45.27
C LYS A 35 -1.60 48.85 46.03
N GLU A 36 -1.28 49.95 46.69
CA GLU A 36 -2.25 50.73 47.45
C GLU A 36 -2.79 51.87 46.59
N VAL A 37 -4.09 52.15 46.73
CA VAL A 37 -4.71 53.26 45.99
C VAL A 37 -4.17 54.59 46.52
N SER A 38 -4.27 55.64 45.70
CA SER A 38 -3.51 56.88 45.93
C SER A 38 -4.21 57.93 46.80
N MET A 39 -3.50 59.04 47.03
CA MET A 39 -4.00 60.18 47.80
C MET A 39 -3.56 61.49 47.15
N ASP A 40 -4.17 62.61 47.53
CA ASP A 40 -3.78 63.91 46.94
C ASP A 40 -4.02 65.12 47.83
N ASP A 41 -3.56 66.27 47.34
CA ASP A 41 -3.74 67.58 47.98
C ASP A 41 -4.87 68.38 47.34
N HIS A 42 -5.58 67.74 46.41
CA HIS A 42 -6.48 68.42 45.47
C HIS A 42 -7.46 69.40 46.08
N LYS A 43 -7.79 69.22 47.34
CA LYS A 43 -8.78 70.08 47.97
C LYS A 43 -8.07 71.15 48.77
N LEU A 44 -8.06 72.36 48.23
CA LEU A 44 -7.38 73.49 48.83
C LEU A 44 -8.00 74.78 48.31
N SER A 45 -7.93 75.84 49.09
CA SER A 45 -8.18 77.16 48.55
C SER A 45 -7.03 77.43 47.61
N LEU A 46 -7.32 78.05 46.47
CA LEU A 46 -6.29 78.36 45.48
C LEU A 46 -5.17 79.19 46.14
N ASP A 47 -5.59 80.03 47.07
CA ASP A 47 -4.66 80.78 47.93
C ASP A 47 -3.69 79.82 48.61
N GLU A 48 -4.23 78.78 49.26
CA GLU A 48 -3.40 77.82 49.98
C GLU A 48 -2.59 76.94 49.02
N LEU A 49 -3.18 76.65 47.86
CA LEU A 49 -2.50 75.88 46.82
C LEU A 49 -1.21 76.57 46.40
N HIS A 50 -1.33 77.82 45.98
CA HIS A 50 -0.16 78.57 45.53
C HIS A 50 0.76 78.89 46.70
N ARG A 51 0.18 79.03 47.89
CA ARG A 51 0.97 79.26 49.10
C ARG A 51 1.90 78.08 49.36
N LYS A 52 1.41 76.88 49.07
CA LYS A 52 2.19 75.67 49.25
C LYS A 52 3.21 75.49 48.12
N TYR A 53 2.76 75.69 46.88
CA TYR A 53 3.59 75.39 45.72
C TYR A 53 4.52 76.54 45.34
N GLY A 54 4.29 77.72 45.91
CA GLY A 54 5.12 78.88 45.65
C GLY A 54 5.02 79.36 44.21
N THR A 55 3.79 79.64 43.77
CA THR A 55 3.54 79.99 42.39
C THR A 55 2.49 81.09 42.27
N ASP A 56 2.55 81.87 41.19
CA ASP A 56 1.48 82.80 40.88
C ASP A 56 0.43 82.08 40.03
N LEU A 57 -0.84 82.31 40.33
CA LEU A 57 -1.92 81.62 39.64
C LEU A 57 -2.13 82.17 38.23
N SER A 58 -2.05 83.50 38.11
CA SER A 58 -2.22 84.14 36.81
C SER A 58 -0.94 84.11 35.99
N ARG A 59 0.20 84.33 36.65
CA ARG A 59 1.48 84.48 35.96
C ARG A 59 2.36 83.22 35.90
N GLY A 60 1.92 82.14 36.53
CA GLY A 60 2.75 80.95 36.64
C GLY A 60 3.95 81.24 37.54
N LEU A 61 5.12 80.72 37.17
CA LEU A 61 6.35 81.03 37.92
C LEU A 61 7.45 81.53 36.99
N THR A 62 8.60 81.85 37.56
CA THR A 62 9.70 82.46 36.81
C THR A 62 10.54 81.41 36.06
N PRO A 63 10.98 81.75 34.84
CA PRO A 63 11.80 80.88 34.00
C PRO A 63 13.02 80.33 34.73
N ALA A 64 13.64 81.17 35.53
CA ALA A 64 14.78 80.75 36.35
C ALA A 64 14.37 79.61 37.28
N ARG A 65 13.25 79.81 37.98
CA ARG A 65 12.70 78.81 38.89
C ARG A 65 12.33 77.52 38.15
N ALA A 66 11.76 77.69 36.95
CA ALA A 66 11.36 76.55 36.13
C ALA A 66 12.56 75.69 35.76
N ALA A 67 13.60 76.33 35.22
CA ALA A 67 14.82 75.61 34.87
C ALA A 67 15.52 75.06 36.12
N GLU A 68 15.28 75.70 37.26
CA GLU A 68 15.84 75.24 38.52
C GLU A 68 15.21 73.92 38.97
N ILE A 69 13.89 73.83 38.85
CA ILE A 69 13.18 72.61 39.22
C ILE A 69 13.37 71.51 38.18
N LEU A 70 13.44 71.89 36.90
CA LEU A 70 13.59 70.94 35.80
C LEU A 70 14.85 70.12 35.96
N ALA A 71 15.91 70.75 36.45
CA ALA A 71 17.17 70.06 36.69
C ALA A 71 17.28 69.61 38.15
N ARG A 72 16.24 69.90 38.93
CA ARG A 72 16.25 69.53 40.35
C ARG A 72 15.93 68.06 40.57
N ASP A 73 14.95 67.54 39.84
CA ASP A 73 14.61 66.12 39.94
C ASP A 73 14.81 65.40 38.61
N GLY A 74 13.92 65.66 37.66
CA GLY A 74 14.03 65.07 36.34
C GLY A 74 12.97 65.61 35.40
N PRO A 75 13.20 65.50 34.08
CA PRO A 75 12.25 65.96 33.07
C PRO A 75 10.91 65.24 33.19
N ASN A 76 9.86 65.79 32.59
CA ASN A 76 8.56 65.17 32.75
C ASN A 76 8.34 64.13 31.67
N ALA A 77 8.39 62.88 32.10
CA ALA A 77 8.30 61.70 31.24
C ALA A 77 8.48 60.51 32.16
N LEU A 78 8.06 59.33 31.69
CA LEU A 78 8.26 58.12 32.48
C LEU A 78 9.64 57.56 32.21
N THR A 79 10.27 57.01 33.23
CA THR A 79 11.51 56.26 33.02
C THR A 79 11.20 55.14 32.03
N PRO A 80 12.00 55.03 30.96
CA PRO A 80 11.79 54.00 29.93
C PRO A 80 11.73 52.62 30.58
N PRO A 81 11.02 51.66 29.96
CA PRO A 81 10.76 50.40 30.66
C PRO A 81 12.05 49.80 31.20
N PRO A 82 12.06 49.48 32.51
CA PRO A 82 13.28 49.02 33.20
C PRO A 82 13.84 47.77 32.57
N THR A 83 12.97 47.07 31.82
CA THR A 83 13.38 45.87 31.12
C THR A 83 13.96 46.22 29.75
N THR A 84 15.24 45.91 29.58
CA THR A 84 15.85 45.94 28.26
C THR A 84 16.80 44.75 28.19
N PRO A 85 16.23 43.54 28.17
CA PRO A 85 17.08 42.35 28.13
C PRO A 85 17.80 42.27 26.82
N GLU A 86 19.06 41.93 26.88
CA GLU A 86 19.84 41.80 25.67
C GLU A 86 19.55 40.51 24.94
N TRP A 87 19.97 40.44 23.69
CA TRP A 87 19.81 39.24 22.87
C TRP A 87 20.45 38.01 23.55
N VAL A 88 21.22 38.25 24.61
CA VAL A 88 21.67 37.20 25.51
C VAL A 88 20.48 36.44 26.11
N LYS A 89 19.29 37.03 26.02
CA LYS A 89 18.05 36.36 26.44
C LYS A 89 17.78 35.09 25.61
N PHE A 90 18.56 34.92 24.55
CA PHE A 90 18.63 33.66 23.81
C PHE A 90 18.79 32.51 24.80
N CYS A 91 19.69 32.70 25.77
CA CYS A 91 19.97 31.70 26.79
C CYS A 91 18.70 31.21 27.51
N ARG A 92 17.73 32.11 27.65
CA ARG A 92 16.46 31.76 28.30
C ARG A 92 15.82 30.55 27.65
N GLN A 93 15.81 30.55 26.31
CA GLN A 93 15.20 29.47 25.55
C GLN A 93 15.97 28.17 25.68
N LEU A 94 17.22 28.28 26.11
CA LEU A 94 18.12 27.14 26.13
C LEU A 94 18.01 26.32 27.42
N PHE A 95 17.22 26.78 28.39
CA PHE A 95 17.13 26.06 29.66
C PHE A 95 15.73 25.55 29.99
N GLY A 96 14.84 26.45 30.43
CA GLY A 96 13.51 26.05 30.83
C GLY A 96 13.54 24.90 31.81
N GLY A 97 12.51 24.04 31.79
CA GLY A 97 12.58 22.76 32.47
C GLY A 97 12.93 21.53 31.63
N PHE A 98 12.52 21.54 30.35
CA PHE A 98 12.68 20.37 29.50
C PHE A 98 14.06 20.30 28.84
N SER A 99 14.49 21.46 28.35
CA SER A 99 15.80 21.55 27.76
C SER A 99 16.80 21.14 28.83
N MET A 100 16.52 21.50 30.08
CA MET A 100 17.30 21.03 31.24
C MET A 100 17.45 19.51 31.29
N LEU A 101 16.34 18.81 31.12
CA LEU A 101 16.34 17.35 31.09
C LEU A 101 17.28 16.85 30.01
N LEU A 102 17.19 17.45 28.83
CA LEU A 102 18.12 17.06 27.76
C LEU A 102 19.58 17.41 28.08
N TRP A 103 19.78 18.50 28.82
CA TRP A 103 21.11 18.96 29.22
C TRP A 103 21.76 17.93 30.13
N ILE A 104 21.08 17.58 31.21
CA ILE A 104 21.61 16.62 32.15
C ILE A 104 21.77 15.27 31.47
N GLY A 105 20.93 15.00 30.47
CA GLY A 105 21.10 13.81 29.66
C GLY A 105 22.46 13.82 28.98
N ALA A 106 22.73 14.90 28.26
CA ALA A 106 23.99 15.04 27.54
C ALA A 106 25.18 14.96 28.48
N ILE A 107 25.07 15.65 29.62
CA ILE A 107 26.13 15.66 30.63
C ILE A 107 26.43 14.27 31.13
N LEU A 108 25.37 13.52 31.43
CA LEU A 108 25.53 12.14 31.84
C LEU A 108 26.22 11.32 30.76
N CYS A 109 25.87 11.55 29.49
CA CYS A 109 26.51 10.83 28.37
C CYS A 109 28.00 11.08 28.34
N PHE A 110 28.37 12.36 28.38
CA PHE A 110 29.77 12.76 28.37
C PHE A 110 30.51 12.18 29.57
N LEU A 111 29.83 12.10 30.70
CA LEU A 111 30.41 11.51 31.90
C LEU A 111 30.66 10.01 31.67
N ALA A 112 29.70 9.36 31.01
CA ALA A 112 29.82 7.93 30.71
C ALA A 112 31.00 7.65 29.80
N TYR A 113 31.15 8.44 28.75
CA TYR A 113 32.28 8.30 27.83
C TYR A 113 33.59 8.58 28.56
N GLY A 114 33.56 9.58 29.43
CA GLY A 114 34.72 9.92 30.24
C GLY A 114 35.14 8.77 31.15
N ILE A 115 34.16 8.00 31.62
CA ILE A 115 34.42 6.81 32.42
C ILE A 115 34.93 5.70 31.51
N GLN A 116 34.52 5.78 30.25
CA GLN A 116 34.94 4.81 29.25
C GLN A 116 36.31 5.18 28.69
N ALA A 117 36.87 6.26 29.21
CA ALA A 117 38.27 6.62 28.92
C ALA A 117 39.21 5.83 29.82
N ALA A 118 38.63 4.96 30.65
CA ALA A 118 39.39 4.04 31.47
C ALA A 118 40.00 2.92 30.64
N THR A 119 39.56 2.81 29.39
CA THR A 119 40.04 1.78 28.48
C THR A 119 40.16 2.28 27.04
N GLU A 120 40.44 1.36 26.12
CA GLU A 120 40.34 1.62 24.68
C GLU A 120 38.91 1.30 24.25
N GLU A 121 38.17 2.31 23.81
CA GLU A 121 36.71 2.21 23.79
C GLU A 121 36.03 2.70 22.50
N GLU A 122 34.98 1.97 22.11
CA GLU A 122 34.14 2.27 20.94
C GLU A 122 33.36 3.62 20.88
N PRO A 123 32.93 4.20 22.03
CA PRO A 123 32.04 5.36 22.00
C PRO A 123 32.45 6.55 21.13
N GLN A 124 33.65 6.53 20.56
CA GLN A 124 34.01 7.48 19.50
C GLN A 124 32.85 7.55 18.48
N ASN A 125 32.22 6.42 18.20
CA ASN A 125 30.97 6.39 17.45
C ASN A 125 29.67 6.26 18.29
N ASP A 126 29.78 6.17 19.62
CA ASP A 126 28.61 5.83 20.43
C ASP A 126 28.18 6.89 21.47
N ASN A 127 28.90 6.98 22.58
CA ASN A 127 28.46 7.83 23.69
C ASN A 127 28.70 9.32 23.47
N LEU A 128 29.89 9.62 22.97
CA LEU A 128 30.23 11.00 22.60
C LEU A 128 29.23 11.51 21.58
N TYR A 129 29.00 10.68 20.57
CA TYR A 129 27.99 10.94 19.55
C TYR A 129 26.66 11.31 20.18
N LEU A 130 26.22 10.49 21.13
CA LEU A 130 24.92 10.65 21.76
C LEU A 130 24.81 11.95 22.53
N GLY A 131 25.79 12.23 23.38
CA GLY A 131 25.78 13.45 24.17
C GLY A 131 25.76 14.68 23.28
N VAL A 132 26.62 14.66 22.26
CA VAL A 132 26.70 15.78 21.31
C VAL A 132 25.37 15.99 20.62
N VAL A 133 24.71 14.89 20.24
CA VAL A 133 23.41 14.94 19.61
C VAL A 133 22.37 15.57 20.52
N LEU A 134 22.36 15.15 21.78
CA LEU A 134 21.47 15.76 22.78
C LEU A 134 21.68 17.27 22.83
N SER A 135 22.94 17.67 22.97
CA SER A 135 23.29 19.09 22.98
C SER A 135 22.75 19.81 21.75
N ALA A 136 22.90 19.16 20.61
CA ALA A 136 22.45 19.71 19.34
C ALA A 136 20.93 19.91 19.35
N VAL A 137 20.20 18.95 19.88
CA VAL A 137 18.75 19.05 19.93
C VAL A 137 18.35 20.25 20.79
N VAL A 138 18.95 20.34 21.97
CA VAL A 138 18.67 21.46 22.87
C VAL A 138 18.91 22.79 22.17
N ILE A 139 20.11 22.95 21.63
CA ILE A 139 20.52 24.20 21.00
C ILE A 139 19.64 24.57 19.82
N ILE A 140 19.38 23.60 18.95
CA ILE A 140 18.57 23.85 17.77
C ILE A 140 17.14 24.26 18.12
N THR A 141 16.49 23.45 18.96
CA THR A 141 15.12 23.77 19.37
C THR A 141 15.05 25.14 20.01
N GLY A 142 16.01 25.41 20.89
CA GLY A 142 16.14 26.71 21.50
C GLY A 142 16.20 27.80 20.44
N CYS A 143 16.98 27.56 19.40
CA CYS A 143 17.12 28.53 18.31
C CYS A 143 15.78 28.79 17.63
N PHE A 144 15.06 27.71 17.34
CA PHE A 144 13.78 27.82 16.67
C PHE A 144 12.77 28.65 17.48
N SER A 145 12.53 28.21 18.71
CA SER A 145 11.58 28.89 19.59
C SER A 145 11.96 30.35 19.78
N TYR A 146 13.26 30.58 19.98
CA TYR A 146 13.77 31.94 20.11
C TYR A 146 13.43 32.77 18.89
N TYR A 147 13.62 32.20 17.71
CA TYR A 147 13.34 32.92 16.47
C TYR A 147 11.86 33.28 16.36
N GLN A 148 11.00 32.37 16.82
CA GLN A 148 9.57 32.64 16.79
C GLN A 148 9.19 33.82 17.70
N GLU A 149 9.59 33.72 18.96
CA GLU A 149 9.28 34.79 19.92
C GLU A 149 9.90 36.12 19.48
N ALA A 150 11.10 36.05 18.92
CA ALA A 150 11.77 37.22 18.37
C ALA A 150 10.92 37.84 17.26
N LYS A 151 10.41 36.99 16.38
CA LYS A 151 9.56 37.45 15.27
C LYS A 151 8.33 38.20 15.79
N SER A 152 7.68 37.62 16.79
CA SER A 152 6.53 38.27 17.42
C SER A 152 6.92 39.63 18.01
N SER A 153 8.07 39.67 18.67
CA SER A 153 8.57 40.92 19.24
C SER A 153 8.79 41.98 18.15
N LYS A 154 9.32 41.55 17.01
CA LYS A 154 9.56 42.44 15.87
C LYS A 154 8.26 43.04 15.34
N ILE A 155 7.30 42.17 15.01
CA ILE A 155 6.02 42.64 14.47
C ILE A 155 5.32 43.54 15.50
N MET A 156 5.62 43.33 16.78
CA MET A 156 5.15 44.23 17.82
C MET A 156 5.87 45.57 17.82
N GLU A 157 7.16 45.56 17.51
CA GLU A 157 7.93 46.80 17.47
C GLU A 157 7.46 47.70 16.34
N SER A 158 7.04 47.08 15.23
CA SER A 158 6.54 47.85 14.08
C SER A 158 5.32 48.71 14.45
N PHE A 159 4.63 48.32 15.51
CA PHE A 159 3.41 48.98 15.91
C PHE A 159 3.61 50.28 16.77
N LYS A 160 4.82 50.57 17.34
CA LYS A 160 5.11 51.73 18.27
C LYS A 160 5.40 53.09 17.58
N ASN A 161 4.52 54.06 17.82
CA ASN A 161 4.64 55.40 17.26
C ASN A 161 4.44 56.43 18.36
N MET A 162 5.50 57.17 18.68
CA MET A 162 5.42 58.16 19.73
C MET A 162 5.63 59.56 19.18
N VAL A 163 4.56 60.34 19.13
CA VAL A 163 4.62 61.71 18.61
C VAL A 163 4.79 62.70 19.74
N PRO A 164 5.86 63.51 19.69
CA PRO A 164 6.06 64.55 20.70
C PRO A 164 4.94 65.56 20.69
N GLN A 165 4.35 65.80 21.86
CA GLN A 165 3.29 66.80 21.97
C GLN A 165 3.74 67.88 22.93
N GLN A 166 3.99 69.08 22.41
CA GLN A 166 4.55 70.13 23.24
C GLN A 166 3.47 70.80 24.09
N ALA A 167 3.71 70.84 25.40
CA ALA A 167 2.79 71.45 26.34
C ALA A 167 2.76 72.96 26.22
N LEU A 168 1.63 73.55 26.58
CA LEU A 168 1.50 75.01 26.62
C LEU A 168 1.58 75.50 28.06
N VAL A 169 2.68 76.16 28.41
CA VAL A 169 2.85 76.66 29.77
C VAL A 169 2.62 78.17 29.83
N ILE A 170 2.60 78.70 31.05
CA ILE A 170 2.54 80.14 31.28
C ILE A 170 3.55 80.51 32.34
N ARG A 171 4.54 81.30 31.96
CA ARG A 171 5.60 81.68 32.87
C ARG A 171 5.91 83.16 32.74
N ASN A 172 6.09 83.82 33.89
CA ASN A 172 6.25 85.27 33.95
C ASN A 172 5.13 85.97 33.21
N GLY A 173 3.92 85.41 33.29
CA GLY A 173 2.76 86.00 32.67
C GLY A 173 2.62 85.73 31.18
N GLU A 174 3.68 85.19 30.57
CA GLU A 174 3.68 84.95 29.14
C GLU A 174 3.40 83.50 28.79
N LYS A 175 2.53 83.30 27.80
CA LYS A 175 2.24 81.97 27.28
C LYS A 175 3.40 81.49 26.41
N MET A 176 3.96 80.34 26.75
CA MET A 176 5.04 79.77 25.96
C MET A 176 4.83 78.27 25.72
N SER A 177 4.93 77.86 24.46
CA SER A 177 4.75 76.46 24.11
C SER A 177 6.09 75.75 24.07
N ILE A 178 6.29 74.83 25.02
CA ILE A 178 7.57 74.14 25.15
C ILE A 178 7.40 72.64 25.09
N ASN A 179 8.50 71.92 24.86
CA ASN A 179 8.49 70.47 24.92
C ASN A 179 7.92 69.98 26.25
N ALA A 180 7.00 69.03 26.18
CA ALA A 180 6.29 68.57 27.37
C ALA A 180 7.22 67.99 28.43
N GLU A 181 8.40 67.55 27.99
CA GLU A 181 9.37 66.97 28.92
C GLU A 181 10.03 68.02 29.80
N GLU A 182 9.88 69.29 29.41
CA GLU A 182 10.52 70.39 30.13
C GLU A 182 9.58 71.00 31.17
N VAL A 183 8.39 70.45 31.32
CA VAL A 183 7.42 70.92 32.28
C VAL A 183 7.81 70.49 33.69
N VAL A 184 7.66 71.39 34.66
CA VAL A 184 8.06 71.12 36.02
C VAL A 184 6.85 71.07 36.94
N VAL A 185 7.11 70.90 38.24
CA VAL A 185 6.04 70.90 39.22
C VAL A 185 5.62 72.33 39.56
N GLY A 186 4.31 72.54 39.62
CA GLY A 186 3.76 73.79 40.13
C GLY A 186 3.87 75.01 39.25
N ASP A 187 3.70 74.85 37.94
CA ASP A 187 3.65 76.01 37.06
C ASP A 187 2.39 75.97 36.20
N LEU A 188 1.89 77.15 35.83
CA LEU A 188 0.61 77.27 35.16
C LEU A 188 0.59 76.65 33.78
N VAL A 189 -0.44 75.84 33.52
CA VAL A 189 -0.60 75.16 32.24
C VAL A 189 -2.01 75.34 31.69
N GLU A 190 -2.09 75.65 30.40
CA GLU A 190 -3.36 75.78 29.70
C GLU A 190 -3.56 74.61 28.74
N VAL A 191 -4.74 73.99 28.82
CA VAL A 191 -5.10 72.94 27.89
C VAL A 191 -6.33 73.35 27.08
N LYS A 192 -6.35 72.95 25.83
CA LYS A 192 -7.37 73.35 24.88
C LYS A 192 -8.09 72.12 24.35
N GLY A 193 -9.04 72.32 23.44
CA GLY A 193 -9.70 71.21 22.78
C GLY A 193 -8.71 70.42 21.93
N GLY A 194 -8.63 69.12 22.20
CA GLY A 194 -7.71 68.26 21.47
C GLY A 194 -6.36 68.08 22.15
N ASP A 195 -6.00 69.01 23.02
CA ASP A 195 -4.71 68.94 23.71
C ASP A 195 -4.65 67.77 24.69
N ARG A 196 -3.51 67.09 24.70
CA ARG A 196 -3.28 66.02 25.66
C ARG A 196 -2.71 66.62 26.96
N ILE A 197 -3.18 66.14 28.10
CA ILE A 197 -2.74 66.67 29.38
C ILE A 197 -1.29 66.26 29.67
N PRO A 198 -0.39 67.25 29.75
CA PRO A 198 1.07 67.10 29.82
C PRO A 198 1.56 66.45 31.10
N ALA A 199 0.94 66.79 32.23
CA ALA A 199 1.29 66.22 33.52
C ALA A 199 0.09 66.35 34.44
N ASP A 200 0.20 65.84 35.66
CA ASP A 200 -0.97 65.87 36.54
C ASP A 200 -1.20 67.27 37.12
N LEU A 201 -2.38 67.82 36.82
CA LEU A 201 -2.72 69.21 37.11
C LEU A 201 -3.82 69.34 38.15
N ARG A 202 -3.79 70.46 38.87
CA ARG A 202 -4.90 70.86 39.73
C ARG A 202 -5.60 72.03 39.05
N ILE A 203 -6.83 71.83 38.59
CA ILE A 203 -7.47 72.86 37.77
C ILE A 203 -7.82 74.08 38.61
N ILE A 204 -7.23 75.22 38.28
CA ILE A 204 -7.59 76.49 38.89
C ILE A 204 -8.79 77.13 38.19
N SER A 205 -8.88 76.98 36.87
CA SER A 205 -9.97 77.61 36.12
C SER A 205 -10.40 76.78 34.91
N ALA A 206 -11.65 76.89 34.51
CA ALA A 206 -12.11 76.14 33.34
C ALA A 206 -13.29 76.80 32.64
N ASN A 207 -13.37 76.55 31.34
CA ASN A 207 -14.54 76.89 30.56
C ASN A 207 -14.96 75.75 29.65
N GLY A 208 -16.15 75.21 29.91
CA GLY A 208 -16.74 74.15 29.10
C GLY A 208 -15.81 73.00 28.85
N CYS A 209 -14.99 72.67 29.83
CA CYS A 209 -13.88 71.75 29.63
C CYS A 209 -14.24 70.31 29.94
N LYS A 210 -14.26 69.48 28.90
CA LYS A 210 -14.41 68.04 29.05
C LYS A 210 -13.12 67.33 28.66
N VAL A 211 -12.45 66.76 29.65
CA VAL A 211 -11.29 65.89 29.46
C VAL A 211 -11.76 64.44 29.23
N ASP A 212 -10.98 63.67 28.47
CA ASP A 212 -11.29 62.25 28.28
C ASP A 212 -10.44 61.37 29.19
N ASN A 213 -11.09 60.81 30.21
CA ASN A 213 -10.41 59.97 31.19
C ASN A 213 -10.51 58.48 30.88
N SER A 214 -11.06 58.17 29.71
CA SER A 214 -11.45 56.80 29.34
C SER A 214 -10.39 55.73 29.63
N SER A 215 -9.15 55.97 29.25
CA SER A 215 -8.11 54.95 29.40
C SER A 215 -7.61 54.81 30.83
N LEU A 216 -7.56 55.92 31.57
CA LEU A 216 -6.99 55.91 32.89
C LEU A 216 -7.93 55.39 33.98
N THR A 217 -9.01 56.12 34.25
CA THR A 217 -9.95 55.72 35.29
C THR A 217 -11.04 54.79 34.76
N GLY A 218 -11.19 54.73 33.44
CA GLY A 218 -12.19 53.87 32.83
C GLY A 218 -13.54 54.52 32.63
N GLU A 219 -13.67 55.80 32.98
CA GLU A 219 -14.92 56.52 32.77
C GLU A 219 -15.22 56.67 31.27
N SER A 220 -16.39 56.19 30.86
CA SER A 220 -16.73 56.10 29.44
C SER A 220 -16.94 57.46 28.75
N GLU A 221 -17.86 58.25 29.28
CA GLU A 221 -18.17 59.54 28.69
C GLU A 221 -17.20 60.59 29.19
N PRO A 222 -16.94 61.61 28.37
CA PRO A 222 -15.98 62.64 28.78
C PRO A 222 -16.43 63.37 30.04
N GLN A 223 -15.54 63.43 31.03
CA GLN A 223 -15.86 64.06 32.30
C GLN A 223 -15.44 65.52 32.29
N THR A 224 -16.35 66.39 32.71
CA THR A 224 -16.06 67.81 32.79
C THR A 224 -15.08 68.10 33.93
N ARG A 225 -14.29 69.16 33.77
CA ARG A 225 -13.35 69.56 34.80
C ARG A 225 -13.62 71.01 35.24
N SER A 226 -13.56 71.24 36.54
CA SER A 226 -13.86 72.56 37.11
C SER A 226 -12.90 72.87 38.25
N PRO A 227 -12.77 74.17 38.59
CA PRO A 227 -11.96 74.55 39.76
C PRO A 227 -12.46 73.91 41.06
N ASP A 228 -13.77 73.78 41.19
CA ASP A 228 -14.38 73.35 42.44
C ASP A 228 -14.11 71.90 42.81
N PHE A 229 -13.96 71.65 44.10
CA PHE A 229 -13.77 70.30 44.63
C PHE A 229 -15.10 69.55 44.68
N THR A 230 -15.11 68.34 44.11
CA THR A 230 -16.33 67.56 44.01
C THR A 230 -16.28 66.28 44.84
N ASN A 231 -15.40 65.36 44.48
CA ASN A 231 -15.35 64.05 45.14
C ASN A 231 -14.07 63.85 45.96
N GLU A 232 -14.20 63.21 47.11
CA GLU A 232 -13.08 62.97 48.02
C GLU A 232 -11.97 62.15 47.37
N ASN A 233 -12.36 61.15 46.58
CA ASN A 233 -11.40 60.39 45.79
C ASN A 233 -10.90 61.20 44.60
N PRO A 234 -9.60 61.50 44.59
CA PRO A 234 -8.98 62.36 43.57
C PRO A 234 -9.16 61.86 42.14
N LEU A 235 -9.53 60.59 41.98
CA LEU A 235 -9.72 60.04 40.64
C LEU A 235 -11.06 60.49 40.05
N GLU A 236 -12.09 60.58 40.87
CA GLU A 236 -13.40 60.97 40.39
C GLU A 236 -13.67 62.47 40.49
N THR A 237 -12.77 63.21 41.14
CA THR A 237 -12.99 64.65 41.32
C THR A 237 -12.77 65.43 40.04
N ARG A 238 -13.39 66.61 39.96
CA ARG A 238 -13.35 67.42 38.75
C ARG A 238 -12.23 68.47 38.74
N ASN A 239 -11.55 68.67 39.86
CA ASN A 239 -10.52 69.70 39.92
C ASN A 239 -9.12 69.17 39.62
N ILE A 240 -9.03 67.89 39.25
CA ILE A 240 -7.77 67.30 38.82
C ILE A 240 -7.84 66.78 37.40
N ALA A 241 -6.84 67.15 36.59
CA ALA A 241 -6.69 66.62 35.24
C ALA A 241 -5.49 65.69 35.23
N PHE A 242 -5.52 64.68 34.35
CA PHE A 242 -4.56 63.58 34.45
C PHE A 242 -3.66 63.40 33.25
N PHE A 243 -2.42 62.98 33.52
CA PHE A 243 -1.43 62.69 32.48
C PHE A 243 -1.95 61.62 31.52
N SER A 244 -1.53 61.72 30.26
CA SER A 244 -1.88 60.78 29.18
C SER A 244 -3.34 60.87 28.74
N THR A 245 -4.14 61.69 29.42
CA THR A 245 -5.53 61.89 29.02
C THR A 245 -5.63 63.08 28.06
N ASN A 246 -6.48 62.93 27.05
CA ASN A 246 -6.71 64.02 26.10
C ASN A 246 -7.93 64.84 26.51
N CYS A 247 -7.83 66.16 26.35
CA CYS A 247 -8.97 67.02 26.63
C CYS A 247 -9.88 67.07 25.41
N VAL A 248 -11.11 66.61 25.57
CA VAL A 248 -12.05 66.54 24.45
C VAL A 248 -12.45 67.92 23.96
N GLU A 249 -12.87 68.78 24.88
CA GLU A 249 -13.35 70.10 24.46
C GLU A 249 -13.20 71.15 25.56
N GLY A 250 -13.35 72.41 25.17
CA GLY A 250 -13.28 73.51 26.12
C GLY A 250 -11.84 73.89 26.41
N THR A 251 -11.64 74.67 27.47
CA THR A 251 -10.28 75.07 27.85
C THR A 251 -10.12 75.11 29.37
N ALA A 252 -8.91 74.91 29.85
CA ALA A 252 -8.69 74.91 31.29
C ALA A 252 -7.29 75.36 31.67
N ARG A 253 -7.17 75.94 32.86
CA ARG A 253 -5.89 76.34 33.42
C ARG A 253 -5.68 75.63 34.75
N GLY A 254 -4.47 75.13 34.97
CA GLY A 254 -4.17 74.45 36.22
C GLY A 254 -2.70 74.48 36.60
N ILE A 255 -2.43 74.26 37.88
CA ILE A 255 -1.06 74.16 38.38
C ILE A 255 -0.64 72.69 38.41
N VAL A 256 0.61 72.42 38.04
CA VAL A 256 1.06 71.04 37.93
C VAL A 256 1.34 70.46 39.32
N VAL A 257 0.57 69.45 39.69
CA VAL A 257 0.78 68.75 40.94
C VAL A 257 1.85 67.67 40.79
N TYR A 258 1.78 66.91 39.70
CA TYR A 258 2.70 65.77 39.53
C TYR A 258 3.37 65.74 38.17
N THR A 259 4.66 65.45 38.20
CA THR A 259 5.47 65.40 36.99
C THR A 259 6.19 64.06 36.86
N GLY A 260 6.24 63.53 35.64
CA GLY A 260 7.00 62.33 35.34
C GLY A 260 6.49 61.04 35.96
N ASP A 261 7.39 60.27 36.54
CA ASP A 261 7.06 58.99 37.14
C ASP A 261 6.16 59.16 38.35
N ARG A 262 6.20 60.35 38.92
CA ARG A 262 5.43 60.65 40.12
C ARG A 262 3.94 60.80 39.82
N THR A 263 3.59 60.79 38.55
CA THR A 263 2.20 60.94 38.14
C THR A 263 1.38 59.67 38.40
N VAL A 264 0.10 59.72 38.10
CA VAL A 264 -0.79 58.60 38.38
C VAL A 264 -0.53 57.40 37.48
N MET A 265 -0.55 57.63 36.18
CA MET A 265 -0.34 56.55 35.22
C MET A 265 1.11 56.10 35.27
N GLY A 266 1.97 56.93 35.83
CA GLY A 266 3.37 56.58 36.01
C GLY A 266 3.52 55.57 37.12
N ARG A 267 2.77 55.78 38.20
CA ARG A 267 2.72 54.83 39.30
C ARG A 267 2.08 53.52 38.83
N ILE A 268 1.01 53.64 38.05
CA ILE A 268 0.37 52.46 37.48
C ILE A 268 1.34 51.67 36.60
N ALA A 269 2.06 52.39 35.75
CA ALA A 269 3.01 51.78 34.82
C ALA A 269 4.14 51.10 35.56
N THR A 270 4.66 51.76 36.58
CA THR A 270 5.79 51.23 37.34
C THR A 270 5.34 50.01 38.16
N LEU A 271 4.10 50.01 38.59
CA LEU A 271 3.54 48.84 39.25
C LEU A 271 3.47 47.68 38.25
N ALA A 272 3.00 47.99 37.05
CA ALA A 272 2.88 46.99 35.99
C ALA A 272 4.23 46.37 35.66
N SER A 273 5.25 47.21 35.56
CA SER A 273 6.60 46.75 35.21
C SER A 273 7.19 45.89 36.31
N GLY A 274 6.74 46.13 37.55
CA GLY A 274 7.33 45.48 38.70
C GLY A 274 6.60 44.25 39.22
N LEU A 275 5.65 43.74 38.44
CA LEU A 275 4.91 42.56 38.88
C LEU A 275 5.53 41.27 38.34
N GLU A 276 4.95 40.14 38.74
CA GLU A 276 5.48 38.83 38.38
C GLU A 276 4.58 38.13 37.37
N GLY A 277 5.19 37.45 36.41
CA GLY A 277 4.43 36.74 35.39
C GLY A 277 3.70 35.54 35.95
N GLY A 278 4.39 34.76 36.78
CA GLY A 278 3.83 33.52 37.30
C GLY A 278 4.01 32.38 36.31
N GLN A 279 3.99 31.15 36.80
CA GLN A 279 4.18 30.00 35.91
C GLN A 279 2.92 29.67 35.12
N THR A 280 3.05 29.61 33.80
CA THR A 280 1.95 29.25 32.90
C THR A 280 1.53 27.77 33.13
N PRO A 281 0.22 27.42 33.06
CA PRO A 281 -0.31 26.07 33.34
C PRO A 281 0.37 24.94 32.55
N ILE A 282 0.58 25.18 31.27
CA ILE A 282 1.19 24.20 30.39
C ILE A 282 2.60 23.86 30.85
N ALA A 283 3.34 24.89 31.28
CA ALA A 283 4.70 24.70 31.77
C ALA A 283 4.72 23.81 33.01
N ALA A 284 3.74 24.01 33.88
CA ALA A 284 3.59 23.19 35.08
C ALA A 284 3.31 21.74 34.71
N GLU A 285 2.40 21.54 33.77
CA GLU A 285 2.07 20.20 33.31
C GLU A 285 3.30 19.48 32.77
N ILE A 286 4.13 20.22 32.03
CA ILE A 286 5.36 19.67 31.48
C ILE A 286 6.36 19.35 32.59
N GLU A 287 6.44 20.21 33.59
CA GLU A 287 7.29 19.95 34.76
C GLU A 287 6.91 18.62 35.40
N HIS A 288 5.62 18.46 35.68
CA HIS A 288 5.11 17.22 36.26
C HIS A 288 5.45 16.00 35.38
N PHE A 289 5.22 16.16 34.09
CA PHE A 289 5.57 15.14 33.10
C PHE A 289 7.03 14.70 33.25
N ILE A 290 7.91 15.69 33.33
CA ILE A 290 9.33 15.45 33.54
C ILE A 290 9.56 14.66 34.82
N HIS A 291 8.86 15.03 35.88
CA HIS A 291 8.97 14.30 37.14
C HIS A 291 8.63 12.82 36.95
N ILE A 292 7.57 12.54 36.21
CA ILE A 292 7.23 11.15 35.90
C ILE A 292 8.39 10.45 35.19
N ILE A 293 8.81 11.02 34.06
CA ILE A 293 9.83 10.42 33.21
C ILE A 293 11.12 10.12 33.98
N THR A 294 11.64 11.13 34.66
CA THR A 294 12.85 10.96 35.44
C THR A 294 12.60 9.97 36.59
N GLY A 295 11.37 9.89 37.06
CA GLY A 295 11.02 8.93 38.09
C GLY A 295 11.28 7.50 37.65
N VAL A 296 10.68 7.12 36.53
CA VAL A 296 10.89 5.76 36.04
C VAL A 296 12.33 5.58 35.56
N ALA A 297 12.96 6.67 35.15
CA ALA A 297 14.35 6.65 34.71
C ALA A 297 15.29 6.20 35.81
N VAL A 298 15.18 6.86 36.96
CA VAL A 298 16.05 6.52 38.08
C VAL A 298 15.62 5.22 38.74
N PHE A 299 14.33 4.87 38.64
CA PHE A 299 13.93 3.57 39.17
C PHE A 299 14.59 2.43 38.39
N LEU A 300 14.44 2.47 37.07
CA LEU A 300 15.09 1.49 36.21
C LEU A 300 16.59 1.49 36.39
N GLY A 301 17.17 2.69 36.33
CA GLY A 301 18.62 2.85 36.44
C GLY A 301 19.19 2.27 37.73
N VAL A 302 18.57 2.61 38.85
CA VAL A 302 19.02 2.14 40.15
C VAL A 302 18.80 0.64 40.31
N SER A 303 17.56 0.21 40.08
CA SER A 303 17.20 -1.20 40.25
C SER A 303 18.11 -2.10 39.40
N PHE A 304 18.40 -1.66 38.18
CA PHE A 304 19.27 -2.42 37.29
C PHE A 304 20.74 -2.23 37.62
N PHE A 305 21.08 -1.16 38.34
CA PHE A 305 22.44 -1.00 38.83
C PHE A 305 22.71 -2.05 39.90
N ILE A 306 21.79 -2.13 40.86
CA ILE A 306 21.82 -3.17 41.88
C ILE A 306 21.87 -4.54 41.22
N LEU A 307 20.94 -4.79 40.30
CA LEU A 307 20.85 -6.06 39.61
C LEU A 307 22.16 -6.43 38.91
N SER A 308 22.79 -5.46 38.26
CA SER A 308 24.03 -5.68 37.53
C SER A 308 25.16 -6.04 38.48
N LEU A 309 25.24 -5.34 39.62
CA LEU A 309 26.24 -5.68 40.62
C LEU A 309 26.00 -7.07 41.21
N ILE A 310 24.72 -7.46 41.28
CA ILE A 310 24.33 -8.73 41.88
C ILE A 310 24.86 -9.90 41.07
N LEU A 311 25.22 -9.68 39.82
CA LEU A 311 25.64 -10.79 38.99
C LEU A 311 27.16 -10.90 38.88
N GLU A 312 27.75 -10.08 38.03
CA GLU A 312 29.21 -10.05 37.86
C GLU A 312 29.76 -8.64 37.85
N TYR A 313 29.27 -7.86 36.88
CA TYR A 313 29.97 -6.68 36.37
C TYR A 313 30.50 -5.73 37.45
N THR A 314 31.72 -5.26 37.23
CA THR A 314 32.40 -4.38 38.17
C THR A 314 31.69 -3.03 38.24
N TRP A 315 31.96 -2.28 39.29
CA TRP A 315 31.34 -0.98 39.54
C TRP A 315 31.43 -0.07 38.31
N LEU A 316 32.53 -0.23 37.56
CA LEU A 316 32.71 0.44 36.27
C LEU A 316 31.54 0.18 35.35
N GLU A 317 31.39 -1.09 34.94
CA GLU A 317 30.33 -1.52 34.05
C GLU A 317 28.96 -1.16 34.60
N ALA A 318 28.75 -1.40 35.89
CA ALA A 318 27.46 -1.14 36.52
C ALA A 318 27.09 0.33 36.43
N VAL A 319 28.08 1.20 36.63
CA VAL A 319 27.86 2.64 36.50
C VAL A 319 27.53 3.03 35.07
N ILE A 320 28.30 2.49 34.12
CA ILE A 320 28.05 2.72 32.71
C ILE A 320 26.63 2.30 32.33
N PHE A 321 26.17 1.21 32.92
CA PHE A 321 24.83 0.69 32.68
C PHE A 321 23.77 1.61 33.28
N LEU A 322 24.06 2.12 34.48
CA LEU A 322 23.17 3.06 35.15
C LEU A 322 22.95 4.30 34.30
N ILE A 323 24.05 4.96 33.96
CA ILE A 323 24.01 6.14 33.09
C ILE A 323 23.30 5.80 31.80
N GLY A 324 23.61 4.63 31.26
CA GLY A 324 23.03 4.17 30.00
C GLY A 324 21.52 4.10 30.02
N ILE A 325 20.97 3.42 31.02
CA ILE A 325 19.53 3.26 31.13
C ILE A 325 18.85 4.59 31.40
N ILE A 326 19.37 5.33 32.38
CA ILE A 326 18.79 6.61 32.74
C ILE A 326 18.70 7.54 31.53
N VAL A 327 19.82 7.71 30.84
CA VAL A 327 19.85 8.53 29.62
C VAL A 327 18.90 7.97 28.56
N ALA A 328 18.86 6.65 28.46
CA ALA A 328 18.01 5.99 27.47
C ALA A 328 16.55 6.32 27.66
N ASN A 329 16.16 6.55 28.92
CA ASN A 329 14.77 6.86 29.20
C ASN A 329 14.37 8.29 28.79
N VAL A 330 15.34 9.09 28.37
CA VAL A 330 15.08 10.47 28.01
C VAL A 330 14.66 10.65 26.55
N PRO A 331 13.48 11.29 26.34
CA PRO A 331 12.88 11.57 25.02
C PRO A 331 13.47 12.77 24.28
N GLU A 332 14.57 12.56 23.57
CA GLU A 332 15.24 13.62 22.82
C GLU A 332 14.32 14.38 21.87
N GLY A 333 13.60 13.66 21.01
CA GLY A 333 12.81 14.27 19.96
C GLY A 333 11.54 14.95 20.45
N LEU A 334 11.13 14.62 21.67
CA LEU A 334 9.88 15.16 22.20
C LEU A 334 9.98 16.68 22.41
N LEU A 335 11.18 17.18 22.66
CA LEU A 335 11.40 18.60 22.76
C LEU A 335 10.98 19.27 21.46
N ALA A 336 11.57 18.78 20.37
CA ALA A 336 11.28 19.27 19.03
C ALA A 336 9.80 19.20 18.72
N THR A 337 9.23 18.02 18.88
CA THR A 337 7.83 17.81 18.53
C THR A 337 6.88 18.71 19.33
N VAL A 338 7.15 18.87 20.63
CA VAL A 338 6.32 19.73 21.47
C VAL A 338 6.42 21.18 21.01
N THR A 339 7.66 21.65 20.88
CA THR A 339 7.90 23.03 20.45
C THR A 339 7.22 23.34 19.12
N VAL A 340 7.38 22.43 18.16
CA VAL A 340 6.77 22.57 16.85
C VAL A 340 5.25 22.58 16.98
N CYS A 341 4.72 21.70 17.81
CA CYS A 341 3.27 21.63 18.05
C CYS A 341 2.72 23.00 18.47
N LEU A 342 3.28 23.53 19.55
CA LEU A 342 2.87 24.83 20.08
C LEU A 342 3.02 25.91 19.02
N THR A 343 4.12 25.84 18.27
CA THR A 343 4.40 26.81 17.22
C THR A 343 3.33 26.79 16.14
N LEU A 344 2.88 25.61 15.75
CA LEU A 344 1.83 25.46 14.74
C LEU A 344 0.54 26.12 15.20
N THR A 345 0.10 25.74 16.40
CA THR A 345 -1.12 26.33 16.94
C THR A 345 -1.01 27.86 16.98
N ALA A 346 0.13 28.34 17.45
CA ALA A 346 0.40 29.78 17.49
C ALA A 346 0.35 30.42 16.09
N LYS A 347 0.76 29.65 15.08
CA LYS A 347 0.70 30.10 13.69
C LYS A 347 -0.74 30.36 13.30
N ARG A 348 -1.62 29.40 13.57
CA ARG A 348 -3.04 29.61 13.27
C ARG A 348 -3.59 30.83 14.01
N MET A 349 -3.22 30.93 15.28
CA MET A 349 -3.58 32.10 16.09
C MET A 349 -3.20 33.40 15.38
N ALA A 350 -1.98 33.46 14.85
CA ALA A 350 -1.51 34.63 14.13
C ALA A 350 -2.30 34.85 12.84
N ARG A 351 -2.72 33.75 12.21
CA ARG A 351 -3.53 33.85 11.00
C ARG A 351 -4.85 34.54 11.29
N LYS A 352 -5.37 34.33 12.50
CA LYS A 352 -6.66 34.93 12.87
C LYS A 352 -6.51 36.33 13.45
N ASN A 353 -5.30 36.87 13.35
CA ASN A 353 -4.93 38.17 13.92
C ASN A 353 -4.96 38.13 15.45
N CYS A 354 -4.61 36.95 15.98
CA CYS A 354 -4.38 36.77 17.40
C CYS A 354 -2.90 36.45 17.63
N LEU A 355 -2.16 37.42 18.14
CA LEU A 355 -0.73 37.27 18.28
C LEU A 355 -0.37 36.93 19.71
N VAL A 356 0.57 36.00 19.89
CA VAL A 356 0.96 35.60 21.23
C VAL A 356 2.43 35.95 21.47
N LYS A 357 2.67 36.84 22.41
CA LYS A 357 4.01 37.27 22.77
C LYS A 357 4.91 36.09 23.17
N ASN A 358 4.37 35.21 24.00
CA ASN A 358 5.10 34.04 24.51
C ASN A 358 4.54 32.76 23.90
N LEU A 359 5.42 31.79 23.65
CA LEU A 359 5.05 30.59 22.91
C LEU A 359 4.10 29.65 23.68
N GLU A 360 4.29 29.53 24.99
CA GLU A 360 3.52 28.59 25.79
C GLU A 360 2.18 29.19 26.24
N ALA A 361 1.95 30.45 25.91
CA ALA A 361 0.74 31.14 26.34
C ALA A 361 -0.41 30.78 25.42
N VAL A 362 -0.14 29.95 24.44
CA VAL A 362 -1.14 29.58 23.46
C VAL A 362 -2.18 28.65 24.08
N GLU A 363 -1.76 27.91 25.10
CA GLU A 363 -2.64 26.93 25.74
C GLU A 363 -3.57 27.55 26.78
N THR A 364 -3.07 28.57 27.46
CA THR A 364 -3.65 29.03 28.73
C THR A 364 -5.17 29.22 28.71
N LEU A 365 -5.70 29.75 27.60
CA LEU A 365 -7.15 29.97 27.50
C LEU A 365 -7.94 28.70 27.75
N GLY A 366 -7.46 27.59 27.21
CA GLY A 366 -8.12 26.30 27.38
C GLY A 366 -8.21 25.85 28.83
N SER A 367 -7.31 26.35 29.67
CA SER A 367 -7.29 25.99 31.08
C SER A 367 -7.99 27.00 31.97
N THR A 368 -8.58 28.04 31.37
CA THR A 368 -9.13 29.16 32.12
C THR A 368 -10.57 28.95 32.59
N SER A 369 -10.77 29.00 33.91
CA SER A 369 -12.12 28.92 34.47
C SER A 369 -12.75 30.27 34.82
N THR A 370 -11.97 31.35 34.72
CA THR A 370 -12.48 32.68 35.03
C THR A 370 -11.92 33.76 34.11
N ILE A 371 -12.81 34.55 33.51
CA ILE A 371 -12.40 35.67 32.68
C ILE A 371 -12.78 37.01 33.30
N CYS A 372 -11.77 37.77 33.70
CA CYS A 372 -11.99 39.14 34.15
C CYS A 372 -11.81 40.10 32.99
N SER A 373 -12.88 40.81 32.65
CA SER A 373 -12.85 41.66 31.47
C SER A 373 -13.08 43.13 31.79
N PHD A 374 -12.41 44.00 31.06
CA PHD A 374 -12.63 45.41 31.19
C PHD A 374 -13.82 45.77 30.37
O PHD A 374 -14.18 45.02 29.43
CB PHD A 374 -11.43 46.14 30.66
CG PHD A 374 -11.45 47.62 30.76
OD1 PHD A 374 -11.75 48.21 31.96
OD2 PHD A 374 -11.49 48.29 29.75
P PHD A 374 -12.21 49.69 31.99
OP1 PHD A 374 -13.52 49.81 31.24
OP2 PHD A 374 -12.38 50.14 33.42
OP3 PHD A 374 -11.16 50.53 31.31
N LYS A 375 -14.46 46.89 30.71
CA LYS A 375 -15.68 47.31 30.02
C LYS A 375 -15.40 48.16 28.78
N THR A 376 -14.92 49.37 29.00
CA THR A 376 -14.68 50.31 27.92
C THR A 376 -13.48 49.90 27.07
N GLY A 377 -13.65 49.90 25.75
CA GLY A 377 -12.56 49.62 24.83
C GLY A 377 -12.24 48.14 24.71
N THR A 378 -12.79 47.34 25.61
CA THR A 378 -12.60 45.90 25.59
C THR A 378 -13.92 45.23 25.25
N LEU A 379 -14.85 45.28 26.20
CA LEU A 379 -16.19 44.80 25.98
C LEU A 379 -16.95 45.76 25.05
N THR A 380 -16.65 47.05 25.15
CA THR A 380 -17.35 48.04 24.35
C THR A 380 -16.43 48.69 23.33
N GLN A 381 -16.99 49.60 22.53
CA GLN A 381 -16.24 50.26 21.48
C GLN A 381 -15.57 51.56 21.96
N ASN A 382 -15.91 52.00 23.16
CA ASN A 382 -15.41 53.28 23.71
C ASN A 382 -15.65 54.44 22.75
N ARG A 383 -16.76 54.37 22.02
CA ARG A 383 -17.16 55.41 21.09
C ARG A 383 -18.64 55.74 21.27
N MET A 384 -18.93 57.00 21.60
CA MET A 384 -20.31 57.44 21.81
C MET A 384 -21.12 57.19 20.54
N THR A 385 -22.23 56.47 20.68
CA THR A 385 -23.01 56.10 19.51
C THR A 385 -24.51 56.14 19.79
N VAL A 386 -25.27 56.59 18.80
CA VAL A 386 -26.72 56.63 18.89
C VAL A 386 -27.29 55.24 19.12
N ALA A 387 -28.12 55.11 20.14
CA ALA A 387 -28.68 53.83 20.53
C ALA A 387 -30.17 53.73 20.21
N HIS A 388 -30.96 54.56 20.87
CA HIS A 388 -32.41 54.54 20.68
C HIS A 388 -32.97 55.92 20.34
N MET A 389 -34.08 55.92 19.60
CA MET A 389 -34.71 57.15 19.18
C MET A 389 -36.20 57.16 19.52
N TRP A 390 -36.74 58.36 19.75
CA TRP A 390 -38.14 58.52 20.14
C TRP A 390 -38.95 59.11 19.00
N SER A 391 -39.84 58.30 18.43
CA SER A 391 -40.70 58.74 17.33
C SER A 391 -42.12 58.20 17.51
N ASP A 392 -43.10 59.10 17.46
CA ASP A 392 -44.51 58.77 17.61
C ASP A 392 -44.79 58.01 18.91
N ASN A 393 -44.20 58.51 20.00
CA ASN A 393 -44.28 57.87 21.32
C ASN A 393 -43.92 56.39 21.24
N GLN A 394 -42.80 56.11 20.58
CA GLN A 394 -42.33 54.74 20.41
C GLN A 394 -40.80 54.72 20.35
N ILE A 395 -40.20 53.71 20.94
CA ILE A 395 -38.74 53.61 20.98
C ILE A 395 -38.23 52.73 19.85
N HIS A 396 -37.41 53.30 18.98
CA HIS A 396 -36.80 52.54 17.89
C HIS A 396 -35.30 52.43 18.12
N GLU A 397 -34.81 51.20 18.26
CA GLU A 397 -33.38 50.99 18.49
C GLU A 397 -32.62 51.07 17.18
N ALA A 398 -31.51 51.79 17.18
CA ALA A 398 -30.68 51.92 15.99
C ALA A 398 -29.68 50.77 15.94
N ASP A 399 -28.83 50.77 14.92
CA ASP A 399 -27.80 49.75 14.82
C ASP A 399 -26.51 50.26 15.47
N THR A 400 -26.15 49.64 16.58
CA THR A 400 -25.04 50.12 17.40
C THR A 400 -23.73 49.41 17.10
N THR A 401 -23.75 48.48 16.16
CA THR A 401 -22.58 47.67 15.86
C THR A 401 -21.57 48.39 14.99
N GLU A 402 -20.30 48.04 15.19
CA GLU A 402 -19.18 48.61 14.44
C GLU A 402 -19.26 48.34 12.94
N ASN A 403 -19.71 47.13 12.59
CA ASN A 403 -19.77 46.72 11.19
C ASN A 403 -21.16 46.87 10.56
N GLN A 404 -22.10 47.42 11.32
CA GLN A 404 -23.50 47.56 10.90
C GLN A 404 -24.12 46.21 10.54
N SER A 405 -24.00 45.24 11.46
CA SER A 405 -24.55 43.91 11.25
C SER A 405 -25.96 43.76 11.83
N GLY A 406 -26.48 44.86 12.38
CA GLY A 406 -27.77 44.81 13.07
C GLY A 406 -28.97 45.11 12.19
N VAL A 407 -30.08 45.49 12.84
CA VAL A 407 -31.32 45.75 12.14
C VAL A 407 -31.59 47.26 12.04
N SER A 408 -31.88 47.73 10.83
CA SER A 408 -32.23 49.12 10.63
C SER A 408 -33.69 49.36 10.99
N PHE A 409 -33.98 50.53 11.54
CA PHE A 409 -35.35 50.90 11.89
C PHE A 409 -36.16 51.23 10.63
N ASP A 410 -37.42 51.63 10.83
CA ASP A 410 -38.27 52.02 9.72
C ASP A 410 -38.17 53.54 9.51
N LYS A 411 -37.53 53.93 8.42
CA LYS A 411 -37.25 55.34 8.13
C LYS A 411 -38.27 55.97 7.21
N THR A 412 -39.30 55.21 6.84
CA THR A 412 -40.35 55.69 5.94
C THR A 412 -41.15 56.83 6.55
N SER A 413 -41.34 56.81 7.86
CA SER A 413 -42.11 57.85 8.55
C SER A 413 -41.49 59.23 8.37
N ALA A 414 -42.34 60.25 8.27
CA ALA A 414 -41.89 61.61 8.07
C ALA A 414 -41.33 62.22 9.35
N THR A 415 -41.80 61.73 10.49
CA THR A 415 -41.33 62.20 11.79
C THR A 415 -39.82 61.96 11.93
N TRP A 416 -39.39 60.79 11.50
CA TRP A 416 -37.95 60.47 11.46
C TRP A 416 -37.20 61.41 10.53
N LEU A 417 -37.83 61.78 9.42
CA LEU A 417 -37.20 62.69 8.47
C LEU A 417 -36.94 64.05 9.13
N ALA A 418 -37.99 64.59 9.74
CA ALA A 418 -37.89 65.87 10.46
C ALA A 418 -36.82 65.81 11.55
N LEU A 419 -36.91 64.78 12.38
CA LEU A 419 -35.94 64.56 13.46
C LEU A 419 -34.50 64.49 12.95
N SER A 420 -34.28 63.69 11.91
CA SER A 420 -32.96 63.51 11.32
C SER A 420 -32.41 64.81 10.76
N ARG A 421 -33.29 65.62 10.18
CA ARG A 421 -32.87 66.91 9.65
C ARG A 421 -32.50 67.85 10.80
N ILE A 422 -33.24 67.76 11.92
CA ILE A 422 -32.92 68.55 13.10
C ILE A 422 -31.55 68.20 13.66
N ALA A 423 -31.31 66.90 13.85
CA ALA A 423 -30.04 66.43 14.39
C ALA A 423 -28.87 66.73 13.46
N GLY A 424 -29.09 66.57 12.16
CA GLY A 424 -28.05 66.80 11.18
C GLY A 424 -27.69 68.26 11.02
N LEU A 425 -28.71 69.12 11.03
CA LEU A 425 -28.52 70.54 10.75
C LEU A 425 -27.96 71.34 11.93
N CYS A 426 -28.45 71.07 13.15
CA CYS A 426 -27.86 71.76 14.27
C CYS A 426 -26.76 70.90 14.89
N ASN A 427 -25.53 71.25 14.56
CA ASN A 427 -24.34 70.64 15.14
C ASN A 427 -23.11 71.50 14.86
N ARG A 428 -22.05 71.28 15.63
CA ARG A 428 -20.75 71.81 15.27
C ARG A 428 -19.94 70.71 14.58
N ALA A 429 -20.57 69.55 14.42
CA ALA A 429 -19.88 68.35 13.93
C ALA A 429 -19.79 68.30 12.41
N VAL A 430 -18.57 68.11 11.92
CA VAL A 430 -18.32 67.94 10.51
C VAL A 430 -17.20 66.93 10.30
N PHE A 431 -17.27 66.15 9.23
CA PHE A 431 -16.21 65.20 8.90
C PHE A 431 -14.95 65.95 8.52
N GLN A 432 -13.81 65.38 8.87
CA GLN A 432 -12.53 66.02 8.57
C GLN A 432 -12.11 65.75 7.12
N ALA A 433 -10.96 66.30 6.74
CA ALA A 433 -10.51 66.33 5.35
C ALA A 433 -10.36 64.96 4.70
N ASN A 434 -9.64 64.05 5.36
CA ASN A 434 -9.24 62.79 4.75
C ASN A 434 -10.20 61.62 4.97
N GLN A 435 -11.34 61.87 5.62
CA GLN A 435 -12.29 60.79 5.78
C GLN A 435 -13.29 60.81 4.62
N GLU A 436 -13.08 59.88 3.68
CA GLU A 436 -14.03 59.57 2.62
C GLU A 436 -14.14 58.06 2.49
N ASN A 437 -13.03 57.46 2.07
CA ASN A 437 -12.92 56.02 1.81
C ASN A 437 -13.16 55.18 3.07
N LEU A 438 -12.83 55.75 4.22
CA LEU A 438 -13.05 55.09 5.50
C LEU A 438 -14.52 54.78 5.74
N PRO A 439 -14.80 53.72 6.52
CA PRO A 439 -16.18 53.46 6.94
C PRO A 439 -16.71 54.61 7.79
N ILE A 440 -17.99 54.94 7.64
CA ILE A 440 -18.59 56.12 8.28
C ILE A 440 -18.45 56.13 9.80
N LEU A 441 -18.34 54.95 10.41
CA LEU A 441 -18.25 54.86 11.86
C LEU A 441 -16.82 55.07 12.35
N LYS A 442 -15.90 54.18 11.97
CA LYS A 442 -14.51 54.23 12.44
C LYS A 442 -13.76 55.47 11.97
N ARG A 443 -14.35 56.24 11.06
CA ARG A 443 -13.72 57.45 10.55
C ARG A 443 -13.75 58.57 11.58
N ALA A 444 -12.78 59.47 11.51
CA ALA A 444 -12.64 60.54 12.51
C ALA A 444 -13.60 61.70 12.27
N VAL A 445 -13.93 62.41 13.35
CA VAL A 445 -14.86 63.54 13.29
C VAL A 445 -14.42 64.65 14.26
N ALA A 446 -14.47 65.89 13.78
CA ALA A 446 -14.17 67.04 14.63
C ALA A 446 -15.44 67.60 15.26
N GLY A 447 -15.55 67.49 16.59
CA GLY A 447 -16.72 67.98 17.30
C GLY A 447 -16.89 67.35 18.67
N ASP A 448 -18.09 67.50 19.22
CA ASP A 448 -18.39 66.96 20.55
C ASP A 448 -18.60 65.44 20.47
N ALA A 449 -18.77 64.82 21.63
CA ALA A 449 -19.15 63.40 21.70
C ALA A 449 -20.49 63.16 21.02
N SER A 450 -21.53 63.73 21.63
CA SER A 450 -22.90 63.60 21.16
C SER A 450 -23.04 64.04 19.71
N GLU A 451 -22.40 65.16 19.39
CA GLU A 451 -22.45 65.70 18.04
C GLU A 451 -21.81 64.74 17.03
N SER A 452 -20.73 64.08 17.46
CA SER A 452 -20.07 63.09 16.61
C SER A 452 -21.02 61.93 16.36
N ALA A 453 -21.60 61.40 17.43
CA ALA A 453 -22.53 60.28 17.33
C ALA A 453 -23.69 60.60 16.39
N LEU A 454 -24.32 61.75 16.62
CA LEU A 454 -25.45 62.19 15.81
C LEU A 454 -25.06 62.37 14.35
N LEU A 455 -23.92 63.00 14.12
CA LEU A 455 -23.41 63.24 12.76
C LEU A 455 -23.26 61.93 12.01
N LYS A 456 -22.56 60.98 12.64
CA LYS A 456 -22.35 59.68 12.03
C LYS A 456 -23.68 58.97 11.75
N CYS A 457 -24.60 59.08 12.70
CA CYS A 457 -25.91 58.44 12.58
C CYS A 457 -26.69 58.96 11.38
N ILE A 458 -26.77 60.28 11.25
CA ILE A 458 -27.50 60.89 10.15
C ILE A 458 -26.81 60.62 8.81
N GLU A 459 -25.49 60.71 8.79
CA GLU A 459 -24.73 60.42 7.57
C GLU A 459 -24.94 58.97 7.15
N LEU A 460 -25.22 58.12 8.13
CA LEU A 460 -25.46 56.72 7.86
C LEU A 460 -26.87 56.45 7.32
N CYS A 461 -27.86 56.67 8.18
CA CYS A 461 -29.24 56.26 7.89
C CYS A 461 -29.96 57.13 6.85
N CYS A 462 -29.83 58.44 6.98
CA CYS A 462 -30.63 59.36 6.18
C CYS A 462 -29.91 59.84 4.91
N GLY A 463 -28.70 59.35 4.68
CA GLY A 463 -27.89 59.81 3.56
C GLY A 463 -26.88 60.86 4.02
N SER A 464 -26.26 61.56 3.07
CA SER A 464 -25.23 62.55 3.39
C SER A 464 -25.75 63.79 4.11
N VAL A 465 -24.98 64.28 5.08
CA VAL A 465 -25.30 65.50 5.80
C VAL A 465 -24.59 66.70 5.17
N LYS A 466 -23.86 66.45 4.08
CA LYS A 466 -23.12 67.52 3.43
C LYS A 466 -24.06 68.48 2.69
N GLU A 467 -24.65 67.98 1.61
CA GLU A 467 -25.61 68.74 0.83
C GLU A 467 -26.85 69.00 1.66
N MET A 468 -27.05 68.20 2.70
CA MET A 468 -28.20 68.33 3.57
C MET A 468 -28.04 69.50 4.55
N ARG A 469 -26.83 69.67 5.10
CA ARG A 469 -26.56 70.78 6.00
C ARG A 469 -26.33 72.08 5.24
N GLU A 470 -25.80 71.99 4.02
CA GLU A 470 -25.62 73.19 3.22
C GLU A 470 -26.88 73.51 2.39
N ARG A 471 -27.87 72.62 2.44
CA ARG A 471 -29.17 72.87 1.84
C ARG A 471 -29.84 74.05 2.54
N TYR A 472 -29.94 73.93 3.85
CA TYR A 472 -30.46 74.99 4.71
C TYR A 472 -29.31 75.90 5.10
N THR A 473 -29.47 77.21 4.92
CA THR A 473 -28.40 78.14 5.27
C THR A 473 -28.58 78.70 6.66
N LYS A 474 -27.60 78.45 7.53
CA LYS A 474 -27.66 78.89 8.92
C LYS A 474 -27.49 80.40 9.01
N ILE A 475 -28.43 81.05 9.70
CA ILE A 475 -28.41 82.50 9.83
C ILE A 475 -27.70 82.94 11.11
N VAL A 476 -28.33 82.70 12.26
CA VAL A 476 -27.71 82.99 13.55
C VAL A 476 -27.97 81.83 14.52
N GLU A 477 -26.90 81.35 15.15
CA GLU A 477 -26.99 80.20 16.04
C GLU A 477 -26.58 80.54 17.48
N ILE A 478 -27.20 79.87 18.45
CA ILE A 478 -26.78 79.96 19.83
C ILE A 478 -26.10 78.67 20.27
N PRO A 479 -24.76 78.71 20.44
CA PRO A 479 -24.00 77.56 20.94
C PRO A 479 -24.42 77.21 22.37
N PHE A 480 -24.07 76.03 22.86
CA PHE A 480 -24.53 75.58 24.17
C PHE A 480 -24.19 76.62 25.24
N ASN A 481 -25.22 77.05 25.97
CA ASN A 481 -25.06 78.06 27.01
C ASN A 481 -24.43 77.45 28.26
N SER A 482 -23.69 78.27 29.01
CA SER A 482 -23.08 77.80 30.26
C SER A 482 -24.16 77.32 31.23
N THR A 483 -25.34 77.94 31.15
CA THR A 483 -26.49 77.51 31.93
C THR A 483 -27.66 77.13 31.00
N ASN A 484 -28.39 76.09 31.39
CA ASN A 484 -29.54 75.53 30.66
C ASN A 484 -29.15 74.74 29.42
N LYS A 485 -27.92 74.95 28.95
CA LYS A 485 -27.31 74.22 27.84
C LYS A 485 -28.24 73.97 26.66
N TYR A 486 -29.01 74.98 26.26
CA TYR A 486 -29.84 74.82 25.07
C TYR A 486 -29.08 75.34 23.87
N GLN A 487 -29.15 74.61 22.76
CA GLN A 487 -28.45 75.00 21.55
C GLN A 487 -29.42 75.11 20.37
N LEU A 488 -29.60 76.32 19.87
CA LEU A 488 -30.55 76.57 18.79
C LEU A 488 -29.88 77.24 17.58
N SER A 489 -30.47 77.04 16.41
CA SER A 489 -30.04 77.69 15.18
C SER A 489 -31.23 77.84 14.24
N ILE A 490 -31.16 78.80 13.33
CA ILE A 490 -32.26 79.06 12.40
C ILE A 490 -31.77 79.11 10.95
N HIS A 491 -32.50 78.41 10.08
CA HIS A 491 -32.12 78.26 8.68
C HIS A 491 -33.28 78.68 7.76
N LYS A 492 -32.99 78.85 6.48
CA LYS A 492 -34.03 79.16 5.50
C LYS A 492 -34.73 77.89 5.02
N ASN A 493 -35.70 78.03 4.11
CA ASN A 493 -36.49 76.88 3.66
C ASN A 493 -36.15 76.38 2.27
N PRO A 494 -35.66 75.13 2.20
CA PRO A 494 -35.38 74.41 0.96
C PRO A 494 -36.63 73.93 0.21
N ASN A 495 -37.72 73.68 0.94
CA ASN A 495 -38.95 73.15 0.35
C ASN A 495 -39.61 74.13 -0.63
N THR A 496 -40.32 73.58 -1.61
CA THR A 496 -40.91 74.37 -2.68
C THR A 496 -42.31 74.86 -2.35
N ALA A 497 -42.88 74.33 -1.27
CA ALA A 497 -44.24 74.69 -0.86
C ALA A 497 -44.26 75.89 0.07
N GLU A 498 -43.62 75.73 1.23
CA GLU A 498 -43.66 76.71 2.30
C GLU A 498 -42.34 77.47 2.44
N PRO A 499 -42.34 78.77 2.08
CA PRO A 499 -41.07 79.48 2.30
C PRO A 499 -40.95 80.07 3.71
N ARG A 500 -41.22 79.26 4.73
CA ARG A 500 -41.08 79.66 6.13
C ARG A 500 -39.64 79.50 6.63
N HIS A 501 -39.21 80.32 7.59
CA HIS A 501 -37.91 80.09 8.20
C HIS A 501 -38.03 78.91 9.18
N LEU A 502 -37.05 78.03 9.17
CA LEU A 502 -37.05 76.87 10.05
C LEU A 502 -36.16 77.08 11.27
N LEU A 503 -36.69 76.82 12.45
CA LEU A 503 -35.93 76.96 13.70
C LEU A 503 -35.71 75.60 14.35
N VAL A 504 -34.49 75.31 14.78
CA VAL A 504 -34.17 74.04 15.43
C VAL A 504 -33.41 74.22 16.74
N MET A 505 -33.72 73.39 17.73
CA MET A 505 -33.03 73.44 19.02
C MET A 505 -32.91 72.05 19.66
N LYS A 506 -31.75 71.79 20.27
CA LYS A 506 -31.55 70.58 21.07
C LYS A 506 -31.08 70.94 22.48
N GLY A 507 -31.44 70.09 23.45
CA GLY A 507 -31.02 70.32 24.83
C GLY A 507 -31.57 69.29 25.80
N ALA A 508 -31.18 69.40 27.07
CA ALA A 508 -31.63 68.47 28.11
C ALA A 508 -33.15 68.37 28.16
N PRO A 509 -33.67 67.14 28.23
CA PRO A 509 -35.10 66.81 28.15
C PRO A 509 -36.01 67.65 29.06
N GLU A 510 -35.57 67.96 30.27
CA GLU A 510 -36.41 68.68 31.23
C GLU A 510 -36.53 70.18 30.91
N ARG A 511 -35.42 70.78 30.49
CA ARG A 511 -35.41 72.20 30.13
C ARG A 511 -36.17 72.44 28.81
N ILE A 512 -35.97 71.55 27.85
CA ILE A 512 -36.67 71.64 26.58
C ILE A 512 -38.14 71.29 26.77
N LEU A 513 -38.44 70.43 27.75
CA LEU A 513 -39.83 70.18 28.14
C LEU A 513 -40.44 71.45 28.72
N ASP A 514 -39.62 72.21 29.43
CA ASP A 514 -40.04 73.49 29.99
C ASP A 514 -40.32 74.50 28.86
N ARG A 515 -39.55 74.44 27.79
CA ARG A 515 -39.72 75.39 26.69
C ARG A 515 -40.57 74.92 25.49
N CYS A 516 -41.12 73.71 25.54
CA CYS A 516 -41.90 73.21 24.40
C CYS A 516 -43.38 73.02 24.70
N SER A 517 -44.21 73.13 23.66
CA SER A 517 -45.64 72.94 23.84
C SER A 517 -46.21 71.94 22.84
N SER A 518 -46.12 72.28 21.56
CA SER A 518 -46.64 71.43 20.50
C SER A 518 -45.83 70.14 20.36
N ILE A 519 -46.51 69.06 19.98
CA ILE A 519 -45.86 67.78 19.70
C ILE A 519 -46.24 67.33 18.30
N LEU A 520 -45.33 66.65 17.61
CA LEU A 520 -45.55 66.21 16.23
C LEU A 520 -45.74 64.71 16.12
N ILE A 521 -46.75 64.28 15.36
CA ILE A 521 -46.97 62.86 15.11
C ILE A 521 -47.32 62.58 13.66
N HIS A 522 -46.54 61.70 13.03
CA HIS A 522 -46.82 61.19 11.68
C HIS A 522 -46.94 62.30 10.63
N GLY A 523 -46.32 63.45 10.89
CA GLY A 523 -46.33 64.54 9.94
C GLY A 523 -47.34 65.64 10.24
N LYS A 524 -48.11 65.50 11.32
CA LYS A 524 -49.06 66.53 11.71
C LYS A 524 -48.99 66.80 13.21
N GLU A 525 -49.20 68.07 13.58
CA GLU A 525 -48.96 68.53 14.94
C GLU A 525 -50.09 68.23 15.92
N GLN A 526 -49.93 68.76 17.14
CA GLN A 526 -50.80 68.52 18.27
C GLN A 526 -50.33 69.37 19.44
N PRO A 527 -51.18 69.57 20.47
CA PRO A 527 -50.67 70.14 21.72
C PRO A 527 -50.21 69.03 22.66
N LEU A 528 -49.69 69.37 23.84
CA LEU A 528 -49.28 68.34 24.79
C LEU A 528 -50.39 68.03 25.80
N ASP A 529 -50.75 66.76 25.89
CA ASP A 529 -51.64 66.24 26.93
C ASP A 529 -50.81 65.42 27.92
N GLU A 530 -51.14 65.53 29.21
CA GLU A 530 -50.33 64.92 30.27
C GLU A 530 -50.19 63.41 30.16
N GLU A 531 -51.12 62.76 29.45
CA GLU A 531 -51.05 61.33 29.20
C GLU A 531 -49.79 60.95 28.41
N LEU A 532 -49.66 61.54 27.23
CA LEU A 532 -48.52 61.28 26.35
C LEU A 532 -47.31 62.13 26.74
N LYS A 533 -47.55 63.18 27.52
CA LYS A 533 -46.48 64.00 28.07
C LYS A 533 -45.70 63.18 29.11
N ASP A 534 -46.45 62.48 29.98
CA ASP A 534 -45.84 61.60 30.97
C ASP A 534 -45.46 60.24 30.34
N ALA A 535 -46.01 59.94 29.18
CA ALA A 535 -45.50 58.82 28.38
C ALA A 535 -44.08 59.16 27.91
N PHE A 536 -43.90 60.40 27.47
CA PHE A 536 -42.59 60.96 27.14
C PHE A 536 -41.67 61.00 28.35
N GLN A 537 -42.22 61.36 29.51
CA GLN A 537 -41.46 61.44 30.75
C GLN A 537 -40.93 60.08 31.19
N ASN A 538 -41.80 59.07 31.16
CA ASN A 538 -41.43 57.71 31.55
C ASN A 538 -40.58 57.00 30.48
N ALA A 539 -40.72 57.43 29.24
CA ALA A 539 -39.87 56.96 28.16
C ALA A 539 -38.45 57.51 28.34
N TYR A 540 -38.39 58.78 28.74
CA TYR A 540 -37.11 59.46 29.04
C TYR A 540 -36.42 58.86 30.26
N LEU A 541 -37.21 58.52 31.27
CA LEU A 541 -36.68 57.91 32.49
C LEU A 541 -36.30 56.44 32.28
N GLU A 542 -36.97 55.79 31.34
CA GLU A 542 -36.67 54.41 30.99
C GLU A 542 -35.38 54.32 30.18
N LEU A 543 -35.26 55.16 29.15
CA LEU A 543 -34.03 55.23 28.36
C LEU A 543 -32.85 55.74 29.17
N GLY A 544 -33.12 56.68 30.08
CA GLY A 544 -32.09 57.19 30.97
C GLY A 544 -31.63 56.14 31.96
N GLY A 545 -32.58 55.33 32.42
CA GLY A 545 -32.26 54.24 33.33
C GLY A 545 -31.53 53.10 32.64
N LEU A 546 -31.63 53.07 31.31
CA LEU A 546 -30.99 52.02 30.51
C LEU A 546 -29.48 52.24 30.44
N GLY A 547 -29.02 53.39 30.94
CA GLY A 547 -27.61 53.72 30.95
C GLY A 547 -27.24 54.74 29.90
N GLU A 548 -28.13 54.93 28.93
CA GLU A 548 -27.91 55.85 27.82
C GLU A 548 -28.08 57.31 28.22
N ARG A 549 -27.49 58.22 27.44
CA ARG A 549 -27.64 59.65 27.66
C ARG A 549 -28.61 60.22 26.63
N VAL A 550 -29.65 60.91 27.11
CA VAL A 550 -30.77 61.33 26.26
C VAL A 550 -30.76 62.82 25.95
N LEU A 551 -31.07 63.17 24.70
CA LEU A 551 -31.15 64.57 24.29
C LEU A 551 -32.50 64.92 23.65
N GLY A 552 -33.15 65.95 24.19
CA GLY A 552 -34.36 66.48 23.62
C GLY A 552 -34.15 67.23 22.31
N PHE A 553 -34.94 66.87 21.29
CA PHE A 553 -34.88 67.51 19.98
C PHE A 553 -36.22 68.17 19.61
N CYS A 554 -36.16 69.47 19.34
CA CYS A 554 -37.37 70.23 19.01
C CYS A 554 -37.14 71.19 17.85
N HIS A 555 -38.22 71.50 17.14
CA HIS A 555 -38.17 72.51 16.10
C HIS A 555 -39.45 73.33 16.07
N LEU A 556 -39.39 74.46 15.38
CA LEU A 556 -40.56 75.29 15.16
C LEU A 556 -40.48 75.97 13.80
N PHE A 557 -41.60 75.99 13.08
CA PHE A 557 -41.70 76.82 11.88
C PHE A 557 -41.84 78.24 12.38
N LEU A 558 -41.53 79.23 11.54
CA LEU A 558 -41.74 80.60 11.97
C LEU A 558 -42.85 81.27 11.17
N PRO A 559 -43.59 82.19 11.82
CA PRO A 559 -44.66 82.95 11.15
C PRO A 559 -44.03 83.98 10.22
N ASP A 560 -43.69 83.54 9.01
CA ASP A 560 -42.97 84.35 8.04
C ASP A 560 -43.70 85.64 7.67
N GLU A 561 -44.98 85.72 8.02
CA GLU A 561 -45.72 86.98 7.96
C GLU A 561 -45.15 87.96 8.98
N GLN A 562 -44.87 87.47 10.19
CA GLN A 562 -44.29 88.28 11.25
C GLN A 562 -42.78 88.43 11.09
N PHE A 563 -42.14 87.41 10.52
CA PHE A 563 -40.70 87.44 10.26
C PHE A 563 -40.44 87.22 8.77
N PRO A 564 -40.36 88.33 8.00
CA PRO A 564 -40.27 88.28 6.53
C PRO A 564 -39.00 87.61 6.01
N GLU A 565 -38.88 87.50 4.68
CA GLU A 565 -37.76 86.81 4.05
C GLU A 565 -36.45 87.60 4.16
N GLY A 566 -36.56 88.90 4.41
CA GLY A 566 -35.39 89.75 4.50
C GLY A 566 -35.02 90.11 5.92
N PHE A 567 -35.81 89.65 6.89
CA PHE A 567 -35.59 89.99 8.28
C PHE A 567 -34.33 89.34 8.83
N GLN A 568 -33.44 90.17 9.37
CA GLN A 568 -32.20 89.70 9.98
C GLN A 568 -32.34 89.70 11.49
N PHE A 569 -32.45 88.50 12.07
CA PHE A 569 -32.58 88.35 13.51
C PHE A 569 -31.23 88.05 14.14
N ASP A 570 -30.85 88.85 15.15
CA ASP A 570 -29.60 88.61 15.86
C ASP A 570 -29.85 87.95 17.21
N THR A 571 -28.78 87.77 17.98
CA THR A 571 -28.84 87.00 19.21
C THR A 571 -29.16 87.86 20.44
N ASP A 572 -29.48 89.13 20.23
CA ASP A 572 -29.65 90.06 21.34
C ASP A 572 -30.96 89.82 22.11
N ASP A 573 -32.08 90.17 21.47
CA ASP A 573 -33.41 90.05 22.09
C ASP A 573 -34.11 88.80 21.62
N VAL A 574 -35.40 88.66 21.94
CA VAL A 574 -36.09 87.44 21.57
C VAL A 574 -36.70 87.63 20.20
N ASN A 575 -36.05 87.00 19.23
CA ASN A 575 -36.49 87.03 17.84
C ASN A 575 -37.54 85.95 17.57
N PHE A 576 -37.31 84.77 18.12
CA PHE A 576 -38.20 83.63 17.89
C PHE A 576 -38.90 83.24 19.18
N PRO A 577 -40.11 82.67 19.04
CA PRO A 577 -40.89 82.23 20.21
C PRO A 577 -40.29 80.97 20.83
N LEU A 578 -39.32 81.16 21.72
CA LEU A 578 -38.63 80.06 22.40
C LEU A 578 -39.57 79.15 23.19
N ASP A 579 -40.81 79.60 23.37
CA ASP A 579 -41.85 78.76 23.96
C ASP A 579 -42.90 78.43 22.90
N ASN A 580 -43.88 77.60 23.26
CA ASN A 580 -44.86 77.08 22.31
C ASN A 580 -44.21 76.43 21.08
N LEU A 581 -43.03 75.84 21.27
CA LEU A 581 -42.32 75.18 20.18
C LEU A 581 -42.93 73.80 19.93
N CYS A 582 -42.45 73.13 18.87
CA CYS A 582 -42.92 71.79 18.56
C CYS A 582 -41.85 70.77 18.94
N PHE A 583 -42.13 70.01 19.99
CA PHE A 583 -41.22 68.96 20.47
C PHE A 583 -41.33 67.74 19.55
N VAL A 584 -40.21 67.28 19.02
CA VAL A 584 -40.23 66.15 18.08
C VAL A 584 -40.01 64.83 18.79
N GLY A 585 -38.79 64.62 19.27
CA GLY A 585 -38.45 63.40 19.97
C GLY A 585 -37.11 63.41 20.68
N LEU A 586 -36.78 62.28 21.30
CA LEU A 586 -35.52 62.13 22.00
C LEU A 586 -34.57 61.24 21.21
N ILE A 587 -33.28 61.56 21.29
CA ILE A 587 -32.25 60.68 20.74
C ILE A 587 -31.25 60.37 21.85
N SER A 588 -31.10 59.08 22.14
CA SER A 588 -30.26 58.65 23.25
C SER A 588 -29.01 57.98 22.70
N MET A 589 -27.92 58.04 23.46
CA MET A 589 -26.65 57.49 23.00
C MET A 589 -25.78 56.95 24.13
N ILE A 590 -24.95 55.98 23.78
CA ILE A 590 -24.11 55.27 24.75
C ILE A 590 -22.96 54.65 23.96
N ASP A 591 -21.88 54.25 24.64
CA ASP A 591 -20.86 53.47 23.95
C ASP A 591 -21.28 52.00 23.99
N PRO A 592 -21.56 51.43 22.81
CA PRO A 592 -22.07 50.06 22.67
C PRO A 592 -20.98 49.01 22.80
N PRO A 593 -21.37 47.78 23.16
CA PRO A 593 -20.42 46.67 23.12
C PRO A 593 -19.96 46.42 21.68
N ARG A 594 -18.77 45.87 21.46
CA ARG A 594 -18.31 45.49 20.12
C ARG A 594 -19.24 44.41 19.55
N ALA A 595 -19.37 44.37 18.23
CA ALA A 595 -20.35 43.51 17.56
C ALA A 595 -20.25 42.04 17.97
N ALA A 596 -19.03 41.56 18.12
CA ALA A 596 -18.80 40.14 18.35
C ALA A 596 -18.88 39.76 19.82
N VAL A 597 -18.93 40.76 20.70
CA VAL A 597 -18.84 40.53 22.14
C VAL A 597 -19.94 39.65 22.77
N PRO A 598 -21.24 40.00 22.56
CA PRO A 598 -22.26 39.26 23.31
C PRO A 598 -22.27 37.75 23.04
N ASP A 599 -22.15 37.38 21.78
CA ASP A 599 -22.06 35.98 21.38
C ASP A 599 -20.87 35.32 22.04
N ALA A 600 -19.75 36.03 22.05
CA ALA A 600 -18.51 35.54 22.66
C ALA A 600 -18.71 35.21 24.14
N VAL A 601 -19.27 36.16 24.88
CA VAL A 601 -19.52 35.94 26.31
C VAL A 601 -20.48 34.77 26.50
N GLY A 602 -21.42 34.64 25.56
CA GLY A 602 -22.35 33.52 25.57
C GLY A 602 -21.64 32.19 25.45
N LYS A 603 -20.67 32.11 24.53
CA LYS A 603 -19.90 30.89 24.32
C LYS A 603 -19.02 30.58 25.53
N CYS A 604 -18.39 31.60 26.08
CA CYS A 604 -17.52 31.45 27.24
C CYS A 604 -18.30 30.94 28.44
N ARG A 605 -19.51 31.44 28.61
CA ARG A 605 -20.40 30.94 29.65
C ARG A 605 -20.82 29.50 29.33
N SER A 606 -21.01 29.23 28.05
CA SER A 606 -21.43 27.91 27.60
C SER A 606 -20.34 26.86 27.84
N ALA A 607 -19.08 27.31 27.80
CA ALA A 607 -17.96 26.42 28.01
C ALA A 607 -17.69 26.20 29.49
N GLY A 608 -18.42 26.91 30.33
CA GLY A 608 -18.30 26.78 31.77
C GLY A 608 -17.35 27.79 32.38
N ILE A 609 -16.94 28.78 31.59
CA ILE A 609 -16.05 29.82 32.10
C ILE A 609 -16.86 30.93 32.79
N LYS A 610 -16.46 31.25 34.01
CA LYS A 610 -17.14 32.30 34.77
C LYS A 610 -16.68 33.66 34.32
N VAL A 611 -17.61 34.49 33.85
CA VAL A 611 -17.27 35.82 33.36
C VAL A 611 -17.52 36.88 34.42
N ILE A 612 -16.46 37.59 34.80
CA ILE A 612 -16.54 38.69 35.75
C ILE A 612 -16.17 40.00 35.09
N MET A 613 -17.03 41.00 35.24
CA MET A 613 -16.72 42.32 34.71
C MET A 613 -15.95 43.14 35.75
N VAL A 614 -14.77 43.61 35.38
CA VAL A 614 -14.01 44.51 36.25
C VAL A 614 -13.76 45.83 35.52
N THR A 615 -14.39 46.89 36.01
CA THR A 615 -14.29 48.22 35.39
C THR A 615 -14.17 49.34 36.44
N GLY A 616 -13.54 50.43 36.04
CA GLY A 616 -13.44 51.59 36.91
C GLY A 616 -14.55 52.58 36.63
N ASP A 617 -15.46 52.18 35.74
CA ASP A 617 -16.54 53.07 35.32
C ASP A 617 -17.61 53.19 36.40
N HIS A 618 -18.64 53.98 36.10
CA HIS A 618 -19.73 54.20 37.04
C HIS A 618 -20.70 53.03 37.04
N PRO A 619 -21.20 52.65 38.22
CA PRO A 619 -22.01 51.45 38.42
C PRO A 619 -23.25 51.40 37.53
N ILE A 620 -23.92 52.55 37.36
CA ILE A 620 -25.17 52.60 36.64
C ILE A 620 -25.04 52.15 35.18
N THR A 621 -23.95 52.57 34.54
CA THR A 621 -23.68 52.17 33.18
C THR A 621 -23.10 50.76 33.16
N ALA A 622 -22.25 50.45 34.12
CA ALA A 622 -21.58 49.17 34.20
C ALA A 622 -22.57 48.00 34.25
N LYS A 623 -23.59 48.14 35.10
CA LYS A 623 -24.61 47.10 35.22
C LYS A 623 -25.38 46.94 33.91
N ALA A 624 -25.69 48.06 33.27
CA ALA A 624 -26.45 48.04 32.02
C ALA A 624 -25.69 47.31 30.92
N ILE A 625 -24.42 47.68 30.73
CA ILE A 625 -23.56 47.02 29.75
C ILE A 625 -23.41 45.55 30.10
N ALA A 626 -23.30 45.25 31.40
CA ALA A 626 -23.19 43.87 31.87
C ALA A 626 -24.38 43.03 31.44
N LYS A 627 -25.58 43.55 31.66
CA LYS A 627 -26.80 42.87 31.24
C LYS A 627 -26.86 42.79 29.71
N GLY A 628 -26.23 43.75 29.05
CA GLY A 628 -26.23 43.80 27.60
C GLY A 628 -25.37 42.73 26.94
N VAL A 629 -24.21 42.48 27.53
CA VAL A 629 -23.26 41.53 26.95
C VAL A 629 -23.42 40.12 27.51
N GLY A 630 -24.32 39.97 28.48
CA GLY A 630 -24.65 38.67 29.03
C GLY A 630 -23.81 38.21 30.21
N ILE A 631 -23.07 39.13 30.81
CA ILE A 631 -22.34 38.80 32.04
C ILE A 631 -23.33 38.67 33.18
N ILE A 632 -24.30 39.59 33.23
CA ILE A 632 -25.47 39.44 34.07
C ILE A 632 -26.66 39.06 33.20
N SER A 633 -27.13 37.83 33.34
CA SER A 633 -28.24 37.34 32.53
C SER A 633 -29.56 38.00 32.94
N GLU A 634 -30.51 37.99 32.02
CA GLU A 634 -31.84 38.52 32.30
C GLU A 634 -32.51 37.73 33.42
N GLY A 635 -33.22 38.45 34.30
CA GLY A 635 -33.97 37.80 35.36
C GLY A 635 -33.18 37.59 36.64
N ASN A 636 -31.85 37.69 36.54
CA ASN A 636 -31.02 37.58 37.73
C ASN A 636 -30.97 38.91 38.46
N GLU A 637 -31.29 38.87 39.76
CA GLU A 637 -31.43 40.10 40.53
C GLU A 637 -30.27 40.33 41.49
N THR A 638 -29.75 41.56 41.49
CA THR A 638 -28.82 42.01 42.50
C THR A 638 -29.56 42.26 43.81
N VAL A 639 -28.81 42.34 44.91
CA VAL A 639 -29.36 42.66 46.21
C VAL A 639 -30.26 43.91 46.14
N GLU A 640 -29.80 44.91 45.40
CA GLU A 640 -30.52 46.16 45.29
C GLU A 640 -31.80 46.03 44.46
N ASP A 641 -31.79 45.12 43.49
CA ASP A 641 -32.98 44.87 42.68
C ASP A 641 -34.09 44.29 43.55
N ILE A 642 -33.71 43.34 44.41
CA ILE A 642 -34.61 42.74 45.37
C ILE A 642 -35.14 43.79 46.32
N ALA A 643 -34.23 44.58 46.87
CA ALA A 643 -34.60 45.66 47.78
C ALA A 643 -35.58 46.63 47.14
N ALA A 644 -35.41 46.90 45.86
CA ALA A 644 -36.24 47.87 45.15
C ALA A 644 -37.62 47.31 44.85
N ARG A 645 -37.67 46.06 44.39
CA ARG A 645 -38.94 45.43 44.03
C ARG A 645 -39.85 45.28 45.24
N LEU A 646 -39.26 44.91 46.37
CA LEU A 646 -40.04 44.59 47.56
C LEU A 646 -40.30 45.81 48.44
N ASN A 647 -39.83 46.98 48.00
CA ASN A 647 -39.99 48.23 48.74
C ASN A 647 -39.46 48.11 50.17
N ILE A 648 -38.22 47.65 50.29
CA ILE A 648 -37.62 47.33 51.58
C ILE A 648 -36.24 47.99 51.67
N PRO A 649 -35.83 48.40 52.89
CA PRO A 649 -34.44 48.81 53.09
C PRO A 649 -33.45 47.78 52.53
N VAL A 650 -32.40 48.26 51.87
CA VAL A 650 -31.48 47.37 51.17
C VAL A 650 -30.75 46.42 52.12
N SER A 651 -30.64 46.83 53.38
CA SER A 651 -29.92 46.05 54.38
C SER A 651 -30.65 44.78 54.81
N GLN A 652 -31.98 44.78 54.66
CA GLN A 652 -32.80 43.67 55.12
C GLN A 652 -32.57 42.36 54.38
N VAL A 653 -32.62 42.41 53.06
CA VAL A 653 -32.66 41.20 52.24
C VAL A 653 -31.42 40.33 52.40
N ASN A 654 -31.62 39.02 52.37
CA ASN A 654 -30.55 38.04 52.53
C ASN A 654 -29.75 37.89 51.24
N PRO A 655 -28.45 38.23 51.29
CA PRO A 655 -27.57 38.22 50.11
C PRO A 655 -27.50 36.87 49.40
N ARG A 656 -27.86 35.79 50.08
CA ARG A 656 -27.90 34.47 49.45
C ARG A 656 -28.97 34.43 48.36
N ASP A 657 -30.03 35.22 48.54
CA ASP A 657 -31.12 35.27 47.56
C ASP A 657 -30.70 36.00 46.29
N ALA A 658 -29.55 36.66 46.32
CA ALA A 658 -29.05 37.39 45.16
C ALA A 658 -27.95 36.61 44.46
N LYS A 659 -28.21 36.21 43.21
CA LYS A 659 -27.23 35.49 42.43
C LYS A 659 -26.19 36.44 41.83
N ALA A 660 -26.64 37.63 41.47
CA ALA A 660 -25.77 38.61 40.83
C ALA A 660 -25.51 39.78 41.76
N CYS A 661 -24.38 40.44 41.60
CA CYS A 661 -24.05 41.60 42.43
C CYS A 661 -23.23 42.63 41.69
N VAL A 662 -23.54 43.90 41.93
CA VAL A 662 -22.69 44.98 41.47
C VAL A 662 -21.94 45.53 42.68
N VAL A 663 -20.64 45.27 42.73
CA VAL A 663 -19.83 45.63 43.87
C VAL A 663 -19.18 46.98 43.68
N HIS A 664 -19.56 47.93 44.54
CA HIS A 664 -19.07 49.31 44.47
C HIS A 664 -17.63 49.41 44.95
N GLY A 665 -16.81 50.15 44.21
CA GLY A 665 -15.40 50.28 44.50
C GLY A 665 -15.05 50.92 45.84
N SER A 666 -15.93 51.80 46.31
CA SER A 666 -15.79 52.40 47.64
C SER A 666 -15.75 51.33 48.73
N ASP A 667 -16.60 50.32 48.57
CA ASP A 667 -16.64 49.22 49.52
C ASP A 667 -15.39 48.36 49.41
N LEU A 668 -14.92 48.16 48.18
CA LEU A 668 -13.78 47.31 47.88
C LEU A 668 -12.50 47.73 48.59
N LYS A 669 -12.45 48.99 49.01
CA LYS A 669 -11.31 49.51 49.77
C LYS A 669 -11.34 48.99 51.20
N ASP A 670 -12.55 48.83 51.75
CA ASP A 670 -12.72 48.40 53.13
C ASP A 670 -12.82 46.89 53.28
N MET A 671 -12.72 46.18 52.16
CA MET A 671 -12.92 44.74 52.13
C MET A 671 -11.69 43.93 52.52
N THR A 672 -11.91 42.79 53.16
CA THR A 672 -10.83 41.89 53.56
C THR A 672 -10.72 40.70 52.61
N SER A 673 -9.79 39.80 52.91
CA SER A 673 -9.57 38.62 52.08
C SER A 673 -10.78 37.69 52.09
N GLU A 674 -11.25 37.37 53.28
CA GLU A 674 -12.39 36.48 53.45
C GLU A 674 -13.64 37.05 52.81
N GLN A 675 -13.79 38.37 52.88
CA GLN A 675 -14.95 39.04 52.31
C GLN A 675 -14.98 38.91 50.77
N LEU A 676 -13.85 39.20 50.14
CA LEU A 676 -13.72 39.12 48.69
C LEU A 676 -13.91 37.68 48.24
N ASP A 677 -13.30 36.76 49.00
CA ASP A 677 -13.47 35.33 48.76
C ASP A 677 -14.94 34.97 48.77
N ASP A 678 -15.68 35.50 49.75
CA ASP A 678 -17.11 35.23 49.87
C ASP A 678 -17.89 35.79 48.68
N ILE A 679 -17.59 37.02 48.28
CA ILE A 679 -18.26 37.64 47.14
C ILE A 679 -18.05 36.82 45.87
N LEU A 680 -16.82 36.40 45.64
CA LEU A 680 -16.50 35.60 44.46
C LEU A 680 -17.13 34.21 44.52
N LYS A 681 -17.24 33.66 45.73
CA LYS A 681 -17.79 32.32 45.90
C LYS A 681 -19.30 32.28 45.66
N TYR A 682 -20.03 33.16 46.34
CA TYR A 682 -21.48 33.03 46.45
C TYR A 682 -22.27 33.82 45.42
N HIS A 683 -21.59 34.43 44.46
CA HIS A 683 -22.27 35.13 43.37
C HIS A 683 -21.78 34.62 42.02
N THR A 684 -22.73 34.22 41.16
CA THR A 684 -22.39 33.64 39.87
C THR A 684 -22.04 34.69 38.83
N GLU A 685 -22.81 35.77 38.80
CA GLU A 685 -22.59 36.86 37.85
C GLU A 685 -22.16 38.11 38.58
N ILE A 686 -20.90 38.52 38.39
CA ILE A 686 -20.34 39.60 39.18
C ILE A 686 -19.80 40.77 38.37
N VAL A 687 -20.14 41.97 38.82
CA VAL A 687 -19.62 43.19 38.23
C VAL A 687 -19.01 44.11 39.30
N PHE A 688 -17.70 44.29 39.24
CA PHE A 688 -17.00 45.25 40.06
C PHE A 688 -16.91 46.58 39.33
N ALA A 689 -17.54 47.61 39.88
CA ALA A 689 -17.56 48.92 39.22
C ALA A 689 -16.82 49.95 40.06
N ARG A 690 -16.31 50.99 39.39
CA ARG A 690 -15.55 52.06 40.04
C ARG A 690 -14.36 51.47 40.78
N THR A 691 -13.59 50.66 40.08
CA THR A 691 -12.46 49.96 40.67
C THR A 691 -11.12 50.47 40.14
N SER A 692 -10.25 50.86 41.07
CA SER A 692 -8.92 51.34 40.71
C SER A 692 -8.10 50.17 40.15
N PRO A 693 -7.07 50.49 39.34
CA PRO A 693 -6.20 49.46 38.74
C PRO A 693 -5.63 48.50 39.79
N GLN A 694 -5.20 49.04 40.91
CA GLN A 694 -4.67 48.25 42.02
C GLN A 694 -5.73 47.26 42.49
N GLN A 695 -6.98 47.73 42.52
CA GLN A 695 -8.10 46.88 42.92
C GLN A 695 -8.41 45.83 41.87
N LYS A 696 -8.13 46.13 40.61
CA LYS A 696 -8.25 45.12 39.55
C LYS A 696 -7.26 44.01 39.84
N LEU A 697 -6.03 44.41 40.13
CA LEU A 697 -4.98 43.48 40.56
C LEU A 697 -5.43 42.63 41.76
N ILE A 698 -6.08 43.28 42.73
CA ILE A 698 -6.54 42.59 43.93
C ILE A 698 -7.64 41.58 43.62
N ILE A 699 -8.49 41.92 42.65
CA ILE A 699 -9.55 41.03 42.22
C ILE A 699 -8.98 39.81 41.50
N VAL A 700 -8.03 40.05 40.61
CA VAL A 700 -7.37 38.96 39.91
C VAL A 700 -6.70 38.02 40.92
N GLU A 701 -5.94 38.61 41.84
CA GLU A 701 -5.28 37.85 42.90
C GLU A 701 -6.30 37.12 43.77
N GLY A 702 -7.48 37.69 43.90
CA GLY A 702 -8.54 37.11 44.69
C GLY A 702 -9.14 35.88 44.02
N CYS A 703 -9.25 35.93 42.70
CA CYS A 703 -9.73 34.79 41.94
C CYS A 703 -8.65 33.72 41.89
N GLN A 704 -7.39 34.15 42.01
CA GLN A 704 -6.26 33.22 42.05
C GLN A 704 -6.10 32.59 43.43
N ARG A 705 -6.66 33.23 44.47
CA ARG A 705 -6.65 32.64 45.80
C ARG A 705 -7.58 31.45 45.87
N GLN A 706 -8.56 31.42 44.95
CA GLN A 706 -9.48 30.30 44.84
C GLN A 706 -8.78 29.12 44.17
N GLY A 707 -7.60 29.38 43.63
CA GLY A 707 -6.81 28.35 42.96
C GLY A 707 -7.28 28.10 41.54
N ALA A 708 -7.82 29.14 40.91
CA ALA A 708 -8.37 29.02 39.56
C ALA A 708 -7.56 29.80 38.54
N ILE A 709 -7.56 29.32 37.30
CA ILE A 709 -6.86 29.98 36.22
C ILE A 709 -7.64 31.20 35.73
N VAL A 710 -7.00 32.36 35.74
CA VAL A 710 -7.67 33.61 35.40
C VAL A 710 -7.11 34.26 34.16
N ALA A 711 -7.98 34.60 33.21
CA ALA A 711 -7.57 35.37 32.04
C ALA A 711 -8.12 36.77 32.17
N VAL A 712 -7.33 37.76 31.79
CA VAL A 712 -7.76 39.15 31.86
C VAL A 712 -7.75 39.82 30.49
N THR A 713 -8.87 40.42 30.12
CA THR A 713 -8.93 41.16 28.87
C THR A 713 -9.07 42.64 29.17
N GLY A 714 -8.29 43.47 28.48
CA GLY A 714 -8.29 44.89 28.78
C GLY A 714 -7.98 45.84 27.63
N ASP A 715 -8.18 47.13 27.90
CA ASP A 715 -7.93 48.18 26.93
C ASP A 715 -6.88 49.18 27.41
N GLY A 716 -7.17 49.89 28.49
CA GLY A 716 -6.33 51.00 28.92
C GLY A 716 -5.23 50.64 29.90
N VAL A 717 -4.56 51.67 30.40
CA VAL A 717 -3.44 51.48 31.32
C VAL A 717 -3.88 50.95 32.69
N ASN A 718 -5.14 51.15 33.03
CA ASN A 718 -5.66 50.66 34.30
C ASN A 718 -5.65 49.14 34.39
N ASP A 719 -5.53 48.50 33.23
CA ASP A 719 -5.49 47.05 33.14
C ASP A 719 -4.06 46.53 33.08
N SER A 720 -3.09 47.43 33.19
CA SER A 720 -1.69 47.03 33.17
C SER A 720 -1.32 46.10 34.33
N PRO A 721 -1.64 46.48 35.58
CA PRO A 721 -1.27 45.55 36.65
C PRO A 721 -2.08 44.25 36.62
N ALA A 722 -3.33 44.32 36.16
CA ALA A 722 -4.16 43.13 36.07
C ALA A 722 -3.63 42.15 35.02
N SER A 723 -3.52 42.64 33.78
CA SER A 723 -3.11 41.80 32.65
C SER A 723 -1.78 41.13 32.90
N LYS A 724 -0.91 41.81 33.63
CA LYS A 724 0.41 41.27 33.96
C LYS A 724 0.29 40.11 34.95
N LYS A 725 -0.57 40.28 35.94
CA LYS A 725 -0.68 39.32 37.03
C LYS A 725 -1.44 38.07 36.61
N ALA A 726 -2.32 38.23 35.64
CA ALA A 726 -3.16 37.12 35.17
C ALA A 726 -2.32 35.99 34.61
N ASP A 727 -2.83 34.77 34.72
CA ASP A 727 -2.18 33.61 34.13
C ASP A 727 -1.98 33.86 32.65
N ILE A 728 -2.97 34.48 32.03
CA ILE A 728 -2.78 35.04 30.70
C ILE A 728 -3.51 36.38 30.58
N GLY A 729 -2.77 37.41 30.18
CA GLY A 729 -3.37 38.70 29.87
C GLY A 729 -3.71 38.80 28.40
N VAL A 730 -4.73 39.59 28.08
CA VAL A 730 -5.09 39.81 26.68
C VAL A 730 -5.36 41.29 26.43
N ALA A 731 -4.61 41.87 25.51
CA ALA A 731 -4.78 43.29 25.18
C ALA A 731 -5.58 43.47 23.91
N MET A 732 -5.80 44.74 23.55
CA MET A 732 -6.44 45.10 22.29
C MET A 732 -5.41 45.78 21.39
N GLY A 733 -5.19 45.22 20.20
CA GLY A 733 -4.14 45.67 19.30
C GLY A 733 -4.15 47.14 18.94
N ILE A 734 -5.34 47.72 18.82
CA ILE A 734 -5.46 49.12 18.46
C ILE A 734 -6.05 49.95 19.60
N ALA A 735 -7.27 49.63 20.03
CA ALA A 735 -7.94 50.39 21.09
C ALA A 735 -7.24 50.26 22.45
N GLY A 736 -6.25 49.37 22.53
CA GLY A 736 -5.48 49.20 23.75
C GLY A 736 -4.31 50.16 23.85
N SER A 737 -3.91 50.49 25.07
CA SER A 737 -2.81 51.41 25.29
C SER A 737 -1.48 50.66 25.23
N ASP A 738 -0.38 51.38 25.37
CA ASP A 738 0.94 50.81 25.17
C ASP A 738 1.42 50.00 26.37
N VAL A 739 1.20 50.53 27.57
CA VAL A 739 1.66 49.88 28.79
C VAL A 739 0.98 48.53 29.00
N SER A 740 -0.33 48.53 28.85
CA SER A 740 -1.11 47.31 29.00
C SER A 740 -0.81 46.33 27.88
N LYS A 741 -0.36 46.87 26.74
CA LYS A 741 0.02 46.01 25.62
C LYS A 741 1.34 45.34 25.93
N GLN A 742 2.22 46.06 26.60
CA GLN A 742 3.49 45.50 27.03
C GLN A 742 3.29 44.46 28.11
N ALA A 743 2.31 44.71 28.98
CA ALA A 743 2.03 43.79 30.09
C ALA A 743 1.32 42.51 29.65
N ALA A 744 0.67 42.55 28.51
CA ALA A 744 -0.15 41.42 28.04
C ALA A 744 0.70 40.27 27.50
N ASP A 745 0.20 39.05 27.72
CA ASP A 745 0.85 37.86 27.19
C ASP A 745 0.27 37.52 25.82
N MET A 746 -0.81 38.21 25.45
CA MET A 746 -1.45 38.02 24.15
C MET A 746 -2.12 39.29 23.64
N ILE A 747 -2.02 39.52 22.34
CA ILE A 747 -2.56 40.73 21.71
C ILE A 747 -3.56 40.37 20.61
N LEU A 748 -4.66 41.12 20.56
CA LEU A 748 -5.63 40.96 19.47
C LEU A 748 -5.48 42.10 18.49
N LEU A 749 -4.96 41.79 17.30
CA LEU A 749 -4.61 42.82 16.34
C LEU A 749 -5.83 43.40 15.62
N ASP A 750 -6.85 42.57 15.44
CA ASP A 750 -8.08 43.00 14.77
C ASP A 750 -9.11 43.49 15.78
N ASP A 751 -8.76 43.40 17.06
CA ASP A 751 -9.66 43.78 18.16
C ASP A 751 -10.99 43.01 18.15
N ASN A 752 -10.97 41.71 17.84
CA ASN A 752 -12.18 40.85 17.83
C ASN A 752 -12.28 40.02 19.11
N PHE A 753 -13.29 40.28 19.93
CA PHE A 753 -13.43 39.58 21.21
C PHE A 753 -13.77 38.11 21.02
N ALA A 754 -14.47 37.80 19.93
CA ALA A 754 -14.85 36.42 19.63
C ALA A 754 -13.63 35.51 19.55
N SER A 755 -12.48 36.11 19.21
CA SER A 755 -11.22 35.38 19.17
C SER A 755 -10.96 34.64 20.48
N ILE A 756 -11.29 35.28 21.60
CA ILE A 756 -11.13 34.66 22.92
C ILE A 756 -11.76 33.27 22.91
N VAL A 757 -12.99 33.16 22.40
CA VAL A 757 -13.67 31.87 22.30
C VAL A 757 -12.82 30.89 21.51
N THR A 758 -12.41 31.30 20.31
CA THR A 758 -11.55 30.48 19.47
C THR A 758 -10.35 30.03 20.31
N GLY A 759 -9.78 30.97 21.04
CA GLY A 759 -8.64 30.69 21.88
C GLY A 759 -8.90 29.54 22.83
N VAL A 760 -9.99 29.62 23.61
CA VAL A 760 -10.23 28.61 24.64
C VAL A 760 -10.55 27.30 23.95
N GLU A 761 -11.04 27.37 22.71
CA GLU A 761 -11.21 26.14 21.94
C GLU A 761 -9.84 25.57 21.59
N GLU A 762 -9.02 26.40 20.95
CA GLU A 762 -7.74 25.96 20.43
C GLU A 762 -6.89 25.34 21.52
N GLY A 763 -6.68 26.11 22.59
CA GLY A 763 -5.90 25.66 23.72
C GLY A 763 -6.45 24.40 24.35
N ARG A 764 -7.76 24.21 24.26
CA ARG A 764 -8.36 23.02 24.86
C ARG A 764 -8.16 21.82 23.95
N LEU A 765 -8.03 22.08 22.65
CA LEU A 765 -7.77 21.00 21.70
C LEU A 765 -6.31 20.56 21.75
N ILE A 766 -5.41 21.55 21.66
CA ILE A 766 -3.98 21.28 21.59
C ILE A 766 -3.49 20.50 22.82
N PHE A 767 -4.26 20.59 23.91
CA PHE A 767 -3.97 19.80 25.10
C PHE A 767 -4.05 18.33 24.74
N ASP A 768 -5.22 17.90 24.29
CA ASP A 768 -5.49 16.50 23.98
C ASP A 768 -4.46 15.95 23.02
N ASN A 769 -4.30 16.64 21.88
CA ASN A 769 -3.32 16.24 20.87
C ASN A 769 -1.94 16.06 21.46
N LEU A 770 -1.55 16.98 22.34
CA LEU A 770 -0.23 16.90 22.97
C LEU A 770 -0.06 15.54 23.60
N LYS A 771 -1.05 15.13 24.39
CA LYS A 771 -1.04 13.83 25.05
C LYS A 771 -0.69 12.76 24.03
N LYS A 772 -1.48 12.74 22.95
CA LYS A 772 -1.32 11.74 21.91
C LYS A 772 0.13 11.73 21.48
N SER A 773 0.63 12.90 21.07
CA SER A 773 1.99 13.01 20.58
C SER A 773 2.94 12.40 21.61
N ILE A 774 2.82 12.89 22.84
CA ILE A 774 3.66 12.41 23.92
C ILE A 774 3.60 10.91 24.00
N ALA A 775 2.38 10.40 24.10
CA ALA A 775 2.14 8.98 24.25
C ALA A 775 2.95 8.25 23.20
N TYR A 776 2.78 8.68 21.94
CA TYR A 776 3.42 8.04 20.81
C TYR A 776 4.91 7.90 21.08
N THR A 777 5.58 9.01 21.36
CA THR A 777 7.02 8.99 21.53
C THR A 777 7.40 8.13 22.72
N LEU A 778 6.61 8.22 23.78
CA LEU A 778 6.96 7.53 25.00
C LEU A 778 6.78 6.03 24.82
N THR A 779 6.00 5.64 23.82
CA THR A 779 5.79 4.23 23.57
C THR A 779 7.07 3.64 22.99
N SER A 780 7.82 4.47 22.29
CA SER A 780 9.00 3.98 21.58
C SER A 780 10.15 3.63 22.52
N ASN A 781 10.09 4.12 23.75
CA ASN A 781 11.21 3.94 24.67
C ASN A 781 11.30 2.56 25.30
N ILE A 782 10.20 1.81 25.30
CA ILE A 782 10.26 0.43 25.76
C ILE A 782 11.03 -0.46 24.78
N PRO A 783 10.66 -0.45 23.48
CA PRO A 783 11.47 -1.27 22.57
C PRO A 783 12.87 -0.73 22.32
N GLU A 784 13.12 0.54 22.67
CA GLU A 784 14.47 1.11 22.53
C GLU A 784 15.40 0.71 23.67
N ILE A 785 14.90 0.78 24.91
CA ILE A 785 15.72 0.54 26.09
C ILE A 785 15.94 -0.95 26.35
N THR A 786 14.89 -1.74 26.18
CA THR A 786 14.93 -3.19 26.45
C THR A 786 16.07 -3.98 25.78
N PRO A 787 16.45 -3.65 24.52
CA PRO A 787 17.59 -4.38 23.94
C PRO A 787 18.86 -4.27 24.76
N PHE A 788 19.20 -3.07 25.23
CA PHE A 788 20.37 -2.87 26.06
C PHE A 788 20.18 -3.47 27.45
N LEU A 789 18.93 -3.68 27.84
CA LEU A 789 18.64 -4.24 29.15
C LEU A 789 18.99 -5.72 29.18
N ILE A 790 18.31 -6.51 28.35
CA ILE A 790 18.54 -7.95 28.33
C ILE A 790 19.89 -8.29 27.68
N PHE A 791 20.53 -7.29 27.10
CA PHE A 791 21.91 -7.43 26.68
C PHE A 791 22.79 -7.64 27.90
N ILE A 792 22.50 -6.87 28.95
CA ILE A 792 23.22 -6.95 30.20
C ILE A 792 22.81 -8.19 30.99
N ILE A 793 21.53 -8.54 30.91
CA ILE A 793 20.98 -9.62 31.70
C ILE A 793 21.34 -11.00 31.18
N ALA A 794 20.86 -11.33 29.97
CA ALA A 794 21.05 -12.67 29.43
C ALA A 794 22.32 -12.80 28.60
N ASN A 795 23.09 -11.72 28.51
CA ASN A 795 24.34 -11.70 27.78
C ASN A 795 24.23 -12.16 26.32
N ILE A 796 23.21 -11.68 25.64
CA ILE A 796 23.07 -11.88 24.20
C ILE A 796 23.76 -10.74 23.45
N PRO A 797 24.09 -10.95 22.16
CA PRO A 797 24.63 -9.85 21.37
C PRO A 797 23.65 -8.71 21.29
N LEU A 798 24.15 -7.47 21.22
CA LEU A 798 23.28 -6.30 21.26
C LEU A 798 22.34 -6.23 20.06
N PRO A 799 21.04 -6.35 20.30
CA PRO A 799 19.98 -6.36 19.28
C PRO A 799 19.78 -5.02 18.58
N LEU A 800 19.92 -3.92 19.32
CA LEU A 800 19.63 -2.60 18.78
C LEU A 800 20.73 -1.61 19.14
N GLY A 801 21.30 -0.98 18.12
CA GLY A 801 22.42 -0.08 18.29
C GLY A 801 22.02 1.34 18.65
N THR A 802 23.01 2.21 18.81
CA THR A 802 22.75 3.59 19.18
C THR A 802 22.24 4.39 17.98
N VAL A 803 22.93 4.23 16.85
CA VAL A 803 22.60 4.93 15.62
C VAL A 803 21.16 4.66 15.21
N THR A 804 20.76 3.38 15.30
CA THR A 804 19.41 2.98 14.96
C THR A 804 18.38 3.67 15.88
N ILE A 805 18.65 3.65 17.18
CA ILE A 805 17.79 4.30 18.16
C ILE A 805 17.62 5.77 17.82
N LEU A 806 18.70 6.42 17.41
CA LEU A 806 18.62 7.81 17.00
C LEU A 806 17.81 7.98 15.72
N CYS A 807 17.92 7.00 14.83
CA CYS A 807 17.19 7.04 13.56
C CYS A 807 15.70 6.84 13.78
N ILE A 808 15.34 6.30 14.94
CA ILE A 808 13.94 6.22 15.32
C ILE A 808 13.51 7.50 16.03
N ASP A 809 14.16 7.81 17.15
CA ASP A 809 13.79 8.99 17.94
C ASP A 809 13.75 10.26 17.09
N LEU A 810 14.89 10.62 16.49
CA LEU A 810 14.93 11.83 15.66
C LEU A 810 14.75 11.63 14.15
N GLY A 811 14.89 10.40 13.67
CA GLY A 811 14.80 10.18 12.23
C GLY A 811 13.41 10.04 11.61
N THR A 812 12.63 9.11 12.17
CA THR A 812 11.40 8.66 11.52
C THR A 812 10.21 9.23 12.24
N ASP A 813 10.10 8.88 13.52
CA ASP A 813 8.94 9.21 14.34
C ASP A 813 8.61 10.69 14.35
N MET A 814 9.54 11.53 13.93
CA MET A 814 9.34 12.97 13.91
C MET A 814 8.07 13.38 13.13
N VAL A 815 8.00 13.01 11.85
CA VAL A 815 6.88 13.42 11.01
C VAL A 815 5.52 12.89 11.51
N PRO A 816 5.45 11.62 11.95
CA PRO A 816 4.19 11.19 12.60
C PRO A 816 3.86 11.96 13.87
N ALA A 817 4.84 12.17 14.74
CA ALA A 817 4.63 12.83 16.02
C ALA A 817 4.16 14.26 15.82
N ILE A 818 4.62 14.91 14.76
CA ILE A 818 4.15 16.24 14.41
C ILE A 818 2.75 16.14 13.82
N SER A 819 2.54 15.13 12.98
CA SER A 819 1.25 14.95 12.33
C SER A 819 0.13 14.75 13.34
N LEU A 820 0.49 14.23 14.50
CA LEU A 820 -0.47 14.00 15.56
C LEU A 820 -1.04 15.33 16.08
N ALA A 821 -0.31 16.42 15.85
CA ALA A 821 -0.77 17.75 16.24
C ALA A 821 -1.97 18.18 15.41
N TYR A 822 -2.11 17.60 14.22
CA TYR A 822 -3.17 18.00 13.31
C TYR A 822 -4.44 17.18 13.55
N GLU A 823 -4.41 16.35 14.58
CA GLU A 823 -5.60 15.63 15.00
C GLU A 823 -6.69 16.61 15.42
N GLN A 824 -7.94 16.23 15.17
CA GLN A 824 -9.05 17.13 15.43
C GLN A 824 -9.80 16.75 16.70
N ALA A 825 -10.88 17.47 16.97
CA ALA A 825 -11.69 17.24 18.16
C ALA A 825 -12.43 15.91 18.07
N GLU A 826 -12.26 15.07 19.09
CA GLU A 826 -12.87 13.75 19.11
C GLU A 826 -14.35 13.82 19.53
N SER A 827 -14.73 14.97 20.07
CA SER A 827 -16.12 15.25 20.42
C SER A 827 -16.29 16.76 20.43
N ASP A 828 -17.41 17.26 20.94
CA ASP A 828 -17.52 18.69 21.12
C ASP A 828 -16.78 19.06 22.38
N ILE A 829 -15.71 19.84 22.24
CA ILE A 829 -14.86 20.18 23.36
C ILE A 829 -15.42 21.35 24.16
N MET A 830 -16.05 22.29 23.45
CA MET A 830 -16.63 23.47 24.09
C MET A 830 -17.84 23.11 24.95
N LYS A 831 -18.26 21.85 24.87
CA LYS A 831 -19.31 21.35 25.74
C LYS A 831 -18.77 21.02 27.14
N ARG A 832 -17.60 20.37 27.18
CA ARG A 832 -17.06 19.90 28.45
C ARG A 832 -16.54 21.04 29.32
N GLN A 833 -16.58 20.83 30.63
CA GLN A 833 -16.15 21.83 31.60
C GLN A 833 -14.65 22.07 31.52
N PRO A 834 -14.18 23.20 32.05
CA PRO A 834 -12.73 23.43 32.12
C PRO A 834 -12.02 22.36 32.95
N ARG A 835 -10.82 21.98 32.54
CA ARG A 835 -10.06 20.94 33.23
C ARG A 835 -9.70 21.37 34.65
N ASN A 836 -9.48 20.39 35.52
CA ASN A 836 -8.99 20.67 36.87
C ASN A 836 -7.48 20.45 36.93
N PRO A 837 -6.74 21.52 37.24
CA PRO A 837 -5.26 21.48 37.27
C PRO A 837 -4.70 20.42 38.21
N LYS A 838 -5.40 20.18 39.32
CA LYS A 838 -4.97 19.19 40.30
C LYS A 838 -5.29 17.76 39.87
N THR A 839 -6.48 17.56 39.32
CA THR A 839 -6.96 16.24 38.94
C THR A 839 -6.44 15.82 37.56
N ASP A 840 -7.00 16.45 36.52
CA ASP A 840 -6.64 16.10 35.15
C ASP A 840 -5.22 16.57 34.81
N LYS A 841 -4.39 15.64 34.35
CA LYS A 841 -3.00 15.95 34.05
C LYS A 841 -2.70 15.71 32.58
N LEU A 842 -1.63 16.32 32.10
CA LEU A 842 -1.22 16.15 30.72
C LEU A 842 -0.71 14.74 30.58
N VAL A 843 0.36 14.44 31.29
CA VAL A 843 0.90 13.09 31.36
C VAL A 843 0.66 12.54 32.76
N ASN A 844 -0.22 11.54 32.86
CA ASN A 844 -0.61 11.01 34.15
C ASN A 844 -0.34 9.50 34.21
N GLU A 845 -0.77 8.86 35.31
CA GLU A 845 -0.56 7.45 35.54
C GLU A 845 -0.97 6.58 34.37
N GLN A 846 -2.19 6.77 33.88
CA GLN A 846 -2.78 5.94 32.82
C GLN A 846 -2.01 5.94 31.49
N LEU A 847 -1.40 7.09 31.17
CA LEU A 847 -0.61 7.22 29.95
C LEU A 847 0.60 6.32 30.02
N ILE A 848 1.33 6.43 31.12
CA ILE A 848 2.54 5.65 31.35
C ILE A 848 2.19 4.17 31.39
N SER A 849 1.06 3.86 32.02
CA SER A 849 0.60 2.48 32.12
C SER A 849 0.24 1.91 30.76
N MET A 850 -0.07 2.78 29.79
CA MET A 850 -0.31 2.31 28.42
C MET A 850 0.97 2.19 27.61
N ALA A 851 1.63 3.32 27.41
CA ALA A 851 2.84 3.43 26.61
C ALA A 851 3.95 2.50 27.10
N TYR A 852 4.34 2.67 28.36
CA TYR A 852 5.39 1.84 28.93
C TYR A 852 4.87 0.43 29.23
N GLY A 853 3.69 0.36 29.83
CA GLY A 853 3.17 -0.91 30.32
C GLY A 853 2.68 -1.90 29.29
N GLN A 854 1.94 -1.43 28.29
CA GLN A 854 1.26 -2.33 27.37
C GLN A 854 1.78 -2.28 25.94
N ILE A 855 1.56 -1.17 25.27
CA ILE A 855 1.87 -1.05 23.85
C ILE A 855 3.37 -1.19 23.57
N GLY A 856 4.17 -0.45 24.33
CA GLY A 856 5.61 -0.48 24.15
C GLY A 856 6.17 -1.87 24.34
N MET A 857 5.52 -2.64 25.20
CA MET A 857 5.94 -4.02 25.46
C MET A 857 5.74 -4.90 24.24
N ILE A 858 4.55 -4.81 23.64
CA ILE A 858 4.26 -5.55 22.42
C ILE A 858 5.27 -5.16 21.36
N GLN A 859 5.56 -3.86 21.28
CA GLN A 859 6.59 -3.37 20.36
C GLN A 859 7.94 -4.07 20.58
N ALA A 860 8.39 -4.06 21.83
CA ALA A 860 9.67 -4.68 22.18
C ALA A 860 9.70 -6.14 21.77
N LEU A 861 8.61 -6.85 22.05
CA LEU A 861 8.51 -8.25 21.68
C LEU A 861 8.62 -8.46 20.17
N GLY A 862 7.99 -7.56 19.41
CA GLY A 862 8.10 -7.61 17.97
C GLY A 862 9.55 -7.47 17.52
N GLY A 863 10.23 -6.48 18.08
CA GLY A 863 11.63 -6.24 17.78
C GLY A 863 12.52 -7.44 18.04
N PHE A 864 12.43 -7.98 19.24
CA PHE A 864 13.22 -9.15 19.60
C PHE A 864 12.87 -10.34 18.72
N PHE A 865 11.62 -10.44 18.31
CA PHE A 865 11.21 -11.50 17.39
C PHE A 865 11.96 -11.38 16.07
N THR A 866 11.97 -10.19 15.48
CA THR A 866 12.71 -9.96 14.24
C THR A 866 14.18 -10.33 14.43
N TYR A 867 14.74 -9.87 15.56
CA TYR A 867 16.11 -10.17 15.95
C TYR A 867 16.42 -11.66 15.89
N PHE A 868 15.60 -12.46 16.57
CA PHE A 868 15.81 -13.90 16.60
C PHE A 868 15.55 -14.56 15.25
N VAL A 869 14.63 -14.00 14.47
CA VAL A 869 14.39 -14.55 13.14
C VAL A 869 15.66 -14.45 12.33
N ILE A 870 16.21 -13.23 12.27
CA ILE A 870 17.41 -13.00 11.48
C ILE A 870 18.58 -13.84 11.99
N LEU A 871 18.82 -13.83 13.29
CA LEU A 871 19.96 -14.54 13.81
C LEU A 871 19.83 -16.06 13.68
N ALA A 872 18.61 -16.57 13.81
CA ALA A 872 18.38 -18.01 13.68
C ALA A 872 18.55 -18.45 12.23
N GLU A 873 18.10 -17.62 11.30
CA GLU A 873 18.21 -17.96 9.89
C GLU A 873 19.66 -17.94 9.41
N ASN A 874 20.49 -17.14 10.07
CA ASN A 874 21.89 -17.02 9.68
C ASN A 874 22.79 -18.05 10.39
N GLY A 875 22.18 -18.95 11.15
CA GLY A 875 22.91 -20.04 11.77
C GLY A 875 23.09 -19.99 13.28
N PHE A 876 22.70 -18.88 13.89
CA PHE A 876 22.74 -18.81 15.35
C PHE A 876 21.34 -18.97 15.93
N LEU A 877 21.06 -20.13 16.50
CA LEU A 877 19.75 -20.39 17.09
C LEU A 877 19.63 -19.62 18.41
N PRO A 878 18.42 -19.12 18.72
CA PRO A 878 18.21 -18.22 19.87
C PRO A 878 18.75 -18.78 21.18
N ILE A 879 18.47 -20.04 21.45
CA ILE A 879 18.89 -20.68 22.69
C ILE A 879 20.41 -20.65 22.84
N HIS A 880 21.10 -20.70 21.71
CA HIS A 880 22.57 -20.71 21.68
C HIS A 880 23.16 -19.31 21.86
N LEU A 881 22.33 -18.29 21.67
CA LEU A 881 22.79 -16.91 21.71
C LEU A 881 23.10 -16.42 23.12
N LEU A 882 22.73 -17.20 24.12
CA LEU A 882 22.87 -16.79 25.51
C LEU A 882 24.30 -16.90 26.02
N GLY A 883 24.79 -15.84 26.66
CA GLY A 883 26.14 -15.81 27.20
C GLY A 883 27.19 -15.61 26.12
N LEU A 884 26.74 -15.51 24.87
CA LEU A 884 27.63 -15.45 23.73
C LEU A 884 28.35 -14.12 23.61
N ARG A 885 27.68 -13.05 24.03
CA ARG A 885 28.17 -11.69 23.82
C ARG A 885 29.62 -11.49 24.27
N VAL A 886 29.98 -12.16 25.37
CA VAL A 886 31.32 -12.05 25.94
C VAL A 886 32.37 -12.35 24.87
N ASN A 887 32.18 -13.47 24.17
CA ASN A 887 33.08 -13.82 23.08
C ASN A 887 32.69 -13.08 21.80
N TRP A 888 31.42 -12.71 21.70
CA TRP A 888 30.89 -12.08 20.49
C TRP A 888 31.46 -10.70 20.30
N ASP A 889 31.51 -9.93 21.39
CA ASP A 889 31.99 -8.56 21.35
C ASP A 889 33.53 -8.53 21.42
N ASP A 890 34.14 -9.70 21.56
CA ASP A 890 35.60 -9.78 21.56
C ASP A 890 36.10 -9.67 20.12
N ARG A 891 36.92 -8.67 19.86
CA ARG A 891 37.40 -8.39 18.52
C ARG A 891 38.31 -9.49 17.98
N TRP A 892 39.02 -10.14 18.90
CA TRP A 892 40.11 -11.04 18.53
C TRP A 892 39.76 -12.52 18.51
N ILE A 893 38.52 -12.88 18.82
CA ILE A 893 38.12 -14.27 18.65
C ILE A 893 37.50 -14.41 17.28
N ASN A 894 38.25 -15.02 16.36
CA ASN A 894 37.82 -15.18 14.98
C ASN A 894 37.29 -16.57 14.60
N ASP A 895 37.35 -17.50 15.56
CA ASP A 895 36.62 -18.76 15.42
C ASP A 895 35.51 -18.80 16.48
N VAL A 896 34.28 -18.60 16.03
CA VAL A 896 33.13 -18.55 16.92
C VAL A 896 32.05 -19.49 16.42
N GLU A 897 31.72 -20.49 17.24
CA GLU A 897 30.85 -21.57 16.80
C GLU A 897 29.36 -21.21 16.86
N ASP A 898 28.68 -21.31 15.73
CA ASP A 898 27.24 -21.17 15.69
C ASP A 898 26.60 -22.51 16.05
N SER A 899 25.30 -22.64 15.84
CA SER A 899 24.62 -23.89 16.16
C SER A 899 24.89 -24.97 15.12
N TYR A 900 25.41 -24.58 13.97
CA TYR A 900 25.74 -25.55 12.92
C TYR A 900 27.21 -25.97 12.93
N GLY A 901 28.01 -25.38 13.80
CA GLY A 901 29.40 -25.75 13.95
C GLY A 901 30.37 -24.91 13.13
N GLN A 902 29.84 -23.91 12.43
CA GLN A 902 30.66 -23.03 11.61
C GLN A 902 31.43 -22.01 12.44
N GLN A 903 32.51 -21.48 11.89
CA GLN A 903 33.37 -20.54 12.60
C GLN A 903 33.34 -19.13 11.99
N TRP A 904 32.89 -18.16 12.78
CA TRP A 904 32.74 -16.79 12.31
C TRP A 904 33.88 -15.89 12.80
N THR A 905 34.33 -14.97 11.95
CA THR A 905 35.32 -13.98 12.35
C THR A 905 34.62 -12.85 13.10
N TYR A 906 35.34 -11.76 13.36
CA TYR A 906 34.75 -10.63 14.04
C TYR A 906 33.83 -9.86 13.11
N GLU A 907 34.40 -9.30 12.05
CA GLU A 907 33.64 -8.45 11.13
C GLU A 907 32.44 -9.15 10.50
N GLN A 908 32.50 -10.46 10.28
CA GLN A 908 31.37 -11.18 9.72
C GLN A 908 30.16 -11.17 10.65
N ARG A 909 30.35 -11.72 11.85
CA ARG A 909 29.26 -11.83 12.81
C ARG A 909 28.82 -10.44 13.26
N LYS A 910 29.74 -9.48 13.26
CA LYS A 910 29.42 -8.11 13.62
C LYS A 910 28.55 -7.50 12.53
N ILE A 911 28.88 -7.78 11.27
CA ILE A 911 28.06 -7.34 10.14
C ILE A 911 26.65 -7.90 10.30
N VAL A 912 26.57 -9.14 10.79
CA VAL A 912 25.26 -9.72 11.06
C VAL A 912 24.53 -9.01 12.20
N GLU A 913 25.27 -8.62 13.25
CA GLU A 913 24.68 -7.89 14.37
C GLU A 913 24.15 -6.52 13.94
N PHE A 914 24.88 -5.89 13.01
CA PHE A 914 24.52 -4.56 12.51
C PHE A 914 23.43 -4.68 11.47
N THR A 915 23.38 -5.82 10.79
CA THR A 915 22.28 -6.11 9.91
C THR A 915 21.16 -6.73 10.75
N CYS A 916 21.39 -6.86 12.05
CA CYS A 916 20.32 -7.11 13.00
C CYS A 916 19.82 -5.82 13.65
N HIS A 917 20.58 -4.75 13.51
CA HIS A 917 20.18 -3.45 14.05
C HIS A 917 19.16 -2.78 13.13
N THR A 918 19.50 -2.76 11.84
CA THR A 918 18.64 -2.18 10.82
C THR A 918 17.20 -2.74 10.82
N PRO A 919 17.03 -4.08 10.88
CA PRO A 919 15.68 -4.65 10.92
C PRO A 919 14.96 -4.41 12.23
N PHE A 920 15.70 -4.27 13.32
CA PHE A 920 15.09 -3.95 14.59
C PHE A 920 14.49 -2.55 14.45
N PHE A 921 15.27 -1.66 13.84
CA PHE A 921 14.85 -0.29 13.55
C PHE A 921 13.61 -0.25 12.65
N VAL A 922 13.67 -1.01 11.56
CA VAL A 922 12.58 -1.13 10.63
C VAL A 922 11.33 -1.64 11.33
N THR A 923 11.53 -2.62 12.21
CA THR A 923 10.45 -3.19 13.01
C THR A 923 9.83 -2.15 13.92
N ILE A 924 10.67 -1.32 14.52
CA ILE A 924 10.20 -0.21 15.33
C ILE A 924 9.27 0.64 14.48
N VAL A 925 9.69 0.94 13.25
CA VAL A 925 8.83 1.70 12.33
C VAL A 925 7.48 1.00 12.09
N VAL A 926 7.54 -0.30 11.83
CA VAL A 926 6.35 -1.08 11.54
C VAL A 926 5.34 -1.07 12.69
N VAL A 927 5.81 -1.23 13.92
CA VAL A 927 4.91 -1.18 15.07
C VAL A 927 4.49 0.26 15.35
N GLN A 928 5.31 1.22 14.95
CA GLN A 928 4.96 2.62 15.12
C GLN A 928 3.90 3.04 14.11
N TRP A 929 3.68 2.24 13.07
CA TRP A 929 2.51 2.44 12.23
C TRP A 929 1.26 2.32 13.07
N ALA A 930 1.10 1.13 13.66
CA ALA A 930 -0.07 0.81 14.46
C ALA A 930 -0.18 1.76 15.64
N ASP A 931 0.95 2.03 16.29
CA ASP A 931 0.97 2.93 17.44
C ASP A 931 0.53 4.33 17.03
N LEU A 932 0.91 4.74 15.83
CA LEU A 932 0.52 6.07 15.33
C LEU A 932 -0.98 6.13 15.04
N VAL A 933 -1.52 5.05 14.49
CA VAL A 933 -2.94 5.02 14.15
C VAL A 933 -3.82 4.96 15.40
N ILE A 934 -3.38 4.23 16.41
CA ILE A 934 -4.16 4.13 17.64
C ILE A 934 -3.95 5.32 18.59
N CYS A 935 -2.80 5.98 18.50
CA CYS A 935 -2.55 7.16 19.32
C CYS A 935 -3.33 8.34 18.77
N LYS A 936 -3.77 8.20 17.52
CA LYS A 936 -4.57 9.21 16.83
C LYS A 936 -5.83 9.54 17.60
N THR A 937 -6.37 8.54 18.29
CA THR A 937 -7.60 8.70 19.03
C THR A 937 -7.47 8.16 20.44
N ARG A 938 -7.87 8.99 21.41
CA ARG A 938 -7.87 8.59 22.81
C ARG A 938 -9.11 7.78 23.18
N ARG A 939 -10.24 8.08 22.54
CA ARG A 939 -11.51 7.44 22.88
C ARG A 939 -12.16 6.79 21.65
N ASN A 940 -12.48 7.62 20.65
CA ASN A 940 -13.13 7.15 19.44
C ASN A 940 -12.41 5.99 18.76
N SER A 941 -13.18 5.08 18.19
CA SER A 941 -12.59 4.03 17.37
C SER A 941 -12.12 4.66 16.07
N VAL A 942 -11.04 4.12 15.50
CA VAL A 942 -10.42 4.69 14.32
C VAL A 942 -11.40 4.74 13.14
N PHE A 943 -12.44 3.92 13.19
CA PHE A 943 -13.41 3.90 12.10
C PHE A 943 -14.45 5.01 12.25
N GLN A 944 -14.32 5.79 13.30
CA GLN A 944 -15.19 6.94 13.53
C GLN A 944 -14.46 8.22 13.17
N GLN A 945 -13.47 8.56 13.99
CA GLN A 945 -12.68 9.77 13.80
C GLN A 945 -11.95 9.71 12.46
N GLY A 946 -11.12 8.70 12.30
CA GLY A 946 -10.63 8.33 10.99
C GLY A 946 -9.39 8.99 10.42
N MET A 947 -9.04 8.53 9.22
CA MET A 947 -7.75 8.80 8.60
C MET A 947 -7.75 10.09 7.80
N LYS A 948 -8.79 10.89 7.97
CA LYS A 948 -8.93 12.16 7.25
C LYS A 948 -7.73 13.10 7.44
N ASN A 949 -6.85 12.76 8.38
CA ASN A 949 -5.63 13.53 8.57
C ASN A 949 -4.62 13.18 7.49
N LYS A 950 -4.27 14.18 6.68
CA LYS A 950 -3.41 13.98 5.52
C LYS A 950 -1.93 13.92 5.91
N ILE A 951 -1.55 14.81 6.82
CA ILE A 951 -0.19 14.89 7.32
C ILE A 951 0.22 13.58 7.97
N LEU A 952 -0.77 12.88 8.52
CA LEU A 952 -0.54 11.59 9.16
C LEU A 952 -0.23 10.52 8.11
N ILE A 953 -1.05 10.50 7.06
CA ILE A 953 -0.82 9.59 5.92
C ILE A 953 0.58 9.78 5.38
N PHE A 954 0.91 11.03 5.08
CA PHE A 954 2.25 11.35 4.59
C PHE A 954 3.31 10.96 5.61
N GLY A 955 2.97 11.05 6.88
CA GLY A 955 3.86 10.64 7.94
C GLY A 955 4.22 9.18 7.76
N LEU A 956 3.22 8.34 7.60
CA LEU A 956 3.43 6.92 7.38
C LEU A 956 4.28 6.66 6.13
N PHE A 957 3.88 7.25 5.01
CA PHE A 957 4.59 7.05 3.75
C PHE A 957 6.06 7.45 3.82
N GLU A 958 6.30 8.68 4.28
CA GLU A 958 7.65 9.21 4.39
C GLU A 958 8.49 8.41 5.38
N GLU A 959 7.86 8.01 6.48
CA GLU A 959 8.50 7.19 7.49
C GLU A 959 9.01 5.88 6.90
N THR A 960 8.10 5.12 6.30
CA THR A 960 8.45 3.84 5.70
C THR A 960 9.52 4.02 4.63
N ALA A 961 9.34 5.01 3.77
CA ALA A 961 10.29 5.27 2.70
C ALA A 961 11.67 5.60 3.23
N LEU A 962 11.70 6.33 4.33
CA LEU A 962 12.95 6.71 4.98
C LEU A 962 13.67 5.49 5.52
N ALA A 963 12.94 4.66 6.25
CA ALA A 963 13.54 3.43 6.79
C ALA A 963 14.11 2.58 5.66
N ALA A 964 13.31 2.38 4.62
CA ALA A 964 13.72 1.59 3.47
C ALA A 964 14.98 2.17 2.83
N PHE A 965 15.04 3.49 2.76
CA PHE A 965 16.20 4.16 2.21
C PHE A 965 17.44 3.89 3.04
N LEU A 966 17.36 4.20 4.34
CA LEU A 966 18.48 3.99 5.24
C LEU A 966 19.00 2.57 5.16
N SER A 967 18.08 1.62 5.05
CA SER A 967 18.48 0.23 4.92
C SER A 967 19.21 -0.02 3.60
N TYR A 968 18.60 0.40 2.50
CA TYR A 968 19.09 0.00 1.18
C TYR A 968 19.95 1.02 0.42
N CYS A 969 20.21 2.18 1.01
CA CYS A 969 21.05 3.14 0.30
C CYS A 969 22.50 2.66 0.31
N PRO A 970 23.19 2.81 -0.82
CA PRO A 970 24.59 2.37 -0.95
C PRO A 970 25.54 3.09 0.01
N GLY A 971 26.39 2.33 0.69
CA GLY A 971 27.39 2.90 1.58
C GLY A 971 26.87 3.25 2.96
N MET A 972 25.63 2.88 3.25
CA MET A 972 25.03 3.14 4.55
C MET A 972 25.62 2.22 5.62
N GLY A 973 26.05 1.04 5.20
CA GLY A 973 26.72 0.11 6.09
C GLY A 973 28.11 0.62 6.42
N VAL A 974 28.65 1.42 5.51
CA VAL A 974 29.93 2.06 5.74
C VAL A 974 29.76 3.26 6.66
N ALA A 975 28.71 4.04 6.44
CA ALA A 975 28.47 5.27 7.19
C ALA A 975 27.79 5.01 8.53
N LEU A 976 26.53 4.60 8.46
CA LEU A 976 25.74 4.42 9.67
C LEU A 976 25.80 3.00 10.20
N ARG A 977 26.54 2.14 9.50
CA ARG A 977 26.66 0.73 9.86
C ARG A 977 25.27 0.11 9.80
N MET A 978 24.51 0.48 8.77
CA MET A 978 23.20 -0.10 8.52
C MET A 978 23.20 -0.86 7.20
N TYR A 979 22.68 -2.07 7.22
CA TYR A 979 22.78 -2.94 6.06
C TYR A 979 21.43 -3.25 5.42
N PRO A 980 21.42 -3.54 4.12
CA PRO A 980 20.18 -3.84 3.40
C PRO A 980 19.45 -5.05 3.98
N LEU A 981 18.16 -4.87 4.24
CA LEU A 981 17.35 -5.95 4.78
C LEU A 981 17.01 -6.94 3.69
N LYS A 982 17.33 -8.21 3.93
CA LYS A 982 16.72 -9.28 3.17
C LYS A 982 15.21 -9.10 3.36
N PRO A 983 14.47 -8.91 2.26
CA PRO A 983 13.14 -8.30 2.33
C PRO A 983 12.11 -8.99 3.25
N THR A 984 12.19 -10.31 3.42
CA THR A 984 11.19 -11.02 4.23
C THR A 984 11.31 -10.59 5.70
N TRP A 985 12.48 -10.10 6.08
CA TRP A 985 12.67 -9.50 7.40
C TRP A 985 11.55 -8.51 7.69
N TRP A 986 11.15 -7.76 6.66
CA TRP A 986 10.16 -6.70 6.82
C TRP A 986 8.83 -7.21 7.40
N PHE A 987 8.53 -8.48 7.21
CA PHE A 987 7.22 -8.99 7.62
C PHE A 987 7.20 -9.62 9.00
N CYS A 988 8.35 -9.65 9.67
CA CYS A 988 8.43 -10.25 10.99
C CYS A 988 7.64 -9.43 12.00
N ALA A 989 7.65 -8.12 11.82
CA ALA A 989 7.02 -7.22 12.78
C ALA A 989 5.51 -7.14 12.63
N PHE A 990 5.05 -7.48 11.42
CA PHE A 990 3.65 -7.29 11.02
C PHE A 990 2.58 -7.79 12.02
N PRO A 991 2.67 -9.07 12.47
CA PRO A 991 1.60 -9.56 13.35
C PRO A 991 1.54 -8.82 14.68
N TYR A 992 2.67 -8.29 15.12
CA TYR A 992 2.72 -7.52 16.36
C TYR A 992 2.03 -6.17 16.17
N SER A 993 2.23 -5.57 15.01
CA SER A 993 1.57 -4.31 14.69
C SER A 993 0.06 -4.52 14.66
N LEU A 994 -0.35 -5.56 13.94
CA LEU A 994 -1.77 -5.89 13.87
C LEU A 994 -2.34 -6.14 15.26
N LEU A 995 -1.56 -6.82 16.11
CA LEU A 995 -1.97 -7.07 17.49
C LEU A 995 -2.19 -5.75 18.24
N ILE A 996 -1.23 -4.84 18.11
CA ILE A 996 -1.32 -3.54 18.77
C ILE A 996 -2.61 -2.83 18.36
N PHE A 997 -2.83 -2.77 17.04
CA PHE A 997 -4.01 -2.12 16.49
C PHE A 997 -5.30 -2.72 17.04
N VAL A 998 -5.45 -4.02 16.89
CA VAL A 998 -6.68 -4.69 17.33
C VAL A 998 -6.90 -4.47 18.83
N TYR A 999 -5.85 -4.65 19.61
CA TYR A 999 -5.93 -4.49 21.05
C TYR A 999 -6.40 -3.10 21.47
N ASP A 1000 -5.73 -2.06 20.99
CA ASP A 1000 -6.13 -0.71 21.39
C ASP A 1000 -7.49 -0.36 20.81
N GLU A 1001 -7.89 -1.03 19.73
CA GLU A 1001 -9.18 -0.75 19.12
C GLU A 1001 -10.33 -1.32 19.96
N VAL A 1002 -10.12 -2.51 20.51
CA VAL A 1002 -11.13 -3.11 21.38
C VAL A 1002 -11.09 -2.46 22.76
N ARG A 1003 -9.94 -1.90 23.10
CA ARG A 1003 -9.85 -1.11 24.34
C ARG A 1003 -10.69 0.14 24.18
N LYS A 1004 -10.56 0.80 23.03
CA LYS A 1004 -11.31 2.03 22.75
C LYS A 1004 -12.72 1.71 22.31
N LEU A 1005 -13.03 0.42 22.22
CA LEU A 1005 -14.41 -0.03 22.06
C LEU A 1005 -15.03 -0.15 23.46
N ILE A 1006 -14.46 -1.03 24.27
CA ILE A 1006 -14.93 -1.25 25.64
C ILE A 1006 -15.07 0.05 26.42
N ILE A 1007 -14.12 0.97 26.24
CA ILE A 1007 -14.21 2.26 26.92
C ILE A 1007 -15.47 3.02 26.47
N ARG A 1008 -15.79 2.92 25.19
CA ARG A 1008 -16.97 3.58 24.66
C ARG A 1008 -18.25 2.94 25.18
N ARG A 1009 -18.26 1.60 25.23
CA ARG A 1009 -19.45 0.85 25.62
C ARG A 1009 -19.66 0.89 27.13
N ARG A 1010 -18.56 0.85 27.89
CA ARG A 1010 -18.64 0.85 29.35
C ARG A 1010 -17.92 2.05 29.92
N PRO A 1011 -18.61 3.21 30.02
CA PRO A 1011 -17.93 4.34 30.64
C PRO A 1011 -18.09 4.33 32.15
N GLY A 1012 -17.85 3.18 32.78
CA GLY A 1012 -17.84 3.11 34.23
C GLY A 1012 -16.63 3.83 34.79
N GLY A 1013 -15.42 3.37 34.46
CA GLY A 1013 -15.22 2.04 33.91
C GLY A 1013 -13.81 1.57 34.22
N TRP A 1014 -13.60 0.26 34.32
CA TRP A 1014 -12.30 -0.24 34.77
C TRP A 1014 -11.25 0.04 33.71
N VAL A 1015 -11.57 -0.26 32.46
CA VAL A 1015 -10.70 0.04 31.35
C VAL A 1015 -10.50 1.55 31.24
N GLU A 1016 -11.55 2.31 31.51
CA GLU A 1016 -11.49 3.76 31.40
C GLU A 1016 -10.65 4.36 32.52
N LYS A 1017 -10.76 3.80 33.72
CA LYS A 1017 -10.02 4.31 34.87
C LYS A 1017 -8.54 3.94 34.79
N GLU A 1018 -8.26 2.72 34.34
CA GLU A 1018 -6.89 2.23 34.31
C GLU A 1018 -6.08 2.67 33.09
N THR A 1019 -6.75 2.81 31.95
CA THR A 1019 -6.05 3.03 30.68
C THR A 1019 -6.26 4.43 30.11
N TYR A 1020 -7.52 4.79 29.85
CA TYR A 1020 -7.86 6.06 29.20
C TYR A 1020 -7.14 7.23 29.86
N TYR A 1021 -6.44 8.02 29.05
CA TYR A 1021 -5.47 8.99 29.55
C TYR A 1021 -5.64 10.36 28.90
N LYS B 14 0.17 15.65 52.84
CA LYS B 14 0.14 16.38 51.58
C LYS B 14 1.43 17.16 51.33
N PHE B 15 1.79 17.35 50.05
CA PHE B 15 1.02 16.87 48.88
C PHE B 15 1.06 15.37 48.60
N ILE B 16 2.10 14.75 49.16
CA ILE B 16 2.85 13.60 48.58
C ILE B 16 2.91 12.41 49.57
N TRP B 17 2.98 12.69 50.89
CA TRP B 17 3.14 11.67 51.96
C TRP B 17 2.14 10.48 51.88
N ASN B 18 1.40 10.40 50.78
CA ASN B 18 0.31 9.47 50.51
C ASN B 18 0.62 7.98 50.69
N SER B 19 1.86 7.68 51.10
CA SER B 19 2.37 6.32 51.27
C SER B 19 1.32 5.39 51.87
N GLU B 20 0.85 5.65 53.09
CA GLU B 20 -0.33 4.91 53.55
C GLU B 20 -1.27 5.74 54.43
N LYS B 21 -2.57 5.58 54.18
CA LYS B 21 -3.62 6.16 55.02
C LYS B 21 -4.89 5.32 54.81
N LYS B 22 -6.03 5.81 55.29
CA LYS B 22 -7.27 5.03 55.20
C LYS B 22 -8.15 5.34 53.99
N GLU B 23 -8.28 4.37 53.09
CA GLU B 23 -7.40 3.21 53.06
C GLU B 23 -6.81 3.01 51.68
N PHE B 24 -5.54 3.34 51.51
CA PHE B 24 -4.82 3.08 50.28
C PHE B 24 -3.33 2.83 50.56
N LEU B 25 -2.79 1.79 49.94
CA LEU B 25 -1.34 1.57 49.96
C LEU B 25 -0.71 2.38 48.84
N GLY B 26 0.41 3.03 49.14
CA GLY B 26 1.07 3.92 48.21
C GLY B 26 1.36 3.29 46.86
N ARG B 27 0.85 3.92 45.82
CA ARG B 27 0.09 5.17 45.98
C ARG B 27 -1.39 4.93 46.35
N THR B 28 -2.16 4.32 45.47
CA THR B 28 -3.55 3.95 45.81
C THR B 28 -3.74 2.44 45.85
N GLY B 29 -3.98 1.90 47.04
CA GLY B 29 -3.90 0.46 47.25
C GLY B 29 -5.17 -0.37 47.36
N GLY B 30 -6.32 0.18 47.00
CA GLY B 30 -7.56 -0.59 47.07
C GLY B 30 -7.63 -1.72 46.04
N SER B 31 -7.43 -1.38 44.78
CA SER B 31 -7.65 -2.28 43.66
C SER B 31 -6.39 -3.03 43.19
N TRP B 32 -5.29 -2.89 43.92
CA TRP B 32 -3.98 -3.40 43.47
C TRP B 32 -4.05 -4.82 42.92
N PHE B 33 -4.85 -5.67 43.55
CA PHE B 33 -5.04 -7.04 43.08
C PHE B 33 -5.55 -7.07 41.64
N LYS B 34 -6.51 -6.21 41.34
CA LYS B 34 -7.10 -6.12 40.00
C LYS B 34 -6.03 -5.89 38.95
N ILE B 35 -5.32 -4.77 39.07
CA ILE B 35 -4.28 -4.40 38.11
C ILE B 35 -3.13 -5.39 38.04
N LEU B 36 -2.71 -5.91 39.19
CA LEU B 36 -1.61 -6.87 39.20
C LEU B 36 -2.02 -8.14 38.45
N LEU B 37 -3.25 -8.58 38.68
CA LEU B 37 -3.80 -9.72 37.96
C LEU B 37 -3.87 -9.44 36.47
N PHE B 38 -4.32 -8.23 36.13
CA PHE B 38 -4.41 -7.82 34.73
C PHE B 38 -3.07 -7.87 34.04
N TYR B 39 -2.02 -7.44 34.71
CA TYR B 39 -0.70 -7.42 34.11
C TYR B 39 -0.09 -8.83 34.07
N VAL B 40 -0.50 -9.68 35.01
CA VAL B 40 -0.07 -11.07 34.98
C VAL B 40 -0.66 -11.77 33.75
N ILE B 41 -1.97 -11.61 33.58
CA ILE B 41 -2.68 -12.16 32.43
C ILE B 41 -2.10 -11.60 31.14
N PHE B 42 -1.99 -10.28 31.07
CA PHE B 42 -1.52 -9.54 29.91
C PHE B 42 -0.13 -9.94 29.48
N TYR B 43 0.84 -9.72 30.36
CA TYR B 43 2.23 -10.08 30.07
C TYR B 43 2.37 -11.58 29.83
N GLY B 44 1.51 -12.38 30.46
CA GLY B 44 1.49 -13.81 30.21
C GLY B 44 1.10 -14.12 28.78
N CYS B 45 0.07 -13.44 28.30
CA CYS B 45 -0.43 -13.64 26.94
C CYS B 45 0.57 -13.11 25.92
N LEU B 46 1.20 -11.98 26.24
CA LEU B 46 2.24 -11.43 25.39
C LEU B 46 3.38 -12.44 25.24
N ALA B 47 3.82 -12.99 26.38
CA ALA B 47 4.87 -13.99 26.39
C ALA B 47 4.48 -15.17 25.53
N GLY B 48 3.27 -15.68 25.74
CA GLY B 48 2.74 -16.79 24.95
C GLY B 48 2.76 -16.53 23.46
N ILE B 49 2.26 -15.36 23.04
CA ILE B 49 2.25 -14.98 21.64
C ILE B 49 3.67 -14.94 21.07
N PHE B 50 4.59 -14.36 21.83
CA PHE B 50 5.99 -14.28 21.43
C PHE B 50 6.57 -15.66 21.20
N ILE B 51 6.39 -16.54 22.17
CA ILE B 51 6.89 -17.91 22.07
C ILE B 51 6.24 -18.63 20.90
N GLY B 52 5.00 -18.26 20.58
CA GLY B 52 4.33 -18.83 19.42
C GLY B 52 5.03 -18.46 18.14
N THR B 53 5.20 -17.16 17.92
CA THR B 53 5.88 -16.67 16.73
C THR B 53 7.27 -17.27 16.60
N ILE B 54 7.99 -17.30 17.73
CA ILE B 54 9.33 -17.87 17.77
C ILE B 54 9.30 -19.37 17.47
N GLN B 55 8.17 -20.01 17.76
CA GLN B 55 8.05 -21.44 17.52
C GLN B 55 7.81 -21.75 16.05
N VAL B 56 6.95 -20.99 15.39
CA VAL B 56 6.77 -21.19 13.95
C VAL B 56 8.08 -20.87 13.24
N MET B 57 8.70 -19.78 13.68
CA MET B 57 10.00 -19.40 13.17
C MET B 57 11.00 -20.55 13.31
N LEU B 58 10.96 -21.25 14.44
CA LEU B 58 11.84 -22.38 14.66
C LEU B 58 11.41 -23.59 13.83
N LEU B 59 10.16 -23.59 13.40
CA LEU B 59 9.68 -24.64 12.50
C LEU B 59 10.23 -24.43 11.10
N THR B 60 10.54 -23.18 10.77
CA THR B 60 11.01 -22.88 9.41
C THR B 60 12.53 -22.98 9.20
N ILE B 61 13.27 -23.42 10.22
CA ILE B 61 14.72 -23.58 10.07
C ILE B 61 15.11 -25.03 9.85
N SER B 62 16.02 -25.29 8.90
CA SER B 62 16.46 -26.64 8.59
C SER B 62 17.40 -27.20 9.68
N GLU B 63 17.22 -28.48 10.06
CA GLU B 63 17.97 -29.13 11.14
C GLU B 63 19.39 -29.54 10.70
N PHE B 64 19.62 -29.42 9.40
CA PHE B 64 20.86 -29.91 8.79
C PHE B 64 21.72 -28.76 8.28
N LYS B 65 21.16 -27.98 7.36
CA LYS B 65 21.89 -26.86 6.76
C LYS B 65 21.26 -25.53 7.20
N PRO B 66 22.09 -24.51 7.39
CA PRO B 66 21.55 -23.18 7.73
C PRO B 66 20.85 -22.56 6.54
N THR B 67 19.88 -21.70 6.81
CA THR B 67 19.07 -21.13 5.74
C THR B 67 19.83 -20.03 4.98
N TYR B 68 20.85 -19.43 5.61
CA TYR B 68 21.68 -18.46 4.90
C TYR B 68 23.17 -18.65 5.16
N GLN B 69 23.88 -19.01 4.09
CA GLN B 69 25.33 -19.15 4.19
C GLN B 69 26.11 -17.97 3.62
N ASP B 70 25.42 -16.98 3.06
CA ASP B 70 26.08 -15.96 2.25
C ASP B 70 26.97 -14.99 3.06
N ARG B 71 26.84 -15.00 4.37
CA ARG B 71 27.62 -14.09 5.22
C ARG B 71 29.04 -14.58 5.51
N VAL B 72 29.22 -15.90 5.53
CA VAL B 72 30.54 -16.49 5.80
C VAL B 72 31.32 -16.84 4.53
N ALA B 73 30.77 -16.48 3.38
CA ALA B 73 31.23 -16.98 2.07
C ALA B 73 32.75 -17.02 1.84
N PRO B 74 33.49 -15.96 2.20
CA PRO B 74 34.96 -16.03 2.15
C PRO B 74 35.60 -16.48 3.47
N PRO B 75 35.71 -17.80 3.72
CA PRO B 75 36.16 -18.28 5.04
C PRO B 75 37.51 -17.69 5.47
N GLY B 76 37.72 -17.56 6.78
CA GLY B 76 38.90 -16.91 7.30
C GLY B 76 40.03 -17.82 7.75
N LEU B 77 41.22 -17.24 7.91
CA LEU B 77 42.39 -17.97 8.38
C LEU B 77 42.70 -17.61 9.83
N THR B 78 42.87 -18.62 10.68
CA THR B 78 43.07 -18.35 12.10
C THR B 78 44.36 -18.98 12.65
N GLN B 79 44.75 -18.51 13.82
CA GLN B 79 45.97 -18.96 14.50
C GLN B 79 45.64 -19.76 15.75
N ILE B 80 46.52 -20.67 16.16
CA ILE B 80 46.33 -21.32 17.45
C ILE B 80 46.39 -20.35 18.62
N PRO B 81 47.53 -19.66 18.81
CA PRO B 81 47.56 -18.89 20.05
C PRO B 81 46.96 -17.54 19.81
N GLN B 82 45.63 -17.49 19.74
CA GLN B 82 44.95 -16.23 19.46
C GLN B 82 45.37 -15.25 20.54
N SER B 83 45.93 -14.13 20.10
CA SER B 83 46.59 -13.21 21.02
C SER B 83 45.66 -12.07 21.39
N GLN B 84 46.15 -11.18 22.25
CA GLN B 84 45.33 -10.05 22.67
C GLN B 84 45.03 -9.20 21.45
N LYS B 85 46.05 -8.70 20.77
CA LYS B 85 45.85 -8.27 19.40
C LYS B 85 46.93 -8.83 18.48
N THR B 86 46.59 -9.91 17.78
CA THR B 86 47.43 -10.49 16.72
C THR B 86 48.93 -10.52 17.04
N GLU B 87 49.30 -10.68 18.31
CA GLU B 87 50.71 -10.51 18.67
C GLU B 87 51.26 -11.52 19.68
N ILE B 88 52.34 -12.18 19.29
CA ILE B 88 53.09 -13.02 20.21
C ILE B 88 54.40 -12.32 20.55
N SER B 89 54.47 -11.80 21.78
CA SER B 89 55.68 -11.16 22.28
C SER B 89 56.14 -11.90 23.52
N PHE B 90 57.28 -12.58 23.44
CA PHE B 90 57.70 -13.44 24.55
C PHE B 90 59.20 -13.62 24.68
N ARG B 91 59.63 -13.92 25.91
CA ARG B 91 61.04 -14.17 26.21
C ARG B 91 61.38 -15.64 26.02
N PRO B 92 62.45 -15.92 25.26
CA PRO B 92 62.93 -17.28 24.99
C PRO B 92 63.37 -18.01 26.26
N ASN B 93 63.60 -17.25 27.33
CA ASN B 93 64.09 -17.81 28.58
C ASN B 93 62.97 -18.13 29.57
N ASP B 94 62.27 -17.09 30.02
CA ASP B 94 61.22 -17.24 31.04
C ASP B 94 60.17 -18.27 30.62
N PRO B 95 60.00 -19.32 31.43
CA PRO B 95 58.99 -20.36 31.19
C PRO B 95 57.57 -19.79 31.25
N GLN B 96 57.38 -18.78 32.08
CA GLN B 96 56.07 -18.15 32.23
C GLN B 96 55.79 -17.14 31.13
N SER B 97 56.82 -16.80 30.36
CA SER B 97 56.66 -15.87 29.24
C SER B 97 55.75 -16.43 28.15
N TYR B 98 56.04 -17.65 27.70
CA TYR B 98 55.27 -18.26 26.61
C TYR B 98 54.16 -19.20 27.08
N GLU B 99 53.95 -19.31 28.39
CA GLU B 99 53.02 -20.30 28.97
C GLU B 99 51.59 -20.18 28.45
N SER B 100 51.10 -18.95 28.30
CA SER B 100 49.74 -18.73 27.79
C SER B 100 49.57 -19.33 26.39
N TYR B 101 50.47 -18.97 25.49
CA TYR B 101 50.48 -19.49 24.12
C TYR B 101 50.57 -21.02 24.11
N VAL B 102 51.55 -21.54 24.83
CA VAL B 102 51.76 -22.98 24.95
C VAL B 102 50.50 -23.73 25.40
N VAL B 103 49.84 -23.23 26.44
CA VAL B 103 48.61 -23.85 26.94
C VAL B 103 47.48 -23.79 25.91
N SER B 104 47.32 -22.63 25.27
CA SER B 104 46.35 -22.50 24.19
C SER B 104 46.57 -23.57 23.13
N ILE B 105 47.83 -23.77 22.73
CA ILE B 105 48.16 -24.78 21.75
C ILE B 105 47.83 -26.19 22.25
N VAL B 106 48.22 -26.46 23.50
CA VAL B 106 47.99 -27.75 24.14
C VAL B 106 46.52 -28.15 24.10
N ARG B 107 45.65 -27.24 24.54
CA ARG B 107 44.22 -27.51 24.55
C ARG B 107 43.66 -27.56 23.13
N PHE B 108 44.21 -26.76 22.23
CA PHE B 108 43.75 -26.75 20.84
C PHE B 108 43.97 -28.12 20.20
N LEU B 109 45.18 -28.66 20.35
CA LEU B 109 45.53 -29.91 19.71
C LEU B 109 45.25 -31.11 20.62
N GLU B 110 44.65 -30.83 21.78
CA GLU B 110 44.24 -31.89 22.70
C GLU B 110 43.18 -32.76 22.06
N LYS B 111 42.46 -32.20 21.09
CA LYS B 111 41.40 -32.92 20.39
C LYS B 111 41.96 -33.85 19.31
N TYR B 112 43.20 -33.58 18.89
CA TYR B 112 43.77 -34.24 17.72
C TYR B 112 44.65 -35.46 18.00
N LYS B 113 44.83 -35.82 19.26
CA LYS B 113 45.76 -36.89 19.61
C LYS B 113 45.23 -38.25 19.15
N ASP B 114 46.14 -39.19 18.91
CA ASP B 114 45.80 -40.46 18.28
C ASP B 114 44.91 -41.34 19.15
N LEU B 115 45.03 -41.19 20.47
CA LEU B 115 44.17 -41.94 21.38
C LEU B 115 42.85 -41.20 21.59
N ALA B 116 42.77 -39.98 21.07
CA ALA B 116 41.54 -39.22 21.09
C ALA B 116 40.60 -39.70 20.00
N GLN B 117 41.15 -40.12 18.85
CA GLN B 117 40.33 -40.86 17.91
C GLN B 117 40.70 -42.33 18.02
N LYS B 118 39.94 -43.07 18.82
CA LYS B 118 40.05 -44.52 18.87
C LYS B 118 39.12 -45.22 17.89
N ASP B 119 37.88 -44.73 17.84
CA ASP B 119 36.77 -45.44 17.21
C ASP B 119 36.92 -45.55 15.70
N ASP B 120 36.75 -46.75 15.17
CA ASP B 120 36.65 -46.93 13.73
C ASP B 120 35.19 -46.80 13.32
N MET B 121 34.33 -46.70 14.33
CA MET B 121 32.91 -46.45 14.11
C MET B 121 32.68 -45.05 13.54
N ILE B 122 33.13 -44.04 14.27
CA ILE B 122 32.93 -42.65 13.85
C ILE B 122 34.14 -42.01 13.15
N PHE B 123 35.25 -42.73 13.09
CA PHE B 123 36.44 -42.17 12.45
C PHE B 123 36.86 -42.99 11.23
N GLU B 124 37.49 -42.30 10.29
CA GLU B 124 37.86 -42.90 9.03
C GLU B 124 39.27 -42.47 8.67
N ASP B 125 40.11 -43.41 8.25
CA ASP B 125 41.49 -43.08 7.93
C ASP B 125 41.60 -42.71 6.45
N CYS B 126 41.93 -41.46 6.19
CA CYS B 126 42.06 -40.96 4.83
C CYS B 126 43.53 -41.05 4.39
N GLY B 127 43.82 -40.51 3.20
CA GLY B 127 45.14 -40.64 2.62
C GLY B 127 46.28 -40.01 3.39
N ASN B 128 47.49 -40.53 3.18
CA ASN B 128 48.71 -39.95 3.72
C ASN B 128 49.27 -38.91 2.74
N VAL B 129 48.53 -38.72 1.66
CA VAL B 129 48.84 -37.75 0.62
C VAL B 129 47.53 -37.01 0.31
N PRO B 130 47.59 -35.70 0.02
CA PRO B 130 46.35 -34.95 -0.28
C PRO B 130 45.54 -35.58 -1.41
N SER B 131 44.23 -35.68 -1.19
CA SER B 131 43.34 -36.43 -2.08
C SER B 131 42.11 -35.64 -2.46
N GLU B 132 41.35 -36.17 -3.41
CA GLU B 132 40.12 -35.53 -3.88
C GLU B 132 39.10 -35.45 -2.76
N LEU B 133 38.21 -34.46 -2.86
CA LEU B 133 37.20 -34.21 -1.85
C LEU B 133 36.34 -35.42 -1.60
N LYS B 134 35.97 -35.65 -0.33
CA LYS B 134 35.12 -36.78 -0.01
C LYS B 134 33.68 -36.32 0.16
N GLU B 135 32.86 -36.68 -0.82
CA GLU B 135 31.45 -36.31 -0.82
C GLU B 135 30.64 -37.43 -0.20
N ARG B 136 29.92 -37.13 0.87
CA ARG B 136 29.08 -38.14 1.49
C ARG B 136 27.60 -37.84 1.30
N GLY B 137 26.97 -38.58 0.40
CA GLY B 137 25.53 -38.49 0.18
C GLY B 137 25.00 -37.07 0.02
N GLU B 138 23.83 -36.85 0.62
CA GLU B 138 23.25 -35.52 0.72
C GLU B 138 23.27 -35.09 2.18
N TYR B 139 22.71 -33.92 2.47
CA TYR B 139 22.80 -33.34 3.81
C TYR B 139 21.64 -33.74 4.72
N ASN B 140 20.76 -34.61 4.23
CA ASN B 140 19.67 -35.14 5.05
C ASN B 140 20.14 -36.31 5.93
N ASN B 141 19.22 -36.84 6.74
CA ASN B 141 19.55 -37.88 7.70
C ASN B 141 19.30 -39.31 7.20
N GLU B 142 18.95 -39.43 5.92
CA GLU B 142 18.74 -40.73 5.28
C GLU B 142 19.94 -41.64 5.51
N ARG B 143 21.13 -41.11 5.28
CA ARG B 143 22.36 -41.77 5.68
C ARG B 143 22.60 -41.53 7.17
N GLY B 144 23.32 -42.44 7.82
CA GLY B 144 23.62 -42.30 9.24
C GLY B 144 24.61 -41.19 9.52
N GLU B 145 25.00 -41.05 10.78
CA GLU B 145 26.00 -40.07 11.17
C GLU B 145 27.31 -40.33 10.43
N ARG B 146 27.82 -39.31 9.77
CA ARG B 146 28.96 -39.48 8.87
C ARG B 146 30.27 -39.73 9.61
N LYS B 147 31.14 -40.53 9.00
CA LYS B 147 32.48 -40.75 9.51
C LYS B 147 33.30 -39.47 9.34
N VAL B 148 34.35 -39.33 10.14
CA VAL B 148 35.21 -38.16 10.04
C VAL B 148 36.66 -38.57 9.77
N CYS B 149 37.27 -37.94 8.77
CA CYS B 149 38.65 -38.23 8.41
C CYS B 149 39.62 -37.88 9.53
N ARG B 150 40.58 -38.77 9.78
CA ARG B 150 41.55 -38.59 10.85
C ARG B 150 42.62 -37.57 10.50
N PHE B 151 43.14 -36.90 11.53
CA PHE B 151 44.30 -36.04 11.39
C PHE B 151 45.28 -36.34 12.50
N ARG B 152 46.46 -36.83 12.12
CA ARG B 152 47.49 -37.21 13.07
C ARG B 152 48.52 -36.09 13.22
N LEU B 153 48.90 -35.78 14.46
CA LEU B 153 49.76 -34.63 14.73
C LEU B 153 51.14 -34.73 14.09
N GLU B 154 51.49 -35.93 13.61
CA GLU B 154 52.74 -36.15 12.91
C GLU B 154 52.82 -35.36 11.59
N TRP B 155 51.67 -35.02 11.04
CA TRP B 155 51.61 -34.27 9.79
C TRP B 155 52.26 -32.90 9.95
N LEU B 156 52.35 -32.44 11.19
CA LEU B 156 53.11 -31.26 11.51
C LEU B 156 54.35 -31.64 12.29
N GLY B 157 55.50 -31.56 11.62
CA GLY B 157 56.76 -31.92 12.23
C GLY B 157 57.35 -30.74 12.96
N ASN B 158 58.10 -31.00 14.03
CA ASN B 158 58.83 -29.98 14.77
C ASN B 158 57.90 -28.97 15.44
N CYS B 159 56.63 -28.97 15.08
CA CYS B 159 55.63 -28.22 15.83
C CYS B 159 54.60 -29.18 16.40
N SER B 160 54.70 -29.38 17.71
CA SER B 160 53.85 -30.32 18.44
C SER B 160 53.93 -31.72 17.87
N GLY B 161 55.01 -32.08 17.20
CA GLY B 161 55.05 -33.45 16.72
C GLY B 161 55.18 -34.32 17.95
N LEU B 162 54.12 -35.06 18.25
CA LEU B 162 54.07 -36.11 19.28
C LEU B 162 54.84 -35.74 20.57
N ASN B 163 55.76 -36.62 20.96
CA ASN B 163 56.69 -36.37 22.06
C ASN B 163 57.92 -35.60 21.61
N ASP B 164 58.67 -36.18 20.68
CA ASP B 164 59.94 -35.60 20.27
C ASP B 164 59.80 -34.16 19.80
N GLU B 165 60.55 -33.31 20.49
CA GLU B 165 60.52 -31.86 20.37
C GLU B 165 59.08 -31.30 20.49
N THR B 166 58.77 -30.08 20.01
CA THR B 166 59.71 -28.95 20.00
C THR B 166 60.47 -28.83 21.35
N TYR B 167 59.84 -29.00 22.51
CA TYR B 167 58.40 -28.99 22.76
C TYR B 167 58.07 -27.59 23.21
N GLY B 168 59.12 -26.77 23.31
CA GLY B 168 59.01 -25.38 23.72
C GLY B 168 58.14 -24.62 22.74
N TYR B 169 57.71 -25.33 21.70
CA TYR B 169 56.57 -24.95 20.91
C TYR B 169 56.82 -23.67 20.16
N LYS B 170 58.01 -23.57 19.56
CA LYS B 170 58.67 -22.33 19.11
C LYS B 170 59.65 -21.65 20.09
N ASP B 171 59.85 -22.25 21.27
CA ASP B 171 60.72 -21.65 22.30
C ASP B 171 62.04 -21.10 21.73
N GLY B 172 62.73 -21.89 20.92
CA GLY B 172 63.90 -21.39 20.22
C GLY B 172 63.55 -20.36 19.15
N LYS B 173 62.70 -20.77 18.21
CA LYS B 173 62.26 -19.88 17.12
C LYS B 173 60.76 -20.05 16.85
N PRO B 174 60.04 -18.95 16.62
CA PRO B 174 58.57 -18.92 16.58
C PRO B 174 57.90 -19.79 15.49
N CYS B 175 56.79 -20.42 15.86
CA CYS B 175 55.97 -21.20 14.93
C CYS B 175 54.49 -21.13 15.33
N VAL B 176 53.63 -21.04 14.32
CA VAL B 176 52.18 -20.93 14.53
C VAL B 176 51.43 -21.78 13.50
N ILE B 177 50.46 -22.54 13.97
CA ILE B 177 49.60 -23.31 13.08
C ILE B 177 48.41 -22.47 12.63
N ILE B 178 48.20 -22.47 11.31
CA ILE B 178 47.08 -21.82 10.66
C ILE B 178 45.98 -22.84 10.36
N LYS B 179 44.73 -22.42 10.59
CA LYS B 179 43.56 -23.24 10.38
C LYS B 179 42.55 -22.52 9.50
N LEU B 180 41.83 -23.27 8.66
CA LEU B 180 40.77 -22.70 7.84
C LEU B 180 39.44 -22.79 8.57
N ASN B 181 38.66 -21.71 8.47
CA ASN B 181 37.33 -21.66 9.10
C ASN B 181 36.39 -22.71 8.55
N ARG B 182 35.61 -23.31 9.45
CA ARG B 182 34.65 -24.33 9.07
C ARG B 182 33.40 -23.71 8.46
N VAL B 183 33.05 -24.17 7.26
CA VAL B 183 31.79 -23.78 6.62
C VAL B 183 31.09 -25.00 6.05
N LEU B 184 29.84 -25.19 6.45
CA LEU B 184 29.06 -26.34 6.02
C LEU B 184 28.87 -26.32 4.51
N GLY B 185 29.25 -27.41 3.85
CA GLY B 185 29.05 -27.54 2.42
C GLY B 185 30.14 -26.93 1.57
N PHE B 186 31.07 -26.22 2.20
CA PHE B 186 32.13 -25.55 1.47
C PHE B 186 33.10 -26.56 0.88
N LYS B 187 33.35 -26.42 -0.42
CA LYS B 187 34.28 -27.29 -1.13
C LYS B 187 35.35 -26.44 -1.78
N PRO B 188 36.48 -26.24 -1.08
CA PRO B 188 37.53 -25.33 -1.55
C PRO B 188 38.08 -25.68 -2.93
N LYS B 189 38.10 -24.69 -3.82
CA LYS B 189 38.71 -24.86 -5.13
C LYS B 189 40.03 -24.13 -5.17
N PRO B 190 41.13 -24.87 -5.21
CA PRO B 190 42.48 -24.27 -5.29
C PRO B 190 42.65 -23.48 -6.57
N PRO B 191 43.63 -22.56 -6.60
CA PRO B 191 43.86 -21.82 -7.85
C PRO B 191 44.25 -22.78 -8.96
N LYS B 192 43.98 -22.41 -10.21
CA LYS B 192 44.29 -23.26 -11.35
C LYS B 192 45.79 -23.45 -11.49
N ASN B 193 46.22 -24.48 -12.21
CA ASN B 193 47.63 -24.69 -12.51
C ASN B 193 48.15 -23.57 -13.41
N GLU B 194 47.22 -22.74 -13.85
CA GLU B 194 47.47 -21.56 -14.67
C GLU B 194 47.75 -20.37 -13.75
N SER B 195 47.86 -20.65 -12.45
CA SER B 195 47.89 -19.64 -11.39
C SER B 195 48.87 -18.48 -11.61
N LEU B 196 48.43 -17.26 -11.27
CA LEU B 196 49.22 -16.06 -11.55
C LEU B 196 50.15 -15.76 -10.39
N GLU B 197 51.45 -15.92 -10.65
CA GLU B 197 52.53 -15.56 -9.72
C GLU B 197 52.24 -15.92 -8.27
N THR B 198 52.22 -17.21 -7.95
CA THR B 198 51.87 -17.63 -6.60
C THR B 198 53.11 -17.82 -5.71
N TYR B 199 54.29 -17.50 -6.24
CA TYR B 199 55.54 -17.54 -5.46
C TYR B 199 55.91 -19.00 -5.17
N PRO B 200 57.10 -19.26 -4.61
CA PRO B 200 57.46 -20.65 -4.33
C PRO B 200 56.35 -21.46 -3.63
N VAL B 201 56.12 -22.67 -4.15
CA VAL B 201 55.00 -23.52 -3.77
C VAL B 201 55.18 -24.84 -4.53
N MET B 202 54.51 -25.89 -4.09
CA MET B 202 54.70 -27.19 -4.72
C MET B 202 53.78 -27.40 -5.92
N LYS B 203 53.91 -28.56 -6.55
CA LYS B 203 53.17 -28.89 -7.77
C LYS B 203 51.87 -29.64 -7.42
N TYR B 204 51.56 -29.70 -6.13
CA TYR B 204 50.40 -30.45 -5.64
C TYR B 204 49.13 -29.60 -5.69
N ASN B 205 49.17 -28.53 -6.47
CA ASN B 205 48.00 -27.68 -6.67
C ASN B 205 46.64 -28.37 -6.92
N PRO B 206 46.58 -29.55 -7.61
CA PRO B 206 45.19 -30.01 -7.82
C PRO B 206 44.38 -30.30 -6.54
N TYR B 207 44.95 -31.06 -5.61
CA TYR B 207 44.20 -31.50 -4.43
C TYR B 207 44.47 -30.75 -3.12
N VAL B 208 45.32 -29.72 -3.17
CA VAL B 208 45.61 -28.96 -1.95
C VAL B 208 45.20 -27.49 -2.09
N LEU B 209 44.78 -26.89 -0.97
CA LEU B 209 44.47 -25.47 -0.91
C LEU B 209 45.62 -24.73 -0.25
N PRO B 210 46.39 -23.96 -1.04
CA PRO B 210 47.69 -23.38 -0.68
C PRO B 210 47.63 -22.17 0.28
N VAL B 211 48.71 -21.98 1.04
CA VAL B 211 48.86 -20.85 1.95
C VAL B 211 50.31 -20.37 1.93
N HIS B 212 50.54 -19.05 1.89
CA HIS B 212 51.90 -18.52 1.93
C HIS B 212 52.01 -17.24 2.75
N CYS B 213 53.18 -17.02 3.36
CA CYS B 213 53.38 -15.89 4.28
C CYS B 213 54.37 -14.84 3.74
N THR B 214 54.17 -13.59 4.16
CA THR B 214 54.96 -12.46 3.70
C THR B 214 55.06 -11.39 4.80
N GLY B 215 56.18 -10.65 4.85
CA GLY B 215 56.38 -9.66 5.88
C GLY B 215 55.42 -8.48 5.83
N LYS B 216 55.41 -7.78 4.71
CA LYS B 216 54.40 -6.75 4.47
C LYS B 216 53.70 -7.03 3.15
N ARG B 217 52.46 -6.57 3.02
CA ARG B 217 51.56 -7.07 1.99
C ARG B 217 52.06 -6.89 0.55
N ASP B 218 51.86 -5.72 -0.05
CA ASP B 218 52.41 -5.43 -1.38
C ASP B 218 53.54 -4.39 -1.46
N GLU B 219 53.93 -3.79 -0.32
CA GLU B 219 54.84 -2.64 -0.35
C GLU B 219 56.20 -2.97 0.25
N ASP B 220 57.05 -1.95 0.40
CA ASP B 220 58.36 -2.14 1.00
C ASP B 220 58.26 -2.84 2.34
N LYS B 221 59.16 -3.79 2.57
CA LYS B 221 59.11 -4.59 3.77
C LYS B 221 60.33 -4.40 4.63
N GLU B 222 60.16 -4.72 5.91
CA GLU B 222 61.23 -4.72 6.90
C GLU B 222 61.87 -6.09 6.85
N LYS B 223 61.49 -6.84 5.81
CA LYS B 223 61.41 -8.29 5.85
C LYS B 223 62.68 -8.96 6.36
N VAL B 224 62.48 -9.72 7.43
CA VAL B 224 63.45 -10.64 7.98
C VAL B 224 62.68 -11.91 8.29
N GLY B 225 62.99 -13.00 7.60
CA GLY B 225 62.37 -14.26 7.92
C GLY B 225 62.83 -15.46 7.12
N THR B 226 62.68 -16.64 7.72
CA THR B 226 62.80 -17.91 7.02
C THR B 226 61.68 -18.82 7.52
N MET B 227 60.81 -19.22 6.62
CA MET B 227 59.60 -19.95 7.01
C MET B 227 59.60 -21.39 6.49
N GLU B 228 59.40 -22.32 7.41
CA GLU B 228 59.28 -23.74 7.05
C GLU B 228 57.87 -24.24 7.31
N TYR B 229 57.26 -24.82 6.28
CA TYR B 229 55.85 -25.21 6.35
C TYR B 229 55.68 -26.71 6.56
N PHE B 230 54.69 -27.06 7.38
CA PHE B 230 54.30 -28.44 7.57
C PHE B 230 52.85 -28.64 7.18
N GLY B 231 52.64 -29.37 6.09
CA GLY B 231 51.31 -29.79 5.68
C GLY B 231 51.10 -31.29 5.78
N LEU B 232 50.00 -31.75 5.20
CA LEU B 232 49.77 -33.18 5.01
C LEU B 232 50.73 -33.67 3.93
N GLY B 233 51.56 -34.65 4.26
CA GLY B 233 52.52 -35.18 3.31
C GLY B 233 53.64 -34.22 2.94
N GLY B 234 53.66 -33.05 3.58
CA GLY B 234 54.69 -32.07 3.33
C GLY B 234 54.28 -30.86 2.50
N TYR B 235 53.00 -30.78 2.14
CA TYR B 235 52.53 -29.71 1.26
C TYR B 235 51.83 -28.58 2.01
N PRO B 236 52.26 -27.34 1.75
CA PRO B 236 51.84 -26.16 2.53
C PRO B 236 50.38 -25.77 2.33
N GLY B 237 49.46 -26.67 2.63
CA GLY B 237 48.06 -26.39 2.39
C GLY B 237 47.09 -27.37 3.01
N PHE B 238 45.80 -27.18 2.71
CA PHE B 238 44.76 -28.05 3.26
C PHE B 238 44.35 -29.11 2.24
N PRO B 239 44.37 -30.39 2.65
CA PRO B 239 43.93 -31.49 1.77
C PRO B 239 42.43 -31.41 1.52
N LEU B 240 42.01 -31.60 0.27
CA LEU B 240 40.60 -31.47 -0.09
C LEU B 240 39.74 -32.62 0.45
N GLN B 241 40.39 -33.68 0.90
CA GLN B 241 39.68 -34.88 1.35
C GLN B 241 38.84 -34.67 2.61
N TYR B 242 39.13 -33.60 3.35
CA TYR B 242 38.40 -33.30 4.57
C TYR B 242 37.15 -32.46 4.30
N TYR B 243 36.93 -32.14 3.03
CA TYR B 243 35.79 -31.30 2.64
C TYR B 243 34.84 -32.10 1.76
N PRO B 244 33.54 -31.73 1.77
CA PRO B 244 32.90 -30.66 2.54
C PRO B 244 32.63 -31.01 4.00
N TYR B 245 32.55 -29.99 4.85
CA TYR B 245 32.15 -30.17 6.24
C TYR B 245 30.63 -30.30 6.33
N TYR B 246 30.17 -31.34 7.04
CA TYR B 246 28.75 -31.68 7.05
C TYR B 246 27.97 -31.14 8.25
N GLY B 247 28.62 -30.36 9.11
CA GLY B 247 27.94 -29.72 10.21
C GLY B 247 28.07 -30.47 11.52
N LYS B 248 27.80 -29.77 12.62
CA LYS B 248 27.99 -30.33 13.95
C LYS B 248 27.07 -31.51 14.25
N LEU B 249 25.90 -31.51 13.62
CA LEU B 249 24.93 -32.59 13.85
C LEU B 249 25.33 -33.87 13.13
N LEU B 250 25.66 -33.77 11.85
CA LEU B 250 26.02 -34.93 11.05
C LEU B 250 27.45 -35.40 11.30
N GLN B 251 28.30 -34.47 11.76
CA GLN B 251 29.68 -34.80 12.05
C GLN B 251 30.18 -34.17 13.35
N PRO B 252 29.68 -34.65 14.50
CA PRO B 252 30.33 -34.23 15.74
C PRO B 252 31.70 -34.90 15.84
N LYS B 253 32.60 -34.31 16.62
CA LYS B 253 33.98 -34.78 16.71
C LYS B 253 34.66 -34.75 15.35
N TYR B 254 34.24 -33.81 14.50
CA TYR B 254 34.88 -33.61 13.21
C TYR B 254 36.19 -32.83 13.35
N LEU B 255 37.27 -33.38 12.84
CA LEU B 255 38.56 -32.71 12.93
C LEU B 255 38.94 -32.11 11.58
N GLN B 256 39.03 -30.78 11.53
CA GLN B 256 39.40 -30.07 10.30
C GLN B 256 40.92 -30.01 10.14
N PRO B 257 41.40 -29.81 8.90
CA PRO B 257 42.84 -29.77 8.63
C PRO B 257 43.58 -28.65 9.35
N LEU B 258 44.83 -28.90 9.72
CA LEU B 258 45.69 -27.89 10.34
C LEU B 258 47.00 -27.80 9.55
N MET B 259 47.62 -26.63 9.51
CA MET B 259 48.90 -26.52 8.82
C MET B 259 49.89 -25.63 9.57
N ALA B 260 51.11 -26.11 9.81
CA ALA B 260 52.06 -25.39 10.65
C ALA B 260 53.01 -24.49 9.85
N VAL B 261 53.31 -23.31 10.41
CA VAL B 261 54.29 -22.42 9.80
C VAL B 261 55.32 -22.02 10.85
N GLN B 262 56.57 -22.44 10.65
CA GLN B 262 57.61 -22.09 11.61
C GLN B 262 58.51 -21.00 11.11
N PHE B 263 58.69 -19.95 11.92
CA PHE B 263 59.69 -18.95 11.64
C PHE B 263 60.96 -19.34 12.36
N THR B 264 61.97 -19.75 11.61
CA THR B 264 63.24 -20.13 12.19
C THR B 264 64.12 -18.90 12.36
N ASN B 265 64.40 -18.27 11.22
CA ASN B 265 65.28 -17.12 11.17
C ASN B 265 64.52 -15.80 11.30
N LEU B 266 64.74 -15.09 12.40
CA LEU B 266 64.12 -13.79 12.63
C LEU B 266 65.05 -12.91 13.46
N THR B 267 64.83 -11.60 13.38
CA THR B 267 65.52 -10.67 14.27
C THR B 267 64.81 -10.65 15.62
N MET B 268 65.51 -11.01 16.69
CA MET B 268 64.88 -11.26 17.99
C MET B 268 64.20 -10.04 18.61
N ASP B 269 64.96 -8.98 18.90
CA ASP B 269 64.46 -7.94 19.79
C ASP B 269 63.67 -6.85 19.04
N THR B 270 63.48 -7.04 17.74
CA THR B 270 62.63 -6.14 16.97
C THR B 270 61.31 -6.83 16.63
N GLU B 271 60.22 -6.06 16.68
CA GLU B 271 58.91 -6.58 16.30
C GLU B 271 58.66 -6.41 14.81
N ILE B 272 58.35 -7.51 14.14
CA ILE B 272 57.93 -7.44 12.75
C ILE B 272 56.57 -8.11 12.57
N ARG B 273 55.94 -7.81 11.44
CA ARG B 273 54.60 -8.30 11.14
C ARG B 273 54.60 -9.32 10.00
N ILE B 274 53.60 -10.18 10.01
CA ILE B 274 53.49 -11.29 9.06
C ILE B 274 52.06 -11.48 8.60
N GLU B 275 51.87 -11.62 7.30
CA GLU B 275 50.56 -11.89 6.73
C GLU B 275 50.57 -13.18 5.94
N CYS B 276 49.62 -14.07 6.25
CA CYS B 276 49.52 -15.34 5.55
C CYS B 276 48.23 -15.42 4.73
N LYS B 277 48.40 -15.53 3.43
CA LYS B 277 47.28 -15.54 2.50
C LYS B 277 47.01 -16.95 1.99
N ALA B 278 45.74 -17.34 2.04
CA ALA B 278 45.30 -18.59 1.41
C ALA B 278 44.75 -18.27 0.04
N TYR B 279 45.17 -19.02 -0.98
CA TYR B 279 44.80 -18.70 -2.35
C TYR B 279 43.83 -19.71 -2.94
N GLY B 280 42.91 -19.22 -3.78
CA GLY B 280 41.94 -20.06 -4.44
C GLY B 280 40.79 -19.27 -5.05
N GLU B 281 40.01 -19.93 -5.89
CA GLU B 281 38.84 -19.31 -6.51
C GLU B 281 37.70 -19.27 -5.50
N ASN B 282 37.52 -20.36 -4.77
CA ASN B 282 36.54 -20.43 -3.69
C ASN B 282 36.91 -19.53 -2.52
N ILE B 283 38.12 -18.97 -2.59
CA ILE B 283 38.63 -18.12 -1.53
C ILE B 283 38.54 -16.64 -1.93
N GLY B 284 38.30 -15.78 -0.95
CA GLY B 284 38.22 -14.36 -1.19
C GLY B 284 38.74 -13.57 -0.01
N TYR B 285 39.02 -12.28 -0.23
CA TYR B 285 39.59 -11.43 0.80
C TYR B 285 38.82 -10.11 0.92
N SER B 286 38.69 -9.63 2.16
CA SER B 286 38.08 -8.33 2.42
C SER B 286 39.13 -7.39 2.99
N GLU B 287 39.06 -6.12 2.61
CA GLU B 287 40.00 -5.13 3.13
C GLU B 287 39.58 -4.66 4.52
N LYS B 288 38.28 -4.70 4.79
CA LYS B 288 37.78 -4.31 6.10
C LYS B 288 37.96 -5.43 7.12
N ASP B 289 37.83 -6.67 6.68
CA ASP B 289 38.04 -7.82 7.55
C ASP B 289 39.43 -8.40 7.25
N ARG B 290 40.36 -8.21 8.18
CA ARG B 290 41.75 -8.61 7.97
C ARG B 290 41.92 -10.11 8.17
N PHE B 291 40.93 -10.72 8.82
CA PHE B 291 40.95 -12.15 9.08
C PHE B 291 40.16 -12.93 8.04
N GLN B 292 39.63 -12.24 7.04
CA GLN B 292 38.83 -12.90 6.01
C GLN B 292 39.69 -13.29 4.81
N GLY B 293 39.92 -14.59 4.67
CA GLY B 293 40.72 -15.12 3.58
C GLY B 293 42.21 -15.02 3.84
N ARG B 294 42.58 -14.14 4.77
CA ARG B 294 43.98 -13.90 5.06
C ARG B 294 44.22 -13.79 6.57
N PHE B 295 45.45 -13.43 6.93
CA PHE B 295 45.93 -13.67 8.27
C PHE B 295 46.95 -12.61 8.68
N ASP B 296 46.96 -12.20 9.95
CA ASP B 296 47.93 -11.21 10.42
C ASP B 296 48.45 -11.51 11.83
N VAL B 297 49.77 -11.51 11.99
CA VAL B 297 50.41 -11.75 13.28
C VAL B 297 51.67 -10.88 13.46
N LYS B 298 51.77 -10.19 14.60
CA LYS B 298 52.99 -9.45 14.94
C LYS B 298 53.79 -10.24 15.97
N ILE B 299 55.07 -10.53 15.68
CA ILE B 299 55.83 -11.34 16.62
C ILE B 299 57.16 -10.71 17.06
N GLU B 300 57.35 -10.64 18.38
CA GLU B 300 58.59 -10.16 18.95
C GLU B 300 59.11 -11.13 20.02
N VAL B 301 60.24 -11.76 19.75
CA VAL B 301 60.87 -12.62 20.74
C VAL B 301 62.06 -11.89 21.35
N LYS B 302 61.89 -11.40 22.58
CA LYS B 302 62.89 -10.51 23.15
C LYS B 302 63.68 -11.15 24.29
N SER B 303 65.00 -11.03 24.21
CA SER B 303 65.88 -11.59 25.21
C SER B 303 67.13 -10.72 25.38
N ASP C 17 26.60 -21.54 -6.35
CA ASP C 17 26.94 -21.62 -4.94
C ASP C 17 25.92 -20.88 -4.09
N PRO C 18 25.55 -21.46 -2.93
CA PRO C 18 24.65 -20.86 -1.93
C PRO C 18 25.25 -19.59 -1.31
N PHE C 19 26.54 -19.38 -1.54
CA PHE C 19 27.30 -18.33 -0.87
C PHE C 19 27.20 -16.99 -1.58
N TYR C 20 26.40 -16.94 -2.63
CA TYR C 20 26.15 -15.69 -3.34
C TYR C 20 24.69 -15.27 -3.14
N TYR C 21 24.48 -14.02 -2.77
CA TYR C 21 23.14 -13.47 -2.61
C TYR C 21 22.99 -12.31 -3.58
N ASP C 22 21.78 -12.04 -4.05
CA ASP C 22 21.62 -10.84 -4.85
C ASP C 22 21.21 -9.75 -3.87
N TYR C 23 22.20 -8.96 -3.47
CA TYR C 23 21.98 -7.81 -2.61
C TYR C 23 21.65 -6.57 -3.42
N GLU C 24 22.25 -6.49 -4.61
CA GLU C 24 22.07 -5.31 -5.46
C GLU C 24 20.64 -5.20 -5.97
N THR C 25 20.01 -6.34 -6.22
CA THR C 25 18.64 -6.38 -6.70
C THR C 25 17.66 -5.96 -5.61
N VAL C 26 17.84 -6.54 -4.43
CA VAL C 26 17.05 -6.18 -3.25
C VAL C 26 17.22 -4.70 -2.93
N ARG C 27 18.46 -4.24 -3.04
CA ARG C 27 18.83 -2.84 -2.84
C ARG C 27 18.03 -1.93 -3.78
N ASN C 28 18.13 -2.24 -5.07
CA ASN C 28 17.37 -1.55 -6.11
C ASN C 28 15.87 -1.51 -5.81
N GLY C 29 15.33 -2.66 -5.39
CA GLY C 29 13.92 -2.77 -5.08
C GLY C 29 13.52 -1.84 -3.94
N GLY C 30 14.31 -1.85 -2.88
CA GLY C 30 14.05 -1.01 -1.73
C GLY C 30 14.12 0.46 -2.07
N LEU C 31 15.07 0.82 -2.92
CA LEU C 31 15.25 2.22 -3.30
C LEU C 31 14.11 2.70 -4.20
N ILE C 32 13.79 1.92 -5.22
CA ILE C 32 12.64 2.18 -6.08
C ILE C 32 11.39 2.37 -5.22
N PHE C 33 11.20 1.47 -4.28
CA PHE C 33 10.10 1.57 -3.33
C PHE C 33 10.13 2.88 -2.58
N ALA C 34 11.29 3.25 -2.05
CA ALA C 34 11.41 4.48 -1.28
C ALA C 34 10.97 5.67 -2.10
N ALA C 35 11.44 5.72 -3.34
CA ALA C 35 11.03 6.77 -4.28
C ALA C 35 9.52 6.83 -4.48
N LEU C 36 8.93 5.70 -4.85
CA LEU C 36 7.49 5.65 -5.08
C LEU C 36 6.68 6.04 -3.85
N ALA C 37 7.02 5.43 -2.72
CA ALA C 37 6.31 5.70 -1.47
C ALA C 37 6.38 7.18 -1.12
N PHE C 38 7.57 7.77 -1.26
CA PHE C 38 7.73 9.16 -0.91
C PHE C 38 6.93 10.07 -1.82
N ILE C 39 7.05 9.86 -3.13
CA ILE C 39 6.35 10.76 -4.05
C ILE C 39 4.84 10.57 -3.95
N VAL C 40 4.40 9.37 -3.56
CA VAL C 40 2.99 9.12 -3.32
C VAL C 40 2.55 9.88 -2.08
N GLY C 41 3.39 9.87 -1.06
CA GLY C 41 3.17 10.68 0.13
C GLY C 41 3.01 12.14 -0.25
N LEU C 42 3.86 12.60 -1.16
CA LEU C 42 3.81 13.97 -1.64
C LEU C 42 2.52 14.28 -2.39
N ILE C 43 2.03 13.30 -3.16
CA ILE C 43 0.73 13.43 -3.80
C ILE C 43 -0.34 13.58 -2.74
N ILE C 44 -0.20 12.82 -1.66
CA ILE C 44 -1.19 12.82 -0.59
C ILE C 44 -1.26 14.17 0.12
N ILE C 45 -0.13 14.74 0.52
CA ILE C 45 -0.18 16.01 1.25
C ILE C 45 -0.55 17.18 0.36
N LEU C 46 -0.45 17.02 -0.96
CA LEU C 46 -0.95 18.06 -1.83
C LEU C 46 -2.28 17.61 -2.43
N SER C 47 -3.38 18.14 -1.90
CA SER C 47 -4.71 17.70 -2.28
C SER C 47 -5.37 18.62 -3.29
N LYS C 48 -4.69 19.72 -3.60
CA LYS C 48 -5.22 20.73 -4.52
C LYS C 48 -6.59 21.24 -4.07
N LYS D 26 -15.80 -48.52 -47.67
CA LYS D 26 -14.87 -49.64 -47.52
C LYS D 26 -13.43 -49.15 -47.45
N GLU D 27 -13.23 -47.99 -46.82
CA GLU D 27 -11.89 -47.44 -46.65
C GLU D 27 -11.15 -48.12 -45.49
N ARG D 28 -11.93 -48.75 -44.61
CA ARG D 28 -11.39 -49.55 -43.53
C ARG D 28 -10.42 -50.61 -44.07
N ASP D 29 -10.85 -51.27 -45.15
CA ASP D 29 -10.06 -52.30 -45.83
C ASP D 29 -8.83 -51.70 -46.49
N MET D 30 -8.98 -50.49 -47.03
CA MET D 30 -7.88 -49.80 -47.67
C MET D 30 -6.76 -49.54 -46.65
N ASP D 31 -7.11 -48.87 -45.54
CA ASP D 31 -6.15 -48.61 -44.47
C ASP D 31 -5.64 -49.91 -43.83
N GLU D 32 -6.44 -50.96 -43.92
CA GLU D 32 -6.00 -52.29 -43.45
C GLU D 32 -4.91 -52.84 -44.36
N LEU D 33 -4.99 -52.54 -45.66
CA LEU D 33 -3.95 -52.96 -46.60
C LEU D 33 -2.74 -52.05 -46.51
N LYS D 34 -2.95 -50.83 -46.01
CA LYS D 34 -1.86 -49.86 -45.88
C LYS D 34 -1.01 -50.08 -44.62
N LYS D 35 -1.57 -50.77 -43.64
CA LYS D 35 -0.83 -51.05 -42.40
C LYS D 35 0.02 -52.31 -42.55
N GLU D 36 -0.10 -52.96 -43.70
CA GLU D 36 0.68 -54.17 -44.00
C GLU D 36 1.95 -53.82 -44.77
N VAL D 37 3.04 -54.52 -44.48
CA VAL D 37 4.30 -54.29 -45.18
C VAL D 37 4.16 -54.78 -46.61
N SER D 38 5.01 -54.27 -47.51
CA SER D 38 4.80 -54.40 -48.95
C SER D 38 5.40 -55.64 -49.61
N MET D 39 5.16 -55.76 -50.92
CA MET D 39 5.69 -56.85 -51.75
C MET D 39 6.13 -56.32 -53.11
N ASP D 40 6.90 -57.09 -53.87
CA ASP D 40 7.36 -56.64 -55.18
C ASP D 40 7.65 -57.75 -56.21
N ASP D 41 7.94 -57.32 -57.42
CA ASP D 41 8.32 -58.19 -58.54
C ASP D 41 9.83 -58.22 -58.75
N HIS D 42 10.56 -57.55 -57.86
CA HIS D 42 11.97 -57.18 -58.06
C HIS D 42 12.89 -58.29 -58.53
N LYS D 43 12.53 -59.53 -58.24
CA LYS D 43 13.39 -60.64 -58.60
C LYS D 43 12.90 -61.28 -59.89
N LEU D 44 13.61 -60.98 -60.97
CA LEU D 44 13.25 -61.47 -62.30
C LEU D 44 14.48 -61.46 -63.18
N SER D 45 14.49 -62.30 -64.19
CA SER D 45 15.47 -62.16 -65.25
C SER D 45 15.07 -60.90 -65.99
N LEU D 46 16.04 -60.10 -66.39
CA LEU D 46 15.76 -58.86 -67.11
C LEU D 46 14.91 -59.15 -68.35
N ASP D 47 15.16 -60.31 -68.95
CA ASP D 47 14.34 -60.83 -70.02
C ASP D 47 12.88 -60.90 -69.59
N GLU D 48 12.62 -61.51 -68.44
CA GLU D 48 11.24 -61.65 -67.94
C GLU D 48 10.67 -60.32 -67.48
N LEU D 49 11.52 -59.47 -66.94
CA LEU D 49 11.12 -58.12 -66.53
C LEU D 49 10.54 -57.34 -67.70
N HIS D 50 11.32 -57.21 -68.77
CA HIS D 50 10.87 -56.48 -69.95
C HIS D 50 9.74 -57.22 -70.66
N ARG D 51 9.75 -58.55 -70.55
CA ARG D 51 8.68 -59.36 -71.12
C ARG D 51 7.34 -59.03 -70.46
N LYS D 52 7.39 -58.74 -69.17
CA LYS D 52 6.20 -58.38 -68.42
C LYS D 52 5.79 -56.94 -68.67
N TYR D 53 6.76 -56.03 -68.64
CA TYR D 53 6.50 -54.60 -68.71
C TYR D 53 6.37 -54.10 -70.15
N GLY D 54 6.77 -54.91 -71.11
CA GLY D 54 6.67 -54.55 -72.51
C GLY D 54 7.57 -53.38 -72.88
N THR D 55 8.86 -53.52 -72.57
CA THR D 55 9.81 -52.43 -72.77
C THR D 55 11.15 -52.94 -73.30
N ASP D 56 11.88 -52.08 -74.01
CA ASP D 56 13.25 -52.39 -74.39
C ASP D 56 14.18 -51.91 -73.27
N LEU D 57 15.17 -52.74 -72.93
CA LEU D 57 16.07 -52.42 -71.83
C LEU D 57 17.07 -51.34 -72.21
N SER D 58 17.59 -51.42 -73.44
CA SER D 58 18.54 -50.44 -73.93
C SER D 58 17.85 -49.18 -74.44
N ARG D 59 16.73 -49.35 -75.14
CA ARG D 59 16.06 -48.25 -75.81
C ARG D 59 14.88 -47.63 -75.07
N GLY D 60 14.53 -48.18 -73.91
CA GLY D 60 13.33 -47.75 -73.20
C GLY D 60 12.10 -48.12 -73.99
N LEU D 61 11.10 -47.23 -74.02
CA LEU D 61 9.92 -47.47 -74.85
C LEU D 61 9.62 -46.27 -75.75
N THR D 62 8.57 -46.39 -76.56
CA THR D 62 8.25 -45.38 -77.57
C THR D 62 7.49 -44.20 -76.98
N PRO D 63 7.79 -42.97 -77.45
CA PRO D 63 7.15 -41.72 -77.00
C PRO D 63 5.63 -41.80 -77.05
N ALA D 64 5.10 -42.43 -78.10
CA ALA D 64 3.67 -42.64 -78.22
C ALA D 64 3.14 -43.45 -77.04
N ARG D 65 3.81 -44.55 -76.74
CA ARG D 65 3.47 -45.40 -75.62
C ARG D 65 3.59 -44.67 -74.28
N ALA D 66 4.63 -43.85 -74.17
CA ALA D 66 4.87 -43.07 -72.96
C ALA D 66 3.71 -42.11 -72.69
N ALA D 67 3.36 -41.32 -73.70
CA ALA D 67 2.25 -40.39 -73.59
C ALA D 67 0.92 -41.13 -73.42
N GLU D 68 0.86 -42.37 -73.92
CA GLU D 68 -0.34 -43.20 -73.76
C GLU D 68 -0.53 -43.62 -72.31
N ILE D 69 0.55 -44.02 -71.65
CA ILE D 69 0.48 -44.43 -70.25
C ILE D 69 0.34 -43.22 -69.32
N LEU D 70 1.00 -42.12 -69.68
CA LEU D 70 0.98 -40.90 -68.87
C LEU D 70 -0.45 -40.40 -68.66
N ALA D 71 -1.26 -40.52 -69.70
CA ALA D 71 -2.66 -40.12 -69.63
C ALA D 71 -3.55 -41.31 -69.31
N ARG D 72 -2.95 -42.47 -69.11
CA ARG D 72 -3.71 -43.69 -68.82
C ARG D 72 -4.14 -43.75 -67.36
N ASP D 73 -3.23 -43.40 -66.45
CA ASP D 73 -3.56 -43.38 -65.04
C ASP D 73 -3.43 -41.97 -64.45
N GLY D 74 -2.20 -41.51 -64.27
CA GLY D 74 -1.93 -40.19 -63.78
C GLY D 74 -0.45 -39.85 -63.78
N PRO D 75 -0.12 -38.56 -63.77
CA PRO D 75 1.28 -38.11 -63.75
C PRO D 75 2.01 -38.62 -62.52
N ASN D 76 3.33 -38.60 -62.55
CA ASN D 76 4.08 -39.15 -61.43
C ASN D 76 4.32 -38.08 -60.38
N ALA D 77 3.60 -38.24 -59.27
CA ALA D 77 3.57 -37.31 -58.16
C ALA D 77 2.55 -37.84 -57.17
N LEU D 78 2.61 -37.38 -55.95
CA LEU D 78 1.64 -37.80 -54.95
C LEU D 78 0.43 -36.90 -55.03
N THR D 79 -0.76 -37.47 -54.83
CA THR D 79 -1.96 -36.67 -54.69
C THR D 79 -1.72 -35.70 -53.52
N PRO D 80 -1.94 -34.39 -53.75
CA PRO D 80 -1.73 -33.37 -52.72
C PRO D 80 -2.50 -33.74 -51.46
N PRO D 81 -2.05 -33.29 -50.27
CA PRO D 81 -2.64 -33.82 -49.05
C PRO D 81 -4.16 -33.68 -49.07
N PRO D 82 -4.88 -34.79 -48.81
CA PRO D 82 -6.34 -34.85 -48.93
C PRO D 82 -7.01 -33.84 -48.03
N THR D 83 -6.28 -33.39 -47.03
CA THR D 83 -6.77 -32.38 -46.11
C THR D 83 -6.50 -30.99 -46.65
N THR D 84 -7.58 -30.26 -46.91
CA THR D 84 -7.49 -28.83 -47.20
C THR D 84 -8.70 -28.17 -46.53
N PRO D 85 -8.71 -28.16 -45.20
CA PRO D 85 -9.90 -27.61 -44.52
C PRO D 85 -10.08 -26.15 -44.88
N GLU D 86 -11.29 -25.78 -45.36
CA GLU D 86 -11.62 -24.39 -45.74
C GLU D 86 -11.64 -23.56 -44.47
N TRP D 87 -11.55 -22.25 -44.62
CA TRP D 87 -11.53 -21.33 -43.49
C TRP D 87 -12.79 -21.47 -42.64
N VAL D 88 -13.77 -22.19 -43.17
CA VAL D 88 -14.93 -22.63 -42.39
C VAL D 88 -14.48 -23.47 -41.17
N LYS D 89 -13.23 -23.94 -41.19
CA LYS D 89 -12.63 -24.66 -40.07
C LYS D 89 -12.55 -23.75 -38.83
N PHE D 90 -12.81 -22.47 -39.02
CA PHE D 90 -13.04 -21.53 -37.93
C PHE D 90 -14.03 -22.14 -36.92
N CYS D 91 -15.10 -22.72 -37.46
CA CYS D 91 -16.14 -23.35 -36.65
C CYS D 91 -15.58 -24.37 -35.66
N ARG D 92 -14.49 -25.04 -36.05
CA ARG D 92 -13.85 -26.03 -35.18
C ARG D 92 -13.50 -25.42 -33.83
N GLN D 93 -12.94 -24.22 -33.86
CA GLN D 93 -12.51 -23.54 -32.64
C GLN D 93 -13.71 -23.12 -31.79
N LEU D 94 -14.88 -23.07 -32.41
CA LEU D 94 -16.06 -22.54 -31.75
C LEU D 94 -16.82 -23.58 -30.94
N PHE D 95 -16.40 -24.84 -31.00
CA PHE D 95 -17.13 -25.88 -30.28
C PHE D 95 -16.30 -26.60 -29.22
N GLY D 96 -15.42 -27.51 -29.64
CA GLY D 96 -14.63 -28.28 -28.70
C GLY D 96 -15.51 -28.94 -27.65
N GLY D 97 -14.98 -29.13 -26.44
CA GLY D 97 -15.81 -29.47 -25.29
C GLY D 97 -16.20 -28.33 -24.35
N PHE D 98 -15.33 -27.33 -24.22
CA PHE D 98 -15.54 -26.26 -23.25
C PHE D 98 -16.43 -25.14 -23.78
N SER D 99 -16.14 -24.76 -25.02
CA SER D 99 -16.95 -23.76 -25.68
C SER D 99 -18.37 -24.28 -25.70
N MET D 100 -18.54 -25.59 -25.88
CA MET D 100 -19.83 -26.25 -25.78
C MET D 100 -20.55 -25.95 -24.46
N LEU D 101 -19.82 -26.07 -23.36
CA LEU D 101 -20.37 -25.75 -22.04
C LEU D 101 -20.88 -24.32 -22.01
N LEU D 102 -20.09 -23.40 -22.55
CA LEU D 102 -20.55 -22.01 -22.61
C LEU D 102 -21.76 -21.84 -23.55
N TRP D 103 -21.82 -22.65 -24.60
CA TRP D 103 -22.91 -22.61 -25.56
C TRP D 103 -24.21 -22.97 -24.90
N ILE D 104 -24.23 -24.14 -24.26
CA ILE D 104 -25.44 -24.61 -23.58
C ILE D 104 -25.79 -23.67 -22.45
N GLY D 105 -24.78 -23.02 -21.87
CA GLY D 105 -25.04 -21.98 -20.89
C GLY D 105 -25.86 -20.86 -21.48
N ALA D 106 -25.38 -20.33 -22.60
CA ALA D 106 -26.06 -19.23 -23.29
C ALA D 106 -27.48 -19.63 -23.71
N ILE D 107 -27.61 -20.83 -24.24
CA ILE D 107 -28.88 -21.37 -24.69
C ILE D 107 -29.87 -21.43 -23.54
N LEU D 108 -29.41 -21.94 -22.41
CA LEU D 108 -30.23 -21.99 -21.21
C LEU D 108 -30.66 -20.59 -20.78
N CYS D 109 -29.75 -19.62 -20.88
CA CYS D 109 -30.08 -18.22 -20.54
C CYS D 109 -31.22 -17.69 -21.39
N PHE D 110 -31.05 -17.83 -22.70
CA PHE D 110 -32.05 -17.39 -23.67
C PHE D 110 -33.37 -18.09 -23.43
N LEU D 111 -33.32 -19.36 -23.05
CA LEU D 111 -34.53 -20.10 -22.72
C LEU D 111 -35.19 -19.51 -21.48
N ALA D 112 -34.38 -19.13 -20.49
CA ALA D 112 -34.89 -18.56 -19.26
C ALA D 112 -35.60 -17.22 -19.53
N TYR D 113 -34.97 -16.36 -20.32
CA TYR D 113 -35.57 -15.08 -20.71
C TYR D 113 -36.86 -15.32 -21.51
N GLY D 114 -36.82 -16.32 -22.39
CA GLY D 114 -38.00 -16.70 -23.16
C GLY D 114 -39.15 -17.13 -22.28
N ILE D 115 -38.84 -17.77 -21.16
CA ILE D 115 -39.84 -18.17 -20.17
C ILE D 115 -40.30 -16.94 -19.40
N GLN D 116 -39.40 -15.95 -19.33
CA GLN D 116 -39.70 -14.70 -18.65
C GLN D 116 -40.44 -13.76 -19.59
N ALA D 117 -40.72 -14.23 -20.80
CA ALA D 117 -41.60 -13.51 -21.72
C ALA D 117 -43.06 -13.84 -21.38
N ALA D 118 -43.25 -14.62 -20.33
CA ALA D 118 -44.58 -14.92 -19.81
C ALA D 118 -45.16 -13.72 -19.07
N THR D 119 -44.32 -12.71 -18.82
CA THR D 119 -44.72 -11.50 -18.10
C THR D 119 -44.01 -10.26 -18.64
N GLU D 120 -44.22 -9.13 -17.95
CA GLU D 120 -43.43 -7.92 -18.18
C GLU D 120 -42.19 -8.00 -17.29
N GLU D 121 -41.01 -8.06 -17.90
CA GLU D 121 -39.85 -8.58 -17.19
C GLU D 121 -38.56 -7.76 -17.36
N GLU D 122 -37.80 -7.64 -16.27
CA GLU D 122 -36.50 -6.96 -16.20
C GLU D 122 -35.33 -7.45 -17.10
N PRO D 123 -35.23 -8.76 -17.41
CA PRO D 123 -34.05 -9.31 -18.09
C PRO D 123 -33.56 -8.60 -19.36
N GLN D 124 -34.33 -7.63 -19.86
CA GLN D 124 -33.82 -6.73 -20.90
C GLN D 124 -32.41 -6.26 -20.50
N ASN D 125 -32.20 -6.00 -19.21
CA ASN D 125 -30.86 -5.78 -18.66
C ASN D 125 -30.19 -7.01 -17.98
N ASP D 126 -30.86 -8.14 -17.91
CA ASP D 126 -30.37 -9.25 -17.09
C ASP D 126 -30.06 -10.56 -17.83
N ASN D 127 -31.08 -11.33 -18.20
CA ASN D 127 -30.86 -12.67 -18.75
C ASN D 127 -30.40 -12.67 -20.20
N LEU D 128 -31.06 -11.83 -21.01
CA LEU D 128 -30.66 -11.64 -22.39
C LEU D 128 -29.22 -11.18 -22.45
N TYR D 129 -28.92 -10.17 -21.64
CA TYR D 129 -27.56 -9.68 -21.47
C TYR D 129 -26.59 -10.83 -21.22
N LEU D 130 -26.94 -11.69 -20.26
CA LEU D 130 -26.07 -12.78 -19.84
C LEU D 130 -25.80 -13.78 -20.95
N GLY D 131 -26.87 -14.24 -21.59
CA GLY D 131 -26.74 -15.19 -22.69
C GLY D 131 -25.88 -14.64 -23.81
N VAL D 132 -26.16 -13.40 -24.19
CA VAL D 132 -25.42 -12.72 -25.24
C VAL D 132 -23.93 -12.63 -24.89
N VAL D 133 -23.67 -12.31 -23.62
CA VAL D 133 -22.29 -12.23 -23.14
C VAL D 133 -21.58 -13.57 -23.24
N LEU D 134 -22.26 -14.64 -22.82
CA LEU D 134 -21.71 -15.99 -22.97
C LEU D 134 -21.33 -16.26 -24.42
N SER D 135 -22.28 -16.00 -25.32
CA SER D 135 -22.05 -16.16 -26.75
C SER D 135 -20.82 -15.39 -27.21
N ALA D 136 -20.70 -14.16 -26.71
CA ALA D 136 -19.59 -13.29 -27.03
C ALA D 136 -18.27 -13.90 -26.58
N VAL D 137 -18.25 -14.46 -25.38
CA VAL D 137 -17.02 -15.07 -24.86
C VAL D 137 -16.60 -16.24 -25.74
N VAL D 138 -17.56 -17.11 -26.06
CA VAL D 138 -17.29 -18.24 -26.94
C VAL D 138 -16.68 -17.78 -28.25
N ILE D 139 -17.39 -16.87 -28.92
CA ILE D 139 -17.00 -16.40 -30.23
C ILE D 139 -15.63 -15.73 -30.23
N ILE D 140 -15.42 -14.84 -29.27
CA ILE D 140 -14.16 -14.12 -29.17
C ILE D 140 -12.98 -15.05 -28.91
N THR D 141 -13.08 -15.90 -27.90
CA THR D 141 -12.01 -16.83 -27.58
C THR D 141 -11.70 -17.72 -28.79
N GLY D 142 -12.77 -18.21 -29.41
CA GLY D 142 -12.64 -18.97 -30.64
C GLY D 142 -11.83 -18.22 -31.67
N CYS D 143 -12.13 -16.92 -31.82
CA CYS D 143 -11.42 -16.08 -32.77
C CYS D 143 -9.94 -16.00 -32.46
N PHE D 144 -9.62 -15.80 -31.18
CA PHE D 144 -8.24 -15.69 -30.74
C PHE D 144 -7.44 -16.97 -31.05
N SER D 145 -7.92 -18.09 -30.52
CA SER D 145 -7.25 -19.37 -30.70
C SER D 145 -7.10 -19.69 -32.18
N TYR D 146 -8.16 -19.44 -32.94
CA TYR D 146 -8.13 -19.63 -34.38
C TYR D 146 -7.01 -18.82 -35.01
N TYR D 147 -6.89 -17.56 -34.61
CA TYR D 147 -5.87 -16.67 -35.17
C TYR D 147 -4.49 -17.20 -34.87
N GLN D 148 -4.30 -17.76 -33.67
CA GLN D 148 -3.01 -18.31 -33.30
C GLN D 148 -2.63 -19.51 -34.19
N GLU D 149 -3.52 -20.50 -34.24
CA GLU D 149 -3.27 -21.69 -35.05
C GLU D 149 -3.09 -21.32 -36.54
N ALA D 150 -3.88 -20.35 -36.99
CA ALA D 150 -3.75 -19.83 -38.34
C ALA D 150 -2.36 -19.27 -38.57
N LYS D 151 -1.88 -18.48 -37.61
CA LYS D 151 -0.55 -17.88 -37.68
C LYS D 151 0.54 -18.96 -37.82
N SER D 152 0.44 -20.00 -37.00
CA SER D 152 1.38 -21.13 -37.10
C SER D 152 1.33 -21.80 -38.47
N SER D 153 0.11 -21.97 -38.99
CA SER D 153 -0.06 -22.56 -40.32
C SER D 153 0.60 -21.69 -41.39
N LYS D 154 0.49 -20.37 -41.24
CA LYS D 154 1.09 -19.42 -42.18
C LYS D 154 2.61 -19.53 -42.18
N ILE D 155 3.22 -19.42 -41.00
CA ILE D 155 4.68 -19.50 -40.90
C ILE D 155 5.17 -20.87 -41.38
N MET D 156 4.31 -21.87 -41.30
CA MET D 156 4.59 -23.18 -41.88
C MET D 156 4.51 -23.19 -43.39
N GLU D 157 3.58 -22.42 -43.96
CA GLU D 157 3.42 -22.34 -45.41
C GLU D 157 4.64 -21.68 -46.06
N SER D 158 5.23 -20.72 -45.35
CA SER D 158 6.40 -20.00 -45.85
C SER D 158 7.58 -20.94 -46.09
N PHE D 159 7.61 -22.03 -45.34
CA PHE D 159 8.75 -22.94 -45.29
C PHE D 159 8.83 -23.90 -46.40
N LYS D 160 7.68 -24.32 -46.77
CA LYS D 160 7.64 -25.26 -47.80
C LYS D 160 8.38 -24.70 -49.02
N ASN D 161 9.41 -25.40 -49.45
CA ASN D 161 10.13 -25.08 -50.68
C ASN D 161 10.21 -26.32 -51.54
N MET D 162 9.51 -26.31 -52.66
CA MET D 162 9.51 -27.48 -53.53
C MET D 162 10.13 -27.13 -54.88
N VAL D 163 11.33 -27.66 -55.12
CA VAL D 163 12.05 -27.39 -56.36
C VAL D 163 11.82 -28.53 -57.36
N PRO D 164 11.29 -28.19 -58.54
CA PRO D 164 11.10 -29.20 -59.58
C PRO D 164 12.41 -29.83 -60.00
N GLN D 165 12.48 -31.15 -59.99
CA GLN D 165 13.68 -31.85 -60.43
C GLN D 165 13.32 -32.73 -61.61
N GLN D 166 13.81 -32.37 -62.79
CA GLN D 166 13.43 -33.08 -64.00
C GLN D 166 14.20 -34.40 -64.14
N ALA D 167 13.44 -35.48 -64.30
CA ALA D 167 14.02 -36.80 -64.47
C ALA D 167 14.70 -36.96 -65.82
N LEU D 168 15.69 -37.85 -65.87
CA LEU D 168 16.36 -38.19 -67.12
C LEU D 168 15.85 -39.53 -67.63
N VAL D 169 15.09 -39.53 -68.71
CA VAL D 169 14.55 -40.76 -69.26
C VAL D 169 15.30 -41.18 -70.52
N ILE D 170 15.01 -42.38 -71.01
CA ILE D 170 15.52 -42.86 -72.28
C ILE D 170 14.39 -43.49 -73.08
N ARG D 171 14.08 -42.88 -74.22
CA ARG D 171 12.96 -43.34 -75.02
C ARG D 171 13.36 -43.36 -76.50
N ASN D 172 12.98 -44.43 -77.18
CA ASN D 172 13.39 -44.68 -78.55
C ASN D 172 14.91 -44.59 -78.69
N GLY D 173 15.62 -45.04 -77.67
CA GLY D 173 17.07 -45.05 -77.68
C GLY D 173 17.71 -43.71 -77.36
N GLU D 174 16.91 -42.66 -77.33
CA GLU D 174 17.44 -41.33 -77.08
C GLU D 174 17.25 -40.88 -75.63
N LYS D 175 18.30 -40.28 -75.07
CA LYS D 175 18.23 -39.71 -73.73
C LYS D 175 17.49 -38.37 -73.78
N MET D 176 16.43 -38.25 -73.00
CA MET D 176 15.67 -37.01 -72.94
C MET D 176 15.36 -36.62 -71.49
N SER D 177 15.67 -35.37 -71.15
CA SER D 177 15.41 -34.88 -69.80
C SER D 177 14.05 -34.19 -69.74
N ILE D 178 13.11 -34.79 -69.01
CA ILE D 178 11.75 -34.29 -68.96
C ILE D 178 11.32 -34.03 -67.52
N ASN D 179 10.24 -33.26 -67.35
CA ASN D 179 9.65 -33.06 -66.04
C ASN D 179 9.33 -34.40 -65.38
N ALA D 180 9.74 -34.55 -64.12
CA ALA D 180 9.60 -35.82 -63.41
C ALA D 180 8.16 -36.30 -63.32
N GLU D 181 7.22 -35.37 -63.42
CA GLU D 181 5.80 -35.70 -63.33
C GLU D 181 5.30 -36.41 -64.59
N GLU D 182 6.09 -36.34 -65.66
CA GLU D 182 5.71 -36.94 -66.93
C GLU D 182 6.26 -38.35 -67.10
N VAL D 183 6.95 -38.86 -66.08
CA VAL D 183 7.50 -40.21 -66.12
C VAL D 183 6.38 -41.24 -65.92
N VAL D 184 6.45 -42.32 -66.68
CA VAL D 184 5.42 -43.34 -66.63
C VAL D 184 5.97 -44.64 -66.07
N VAL D 185 5.14 -45.68 -66.05
CA VAL D 185 5.56 -46.99 -65.61
C VAL D 185 6.33 -47.72 -66.72
N GLY D 186 7.44 -48.34 -66.35
CA GLY D 186 8.16 -49.23 -67.24
C GLY D 186 8.95 -48.61 -68.37
N ASP D 187 9.58 -47.47 -68.13
CA ASP D 187 10.47 -46.90 -69.14
C ASP D 187 11.85 -46.62 -68.54
N LEU D 188 12.87 -46.70 -69.38
CA LEU D 188 14.26 -46.63 -68.93
C LEU D 188 14.63 -45.28 -68.32
N VAL D 189 15.25 -45.32 -67.15
CA VAL D 189 15.67 -44.12 -66.45
C VAL D 189 17.12 -44.21 -66.00
N GLU D 190 17.87 -43.14 -66.23
CA GLU D 190 19.25 -43.03 -65.78
C GLU D 190 19.37 -42.05 -64.62
N VAL D 191 20.03 -42.48 -63.56
CA VAL D 191 20.31 -41.60 -62.43
C VAL D 191 21.82 -41.45 -62.26
N LYS D 192 22.22 -40.25 -61.86
CA LYS D 192 23.63 -39.87 -61.76
C LYS D 192 23.95 -39.47 -60.32
N GLY D 193 25.19 -39.06 -60.08
CA GLY D 193 25.57 -38.54 -58.78
C GLY D 193 24.83 -37.25 -58.48
N GLY D 194 24.12 -37.22 -57.36
CA GLY D 194 23.36 -36.05 -56.97
C GLY D 194 21.91 -36.08 -57.40
N ASP D 195 21.61 -36.90 -58.41
CA ASP D 195 20.24 -37.00 -58.92
C ASP D 195 19.30 -37.64 -57.90
N ARG D 196 18.09 -37.09 -57.79
CA ARG D 196 17.06 -37.67 -56.95
C ARG D 196 16.29 -38.70 -57.76
N ILE D 197 15.96 -39.83 -57.13
CA ILE D 197 15.27 -40.91 -57.84
C ILE D 197 13.81 -40.52 -58.09
N PRO D 198 13.44 -40.39 -59.37
CA PRO D 198 12.18 -39.85 -59.88
C PRO D 198 10.96 -40.69 -59.51
N ALA D 199 11.11 -42.01 -59.58
CA ALA D 199 10.03 -42.94 -59.24
C ALA D 199 10.65 -44.28 -58.85
N ASP D 200 9.83 -45.25 -58.46
CA ASP D 200 10.40 -46.50 -57.99
C ASP D 200 10.89 -47.36 -59.16
N LEU D 201 12.19 -47.65 -59.14
CA LEU D 201 12.90 -48.29 -60.25
C LEU D 201 13.38 -49.70 -59.92
N ARG D 202 13.49 -50.53 -60.95
CA ARG D 202 14.17 -51.81 -60.84
C ARG D 202 15.49 -51.69 -61.59
N ILE D 203 16.61 -51.71 -60.86
CA ILE D 203 17.89 -51.42 -61.50
C ILE D 203 18.29 -52.54 -62.45
N ILE D 204 18.41 -52.19 -63.73
CA ILE D 204 18.95 -53.12 -64.73
C ILE D 204 20.47 -53.08 -64.78
N SER D 205 21.06 -51.89 -64.58
CA SER D 205 22.52 -51.79 -64.66
C SER D 205 23.04 -50.71 -63.71
N ALA D 206 24.29 -50.87 -63.26
CA ALA D 206 24.86 -49.88 -62.37
C ALA D 206 26.38 -49.83 -62.43
N ASN D 207 26.92 -48.65 -62.14
CA ASN D 207 28.35 -48.46 -61.94
C ASN D 207 28.62 -47.61 -60.71
N GLY D 208 29.26 -48.23 -59.71
CA GLY D 208 29.67 -47.56 -58.50
C GLY D 208 28.56 -46.75 -57.85
N CYS D 209 27.35 -47.26 -57.94
CA CYS D 209 26.17 -46.47 -57.58
C CYS D 209 25.76 -46.65 -56.12
N LYS D 210 25.90 -45.56 -55.35
CA LYS D 210 25.38 -45.51 -54.00
C LYS D 210 24.22 -44.52 -53.91
N VAL D 211 23.02 -45.05 -53.71
CA VAL D 211 21.84 -44.25 -53.42
C VAL D 211 21.73 -43.97 -51.92
N ASP D 212 21.13 -42.85 -51.53
CA ASP D 212 20.91 -42.56 -50.12
C ASP D 212 19.48 -42.89 -49.72
N ASN D 213 19.32 -43.96 -48.95
CA ASN D 213 18.02 -44.43 -48.50
C ASN D 213 17.65 -43.93 -47.11
N SER D 214 18.47 -43.04 -46.56
CA SER D 214 18.40 -42.62 -45.16
C SER D 214 17.00 -42.28 -44.65
N SER D 215 16.26 -41.47 -45.41
CA SER D 215 14.95 -41.01 -44.95
C SER D 215 13.87 -42.09 -45.06
N LEU D 216 13.96 -42.92 -46.09
CA LEU D 216 12.90 -43.89 -46.36
C LEU D 216 12.99 -45.14 -45.48
N THR D 217 14.03 -45.95 -45.70
CA THR D 217 14.17 -47.19 -44.93
C THR D 217 14.91 -46.99 -43.62
N GLY D 218 15.58 -45.85 -43.49
CA GLY D 218 16.31 -45.55 -42.26
C GLY D 218 17.76 -46.02 -42.25
N GLU D 219 18.21 -46.61 -43.36
CA GLU D 219 19.59 -47.05 -43.46
C GLU D 219 20.55 -45.84 -43.43
N SER D 220 21.49 -45.86 -42.50
CA SER D 220 22.35 -44.71 -42.24
C SER D 220 23.35 -44.40 -43.36
N GLU D 221 24.18 -45.39 -43.68
CA GLU D 221 25.21 -45.20 -44.70
C GLU D 221 24.62 -45.46 -46.07
N PRO D 222 25.17 -44.79 -47.10
CA PRO D 222 24.62 -44.96 -48.45
C PRO D 222 24.72 -46.40 -48.93
N GLN D 223 23.61 -46.93 -49.40
CA GLN D 223 23.56 -48.31 -49.85
C GLN D 223 23.80 -48.41 -51.34
N THR D 224 24.70 -49.29 -51.73
CA THR D 224 24.99 -49.49 -53.15
C THR D 224 23.83 -50.18 -53.85
N ARG D 225 23.68 -49.90 -55.14
CA ARG D 225 22.62 -50.53 -55.93
C ARG D 225 23.22 -51.28 -57.11
N SER D 226 22.70 -52.47 -57.37
CA SER D 226 23.22 -53.33 -58.44
C SER D 226 22.08 -54.04 -59.17
N PRO D 227 22.34 -54.53 -60.40
CA PRO D 227 21.33 -55.31 -61.11
C PRO D 227 20.90 -56.57 -60.34
N ASP D 228 21.85 -57.18 -59.64
CA ASP D 228 21.64 -58.48 -59.03
C ASP D 228 20.67 -58.44 -57.83
N PHE D 229 19.88 -59.50 -57.70
CA PHE D 229 18.96 -59.67 -56.58
C PHE D 229 19.72 -60.12 -55.33
N THR D 230 19.49 -59.40 -54.23
CA THR D 230 20.22 -59.66 -52.99
C THR D 230 19.31 -60.17 -51.88
N ASN D 231 18.39 -59.32 -51.42
CA ASN D 231 17.54 -59.67 -50.28
C ASN D 231 16.07 -59.85 -50.67
N GLU D 232 15.43 -60.83 -50.05
CA GLU D 232 14.03 -61.15 -50.34
C GLU D 232 13.09 -59.98 -50.07
N ASN D 233 13.35 -59.24 -48.99
CA ASN D 233 12.62 -58.02 -48.69
C ASN D 233 13.05 -56.90 -49.62
N PRO D 234 12.13 -56.42 -50.46
CA PRO D 234 12.42 -55.41 -51.49
C PRO D 234 12.99 -54.11 -50.93
N LEU D 235 12.85 -53.89 -49.63
CA LEU D 235 13.37 -52.67 -49.03
C LEU D 235 14.89 -52.74 -48.84
N GLU D 236 15.39 -53.92 -48.49
CA GLU D 236 16.82 -54.08 -48.27
C GLU D 236 17.59 -54.54 -49.50
N THR D 237 16.87 -54.88 -50.58
CA THR D 237 17.53 -55.40 -51.77
C THR D 237 18.23 -54.28 -52.55
N ARG D 238 19.23 -54.67 -53.34
CA ARG D 238 20.05 -53.71 -54.07
C ARG D 238 19.57 -53.43 -55.49
N ASN D 239 18.61 -54.20 -55.99
CA ASN D 239 18.16 -54.03 -57.37
C ASN D 239 16.95 -53.10 -57.49
N ILE D 240 16.53 -52.52 -56.37
CA ILE D 240 15.47 -51.52 -56.37
C ILE D 240 15.93 -50.16 -55.85
N ALA D 241 15.63 -49.11 -56.61
CA ALA D 241 15.89 -47.75 -56.17
C ALA D 241 14.55 -47.09 -55.84
N PHE D 242 14.56 -46.14 -54.91
CA PHE D 242 13.30 -45.65 -54.35
C PHE D 242 13.03 -44.17 -54.55
N PHE D 243 11.75 -43.85 -54.72
CA PHE D 243 11.28 -42.47 -54.87
C PHE D 243 11.70 -41.62 -53.66
N SER D 244 11.95 -40.34 -53.91
CA SER D 244 12.33 -39.35 -52.88
C SER D 244 13.73 -39.55 -52.32
N THR D 245 14.40 -40.62 -52.74
CA THR D 245 15.78 -40.86 -52.31
C THR D 245 16.76 -40.25 -53.31
N ASN D 246 17.82 -39.65 -52.79
CA ASN D 246 18.85 -39.08 -53.66
C ASN D 246 19.98 -40.08 -53.88
N CYS D 247 20.51 -40.12 -55.10
CA CYS D 247 21.63 -40.98 -55.40
C CYS D 247 22.93 -40.25 -55.03
N VAL D 248 23.68 -40.81 -54.08
CA VAL D 248 24.89 -40.16 -53.58
C VAL D 248 25.97 -40.12 -54.64
N GLU D 249 26.25 -41.27 -55.26
CA GLU D 249 27.35 -41.32 -56.23
C GLU D 249 27.16 -42.43 -57.27
N GLY D 250 27.96 -42.37 -58.33
CA GLY D 250 27.91 -43.37 -59.36
C GLY D 250 26.78 -43.14 -60.34
N THR D 251 26.47 -44.14 -61.15
CA THR D 251 25.36 -44.01 -62.10
C THR D 251 24.59 -45.32 -62.23
N ALA D 252 23.32 -45.23 -62.58
CA ALA D 252 22.51 -46.44 -62.71
C ALA D 252 21.39 -46.30 -63.73
N ARG D 253 21.00 -47.43 -64.32
CA ARG D 253 19.89 -47.49 -65.25
C ARG D 253 18.86 -48.48 -64.72
N GLY D 254 17.59 -48.11 -64.79
CA GLY D 254 16.53 -48.99 -64.33
C GLY D 254 15.20 -48.76 -65.00
N ILE D 255 14.34 -49.76 -64.94
CA ILE D 255 12.97 -49.64 -65.46
C ILE D 255 12.03 -49.25 -64.32
N VAL D 256 11.08 -48.36 -64.60
CA VAL D 256 10.20 -47.85 -63.55
C VAL D 256 9.14 -48.87 -63.19
N VAL D 257 9.20 -49.35 -61.94
CA VAL D 257 8.21 -50.27 -61.42
C VAL D 257 6.98 -49.51 -60.91
N TYR D 258 7.22 -48.43 -60.18
CA TYR D 258 6.10 -47.71 -59.55
C TYR D 258 6.14 -46.21 -59.78
N THR D 259 4.96 -45.66 -60.07
CA THR D 259 4.81 -44.24 -60.37
C THR D 259 3.76 -43.61 -59.46
N GLY D 260 4.05 -42.40 -58.99
CA GLY D 260 3.09 -41.62 -58.24
C GLY D 260 2.72 -42.15 -56.86
N ASP D 261 1.42 -42.17 -56.58
CA ASP D 261 0.92 -42.63 -55.28
C ASP D 261 1.19 -44.11 -55.07
N ARG D 262 1.38 -44.82 -56.16
CA ARG D 262 1.60 -46.26 -56.13
C ARG D 262 2.98 -46.61 -55.61
N THR D 263 3.83 -45.60 -55.42
CA THR D 263 5.19 -45.81 -54.95
C THR D 263 5.22 -46.15 -53.46
N VAL D 264 6.42 -46.40 -52.95
CA VAL D 264 6.57 -46.81 -51.55
C VAL D 264 6.27 -45.69 -50.57
N MET D 265 6.96 -44.56 -50.74
CA MET D 265 6.76 -43.43 -49.84
C MET D 265 5.40 -42.81 -50.07
N GLY D 266 4.79 -43.12 -51.21
CA GLY D 266 3.44 -42.65 -51.51
C GLY D 266 2.44 -43.42 -50.67
N ARG D 267 2.65 -44.73 -50.56
CA ARG D 267 1.84 -45.58 -49.69
C ARG D 267 2.04 -45.19 -48.23
N ILE D 268 3.29 -44.93 -47.86
CA ILE D 268 3.58 -44.46 -46.51
C ILE D 268 2.87 -43.14 -46.21
N ALA D 269 2.95 -42.21 -47.15
CA ALA D 269 2.35 -40.89 -47.00
C ALA D 269 0.83 -40.98 -46.89
N THR D 270 0.23 -41.82 -47.73
CA THR D 270 -1.21 -41.96 -47.75
C THR D 270 -1.70 -42.65 -46.48
N LEU D 271 -0.88 -43.55 -45.94
CA LEU D 271 -1.18 -44.16 -44.65
C LEU D 271 -1.14 -43.09 -43.56
N ALA D 272 -0.13 -42.24 -43.63
CA ALA D 272 0.03 -41.17 -42.64
C ALA D 272 -1.16 -40.22 -42.66
N SER D 273 -1.61 -39.87 -43.86
CA SER D 273 -2.71 -38.93 -44.02
C SER D 273 -4.02 -39.55 -43.52
N GLY D 274 -4.11 -40.87 -43.57
CA GLY D 274 -5.35 -41.55 -43.25
C GLY D 274 -5.46 -42.10 -41.84
N LEU D 275 -4.56 -41.69 -40.96
CA LEU D 275 -4.62 -42.17 -39.58
C LEU D 275 -5.40 -41.21 -38.68
N GLU D 276 -5.55 -41.60 -37.42
CA GLU D 276 -6.34 -40.84 -36.46
C GLU D 276 -5.45 -40.17 -35.43
N GLY D 277 -5.79 -38.95 -35.06
CA GLY D 277 -5.02 -38.21 -34.07
C GLY D 277 -5.14 -38.79 -32.67
N GLY D 278 -6.37 -39.12 -32.28
CA GLY D 278 -6.65 -39.60 -30.94
C GLY D 278 -6.82 -38.44 -29.98
N GLN D 279 -7.50 -38.66 -28.86
CA GLN D 279 -7.74 -37.59 -27.91
C GLN D 279 -6.51 -37.32 -27.06
N THR D 280 -6.10 -36.05 -27.07
CA THR D 280 -4.95 -35.59 -26.31
C THR D 280 -5.19 -35.63 -24.82
N PRO D 281 -4.09 -35.65 -24.09
CA PRO D 281 -4.25 -35.74 -22.64
C PRO D 281 -4.92 -34.51 -22.01
N ILE D 282 -4.47 -33.31 -22.40
CA ILE D 282 -4.99 -32.08 -21.79
C ILE D 282 -6.48 -31.92 -22.07
N ALA D 283 -6.88 -32.24 -23.30
CA ALA D 283 -8.27 -32.14 -23.71
C ALA D 283 -9.15 -33.07 -22.88
N ALA D 284 -8.63 -34.27 -22.62
CA ALA D 284 -9.33 -35.25 -21.80
C ALA D 284 -9.49 -34.74 -20.37
N GLU D 285 -8.40 -34.19 -19.82
CA GLU D 285 -8.45 -33.62 -18.47
C GLU D 285 -9.51 -32.52 -18.36
N ILE D 286 -9.60 -31.70 -19.40
CA ILE D 286 -10.60 -30.64 -19.44
C ILE D 286 -12.01 -31.21 -19.55
N GLU D 287 -12.18 -32.26 -20.35
CA GLU D 287 -13.46 -32.95 -20.45
C GLU D 287 -13.93 -33.42 -19.07
N HIS D 288 -13.04 -34.11 -18.36
CA HIS D 288 -13.33 -34.58 -17.01
C HIS D 288 -13.70 -33.43 -16.09
N PHE D 289 -12.91 -32.37 -16.15
CA PHE D 289 -13.17 -31.14 -15.40
C PHE D 289 -14.59 -30.64 -15.62
N ILE D 290 -14.99 -30.57 -16.89
CA ILE D 290 -16.34 -30.19 -17.27
C ILE D 290 -17.36 -31.12 -16.62
N HIS D 291 -17.09 -32.42 -16.64
CA HIS D 291 -17.98 -33.37 -16.00
C HIS D 291 -18.18 -33.04 -14.53
N ILE D 292 -17.10 -32.70 -13.83
CA ILE D 292 -17.22 -32.27 -12.44
C ILE D 292 -18.14 -31.05 -12.31
N ILE D 293 -17.79 -29.98 -13.04
CA ILE D 293 -18.51 -28.72 -12.95
C ILE D 293 -20.00 -28.87 -13.21
N THR D 294 -20.34 -29.50 -14.33
CA THR D 294 -21.74 -29.74 -14.67
C THR D 294 -22.39 -30.67 -13.64
N GLY D 295 -21.59 -31.54 -13.03
CA GLY D 295 -22.10 -32.42 -11.99
C GLY D 295 -22.67 -31.63 -10.82
N VAL D 296 -21.85 -30.76 -10.24
CA VAL D 296 -22.34 -29.97 -9.11
C VAL D 296 -23.40 -28.96 -9.58
N ALA D 297 -23.32 -28.57 -10.84
CA ALA D 297 -24.29 -27.66 -11.43
C ALA D 297 -25.70 -28.22 -11.40
N VAL D 298 -25.84 -29.44 -11.91
CA VAL D 298 -27.15 -30.06 -11.96
C VAL D 298 -27.58 -30.55 -10.58
N PHE D 299 -26.62 -30.87 -9.72
CA PHE D 299 -26.99 -31.26 -8.36
C PHE D 299 -27.63 -30.08 -7.63
N LEU D 300 -26.94 -28.94 -7.65
CA LEU D 300 -27.48 -27.73 -7.04
C LEU D 300 -28.80 -27.33 -7.69
N GLY D 301 -28.81 -27.31 -9.01
CA GLY D 301 -29.98 -26.90 -9.76
C GLY D 301 -31.21 -27.73 -9.47
N VAL D 302 -31.04 -29.05 -9.48
CA VAL D 302 -32.14 -29.97 -9.22
C VAL D 302 -32.59 -29.91 -7.76
N SER D 303 -31.63 -30.06 -6.85
CA SER D 303 -31.94 -30.07 -5.42
C SER D 303 -32.67 -28.80 -5.01
N PHE D 304 -32.22 -27.66 -5.56
CA PHE D 304 -32.86 -26.39 -5.26
C PHE D 304 -34.15 -26.18 -6.05
N PHE D 305 -34.32 -26.92 -7.14
CA PHE D 305 -35.59 -26.90 -7.86
C PHE D 305 -36.66 -27.54 -7.00
N ILE D 306 -36.34 -28.74 -6.52
CA ILE D 306 -37.17 -29.45 -5.56
C ILE D 306 -37.46 -28.56 -4.36
N LEU D 307 -36.40 -28.04 -3.76
CA LEU D 307 -36.52 -27.18 -2.58
C LEU D 307 -37.45 -25.98 -2.83
N SER D 308 -37.31 -25.36 -3.99
CA SER D 308 -38.13 -24.19 -4.33
C SER D 308 -39.60 -24.56 -4.47
N LEU D 309 -39.87 -25.70 -5.11
CA LEU D 309 -41.25 -26.17 -5.20
C LEU D 309 -41.82 -26.53 -3.83
N ILE D 310 -40.95 -26.99 -2.94
CA ILE D 310 -41.35 -27.42 -1.60
C ILE D 310 -41.90 -26.26 -0.78
N LEU D 311 -41.58 -25.03 -1.17
CA LEU D 311 -42.00 -23.90 -0.36
C LEU D 311 -43.26 -23.22 -0.91
N GLU D 312 -43.08 -22.39 -1.93
CA GLU D 312 -44.19 -21.71 -2.57
C GLU D 312 -44.11 -21.77 -4.09
N TYR D 313 -43.01 -21.22 -4.61
CA TYR D 313 -42.92 -20.74 -5.98
C TYR D 313 -43.45 -21.71 -7.04
N THR D 314 -44.19 -21.14 -7.99
CA THR D 314 -44.81 -21.92 -9.06
C THR D 314 -43.74 -22.50 -9.98
N TRP D 315 -44.12 -23.52 -10.74
CA TRP D 315 -43.22 -24.22 -11.65
C TRP D 315 -42.44 -23.25 -12.54
N LEU D 316 -43.08 -22.13 -12.87
CA LEU D 316 -42.45 -21.03 -13.59
C LEU D 316 -41.19 -20.57 -12.88
N GLU D 317 -41.39 -20.02 -11.68
CA GLU D 317 -40.29 -19.52 -10.86
C GLU D 317 -39.25 -20.59 -10.58
N ALA D 318 -39.72 -21.79 -10.25
CA ALA D 318 -38.82 -22.90 -9.92
C ALA D 318 -37.91 -23.23 -11.10
N VAL D 319 -38.48 -23.22 -12.30
CA VAL D 319 -37.72 -23.48 -13.52
C VAL D 319 -36.69 -22.38 -13.76
N ILE D 320 -37.13 -21.13 -13.62
CA ILE D 320 -36.24 -19.98 -13.76
C ILE D 320 -35.06 -20.08 -12.79
N PHE D 321 -35.34 -20.57 -11.58
CA PHE D 321 -34.34 -20.75 -10.54
C PHE D 321 -33.37 -21.88 -10.91
N LEU D 322 -33.91 -22.95 -11.47
CA LEU D 322 -33.11 -24.08 -11.92
C LEU D 322 -32.10 -23.64 -12.97
N ILE D 323 -32.62 -23.05 -14.06
CA ILE D 323 -31.77 -22.52 -15.11
C ILE D 323 -30.77 -21.53 -14.54
N GLY D 324 -31.24 -20.69 -13.61
CA GLY D 324 -30.42 -19.68 -12.99
C GLY D 324 -29.20 -20.23 -12.28
N ILE D 325 -29.42 -21.21 -11.41
CA ILE D 325 -28.35 -21.82 -10.64
C ILE D 325 -27.40 -22.59 -11.55
N ILE D 326 -27.96 -23.42 -12.43
CA ILE D 326 -27.14 -24.22 -13.32
C ILE D 326 -26.22 -23.33 -14.16
N VAL D 327 -26.78 -22.32 -14.81
CA VAL D 327 -25.99 -21.38 -15.59
C VAL D 327 -24.97 -20.66 -14.70
N ALA D 328 -25.39 -20.31 -13.49
CA ALA D 328 -24.52 -19.60 -12.55
C ALA D 328 -23.28 -20.39 -12.22
N ASN D 329 -23.39 -21.72 -12.24
CA ASN D 329 -22.24 -22.55 -11.92
C ASN D 329 -21.21 -22.60 -13.04
N VAL D 330 -21.52 -22.00 -14.19
CA VAL D 330 -20.64 -22.06 -15.35
C VAL D 330 -19.60 -20.93 -15.36
N PRO D 331 -18.31 -21.30 -15.44
CA PRO D 331 -17.15 -20.40 -15.47
C PRO D 331 -16.87 -19.75 -16.83
N GLU D 332 -17.56 -18.64 -17.12
CA GLU D 332 -17.40 -17.92 -18.38
C GLU D 332 -15.95 -17.56 -18.70
N GLY D 333 -15.28 -16.90 -17.76
CA GLY D 333 -13.96 -16.36 -17.99
C GLY D 333 -12.86 -17.41 -18.07
N LEU D 334 -13.15 -18.60 -17.57
CA LEU D 334 -12.14 -19.65 -17.51
C LEU D 334 -11.73 -20.11 -18.91
N LEU D 335 -12.64 -19.98 -19.87
CA LEU D 335 -12.33 -20.28 -21.24
C LEU D 335 -11.18 -19.38 -21.71
N ALA D 336 -11.39 -18.08 -21.54
CA ALA D 336 -10.41 -17.07 -21.90
C ALA D 336 -9.08 -17.33 -21.21
N THR D 337 -9.13 -17.45 -19.89
CA THR D 337 -7.90 -17.61 -19.12
C THR D 337 -7.12 -18.86 -19.50
N VAL D 338 -7.82 -19.97 -19.72
CA VAL D 338 -7.16 -21.21 -20.13
C VAL D 338 -6.52 -21.05 -21.50
N THR D 339 -7.30 -20.55 -22.46
CA THR D 339 -6.79 -20.36 -23.81
C THR D 339 -5.55 -19.47 -23.83
N VAL D 340 -5.63 -18.35 -23.11
CA VAL D 340 -4.53 -17.42 -23.00
C VAL D 340 -3.32 -18.10 -22.37
N CYS D 341 -3.56 -18.89 -21.33
CA CYS D 341 -2.50 -19.62 -20.64
C CYS D 341 -1.70 -20.47 -21.64
N LEU D 342 -2.42 -21.35 -22.32
CA LEU D 342 -1.80 -22.24 -23.31
C LEU D 342 -1.07 -21.44 -24.37
N THR D 343 -1.70 -20.34 -24.79
CA THR D 343 -1.13 -19.47 -25.82
C THR D 343 0.21 -18.89 -25.37
N LEU D 344 0.30 -18.46 -24.11
CA LEU D 344 1.53 -17.91 -23.56
C LEU D 344 2.66 -18.94 -23.59
N THR D 345 2.36 -20.11 -23.04
CA THR D 345 3.38 -21.17 -23.04
C THR D 345 3.85 -21.46 -24.46
N ALA D 346 2.90 -21.57 -25.38
CA ALA D 346 3.20 -21.78 -26.80
C ALA D 346 4.06 -20.66 -27.39
N LYS D 347 3.85 -19.44 -26.90
CA LYS D 347 4.66 -18.29 -27.30
C LYS D 347 6.13 -18.51 -26.94
N ARG D 348 6.36 -18.89 -25.69
CA ARG D 348 7.74 -19.19 -25.27
C ARG D 348 8.35 -20.32 -26.13
N MET D 349 7.55 -21.36 -26.35
CA MET D 349 7.94 -22.46 -27.23
C MET D 349 8.43 -21.93 -28.58
N ALA D 350 7.67 -21.01 -29.17
CA ALA D 350 8.02 -20.41 -30.46
C ALA D 350 9.29 -19.57 -30.35
N ARG D 351 9.49 -18.94 -29.19
CA ARG D 351 10.70 -18.16 -28.95
C ARG D 351 11.93 -19.05 -29.01
N LYS D 352 11.78 -20.29 -28.57
CA LYS D 352 12.90 -21.23 -28.54
C LYS D 352 13.07 -21.98 -29.87
N ASN D 353 12.31 -21.57 -30.89
CA ASN D 353 12.29 -22.22 -32.20
C ASN D 353 11.70 -23.61 -32.13
N CYS D 354 10.88 -23.83 -31.13
CA CYS D 354 10.08 -25.03 -31.08
C CYS D 354 8.66 -24.63 -31.48
N LEU D 355 8.26 -25.03 -32.68
CA LEU D 355 6.98 -24.58 -33.22
C LEU D 355 5.91 -25.66 -33.03
N VAL D 356 4.72 -25.26 -32.63
CA VAL D 356 3.65 -26.22 -32.43
C VAL D 356 2.51 -25.96 -33.40
N LYS D 357 2.26 -26.94 -34.28
CA LYS D 357 1.20 -26.86 -35.28
C LYS D 357 -0.16 -26.60 -34.63
N ASN D 358 -0.45 -27.36 -33.58
CA ASN D 358 -1.72 -27.28 -32.86
C ASN D 358 -1.54 -26.64 -31.49
N LEU D 359 -2.54 -25.88 -31.03
CA LEU D 359 -2.40 -25.07 -29.82
C LEU D 359 -2.36 -25.89 -28.54
N GLU D 360 -3.13 -26.98 -28.47
CA GLU D 360 -3.24 -27.78 -27.26
C GLU D 360 -2.13 -28.83 -27.15
N ALA D 361 -1.29 -28.91 -28.17
CA ALA D 361 -0.21 -29.90 -28.21
C ALA D 361 0.98 -29.42 -27.39
N VAL D 362 0.85 -28.22 -26.81
CA VAL D 362 1.94 -27.65 -26.04
C VAL D 362 2.12 -28.38 -24.73
N GLU D 363 1.04 -28.97 -24.23
CA GLU D 363 1.06 -29.64 -22.94
C GLU D 363 1.60 -31.06 -23.01
N THR D 364 1.32 -31.74 -24.13
CA THR D 364 1.42 -33.20 -24.22
C THR D 364 2.73 -33.79 -23.69
N LEU D 365 3.86 -33.12 -23.95
CA LEU D 365 5.16 -33.61 -23.49
C LEU D 365 5.18 -33.84 -21.98
N GLY D 366 4.58 -32.92 -21.23
CA GLY D 366 4.51 -33.03 -19.79
C GLY D 366 3.76 -34.27 -19.30
N SER D 367 2.87 -34.79 -20.14
CA SER D 367 2.09 -35.97 -19.77
C SER D 367 2.67 -37.27 -20.32
N THR D 368 3.82 -37.17 -20.99
CA THR D 368 4.40 -38.32 -21.71
C THR D 368 5.26 -39.23 -20.83
N SER D 369 4.88 -40.50 -20.74
CA SER D 369 5.67 -41.50 -20.02
C SER D 369 6.57 -42.35 -20.91
N THR D 370 6.43 -42.21 -22.23
CA THR D 370 7.24 -42.98 -23.17
C THR D 370 7.64 -42.19 -24.42
N ILE D 371 8.93 -42.17 -24.73
CA ILE D 371 9.42 -41.52 -25.93
C ILE D 371 9.99 -42.53 -26.91
N CYS D 372 9.32 -42.70 -28.04
CA CYS D 372 9.85 -43.49 -29.14
C CYS D 372 10.60 -42.59 -30.12
N SER D 373 11.90 -42.85 -30.26
CA SER D 373 12.74 -41.97 -31.06
C SER D 373 13.37 -42.68 -32.25
N PHD D 374 13.52 -41.97 -33.35
CA PHD D 374 14.20 -42.49 -34.50
C PHD D 374 15.65 -42.29 -34.28
O PHD D 374 16.05 -41.40 -33.48
CB PHD D 374 13.77 -41.73 -35.70
CG PHD D 374 14.34 -42.17 -37.00
OD1 PHD D 374 14.29 -43.50 -37.35
OD2 PHD D 374 15.08 -41.42 -37.60
P PHD D 374 15.25 -44.03 -38.46
OP1 PHD D 374 16.67 -43.86 -37.97
OP2 PHD D 374 14.94 -45.48 -38.75
OP3 PHD D 374 15.03 -43.22 -39.72
N LYS D 375 16.48 -43.07 -34.97
CA LYS D 375 17.92 -43.01 -34.79
C LYS D 375 18.58 -41.98 -35.70
N THR D 376 18.59 -42.28 -36.99
CA THR D 376 19.25 -41.43 -37.98
C THR D 376 18.48 -40.13 -38.21
N GLY D 377 19.21 -39.01 -38.16
CA GLY D 377 18.61 -37.71 -38.45
C GLY D 377 17.81 -37.14 -37.31
N THR D 378 17.53 -37.98 -36.32
CA THR D 378 16.81 -37.56 -35.12
C THR D 378 17.75 -37.59 -33.93
N LEU D 379 18.11 -38.80 -33.51
CA LEU D 379 19.09 -38.99 -32.46
C LEU D 379 20.48 -38.67 -32.99
N THR D 380 20.72 -38.93 -34.27
CA THR D 380 22.04 -38.70 -34.85
C THR D 380 22.01 -37.60 -35.89
N GLN D 381 23.18 -37.28 -36.45
CA GLN D 381 23.30 -36.20 -37.42
C GLN D 381 23.11 -36.67 -38.86
N ASN D 382 23.11 -37.98 -39.06
CA ASN D 382 22.97 -38.59 -40.38
C ASN D 382 24.03 -38.08 -41.37
N ARG D 383 25.22 -37.80 -40.84
CA ARG D 383 26.35 -37.36 -41.66
C ARG D 383 27.61 -38.12 -41.25
N MET D 384 28.20 -38.84 -42.20
CA MET D 384 29.41 -39.61 -41.95
C MET D 384 30.52 -38.70 -41.46
N THR D 385 31.09 -39.02 -40.31
CA THR D 385 32.08 -38.14 -39.71
C THR D 385 33.20 -38.92 -39.03
N VAL D 386 34.42 -38.41 -39.17
CA VAL D 386 35.58 -39.00 -38.53
C VAL D 386 35.41 -39.05 -37.01
N ALA D 387 35.59 -40.23 -36.44
CA ALA D 387 35.40 -40.46 -35.01
C ALA D 387 36.71 -40.66 -34.28
N HIS D 388 37.41 -41.75 -34.60
CA HIS D 388 38.67 -42.08 -33.94
C HIS D 388 39.80 -42.31 -34.92
N MET D 389 41.02 -42.03 -34.48
CA MET D 389 42.20 -42.18 -35.31
C MET D 389 43.28 -43.01 -34.61
N TRP D 390 44.09 -43.70 -35.40
CA TRP D 390 45.12 -44.59 -34.88
C TRP D 390 46.51 -43.99 -35.11
N SER D 391 47.16 -43.58 -34.03
CA SER D 391 48.50 -43.01 -34.11
C SER D 391 49.38 -43.52 -32.97
N ASP D 392 50.55 -44.05 -33.33
CA ASP D 392 51.52 -44.58 -32.38
C ASP D 392 50.90 -45.67 -31.49
N ASN D 393 50.14 -46.56 -32.11
CA ASN D 393 49.39 -47.62 -31.41
C ASN D 393 48.57 -47.05 -30.28
N GLN D 394 47.83 -45.99 -30.58
CA GLN D 394 46.98 -45.33 -29.60
C GLN D 394 45.76 -44.74 -30.29
N ILE D 395 44.60 -44.81 -29.62
CA ILE D 395 43.36 -44.31 -30.20
C ILE D 395 43.08 -42.88 -29.73
N HIS D 396 43.01 -41.96 -30.68
CA HIS D 396 42.66 -40.58 -30.35
C HIS D 396 41.30 -40.23 -30.93
N GLU D 397 40.35 -39.87 -30.06
CA GLU D 397 39.02 -39.53 -30.52
C GLU D 397 38.98 -38.09 -31.01
N ALA D 398 38.36 -37.89 -32.17
CA ALA D 398 38.22 -36.56 -32.74
C ALA D 398 36.99 -35.88 -32.20
N ASP D 399 36.72 -34.67 -32.66
CA ASP D 399 35.53 -33.96 -32.23
C ASP D 399 34.40 -34.23 -33.23
N THR D 400 33.39 -34.95 -32.77
CA THR D 400 32.32 -35.43 -33.64
C THR D 400 31.09 -34.52 -33.63
N THR D 401 31.15 -33.43 -32.86
CA THR D 401 29.99 -32.56 -32.70
C THR D 401 29.82 -31.59 -33.85
N GLU D 402 28.56 -31.25 -34.12
CA GLU D 402 28.18 -30.34 -35.19
C GLU D 402 28.79 -28.94 -35.03
N ASN D 403 28.84 -28.46 -33.79
CA ASN D 403 29.32 -27.12 -33.48
C ASN D 403 30.79 -27.07 -33.04
N GLN D 404 31.44 -28.22 -33.04
CA GLN D 404 32.82 -28.37 -32.55
C GLN D 404 32.96 -27.92 -31.10
N SER D 405 32.11 -28.46 -30.23
CA SER D 405 32.13 -28.12 -28.81
C SER D 405 32.97 -29.10 -27.99
N GLY D 406 33.59 -30.06 -28.68
CA GLY D 406 34.33 -31.11 -28.00
C GLY D 406 35.80 -30.82 -27.79
N VAL D 407 36.58 -31.88 -27.57
CA VAL D 407 38.00 -31.76 -27.27
C VAL D 407 38.85 -32.13 -28.49
N SER D 408 39.77 -31.26 -28.87
CA SER D 408 40.68 -31.55 -29.96
C SER D 408 41.82 -32.45 -29.48
N PHE D 409 42.27 -33.35 -30.33
CA PHE D 409 43.39 -34.24 -30.01
C PHE D 409 44.72 -33.47 -30.02
N ASP D 410 45.82 -34.19 -29.79
CA ASP D 410 47.14 -33.57 -29.84
C ASP D 410 47.73 -33.74 -31.24
N LYS D 411 47.83 -32.63 -31.96
CA LYS D 411 48.25 -32.63 -33.36
C LYS D 411 49.75 -32.31 -33.52
N THR D 412 50.44 -32.15 -32.40
CA THR D 412 51.86 -31.81 -32.41
C THR D 412 52.71 -32.93 -33.01
N SER D 413 52.29 -34.18 -32.81
CA SER D 413 53.04 -35.33 -33.32
C SER D 413 53.14 -35.31 -34.85
N ALA D 414 54.27 -35.78 -35.37
CA ALA D 414 54.51 -35.78 -36.81
C ALA D 414 53.75 -36.90 -37.50
N THR D 415 53.46 -37.97 -36.77
CA THR D 415 52.71 -39.10 -37.29
C THR D 415 51.33 -38.64 -37.77
N TRP D 416 50.69 -37.80 -36.96
CA TRP D 416 49.41 -37.19 -37.33
C TRP D 416 49.56 -36.33 -38.57
N LEU D 417 50.69 -35.65 -38.71
CA LEU D 417 50.93 -34.79 -39.87
C LEU D 417 50.96 -35.64 -41.14
N ALA D 418 51.77 -36.70 -41.11
CA ALA D 418 51.88 -37.63 -42.22
C ALA D 418 50.52 -38.23 -42.57
N LEU D 419 49.83 -38.75 -41.56
CA LEU D 419 48.50 -39.34 -41.74
C LEU D 419 47.51 -38.36 -42.37
N SER D 420 47.47 -37.14 -41.84
CA SER D 420 46.57 -36.10 -42.32
C SER D 420 46.86 -35.72 -43.77
N ARG D 421 48.13 -35.70 -44.13
CA ARG D 421 48.52 -35.42 -45.51
C ARG D 421 48.10 -36.58 -46.43
N ILE D 422 48.19 -37.81 -45.92
CA ILE D 422 47.72 -38.98 -46.67
C ILE D 422 46.23 -38.91 -46.96
N ALA D 423 45.45 -38.67 -45.91
CA ALA D 423 44.00 -38.61 -46.03
C ALA D 423 43.55 -37.43 -46.89
N GLY D 424 44.23 -36.29 -46.75
CA GLY D 424 43.87 -35.10 -47.50
C GLY D 424 44.23 -35.19 -48.96
N LEU D 425 45.38 -35.78 -49.26
CA LEU D 425 45.89 -35.83 -50.63
C LEU D 425 45.25 -36.90 -51.50
N CYS D 426 45.03 -38.10 -50.96
CA CYS D 426 44.32 -39.09 -51.75
C CYS D 426 42.84 -39.04 -51.43
N ASN D 427 42.10 -38.41 -52.34
CA ASN D 427 40.65 -38.35 -52.31
C ASN D 427 40.09 -37.90 -53.65
N ARG D 428 38.82 -38.17 -53.89
CA ARG D 428 38.11 -37.52 -54.98
C ARG D 428 37.31 -36.34 -54.42
N ALA D 429 37.44 -36.12 -53.11
CA ALA D 429 36.64 -35.14 -52.40
C ALA D 429 37.18 -33.72 -52.51
N VAL D 430 36.31 -32.81 -52.94
CA VAL D 430 36.64 -31.39 -53.00
C VAL D 430 35.42 -30.56 -52.63
N PHE D 431 35.64 -29.42 -51.99
CA PHE D 431 34.55 -28.51 -51.67
C PHE D 431 33.95 -27.92 -52.93
N GLN D 432 32.64 -27.70 -52.93
CA GLN D 432 31.98 -27.14 -54.09
C GLN D 432 32.15 -25.62 -54.15
N ALA D 433 31.58 -25.02 -55.19
CA ALA D 433 31.81 -23.61 -55.52
C ALA D 433 31.43 -22.63 -54.42
N ASN D 434 30.22 -22.74 -53.91
CA ASN D 434 29.66 -21.73 -53.03
C ASN D 434 29.90 -21.98 -51.53
N GLN D 435 30.66 -23.01 -51.19
CA GLN D 435 30.95 -23.21 -49.78
C GLN D 435 32.26 -22.52 -49.41
N GLU D 436 32.13 -21.37 -48.76
CA GLU D 436 33.24 -20.66 -48.14
C GLU D 436 32.80 -20.20 -46.75
N ASN D 437 31.83 -19.27 -46.75
CA ASN D 437 31.30 -18.65 -45.55
C ASN D 437 30.63 -19.64 -44.61
N LEU D 438 30.10 -20.72 -45.18
CA LEU D 438 29.47 -21.79 -44.40
C LEU D 438 30.46 -22.42 -43.43
N PRO D 439 29.96 -22.95 -42.31
CA PRO D 439 30.80 -23.75 -41.41
C PRO D 439 31.31 -25.00 -42.13
N ILE D 440 32.56 -25.40 -41.84
CA ILE D 440 33.23 -26.48 -42.57
C ILE D 440 32.47 -27.80 -42.53
N LEU D 441 31.67 -28.02 -41.49
CA LEU D 441 30.94 -29.26 -41.34
C LEU D 441 29.64 -29.27 -42.15
N LYS D 442 28.71 -28.38 -41.81
CA LYS D 442 27.40 -28.33 -42.45
C LYS D 442 27.46 -27.95 -43.94
N ARG D 443 28.63 -27.53 -44.41
CA ARG D 443 28.80 -27.16 -45.81
C ARG D 443 28.83 -28.40 -46.71
N ALA D 444 28.39 -28.22 -47.97
CA ALA D 444 28.27 -29.35 -48.90
C ALA D 444 29.61 -29.77 -49.52
N VAL D 445 29.70 -31.03 -49.90
CA VAL D 445 30.92 -31.59 -50.49
C VAL D 445 30.59 -32.59 -51.60
N ALA D 446 31.31 -32.50 -52.71
CA ALA D 446 31.14 -33.46 -53.81
C ALA D 446 32.13 -34.61 -53.67
N GLY D 447 31.61 -35.81 -53.43
CA GLY D 447 32.46 -36.97 -53.27
C GLY D 447 31.79 -38.11 -52.54
N ASP D 448 32.58 -39.08 -52.09
CA ASP D 448 32.06 -40.23 -51.36
C ASP D 448 31.67 -39.85 -49.94
N ALA D 449 31.09 -40.80 -49.21
CA ALA D 449 30.81 -40.63 -47.78
C ALA D 449 32.11 -40.43 -47.00
N SER D 450 32.92 -41.49 -46.99
CA SER D 450 34.20 -41.50 -46.27
C SER D 450 35.11 -40.36 -46.72
N GLU D 451 35.15 -40.12 -48.02
CA GLU D 451 35.96 -39.06 -48.57
C GLU D 451 35.49 -37.68 -48.11
N SER D 452 34.17 -37.51 -47.99
CA SER D 452 33.61 -36.27 -47.46
C SER D 452 34.04 -36.08 -46.01
N ALA D 453 33.84 -37.12 -45.20
CA ALA D 453 34.22 -37.08 -43.79
C ALA D 453 35.70 -36.71 -43.60
N LEU D 454 36.57 -37.43 -44.31
CA LEU D 454 38.01 -37.20 -44.26
C LEU D 454 38.37 -35.79 -44.70
N LEU D 455 37.79 -35.35 -45.82
CA LEU D 455 38.04 -34.01 -46.35
C LEU D 455 37.71 -32.94 -45.32
N LYS D 456 36.51 -33.01 -44.75
CA LYS D 456 36.09 -32.07 -43.73
C LYS D 456 37.01 -32.10 -42.50
N CYS D 457 37.41 -33.31 -42.11
CA CYS D 457 38.29 -33.49 -40.96
C CYS D 457 39.64 -32.80 -41.15
N ILE D 458 40.27 -33.05 -42.29
CA ILE D 458 41.58 -32.48 -42.58
C ILE D 458 41.49 -30.96 -42.76
N GLU D 459 40.45 -30.51 -43.46
CA GLU D 459 40.22 -29.06 -43.63
C GLU D 459 40.02 -28.39 -42.28
N LEU D 460 39.50 -29.15 -41.32
CA LEU D 460 39.26 -28.63 -39.98
C LEU D 460 40.54 -28.57 -39.14
N CYS D 461 41.08 -29.75 -38.82
CA CYS D 461 42.17 -29.86 -37.85
C CYS D 461 43.53 -29.38 -38.37
N CYS D 462 43.89 -29.81 -39.58
CA CYS D 462 45.23 -29.59 -40.09
C CYS D 462 45.37 -28.32 -40.94
N GLY D 463 44.29 -27.56 -41.08
CA GLY D 463 44.28 -26.39 -41.94
C GLY D 463 43.67 -26.71 -43.30
N SER D 464 43.86 -25.83 -44.27
CA SER D 464 43.22 -26.00 -45.59
C SER D 464 43.84 -27.15 -46.40
N VAL D 465 42.99 -27.88 -47.12
CA VAL D 465 43.42 -28.96 -48.00
C VAL D 465 43.56 -28.44 -49.44
N LYS D 466 43.34 -27.14 -49.63
CA LYS D 466 43.41 -26.57 -50.97
C LYS D 466 44.86 -26.47 -51.43
N GLU D 467 45.61 -25.57 -50.80
CA GLU D 467 47.02 -25.40 -51.10
C GLU D 467 47.79 -26.65 -50.70
N MET D 468 47.20 -27.45 -49.82
CA MET D 468 47.83 -28.68 -49.35
C MET D 468 47.72 -29.79 -50.39
N ARG D 469 46.58 -29.91 -51.04
CA ARG D 469 46.40 -30.93 -52.09
C ARG D 469 47.04 -30.49 -53.40
N GLU D 470 47.08 -29.18 -53.65
CA GLU D 470 47.74 -28.69 -54.86
C GLU D 470 49.25 -28.47 -54.62
N ARG D 471 49.69 -28.63 -53.39
CA ARG D 471 51.11 -28.61 -53.05
C ARG D 471 51.82 -29.77 -53.73
N TYR D 472 51.30 -30.96 -53.49
CA TYR D 472 51.77 -32.18 -54.12
C TYR D 472 51.02 -32.36 -55.43
N THR D 473 51.73 -32.60 -56.53
CA THR D 473 51.06 -32.76 -57.82
C THR D 473 50.83 -34.24 -58.13
N LYS D 474 49.57 -34.61 -58.29
CA LYS D 474 49.19 -35.99 -58.56
C LYS D 474 49.61 -36.41 -59.97
N ILE D 475 50.33 -37.52 -60.07
CA ILE D 475 50.83 -38.00 -61.35
C ILE D 475 49.88 -39.03 -61.96
N VAL D 476 49.81 -40.22 -61.39
CA VAL D 476 48.86 -41.24 -61.82
C VAL D 476 48.21 -41.91 -60.60
N GLU D 477 46.88 -41.99 -60.62
CA GLU D 477 46.13 -42.53 -59.50
C GLU D 477 45.32 -43.77 -59.88
N ILE D 478 45.15 -44.68 -58.92
CA ILE D 478 44.26 -45.82 -59.11
C ILE D 478 43.02 -45.64 -58.23
N PRO D 479 41.88 -45.34 -58.87
CA PRO D 479 40.59 -45.23 -58.17
C PRO D 479 40.20 -46.58 -57.56
N PHE D 480 39.24 -46.60 -56.64
CA PHE D 480 38.89 -47.83 -55.94
C PHE D 480 38.55 -48.94 -56.92
N ASN D 481 39.25 -50.07 -56.79
CA ASN D 481 39.08 -51.21 -57.68
C ASN D 481 37.79 -51.96 -57.34
N SER D 482 37.18 -52.58 -58.34
CA SER D 482 35.98 -53.39 -58.12
C SER D 482 36.25 -54.52 -57.12
N THR D 483 37.50 -55.01 -57.14
CA THR D 483 37.95 -56.01 -56.18
C THR D 483 39.15 -55.48 -55.38
N ASN D 484 39.18 -55.82 -54.09
CA ASN D 484 40.22 -55.42 -53.12
C ASN D 484 40.11 -53.96 -52.69
N LYS D 485 39.39 -53.17 -53.47
CA LYS D 485 39.07 -51.77 -53.18
C LYS D 485 40.25 -50.97 -52.62
N TYR D 486 41.44 -51.13 -53.19
CA TYR D 486 42.55 -50.31 -52.76
C TYR D 486 42.65 -49.08 -53.67
N GLN D 487 42.89 -47.92 -53.06
CA GLN D 487 42.98 -46.67 -53.82
C GLN D 487 44.32 -45.99 -53.56
N LEU D 488 45.15 -45.90 -54.59
CA LEU D 488 46.47 -45.31 -54.45
C LEU D 488 46.70 -44.17 -55.45
N SER D 489 47.61 -43.28 -55.08
CA SER D 489 48.02 -42.17 -55.95
C SER D 489 49.46 -41.78 -55.59
N ILE D 490 50.16 -41.18 -56.55
CA ILE D 490 51.55 -40.79 -56.34
C ILE D 490 51.79 -39.32 -56.71
N HIS D 491 52.48 -38.61 -55.83
CA HIS D 491 52.71 -37.17 -55.98
C HIS D 491 54.20 -36.86 -55.87
N LYS D 492 54.58 -35.64 -56.26
CA LYS D 492 55.97 -35.20 -56.14
C LYS D 492 56.25 -34.68 -54.72
N ASN D 493 57.49 -34.24 -54.48
CA ASN D 493 57.89 -33.82 -53.12
C ASN D 493 57.99 -32.31 -52.93
N PRO D 494 57.15 -31.76 -52.04
CA PRO D 494 57.16 -30.35 -51.63
C PRO D 494 58.32 -30.00 -50.70
N ASN D 495 58.80 -30.97 -49.93
CA ASN D 495 59.86 -30.72 -48.94
C ASN D 495 61.18 -30.33 -49.57
N THR D 496 61.97 -29.55 -48.83
CA THR D 496 63.22 -28.99 -49.34
C THR D 496 64.42 -29.90 -49.11
N ALA D 497 64.23 -30.94 -48.30
CA ALA D 497 65.30 -31.86 -47.96
C ALA D 497 65.38 -33.02 -48.95
N GLU D 498 64.31 -33.80 -49.01
CA GLU D 498 64.26 -35.03 -49.79
C GLU D 498 63.42 -34.90 -51.06
N PRO D 499 64.06 -34.90 -52.24
CA PRO D 499 63.21 -34.85 -53.43
C PRO D 499 62.75 -36.22 -53.92
N ARG D 500 62.22 -37.02 -52.99
CA ARG D 500 61.66 -38.34 -53.31
C ARG D 500 60.21 -38.25 -53.79
N HIS D 501 59.77 -39.18 -54.64
CA HIS D 501 58.36 -39.23 -54.98
C HIS D 501 57.59 -39.84 -53.81
N LEU D 502 56.44 -39.26 -53.48
CA LEU D 502 55.63 -39.77 -52.38
C LEU D 502 54.46 -40.61 -52.89
N LEU D 503 54.30 -41.80 -52.33
CA LEU D 503 53.19 -42.69 -52.71
C LEU D 503 52.21 -42.87 -51.55
N VAL D 504 50.91 -42.75 -51.83
CA VAL D 504 49.89 -42.91 -50.80
C VAL D 504 48.78 -43.87 -51.21
N MET D 505 48.28 -44.66 -50.26
CA MET D 505 47.18 -45.60 -50.52
C MET D 505 46.28 -45.79 -49.31
N LYS D 506 44.98 -45.87 -49.56
CA LYS D 506 44.01 -46.20 -48.52
C LYS D 506 43.17 -47.40 -48.94
N GLY D 507 42.72 -48.19 -47.97
CA GLY D 507 41.88 -49.34 -48.25
C GLY D 507 41.53 -50.15 -47.02
N ALA D 508 40.70 -51.19 -47.19
CA ALA D 508 40.27 -52.04 -46.10
C ALA D 508 41.45 -52.60 -45.31
N PRO D 509 41.37 -52.53 -43.97
CA PRO D 509 42.45 -52.87 -43.03
C PRO D 509 43.13 -54.22 -43.29
N GLU D 510 42.38 -55.24 -43.68
CA GLU D 510 42.94 -56.58 -43.87
C GLU D 510 43.75 -56.71 -45.16
N ARG D 511 43.26 -56.11 -46.24
CA ARG D 511 43.95 -56.13 -47.52
C ARG D 511 45.22 -55.26 -47.49
N ILE D 512 45.12 -54.10 -46.87
CA ILE D 512 46.27 -53.21 -46.71
C ILE D 512 47.26 -53.81 -45.71
N LEU D 513 46.76 -54.57 -44.74
CA LEU D 513 47.63 -55.36 -43.85
C LEU D 513 48.37 -56.42 -44.66
N ASP D 514 47.69 -56.97 -45.65
CA ASP D 514 48.30 -57.94 -46.56
C ASP D 514 49.40 -57.29 -47.40
N ARG D 515 49.20 -56.03 -47.78
CA ARG D 515 50.17 -55.34 -48.63
C ARG D 515 51.20 -54.44 -47.92
N CYS D 516 51.16 -54.37 -46.59
CA CYS D 516 52.08 -53.47 -45.87
C CYS D 516 53.09 -54.22 -45.00
N SER D 517 54.25 -53.59 -44.79
CA SER D 517 55.28 -54.21 -43.96
C SER D 517 55.78 -53.24 -42.89
N SER D 518 56.39 -52.14 -43.33
CA SER D 518 56.92 -51.15 -42.40
C SER D 518 55.82 -50.42 -41.65
N ILE D 519 56.12 -50.03 -40.41
CA ILE D 519 55.21 -49.23 -39.60
C ILE D 519 55.96 -47.98 -39.12
N LEU D 520 55.23 -46.87 -38.99
CA LEU D 520 55.83 -45.59 -38.61
C LEU D 520 55.45 -45.18 -37.19
N ILE D 521 56.43 -44.73 -36.40
CA ILE D 521 56.17 -44.22 -35.05
C ILE D 521 56.97 -42.96 -34.75
N HIS D 522 56.25 -41.90 -34.37
CA HIS D 522 56.86 -40.64 -33.91
C HIS D 522 57.84 -40.02 -34.91
N GLY D 523 57.65 -40.32 -36.20
CA GLY D 523 58.50 -39.76 -37.23
C GLY D 523 59.62 -40.66 -37.72
N LYS D 524 59.73 -41.86 -37.15
CA LYS D 524 60.74 -42.81 -37.61
C LYS D 524 60.16 -44.21 -37.77
N GLU D 525 60.68 -44.95 -38.76
CA GLU D 525 60.06 -46.21 -39.18
C GLU D 525 60.46 -47.41 -38.34
N GLN D 526 60.02 -48.58 -38.79
CA GLN D 526 60.16 -49.86 -38.09
C GLN D 526 59.60 -50.96 -38.99
N PRO D 527 59.93 -52.23 -38.69
CA PRO D 527 59.21 -53.33 -39.33
C PRO D 527 58.00 -53.73 -38.48
N LEU D 528 57.21 -54.70 -38.94
CA LEU D 528 56.08 -55.15 -38.15
C LEU D 528 56.43 -56.37 -37.30
N ASP D 529 56.21 -56.25 -35.99
CA ASP D 529 56.28 -57.37 -35.06
C ASP D 529 54.86 -57.77 -34.63
N GLU D 530 54.63 -59.06 -34.48
CA GLU D 530 53.29 -59.60 -34.24
C GLU D 530 52.63 -59.06 -32.96
N GLU D 531 53.44 -58.58 -32.02
CA GLU D 531 52.94 -57.96 -30.79
C GLU D 531 52.09 -56.72 -31.10
N LEU D 532 52.71 -55.75 -31.77
CA LEU D 532 52.06 -54.50 -32.12
C LEU D 532 51.23 -54.65 -33.40
N LYS D 533 51.51 -55.70 -34.17
CA LYS D 533 50.71 -56.03 -35.35
C LYS D 533 49.31 -56.50 -34.90
N ASP D 534 49.28 -57.36 -33.87
CA ASP D 534 48.02 -57.81 -33.29
C ASP D 534 47.44 -56.78 -32.30
N ALA D 535 48.29 -55.84 -31.86
CA ALA D 535 47.78 -54.66 -31.17
C ALA D 535 46.95 -53.82 -32.15
N PHE D 536 47.47 -53.68 -33.37
CA PHE D 536 46.74 -53.07 -34.50
C PHE D 536 45.49 -53.85 -34.86
N GLN D 537 45.59 -55.18 -34.85
CA GLN D 537 44.47 -56.05 -35.18
C GLN D 537 43.32 -55.92 -34.18
N ASN D 538 43.66 -55.95 -32.89
CA ASN D 538 42.66 -55.83 -31.82
C ASN D 538 42.15 -54.39 -31.66
N ALA D 539 42.96 -53.42 -32.07
CA ALA D 539 42.53 -52.03 -32.12
C ALA D 539 41.52 -51.85 -33.25
N TYR D 540 41.78 -52.49 -34.38
CA TYR D 540 40.87 -52.50 -35.53
C TYR D 540 39.56 -53.21 -35.23
N LEU D 541 39.64 -54.31 -34.49
CA LEU D 541 38.45 -55.07 -34.11
C LEU D 541 37.66 -54.37 -33.00
N GLU D 542 38.36 -53.59 -32.18
CA GLU D 542 37.73 -52.82 -31.11
C GLU D 542 36.99 -51.62 -31.68
N LEU D 543 37.64 -50.86 -32.57
CA LEU D 543 37.00 -49.73 -33.24
C LEU D 543 35.88 -50.20 -34.18
N GLY D 544 36.08 -51.34 -34.82
CA GLY D 544 35.07 -51.92 -35.68
C GLY D 544 33.86 -52.39 -34.88
N GLY D 545 34.13 -52.93 -33.70
CA GLY D 545 33.06 -53.36 -32.81
C GLY D 545 32.32 -52.19 -32.18
N LEU D 546 32.94 -51.02 -32.20
CA LEU D 546 32.35 -49.81 -31.64
C LEU D 546 31.23 -49.27 -32.53
N GLY D 547 31.09 -49.86 -33.71
CA GLY D 547 30.06 -49.47 -34.66
C GLY D 547 30.60 -48.64 -35.81
N GLU D 548 31.81 -48.13 -35.64
CA GLU D 548 32.46 -47.28 -36.63
C GLU D 548 33.00 -48.08 -37.82
N ARG D 549 33.19 -47.40 -38.95
CA ARG D 549 33.78 -48.02 -40.13
C ARG D 549 35.23 -47.57 -40.27
N VAL D 550 36.15 -48.54 -40.37
CA VAL D 550 37.58 -48.27 -40.29
C VAL D 550 38.29 -48.37 -41.65
N LEU D 551 39.21 -47.44 -41.91
CA LEU D 551 39.99 -47.44 -43.14
C LEU D 551 41.49 -47.42 -42.88
N GLY D 552 42.20 -48.39 -43.46
CA GLY D 552 43.65 -48.44 -43.41
C GLY D 552 44.32 -47.37 -44.27
N PHE D 553 45.25 -46.63 -43.66
CA PHE D 553 46.01 -45.60 -44.36
C PHE D 553 47.51 -45.88 -44.36
N CYS D 554 48.09 -45.97 -45.56
CA CYS D 554 49.49 -46.28 -45.70
C CYS D 554 50.18 -45.39 -46.73
N HIS D 555 51.49 -45.20 -46.56
CA HIS D 555 52.28 -44.50 -47.57
C HIS D 555 53.66 -45.14 -47.71
N LEU D 556 54.34 -44.78 -48.80
CA LEU D 556 55.71 -45.20 -49.00
C LEU D 556 56.50 -44.12 -49.74
N PHE D 557 57.72 -43.85 -49.30
CA PHE D 557 58.62 -43.02 -50.08
C PHE D 557 59.09 -43.89 -51.25
N LEU D 558 59.58 -43.28 -52.32
CA LEU D 558 60.09 -44.09 -53.41
C LEU D 558 61.61 -43.91 -53.54
N PRO D 559 62.28 -44.99 -53.98
CA PRO D 559 63.73 -44.95 -54.21
C PRO D 559 64.02 -44.16 -55.47
N ASP D 560 64.08 -42.84 -55.33
CA ASP D 560 64.22 -41.91 -56.45
C ASP D 560 65.46 -42.16 -57.29
N GLU D 561 66.40 -42.95 -56.75
CA GLU D 561 67.52 -43.47 -57.53
C GLU D 561 67.00 -44.44 -58.59
N GLN D 562 66.07 -45.30 -58.19
CA GLN D 562 65.46 -46.28 -59.10
C GLN D 562 64.34 -45.64 -59.94
N PHE D 563 63.68 -44.64 -59.37
CA PHE D 563 62.61 -43.91 -60.07
C PHE D 563 62.95 -42.42 -60.11
N PRO D 564 63.64 -41.98 -61.18
CA PRO D 564 64.18 -40.62 -61.29
C PRO D 564 63.10 -39.53 -61.31
N GLU D 565 63.52 -38.27 -61.36
CA GLU D 565 62.60 -37.14 -61.31
C GLU D 565 61.79 -36.98 -62.60
N GLY D 566 62.27 -37.58 -63.67
CA GLY D 566 61.61 -37.47 -64.97
C GLY D 566 60.85 -38.71 -65.36
N PHE D 567 60.91 -39.74 -64.52
CA PHE D 567 60.26 -41.01 -64.82
C PHE D 567 58.74 -40.89 -64.78
N GLN D 568 58.11 -41.28 -65.88
CA GLN D 568 56.66 -41.28 -65.97
C GLN D 568 56.13 -42.70 -65.81
N PHE D 569 55.51 -42.95 -64.65
CA PHE D 569 54.94 -44.26 -64.36
C PHE D 569 53.45 -44.28 -64.66
N ASP D 570 53.03 -45.26 -65.47
CA ASP D 570 51.60 -45.41 -65.77
C ASP D 570 50.99 -46.55 -64.97
N THR D 571 49.71 -46.83 -65.23
CA THR D 571 48.94 -47.77 -64.45
C THR D 571 49.00 -49.21 -64.96
N ASP D 572 49.85 -49.44 -65.96
CA ASP D 572 49.89 -50.74 -66.63
C ASP D 572 50.54 -51.82 -65.76
N ASP D 573 51.85 -51.75 -65.63
CA ASP D 573 52.64 -52.73 -64.86
C ASP D 573 52.92 -52.22 -63.45
N VAL D 574 53.80 -52.92 -62.72
CA VAL D 574 54.03 -52.53 -61.34
C VAL D 574 55.19 -51.54 -61.35
N ASN D 575 54.83 -50.29 -61.15
CA ASN D 575 55.78 -49.20 -61.06
C ASN D 575 56.35 -49.04 -59.66
N PHE D 576 55.47 -49.15 -58.67
CA PHE D 576 55.85 -48.96 -57.28
C PHE D 576 55.74 -50.26 -56.50
N PRO D 577 56.56 -50.43 -55.47
CA PRO D 577 56.53 -51.64 -54.63
C PRO D 577 55.29 -51.66 -53.75
N LEU D 578 54.19 -52.18 -54.29
CA LEU D 578 52.91 -52.28 -53.59
C LEU D 578 52.99 -53.08 -52.30
N ASP D 579 54.09 -53.80 -52.10
CA ASP D 579 54.38 -54.47 -50.83
C ASP D 579 55.56 -53.79 -50.15
N ASN D 580 55.89 -54.25 -48.94
CA ASN D 580 56.90 -53.59 -48.09
C ASN D 580 56.63 -52.10 -47.91
N LEU D 581 55.35 -51.71 -47.91
CA LEU D 581 54.98 -50.32 -47.73
C LEU D 581 55.05 -49.95 -46.25
N CYS D 582 54.86 -48.66 -45.95
CA CYS D 582 54.85 -48.20 -44.58
C CYS D 582 53.41 -47.92 -44.13
N PHE D 583 52.90 -48.77 -43.25
CA PHE D 583 51.55 -48.62 -42.70
C PHE D 583 51.57 -47.52 -41.64
N VAL D 584 50.69 -46.52 -41.78
CA VAL D 584 50.67 -45.40 -40.84
C VAL D 584 49.68 -45.62 -39.72
N GLY D 585 48.39 -45.58 -40.06
CA GLY D 585 47.34 -45.78 -39.07
C GLY D 585 45.95 -45.96 -39.65
N LEU D 586 44.98 -46.12 -38.75
CA LEU D 586 43.58 -46.28 -39.14
C LEU D 586 42.80 -45.01 -38.85
N ILE D 587 41.83 -44.71 -39.72
CA ILE D 587 40.89 -43.63 -39.45
C ILE D 587 39.48 -44.20 -39.54
N SER D 588 38.73 -44.09 -38.46
CA SER D 588 37.41 -44.69 -38.36
C SER D 588 36.37 -43.58 -38.40
N MET D 589 35.18 -43.92 -38.89
CA MET D 589 34.11 -42.92 -39.02
C MET D 589 32.72 -43.50 -38.85
N ILE D 590 31.80 -42.65 -38.40
CA ILE D 590 30.43 -43.04 -38.08
C ILE D 590 29.58 -41.77 -38.12
N ASP D 591 28.27 -41.90 -38.21
CA ASP D 591 27.41 -40.72 -38.04
C ASP D 591 27.17 -40.53 -36.54
N PRO D 592 27.68 -39.42 -35.99
CA PRO D 592 27.63 -39.14 -34.55
C PRO D 592 26.28 -38.62 -34.10
N PRO D 593 25.97 -38.79 -32.81
CA PRO D 593 24.76 -38.17 -32.27
C PRO D 593 24.83 -36.67 -32.36
N ARG D 594 23.66 -36.04 -32.40
CA ARG D 594 23.62 -34.60 -32.29
C ARG D 594 24.17 -34.23 -30.91
N ALA D 595 24.85 -33.09 -30.85
CA ALA D 595 25.59 -32.68 -29.66
C ALA D 595 24.72 -32.68 -28.39
N ALA D 596 23.48 -32.24 -28.52
CA ALA D 596 22.61 -32.04 -27.37
C ALA D 596 21.88 -33.32 -26.94
N VAL D 597 21.95 -34.36 -27.78
CA VAL D 597 21.15 -35.56 -27.58
C VAL D 597 21.42 -36.35 -26.27
N PRO D 598 22.68 -36.70 -25.97
CA PRO D 598 22.89 -37.60 -24.83
C PRO D 598 22.38 -37.02 -23.51
N ASP D 599 22.70 -35.75 -23.27
CA ASP D 599 22.24 -35.05 -22.09
C ASP D 599 20.72 -35.04 -22.03
N ALA D 600 20.11 -34.80 -23.17
CA ALA D 600 18.65 -34.77 -23.30
C ALA D 600 18.03 -36.10 -22.87
N VAL D 601 18.53 -37.19 -23.42
CA VAL D 601 18.03 -38.52 -23.06
C VAL D 601 18.25 -38.77 -21.58
N GLY D 602 19.36 -38.26 -21.06
CA GLY D 602 19.64 -38.35 -19.64
C GLY D 602 18.58 -37.68 -18.80
N LYS D 603 18.19 -36.48 -19.20
CA LYS D 603 17.16 -35.72 -18.49
C LYS D 603 15.80 -36.41 -18.58
N CYS D 604 15.47 -36.92 -19.77
CA CYS D 604 14.20 -37.59 -19.99
C CYS D 604 14.09 -38.84 -19.14
N ARG D 605 15.20 -39.57 -19.03
CA ARG D 605 15.24 -40.71 -18.13
C ARG D 605 15.15 -40.26 -16.68
N SER D 606 15.76 -39.11 -16.38
CA SER D 606 15.75 -38.55 -15.04
C SER D 606 14.35 -38.13 -14.61
N ALA D 607 13.53 -37.74 -15.58
CA ALA D 607 12.17 -37.29 -15.32
C ALA D 607 11.22 -38.48 -15.19
N GLY D 608 11.74 -39.67 -15.46
CA GLY D 608 10.96 -40.89 -15.35
C GLY D 608 10.34 -41.31 -16.68
N ILE D 609 10.75 -40.67 -17.76
CA ILE D 609 10.24 -41.04 -19.08
C ILE D 609 11.03 -42.20 -19.65
N LYS D 610 10.31 -43.23 -20.10
CA LYS D 610 10.95 -44.41 -20.68
C LYS D 610 11.33 -44.14 -22.13
N VAL D 611 12.61 -44.26 -22.43
CA VAL D 611 13.09 -44.00 -23.78
C VAL D 611 13.26 -45.28 -24.58
N ILE D 612 12.54 -45.38 -25.67
CA ILE D 612 12.63 -46.52 -26.58
C ILE D 612 13.14 -46.09 -27.94
N MET D 613 14.18 -46.77 -28.42
CA MET D 613 14.69 -46.48 -29.75
C MET D 613 13.97 -47.31 -30.79
N VAL D 614 13.36 -46.65 -31.77
CA VAL D 614 12.74 -47.35 -32.90
C VAL D 614 13.38 -46.91 -34.20
N THR D 615 14.11 -47.83 -34.84
CA THR D 615 14.83 -47.54 -36.08
C THR D 615 14.72 -48.68 -37.08
N GLY D 616 14.85 -48.35 -38.36
CA GLY D 616 14.85 -49.34 -39.40
C GLY D 616 16.27 -49.73 -39.78
N ASP D 617 17.22 -49.18 -39.05
CA ASP D 617 18.64 -49.40 -39.33
C ASP D 617 19.08 -50.80 -38.90
N HIS D 618 20.35 -51.11 -39.14
CA HIS D 618 20.91 -52.41 -38.80
C HIS D 618 21.22 -52.50 -37.30
N PRO D 619 20.93 -53.66 -36.71
CA PRO D 619 21.03 -53.88 -35.26
C PRO D 619 22.39 -53.52 -34.67
N ILE D 620 23.45 -53.87 -35.38
CA ILE D 620 24.82 -53.72 -34.87
C ILE D 620 25.16 -52.25 -34.59
N THR D 621 24.74 -51.37 -35.48
CA THR D 621 24.95 -49.94 -35.29
C THR D 621 23.92 -49.38 -34.30
N ALA D 622 22.68 -49.86 -34.41
CA ALA D 622 21.59 -49.40 -33.57
C ALA D 622 21.89 -49.55 -32.09
N LYS D 623 22.39 -50.71 -31.70
CA LYS D 623 22.75 -50.97 -30.31
C LYS D 623 23.88 -50.05 -29.84
N ALA D 624 24.86 -49.85 -30.70
CA ALA D 624 26.01 -49.00 -30.38
C ALA D 624 25.57 -47.56 -30.13
N ILE D 625 24.80 -47.00 -31.06
CA ILE D 625 24.26 -45.66 -30.90
C ILE D 625 23.39 -45.56 -29.65
N ALA D 626 22.61 -46.62 -29.40
CA ALA D 626 21.76 -46.69 -28.21
C ALA D 626 22.56 -46.57 -26.93
N LYS D 627 23.64 -47.34 -26.81
CA LYS D 627 24.53 -47.25 -25.67
C LYS D 627 25.21 -45.88 -25.63
N GLY D 628 25.39 -45.27 -26.79
CA GLY D 628 26.03 -43.97 -26.88
C GLY D 628 25.20 -42.82 -26.35
N VAL D 629 23.91 -42.85 -26.64
CA VAL D 629 23.02 -41.76 -26.26
C VAL D 629 22.33 -42.02 -24.92
N GLY D 630 22.57 -43.19 -24.35
CA GLY D 630 22.07 -43.50 -23.03
C GLY D 630 20.70 -44.14 -22.97
N ILE D 631 20.22 -44.64 -24.10
CA ILE D 631 18.96 -45.38 -24.12
C ILE D 631 19.20 -46.74 -23.50
N ILE D 632 20.32 -47.36 -23.86
CA ILE D 632 20.84 -48.52 -23.17
C ILE D 632 22.02 -48.09 -22.30
N SER D 633 21.84 -48.12 -20.99
CA SER D 633 22.89 -47.69 -20.07
C SER D 633 24.02 -48.70 -20.03
N GLU D 634 25.19 -48.23 -19.61
CA GLU D 634 26.36 -49.09 -19.45
C GLU D 634 26.09 -50.17 -18.41
N GLY D 635 26.56 -51.39 -18.68
CA GLY D 635 26.44 -52.47 -17.72
C GLY D 635 25.16 -53.28 -17.86
N ASN D 636 24.18 -52.71 -18.56
CA ASN D 636 22.95 -53.45 -18.83
C ASN D 636 23.11 -54.39 -20.01
N GLU D 637 22.80 -55.67 -19.78
CA GLU D 637 23.07 -56.69 -20.79
C GLU D 637 21.81 -57.18 -21.49
N THR D 638 21.90 -57.27 -22.81
CA THR D 638 20.89 -57.93 -23.62
C THR D 638 21.01 -59.44 -23.46
N VAL D 639 19.96 -60.16 -23.83
CA VAL D 639 19.98 -61.62 -23.83
C VAL D 639 21.23 -62.19 -24.51
N GLU D 640 21.58 -61.58 -25.64
CA GLU D 640 22.73 -62.02 -26.43
C GLU D 640 24.06 -61.72 -25.74
N ASP D 641 24.12 -60.63 -24.97
CA ASP D 641 25.32 -60.30 -24.21
C ASP D 641 25.59 -61.36 -23.16
N ILE D 642 24.54 -61.77 -22.47
CA ILE D 642 24.60 -62.83 -21.48
C ILE D 642 25.02 -64.15 -22.13
N ALA D 643 24.37 -64.47 -23.25
CA ALA D 643 24.71 -65.67 -23.99
C ALA D 643 26.18 -65.70 -24.43
N ALA D 644 26.71 -64.53 -24.79
CA ALA D 644 28.07 -64.43 -25.28
C ALA D 644 29.09 -64.53 -24.16
N ARG D 645 28.83 -63.86 -23.04
CA ARG D 645 29.74 -63.87 -21.91
C ARG D 645 29.88 -65.26 -21.30
N LEU D 646 28.76 -65.98 -21.22
CA LEU D 646 28.73 -67.26 -20.54
C LEU D 646 29.07 -68.43 -21.48
N ASN D 647 29.34 -68.12 -22.74
CA ASN D 647 29.67 -69.13 -23.74
C ASN D 647 28.57 -70.19 -23.84
N ILE D 648 27.33 -69.73 -24.00
CA ILE D 648 26.16 -70.59 -23.96
C ILE D 648 25.28 -70.32 -25.17
N PRO D 649 24.57 -71.35 -25.69
CA PRO D 649 23.54 -71.10 -26.70
C PRO D 649 22.57 -70.00 -26.25
N VAL D 650 22.21 -69.12 -27.18
CA VAL D 650 21.41 -67.94 -26.85
C VAL D 650 20.04 -68.31 -26.32
N SER D 651 19.57 -69.50 -26.68
CA SER D 651 18.23 -69.95 -26.30
C SER D 651 18.13 -70.32 -24.82
N GLN D 652 19.25 -70.68 -24.22
CA GLN D 652 19.26 -71.15 -22.84
C GLN D 652 18.86 -70.11 -21.81
N VAL D 653 19.50 -68.94 -21.87
CA VAL D 653 19.40 -67.94 -20.80
C VAL D 653 17.97 -67.42 -20.61
N ASN D 654 17.62 -67.18 -19.35
CA ASN D 654 16.30 -66.70 -18.99
C ASN D 654 16.16 -65.21 -19.26
N PRO D 655 15.24 -64.83 -20.16
CA PRO D 655 15.03 -63.45 -20.60
C PRO D 655 14.75 -62.47 -19.46
N ARG D 656 14.30 -62.97 -18.31
CA ARG D 656 14.08 -62.11 -17.14
C ARG D 656 15.39 -61.53 -16.65
N ASP D 657 16.48 -62.26 -16.85
CA ASP D 657 17.80 -61.81 -16.43
C ASP D 657 18.32 -60.67 -17.30
N ALA D 658 17.65 -60.43 -18.43
CA ALA D 658 18.05 -59.36 -19.34
C ALA D 658 17.15 -58.14 -19.18
N LYS D 659 17.75 -57.03 -18.75
CA LYS D 659 17.00 -55.79 -18.58
C LYS D 659 16.81 -55.08 -19.92
N ALA D 660 17.81 -55.20 -20.78
CA ALA D 660 17.79 -54.53 -22.08
C ALA D 660 17.66 -55.54 -23.21
N CYS D 661 17.09 -55.11 -24.33
CA CYS D 661 16.93 -56.00 -25.46
C CYS D 661 17.02 -55.26 -26.79
N VAL D 662 17.67 -55.87 -27.75
CA VAL D 662 17.62 -55.40 -29.12
C VAL D 662 16.72 -56.33 -29.92
N VAL D 663 15.54 -55.83 -30.28
CA VAL D 663 14.53 -56.64 -30.95
C VAL D 663 14.65 -56.53 -32.46
N HIS D 664 14.96 -57.66 -33.09
CA HIS D 664 15.16 -57.73 -34.53
C HIS D 664 13.83 -57.65 -35.28
N GLY D 665 13.79 -56.84 -36.35
CA GLY D 665 12.58 -56.60 -37.11
C GLY D 665 11.98 -57.82 -37.78
N SER D 666 12.84 -58.77 -38.14
CA SER D 666 12.39 -60.05 -38.70
C SER D 666 11.44 -60.76 -37.73
N ASP D 667 11.78 -60.72 -36.45
CA ASP D 667 10.96 -61.34 -35.42
C ASP D 667 9.65 -60.58 -35.25
N LEU D 668 9.74 -59.25 -35.33
CA LEU D 668 8.60 -58.37 -35.10
C LEU D 668 7.44 -58.62 -36.06
N LYS D 669 7.73 -59.27 -37.18
CA LYS D 669 6.70 -59.64 -38.14
C LYS D 669 5.88 -60.82 -37.62
N ASP D 670 6.54 -61.73 -36.91
CA ASP D 670 5.91 -62.94 -36.40
C ASP D 670 5.32 -62.76 -35.01
N MET D 671 5.44 -61.56 -34.47
CA MET D 671 5.02 -61.28 -33.10
C MET D 671 3.53 -60.98 -32.94
N THR D 672 2.98 -61.39 -31.81
CA THR D 672 1.57 -61.13 -31.49
C THR D 672 1.41 -59.97 -30.53
N SER D 673 0.17 -59.67 -30.15
CA SER D 673 -0.13 -58.58 -29.24
C SER D 673 0.46 -58.83 -27.85
N GLU D 674 0.19 -60.01 -27.31
CA GLU D 674 0.67 -60.39 -25.99
C GLU D 674 2.19 -60.40 -25.93
N GLN D 675 2.82 -60.83 -27.03
CA GLN D 675 4.27 -60.89 -27.10
C GLN D 675 4.91 -59.50 -27.03
N LEU D 676 4.39 -58.58 -27.84
CA LEU D 676 4.89 -57.21 -27.85
C LEU D 676 4.65 -56.55 -26.51
N ASP D 677 3.46 -56.79 -25.96
CA ASP D 677 3.12 -56.31 -24.62
C ASP D 677 4.15 -56.78 -23.62
N ASP D 678 4.54 -58.06 -23.71
CA ASP D 678 5.53 -58.64 -22.81
C ASP D 678 6.91 -57.99 -22.98
N ILE D 679 7.34 -57.81 -24.23
CA ILE D 679 8.62 -57.17 -24.49
C ILE D 679 8.67 -55.76 -23.91
N LEU D 680 7.61 -55.00 -24.12
CA LEU D 680 7.55 -53.64 -23.59
C LEU D 680 7.46 -53.61 -22.07
N LYS D 681 6.80 -54.61 -21.48
CA LYS D 681 6.63 -54.67 -20.04
C LYS D 681 7.93 -55.00 -19.31
N TYR D 682 8.58 -56.09 -19.73
CA TYR D 682 9.64 -56.70 -18.95
C TYR D 682 11.05 -56.24 -19.31
N HIS D 683 11.16 -55.27 -20.20
CA HIS D 683 12.46 -54.70 -20.54
C HIS D 683 12.47 -53.18 -20.35
N THR D 684 13.42 -52.68 -19.59
CA THR D 684 13.48 -51.27 -19.27
C THR D 684 14.08 -50.44 -20.41
N GLU D 685 15.15 -50.95 -21.00
CA GLU D 685 15.83 -50.26 -22.09
C GLU D 685 15.67 -51.04 -23.38
N ILE D 686 14.93 -50.48 -24.33
CA ILE D 686 14.55 -51.23 -25.52
C ILE D 686 14.95 -50.56 -26.84
N VAL D 687 15.52 -51.36 -27.72
CA VAL D 687 15.84 -50.92 -29.07
C VAL D 687 15.26 -51.86 -30.13
N PHE D 688 14.30 -51.36 -30.89
CA PHE D 688 13.77 -52.07 -32.05
C PHE D 688 14.56 -51.68 -33.29
N ALA D 689 15.25 -52.64 -33.89
CA ALA D 689 16.07 -52.35 -35.06
C ALA D 689 15.52 -53.06 -36.29
N ARG D 690 15.83 -52.51 -37.47
CA ARG D 690 15.38 -53.06 -38.74
C ARG D 690 13.86 -53.15 -38.76
N THR D 691 13.22 -52.03 -38.42
CA THR D 691 11.77 -51.99 -38.29
C THR D 691 11.13 -51.13 -39.39
N SER D 692 10.18 -51.73 -40.12
CA SER D 692 9.46 -51.02 -41.16
C SER D 692 8.58 -49.94 -40.53
N PRO D 693 8.23 -48.90 -41.31
CA PRO D 693 7.38 -47.80 -40.82
C PRO D 693 6.07 -48.31 -40.19
N GLN D 694 5.46 -49.28 -40.85
CA GLN D 694 4.23 -49.90 -40.35
C GLN D 694 4.48 -50.51 -38.97
N GLN D 695 5.65 -51.11 -38.80
CA GLN D 695 6.03 -51.69 -37.52
C GLN D 695 6.31 -50.61 -36.48
N LYS D 696 6.77 -49.44 -36.92
CA LYS D 696 6.91 -48.30 -36.01
C LYS D 696 5.54 -47.93 -35.47
N LEU D 697 4.58 -47.84 -36.39
CA LEU D 697 3.18 -47.63 -36.03
C LEU D 697 2.68 -48.68 -35.04
N ILE D 698 3.04 -49.93 -35.27
CA ILE D 698 2.60 -51.03 -34.41
C ILE D 698 3.22 -50.94 -33.02
N ILE D 699 4.45 -50.45 -32.96
CA ILE D 699 5.13 -50.26 -31.68
C ILE D 699 4.50 -49.13 -30.89
N VAL D 700 4.23 -48.02 -31.57
CA VAL D 700 3.55 -46.89 -30.94
C VAL D 700 2.20 -47.34 -30.39
N GLU D 701 1.42 -48.02 -31.23
CA GLU D 701 0.12 -48.55 -30.83
C GLU D 701 0.25 -49.55 -29.68
N GLY D 702 1.39 -50.24 -29.64
CA GLY D 702 1.67 -51.21 -28.60
C GLY D 702 1.93 -50.55 -27.27
N CYS D 703 2.62 -49.42 -27.30
CA CYS D 703 2.87 -48.65 -26.09
C CYS D 703 1.59 -47.97 -25.65
N GLN D 704 0.70 -47.70 -26.61
CA GLN D 704 -0.59 -47.10 -26.30
C GLN D 704 -1.59 -48.14 -25.77
N ARG D 705 -1.32 -49.42 -26.04
CA ARG D 705 -2.15 -50.49 -25.50
C ARG D 705 -1.91 -50.62 -23.99
N GLN D 706 -0.74 -50.17 -23.56
CA GLN D 706 -0.41 -50.15 -22.14
C GLN D 706 -1.16 -49.01 -21.44
N GLY D 707 -1.77 -48.14 -22.24
CA GLY D 707 -2.52 -47.02 -21.71
C GLY D 707 -1.62 -45.86 -21.31
N ALA D 708 -0.50 -45.73 -22.01
CA ALA D 708 0.49 -44.70 -21.68
C ALA D 708 0.60 -43.65 -22.79
N ILE D 709 0.95 -42.42 -22.39
CA ILE D 709 1.12 -41.34 -23.34
C ILE D 709 2.45 -41.48 -24.07
N VAL D 710 2.41 -41.51 -25.40
CA VAL D 710 3.60 -41.73 -26.21
C VAL D 710 3.95 -40.55 -27.08
N ALA D 711 5.20 -40.12 -27.01
CA ALA D 711 5.69 -39.09 -27.91
C ALA D 711 6.65 -39.73 -28.90
N VAL D 712 6.58 -39.30 -30.16
CA VAL D 712 7.46 -39.85 -31.19
C VAL D 712 8.31 -38.77 -31.82
N THR D 713 9.62 -38.98 -31.84
CA THR D 713 10.51 -38.05 -32.52
C THR D 713 11.11 -38.72 -33.75
N GLY D 714 11.11 -38.00 -34.87
CA GLY D 714 11.54 -38.58 -36.13
C GLY D 714 12.18 -37.66 -37.15
N ASP D 715 12.76 -38.26 -38.19
CA ASP D 715 13.41 -37.53 -39.27
C ASP D 715 12.76 -37.80 -40.62
N GLY D 716 12.81 -39.04 -41.08
CA GLY D 716 12.39 -39.37 -42.44
C GLY D 716 10.93 -39.75 -42.60
N VAL D 717 10.58 -40.19 -43.80
CA VAL D 717 9.21 -40.55 -44.13
C VAL D 717 8.75 -41.82 -43.40
N ASN D 718 9.70 -42.66 -42.99
CA ASN D 718 9.37 -43.89 -42.27
C ASN D 718 8.70 -43.61 -40.93
N ASP D 719 8.85 -42.38 -40.45
CA ASP D 719 8.27 -41.95 -39.19
C ASP D 719 6.93 -41.25 -39.39
N SER D 720 6.49 -41.18 -40.65
CA SER D 720 5.20 -40.55 -40.94
C SER D 720 4.02 -41.25 -40.25
N PRO D 721 3.88 -42.59 -40.39
CA PRO D 721 2.74 -43.19 -39.70
C PRO D 721 2.87 -43.17 -38.18
N ALA D 722 4.10 -43.24 -37.69
CA ALA D 722 4.33 -43.20 -36.25
C ALA D 722 3.98 -41.83 -35.66
N SER D 723 4.62 -40.79 -36.18
CA SER D 723 4.46 -39.43 -35.67
C SER D 723 3.00 -38.99 -35.69
N LYS D 724 2.26 -39.48 -36.67
CA LYS D 724 0.84 -39.17 -36.78
C LYS D 724 0.03 -39.83 -35.67
N LYS D 725 0.36 -41.09 -35.39
CA LYS D 725 -0.42 -41.90 -34.45
C LYS D 725 -0.13 -41.52 -33.00
N ALA D 726 1.07 -41.01 -32.76
CA ALA D 726 1.49 -40.66 -31.41
C ALA D 726 0.60 -39.58 -30.82
N ASP D 727 0.48 -39.59 -29.50
CA ASP D 727 -0.27 -38.55 -28.79
C ASP D 727 0.32 -37.19 -29.15
N ILE D 728 1.64 -37.15 -29.26
CA ILE D 728 2.30 -36.02 -29.89
C ILE D 728 3.48 -36.49 -30.74
N GLY D 729 3.48 -36.08 -32.01
CA GLY D 729 4.61 -36.33 -32.88
C GLY D 729 5.57 -35.15 -32.87
N VAL D 730 6.85 -35.42 -33.10
CA VAL D 730 7.84 -34.35 -33.17
C VAL D 730 8.76 -34.55 -34.36
N ALA D 731 8.81 -33.58 -35.26
CA ALA D 731 9.64 -33.67 -36.44
C ALA D 731 10.93 -32.86 -36.27
N MET D 732 11.78 -32.92 -37.29
CA MET D 732 12.98 -32.10 -37.36
C MET D 732 12.82 -31.06 -38.47
N GLY D 733 12.94 -29.78 -38.12
CA GLY D 733 12.68 -28.69 -39.04
C GLY D 733 13.43 -28.70 -40.36
N ILE D 734 14.68 -29.16 -40.31
CA ILE D 734 15.50 -29.20 -41.51
C ILE D 734 15.80 -30.64 -41.94
N ALA D 735 16.47 -31.42 -41.07
CA ALA D 735 16.85 -32.79 -41.39
C ALA D 735 15.64 -33.72 -41.57
N GLY D 736 14.45 -33.23 -41.24
CA GLY D 736 13.23 -34.00 -41.40
C GLY D 736 12.64 -33.87 -42.80
N SER D 737 11.92 -34.90 -43.23
CA SER D 737 11.30 -34.88 -44.55
C SER D 737 9.97 -34.16 -44.49
N ASP D 738 9.32 -34.04 -45.65
CA ASP D 738 8.11 -33.24 -45.75
C ASP D 738 6.87 -33.96 -45.21
N VAL D 739 6.74 -35.24 -45.55
CA VAL D 739 5.56 -36.01 -45.15
C VAL D 739 5.47 -36.15 -43.64
N SER D 740 6.60 -36.51 -43.03
CA SER D 740 6.67 -36.66 -41.59
C SER D 740 6.52 -35.31 -40.90
N LYS D 741 6.88 -34.24 -41.60
CA LYS D 741 6.70 -32.89 -41.08
C LYS D 741 5.23 -32.51 -41.08
N GLN D 742 4.51 -32.97 -42.10
CA GLN D 742 3.08 -32.76 -42.17
C GLN D 742 2.33 -33.58 -41.11
N ALA D 743 2.85 -34.77 -40.83
CA ALA D 743 2.24 -35.68 -39.87
C ALA D 743 2.48 -35.24 -38.43
N ALA D 744 3.53 -34.47 -38.20
CA ALA D 744 3.93 -34.09 -36.85
C ALA D 744 3.02 -33.04 -36.23
N ASP D 745 2.82 -33.14 -34.92
CA ASP D 745 2.05 -32.14 -34.18
C ASP D 745 2.99 -31.05 -33.65
N MET D 746 4.29 -31.28 -33.78
CA MET D 746 5.29 -30.29 -33.37
C MET D 746 6.57 -30.38 -34.19
N ILE D 747 7.15 -29.22 -34.48
CA ILE D 747 8.34 -29.13 -35.32
C ILE D 747 9.49 -28.45 -34.57
N LEU D 748 10.69 -28.97 -34.72
CA LEU D 748 11.87 -28.33 -34.18
C LEU D 748 12.66 -27.64 -35.28
N LEU D 749 12.63 -26.31 -35.28
CA LEU D 749 13.18 -25.55 -36.39
C LEU D 749 14.71 -25.49 -36.36
N ASP D 750 15.27 -25.52 -35.16
CA ASP D 750 16.72 -25.47 -34.99
C ASP D 750 17.31 -26.88 -34.94
N ASP D 751 16.43 -27.87 -35.04
CA ASP D 751 16.81 -29.28 -34.94
C ASP D 751 17.53 -29.54 -33.65
N ASN D 752 17.09 -28.80 -32.65
CA ASN D 752 17.68 -28.98 -31.34
C ASN D 752 16.85 -29.99 -30.57
N PHE D 753 17.44 -31.16 -30.34
CA PHE D 753 16.75 -32.24 -29.67
C PHE D 753 16.55 -31.90 -28.20
N ALA D 754 17.46 -31.10 -27.66
CA ALA D 754 17.39 -30.70 -26.26
C ALA D 754 16.07 -30.00 -25.97
N SER D 755 15.50 -29.38 -26.99
CA SER D 755 14.20 -28.73 -26.86
C SER D 755 13.14 -29.67 -26.28
N ILE D 756 13.19 -30.94 -26.69
CA ILE D 756 12.27 -31.95 -26.17
C ILE D 756 12.27 -31.91 -24.63
N VAL D 757 13.46 -31.88 -24.04
CA VAL D 757 13.57 -31.78 -22.58
C VAL D 757 12.82 -30.55 -22.08
N THR D 758 13.15 -29.40 -22.64
CA THR D 758 12.48 -28.15 -22.29
C THR D 758 10.98 -28.38 -22.37
N GLY D 759 10.55 -29.02 -23.46
CA GLY D 759 9.15 -29.31 -23.67
C GLY D 759 8.53 -30.04 -22.49
N VAL D 760 9.13 -31.16 -22.10
CA VAL D 760 8.51 -31.98 -21.06
C VAL D 760 8.57 -31.22 -19.74
N GLU D 761 9.52 -30.29 -19.62
CA GLU D 761 9.53 -29.42 -18.46
C GLU D 761 8.33 -28.48 -18.54
N GLU D 762 8.23 -27.76 -19.65
CA GLU D 762 7.23 -26.71 -19.80
C GLU D 762 5.83 -27.27 -19.59
N GLY D 763 5.50 -28.31 -20.34
CA GLY D 763 4.21 -28.97 -20.24
C GLY D 763 3.92 -29.49 -18.85
N ARG D 764 4.97 -29.85 -18.12
CA ARG D 764 4.76 -30.39 -16.78
C ARG D 764 4.54 -29.26 -15.80
N LEU D 765 5.07 -28.08 -16.12
CA LEU D 765 4.85 -26.90 -15.28
C LEU D 765 3.46 -26.33 -15.50
N ILE D 766 3.12 -26.10 -16.77
CA ILE D 766 1.87 -25.45 -17.15
C ILE D 766 0.66 -26.23 -16.63
N PHE D 767 0.87 -27.53 -16.35
CA PHE D 767 -0.16 -28.33 -15.74
C PHE D 767 -0.52 -27.75 -14.38
N ASP D 768 0.48 -27.70 -13.51
CA ASP D 768 0.30 -27.23 -12.14
C ASP D 768 -0.35 -25.86 -12.09
N ASN D 769 0.27 -24.91 -12.79
CA ASN D 769 -0.27 -23.56 -12.89
C ASN D 769 -1.73 -23.54 -13.29
N LEU D 770 -2.08 -24.38 -14.28
CA LEU D 770 -3.46 -24.44 -14.75
C LEU D 770 -4.38 -24.69 -13.57
N LYS D 771 -4.04 -25.68 -12.76
CA LYS D 771 -4.82 -26.02 -11.59
C LYS D 771 -5.08 -24.76 -10.79
N LYS D 772 -3.99 -24.07 -10.45
CA LYS D 772 -4.06 -22.87 -9.64
C LYS D 772 -5.08 -21.93 -10.27
N SER D 773 -4.89 -21.61 -11.54
CA SER D 773 -5.77 -20.68 -12.24
C SER D 773 -7.20 -21.14 -12.07
N ILE D 774 -7.44 -22.40 -12.43
CA ILE D 774 -8.77 -22.98 -12.34
C ILE D 774 -9.33 -22.78 -10.95
N ALA D 775 -8.54 -23.22 -9.96
CA ALA D 775 -8.95 -23.16 -8.58
C ALA D 775 -9.45 -21.77 -8.28
N TYR D 776 -8.62 -20.78 -8.64
CA TYR D 776 -8.92 -19.39 -8.35
C TYR D 776 -10.32 -19.03 -8.84
N THR D 777 -10.56 -19.27 -10.13
CA THR D 777 -11.83 -18.88 -10.73
C THR D 777 -12.97 -19.65 -10.08
N LEU D 778 -12.72 -20.92 -9.80
CA LEU D 778 -13.79 -21.76 -9.29
C LEU D 778 -14.12 -21.38 -7.86
N THR D 779 -13.20 -20.68 -7.20
CA THR D 779 -13.47 -20.25 -5.84
C THR D 779 -14.51 -19.14 -5.87
N SER D 780 -14.53 -18.38 -6.96
CA SER D 780 -15.37 -17.20 -7.03
C SER D 780 -16.84 -17.57 -7.18
N ASN D 781 -17.13 -18.81 -7.57
CA ASN D 781 -18.51 -19.17 -7.87
C ASN D 781 -19.36 -19.44 -6.65
N ILE D 782 -18.74 -19.71 -5.50
CA ILE D 782 -19.51 -19.82 -4.27
C ILE D 782 -20.07 -18.47 -3.81
N PRO D 783 -19.21 -17.43 -3.70
CA PRO D 783 -19.81 -16.15 -3.31
C PRO D 783 -20.67 -15.50 -4.42
N GLU D 784 -20.53 -15.98 -5.65
CA GLU D 784 -21.37 -15.48 -6.74
C GLU D 784 -22.77 -16.08 -6.76
N ILE D 785 -22.85 -17.40 -6.58
CA ILE D 785 -24.11 -18.12 -6.68
C ILE D 785 -24.97 -17.98 -5.42
N THR D 786 -24.33 -18.06 -4.25
CA THR D 786 -25.03 -18.00 -2.97
C THR D 786 -25.99 -16.81 -2.74
N PRO D 787 -25.65 -15.60 -3.24
CA PRO D 787 -26.62 -14.50 -3.07
C PRO D 787 -27.97 -14.80 -3.70
N PHE D 788 -27.98 -15.34 -4.91
CA PHE D 788 -29.23 -15.69 -5.57
C PHE D 788 -29.88 -16.90 -4.93
N LEU D 789 -29.10 -17.68 -4.20
CA LEU D 789 -29.62 -18.87 -3.54
C LEU D 789 -30.48 -18.47 -2.35
N ILE D 790 -29.87 -17.82 -1.35
CA ILE D 790 -30.60 -17.43 -0.15
C ILE D 790 -31.56 -16.27 -0.43
N PHE D 791 -31.47 -15.70 -1.62
CA PHE D 791 -32.49 -14.77 -2.10
C PHE D 791 -33.80 -15.52 -2.26
N ILE D 792 -33.71 -16.73 -2.81
CA ILE D 792 -34.86 -17.59 -3.01
C ILE D 792 -35.33 -18.22 -1.70
N ILE D 793 -34.37 -18.54 -0.84
CA ILE D 793 -34.65 -19.26 0.40
C ILE D 793 -35.25 -18.36 1.49
N ALA D 794 -34.49 -17.39 1.95
CA ALA D 794 -34.92 -16.56 3.08
C ALA D 794 -35.67 -15.30 2.63
N ASN D 795 -35.83 -15.15 1.33
CA ASN D 795 -36.57 -14.03 0.76
C ASN D 795 -36.04 -12.67 1.19
N ILE D 796 -34.72 -12.51 1.17
CA ILE D 796 -34.08 -11.22 1.39
C ILE D 796 -33.91 -10.51 0.05
N PRO D 797 -33.73 -9.18 0.06
CA PRO D 797 -33.43 -8.47 -1.19
C PRO D 797 -32.13 -9.00 -1.81
N LEU D 798 -32.05 -8.99 -3.14
CA LEU D 798 -30.91 -9.58 -3.83
C LEU D 798 -29.61 -8.85 -3.52
N PRO D 799 -28.68 -9.54 -2.85
CA PRO D 799 -27.38 -8.99 -2.41
C PRO D 799 -26.41 -8.70 -3.55
N LEU D 800 -26.42 -9.55 -4.58
CA LEU D 800 -25.46 -9.42 -5.67
C LEU D 800 -26.15 -9.54 -7.03
N GLY D 801 -25.94 -8.51 -7.86
CA GLY D 801 -26.61 -8.44 -9.16
C GLY D 801 -25.88 -9.20 -10.25
N THR D 802 -26.44 -9.14 -11.46
CA THR D 802 -25.86 -9.84 -12.59
C THR D 802 -24.64 -9.11 -13.12
N VAL D 803 -24.80 -7.80 -13.29
CA VAL D 803 -23.74 -6.95 -13.82
C VAL D 803 -22.48 -7.05 -12.97
N THR D 804 -22.68 -7.02 -11.65
CA THR D 804 -21.57 -7.15 -10.71
C THR D 804 -20.84 -8.48 -10.89
N ILE D 805 -21.61 -9.56 -10.95
CA ILE D 805 -21.07 -10.89 -11.14
C ILE D 805 -20.24 -10.95 -12.41
N LEU D 806 -20.71 -10.32 -13.47
CA LEU D 806 -19.94 -10.25 -14.70
C LEU D 806 -18.68 -9.42 -14.53
N CYS D 807 -18.75 -8.37 -13.72
CA CYS D 807 -17.61 -7.50 -13.47
C CYS D 807 -16.54 -8.21 -12.66
N ILE D 808 -16.94 -9.28 -11.99
CA ILE D 808 -15.99 -10.14 -11.30
C ILE D 808 -15.44 -11.19 -12.26
N ASP D 809 -16.33 -12.03 -12.80
CA ASP D 809 -15.91 -13.11 -13.69
C ASP D 809 -15.04 -12.61 -14.84
N LEU D 810 -15.58 -11.71 -15.66
CA LEU D 810 -14.82 -11.18 -16.79
C LEU D 810 -14.11 -9.84 -16.57
N GLY D 811 -14.48 -9.11 -15.53
CA GLY D 811 -13.89 -7.80 -15.32
C GLY D 811 -12.54 -7.73 -14.61
N THR D 812 -12.47 -8.34 -13.43
CA THR D 812 -11.36 -8.11 -12.52
C THR D 812 -10.47 -9.32 -12.50
N ASP D 813 -11.05 -10.45 -12.10
CA ASP D 813 -10.31 -11.69 -11.91
C ASP D 813 -9.47 -12.12 -13.10
N MET D 814 -9.77 -11.55 -14.27
CA MET D 814 -9.03 -11.90 -15.48
C MET D 814 -7.52 -11.74 -15.34
N VAL D 815 -7.06 -10.53 -15.00
CA VAL D 815 -5.62 -10.27 -14.90
C VAL D 815 -4.91 -11.13 -13.85
N PRO D 816 -5.52 -11.30 -12.65
CA PRO D 816 -4.91 -12.26 -11.72
C PRO D 816 -4.88 -13.70 -12.24
N ALA D 817 -5.98 -14.16 -12.82
CA ALA D 817 -6.09 -15.53 -13.29
C ALA D 817 -5.08 -15.81 -14.40
N ILE D 818 -4.78 -14.79 -15.21
CA ILE D 818 -3.73 -14.91 -16.22
C ILE D 818 -2.37 -14.87 -15.55
N SER D 819 -2.22 -14.00 -14.56
CA SER D 819 -0.94 -13.85 -13.86
C SER D 819 -0.53 -15.14 -13.19
N LEU D 820 -1.51 -15.97 -12.84
CA LEU D 820 -1.26 -17.25 -12.21
C LEU D 820 -0.50 -18.19 -13.15
N ALA D 821 -0.59 -17.92 -14.44
CA ALA D 821 0.14 -18.70 -15.45
C ALA D 821 1.64 -18.48 -15.35
N TYR D 822 2.03 -17.34 -14.81
CA TYR D 822 3.44 -16.99 -14.72
C TYR D 822 4.08 -17.51 -13.44
N GLU D 823 3.30 -18.27 -12.66
CA GLU D 823 3.84 -18.95 -11.50
C GLU D 823 4.93 -19.92 -11.91
N GLN D 824 5.92 -20.10 -11.04
CA GLN D 824 7.07 -20.92 -11.37
C GLN D 824 7.01 -22.28 -10.68
N ALA D 825 8.06 -23.08 -10.89
CA ALA D 825 8.15 -24.40 -10.30
C ALA D 825 8.29 -24.33 -8.77
N GLU D 826 7.41 -25.03 -8.06
CA GLU D 826 7.41 -25.01 -6.60
C GLU D 826 8.47 -25.95 -6.03
N SER D 827 8.99 -26.81 -6.89
CA SER D 827 10.10 -27.70 -6.55
C SER D 827 10.80 -28.07 -7.84
N ASP D 828 11.70 -29.05 -7.81
CA ASP D 828 12.27 -29.54 -9.05
C ASP D 828 11.26 -30.48 -9.67
N ILE D 829 10.74 -30.10 -10.83
CA ILE D 829 9.68 -30.88 -11.47
C ILE D 829 10.26 -32.04 -12.28
N MET D 830 11.42 -31.82 -12.89
CA MET D 830 12.08 -32.85 -13.68
C MET D 830 12.59 -34.00 -12.82
N LYS D 831 12.49 -33.84 -11.51
CA LYS D 831 12.80 -34.92 -10.59
C LYS D 831 11.64 -35.91 -10.49
N ARG D 832 10.42 -35.40 -10.40
CA ARG D 832 9.25 -36.25 -10.17
C ARG D 832 8.89 -37.07 -11.40
N GLN D 833 8.30 -38.24 -11.17
CA GLN D 833 7.92 -39.16 -12.23
C GLN D 833 6.79 -38.57 -13.08
N PRO D 834 6.60 -39.10 -14.31
CA PRO D 834 5.48 -38.67 -15.13
C PRO D 834 4.14 -38.96 -14.44
N ARG D 835 3.18 -38.06 -14.62
CA ARG D 835 1.88 -38.20 -14.00
C ARG D 835 1.14 -39.45 -14.49
N ASN D 836 0.23 -39.96 -13.68
CA ASN D 836 -0.64 -41.05 -14.11
C ASN D 836 -1.99 -40.51 -14.55
N PRO D 837 -2.34 -40.72 -15.84
CA PRO D 837 -3.58 -40.19 -16.42
C PRO D 837 -4.84 -40.63 -15.68
N LYS D 838 -4.82 -41.84 -15.14
CA LYS D 838 -5.97 -42.38 -14.41
C LYS D 838 -6.05 -41.82 -13.00
N THR D 839 -4.91 -41.74 -12.32
CA THR D 839 -4.86 -41.30 -10.92
C THR D 839 -4.85 -39.77 -10.80
N ASP D 840 -3.74 -39.16 -11.16
CA ASP D 840 -3.58 -37.71 -11.03
C ASP D 840 -4.43 -36.97 -12.06
N LYS D 841 -5.28 -36.07 -11.58
CA LYS D 841 -6.19 -35.34 -12.46
C LYS D 841 -5.89 -33.85 -12.42
N LEU D 842 -6.35 -33.13 -13.42
CA LEU D 842 -6.16 -31.69 -13.48
C LEU D 842 -7.06 -31.09 -12.41
N VAL D 843 -8.36 -31.28 -12.59
CA VAL D 843 -9.36 -30.88 -11.61
C VAL D 843 -9.95 -32.13 -10.98
N ASN D 844 -9.65 -32.36 -9.70
CA ASN D 844 -10.08 -33.59 -9.03
C ASN D 844 -10.89 -33.22 -7.79
N GLU D 845 -11.27 -34.23 -7.01
CA GLU D 845 -12.05 -34.10 -5.80
C GLU D 845 -11.57 -33.00 -4.83
N GLN D 846 -10.28 -33.06 -4.51
CA GLN D 846 -9.64 -32.17 -3.53
C GLN D 846 -9.71 -30.68 -3.90
N LEU D 847 -9.63 -30.38 -5.20
CA LEU D 847 -9.73 -29.00 -5.68
C LEU D 847 -11.10 -28.43 -5.38
N ILE D 848 -12.13 -29.19 -5.76
CA ILE D 848 -13.51 -28.80 -5.56
C ILE D 848 -13.81 -28.67 -4.08
N SER D 849 -13.26 -29.59 -3.30
CA SER D 849 -13.44 -29.59 -1.86
C SER D 849 -12.79 -28.38 -1.21
N MET D 850 -11.80 -27.79 -1.89
CA MET D 850 -11.20 -26.55 -1.40
C MET D 850 -11.96 -25.30 -1.85
N ALA D 851 -11.99 -25.10 -3.18
CA ALA D 851 -12.62 -23.93 -3.80
C ALA D 851 -14.08 -23.79 -3.42
N TYR D 852 -14.87 -24.82 -3.71
CA TYR D 852 -16.29 -24.79 -3.39
C TYR D 852 -16.53 -24.98 -1.89
N GLY D 853 -15.83 -25.94 -1.29
CA GLY D 853 -16.08 -26.33 0.07
C GLY D 853 -15.63 -25.37 1.16
N GLN D 854 -14.41 -24.84 1.01
CA GLN D 854 -13.81 -24.09 2.11
C GLN D 854 -13.63 -22.60 1.80
N ILE D 855 -12.73 -22.30 0.87
CA ILE D 855 -12.35 -20.92 0.60
C ILE D 855 -13.51 -20.07 0.09
N GLY D 856 -14.22 -20.61 -0.90
CA GLY D 856 -15.35 -19.92 -1.50
C GLY D 856 -16.41 -19.61 -0.47
N MET D 857 -16.53 -20.47 0.52
CA MET D 857 -17.50 -20.29 1.59
C MET D 857 -17.16 -19.07 2.45
N ILE D 858 -15.89 -18.99 2.87
CA ILE D 858 -15.41 -17.84 3.63
C ILE D 858 -15.65 -16.58 2.81
N GLN D 859 -15.36 -16.65 1.52
CA GLN D 859 -15.64 -15.55 0.62
C GLN D 859 -17.11 -15.11 0.68
N ALA D 860 -18.02 -16.07 0.50
CA ALA D 860 -19.45 -15.80 0.52
C ALA D 860 -19.87 -15.11 1.83
N LEU D 861 -19.35 -15.63 2.93
CA LEU D 861 -19.64 -15.05 4.25
C LEU D 861 -19.17 -13.61 4.34
N GLY D 862 -17.99 -13.33 3.79
CA GLY D 862 -17.49 -11.96 3.74
C GLY D 862 -18.44 -11.05 2.99
N GLY D 863 -18.88 -11.51 1.82
CA GLY D 863 -19.81 -10.76 1.01
C GLY D 863 -21.11 -10.43 1.72
N PHE D 864 -21.75 -11.46 2.28
CA PHE D 864 -22.99 -11.25 3.01
C PHE D 864 -22.79 -10.34 4.22
N PHE D 865 -21.61 -10.41 4.81
CA PHE D 865 -21.29 -9.52 5.92
C PHE D 865 -21.31 -8.07 5.47
N THR D 866 -20.62 -7.78 4.37
CA THR D 866 -20.63 -6.42 3.83
C THR D 866 -22.06 -5.96 3.53
N TYR D 867 -22.81 -6.87 2.92
CA TYR D 867 -24.23 -6.66 2.61
C TYR D 867 -25.03 -6.18 3.82
N PHE D 868 -24.94 -6.95 4.91
CA PHE D 868 -25.66 -6.62 6.12
C PHE D 868 -25.13 -5.37 6.80
N VAL D 869 -23.83 -5.11 6.68
CA VAL D 869 -23.28 -3.88 7.24
C VAL D 869 -23.95 -2.69 6.59
N ILE D 870 -23.91 -2.66 5.26
CA ILE D 870 -24.50 -1.56 4.53
C ILE D 870 -25.99 -1.41 4.78
N LEU D 871 -26.72 -2.51 4.70
CA LEU D 871 -28.17 -2.42 4.88
C LEU D 871 -28.57 -2.06 6.30
N ALA D 872 -27.81 -2.52 7.28
CA ALA D 872 -28.11 -2.20 8.68
C ALA D 872 -27.80 -0.74 8.96
N GLU D 873 -26.73 -0.23 8.39
CA GLU D 873 -26.35 1.17 8.62
C GLU D 873 -27.35 2.13 7.97
N ASN D 874 -28.01 1.68 6.91
CA ASN D 874 -28.96 2.52 6.20
C ASN D 874 -30.38 2.43 6.76
N GLY D 875 -30.54 1.68 7.84
CA GLY D 875 -31.82 1.62 8.54
C GLY D 875 -32.57 0.30 8.45
N PHE D 876 -32.10 -0.63 7.63
CA PHE D 876 -32.71 -1.95 7.59
C PHE D 876 -31.85 -2.96 8.34
N LEU D 877 -32.31 -3.36 9.51
CA LEU D 877 -31.57 -4.33 10.33
C LEU D 877 -31.75 -5.71 9.72
N PRO D 878 -30.69 -6.54 9.78
CA PRO D 878 -30.66 -7.83 9.08
C PRO D 878 -31.86 -8.72 9.38
N ILE D 879 -32.22 -8.82 10.66
CA ILE D 879 -33.33 -9.67 11.08
C ILE D 879 -34.64 -9.23 10.41
N HIS D 880 -34.75 -7.94 10.13
CA HIS D 880 -35.95 -7.38 9.53
C HIS D 880 -35.98 -7.60 8.00
N LEU D 881 -34.82 -7.94 7.44
CA LEU D 881 -34.70 -8.07 5.98
C LEU D 881 -35.37 -9.33 5.44
N LEU D 882 -35.78 -10.23 6.34
CA LEU D 882 -36.31 -11.52 5.94
C LEU D 882 -37.76 -11.42 5.44
N GLY D 883 -38.03 -12.04 4.29
CA GLY D 883 -39.35 -12.03 3.69
C GLY D 883 -39.70 -10.71 3.05
N LEU D 884 -38.76 -9.76 3.12
CA LEU D 884 -39.00 -8.40 2.66
C LEU D 884 -39.03 -8.29 1.14
N ARG D 885 -38.26 -9.13 0.47
CA ARG D 885 -38.05 -9.02 -0.98
C ARG D 885 -39.37 -8.94 -1.76
N VAL D 886 -40.38 -9.66 -1.29
CA VAL D 886 -41.68 -9.70 -1.94
C VAL D 886 -42.21 -8.29 -2.14
N ASN D 887 -42.19 -7.50 -1.07
CA ASN D 887 -42.59 -6.11 -1.16
C ASN D 887 -41.47 -5.24 -1.70
N TRP D 888 -40.23 -5.70 -1.48
CA TRP D 888 -39.05 -4.92 -1.85
C TRP D 888 -38.91 -4.80 -3.36
N ASP D 889 -39.11 -5.93 -4.04
CA ASP D 889 -38.99 -5.98 -5.49
C ASP D 889 -40.28 -5.49 -6.17
N ASP D 890 -41.28 -5.16 -5.36
CA ASP D 890 -42.50 -4.59 -5.92
C ASP D 890 -42.28 -3.13 -6.26
N ARG D 891 -42.49 -2.78 -7.53
CA ARG D 891 -42.21 -1.44 -8.03
C ARG D 891 -43.15 -0.40 -7.41
N TRP D 892 -44.37 -0.84 -7.11
CA TRP D 892 -45.45 0.07 -6.77
C TRP D 892 -45.71 0.26 -5.28
N ILE D 893 -44.95 -0.42 -4.42
CA ILE D 893 -45.08 -0.14 -3.00
C ILE D 893 -44.04 0.91 -2.64
N ASN D 894 -44.50 2.14 -2.43
CA ASN D 894 -43.62 3.27 -2.13
C ASN D 894 -43.56 3.68 -0.66
N ASP D 895 -44.36 3.02 0.19
CA ASP D 895 -44.17 3.13 1.63
C ASP D 895 -43.72 1.77 2.16
N VAL D 896 -42.43 1.68 2.50
CA VAL D 896 -41.84 0.43 2.96
C VAL D 896 -41.10 0.66 4.27
N GLU D 897 -41.54 0.00 5.32
CA GLU D 897 -41.04 0.29 6.66
C GLU D 897 -39.72 -0.39 6.96
N ASP D 898 -38.72 0.41 7.33
CA ASP D 898 -37.46 -0.12 7.82
C ASP D 898 -37.59 -0.42 9.31
N SER D 899 -36.47 -0.69 9.97
CA SER D 899 -36.52 -0.98 11.40
C SER D 899 -36.71 0.28 12.24
N TYR D 900 -36.52 1.44 11.63
CA TYR D 900 -36.72 2.70 12.34
C TYR D 900 -38.09 3.32 12.11
N GLY D 901 -38.89 2.70 11.25
CA GLY D 901 -40.25 3.17 10.99
C GLY D 901 -40.38 4.11 9.80
N GLN D 902 -39.28 4.34 9.10
CA GLN D 902 -39.26 5.22 7.94
C GLN D 902 -39.86 4.55 6.70
N GLN D 903 -40.33 5.35 5.76
CA GLN D 903 -40.98 4.83 4.56
C GLN D 903 -40.17 5.10 3.29
N TRP D 904 -39.77 4.02 2.62
CA TRP D 904 -38.93 4.12 1.42
C TRP D 904 -39.74 3.92 0.14
N THR D 905 -39.40 4.67 -0.90
CA THR D 905 -40.00 4.47 -2.22
C THR D 905 -39.31 3.33 -2.91
N TYR D 906 -39.60 3.14 -4.19
CA TYR D 906 -38.98 2.07 -4.95
C TYR D 906 -37.54 2.43 -5.29
N GLU D 907 -37.35 3.49 -6.06
CA GLU D 907 -36.03 3.88 -6.52
C GLU D 907 -35.03 4.14 -5.39
N GLN D 908 -35.49 4.62 -4.24
CA GLN D 908 -34.59 4.85 -3.12
C GLN D 908 -33.97 3.56 -2.59
N ARG D 909 -34.83 2.65 -2.15
CA ARG D 909 -34.40 1.39 -1.57
C ARG D 909 -33.69 0.55 -2.63
N LYS D 910 -34.11 0.70 -3.88
CA LYS D 910 -33.45 -0.01 -4.97
C LYS D 910 -32.05 0.53 -5.18
N ILE D 911 -31.90 1.85 -5.10
CA ILE D 911 -30.59 2.48 -5.17
C ILE D 911 -29.70 1.94 -4.05
N VAL D 912 -30.30 1.71 -2.90
CA VAL D 912 -29.56 1.08 -1.80
C VAL D 912 -29.16 -0.38 -2.11
N GLU D 913 -30.06 -1.11 -2.76
CA GLU D 913 -29.77 -2.50 -3.14
C GLU D 913 -28.64 -2.57 -4.16
N PHE D 914 -28.61 -1.60 -5.07
CA PHE D 914 -27.61 -1.53 -6.13
C PHE D 914 -26.31 -0.97 -5.58
N THR D 915 -26.42 -0.14 -4.54
CA THR D 915 -25.24 0.31 -3.83
C THR D 915 -24.90 -0.75 -2.77
N CYS D 916 -25.70 -1.81 -2.72
CA CYS D 916 -25.30 -3.02 -2.01
C CYS D 916 -24.69 -4.06 -2.96
N HIS D 917 -24.84 -3.85 -4.25
CA HIS D 917 -24.26 -4.75 -5.24
C HIS D 917 -22.77 -4.43 -5.43
N THR D 918 -22.50 -3.14 -5.62
CA THR D 918 -21.14 -2.65 -5.81
C THR D 918 -20.17 -3.07 -4.69
N PRO D 919 -20.56 -2.93 -3.41
CA PRO D 919 -19.67 -3.34 -2.33
C PRO D 919 -19.54 -4.84 -2.20
N PHE D 920 -20.56 -5.59 -2.62
CA PHE D 920 -20.46 -7.03 -2.62
C PHE D 920 -19.39 -7.40 -3.63
N PHE D 921 -19.43 -6.74 -4.78
CA PHE D 921 -18.44 -6.91 -5.85
C PHE D 921 -17.03 -6.55 -5.38
N VAL D 922 -16.91 -5.38 -4.76
CA VAL D 922 -15.65 -4.92 -4.19
C VAL D 922 -15.12 -5.93 -3.18
N THR D 923 -16.02 -6.46 -2.35
CA THR D 923 -15.69 -7.47 -1.35
C THR D 923 -15.16 -8.73 -2.02
N ILE D 924 -15.80 -9.13 -3.11
CA ILE D 924 -15.32 -10.26 -3.90
C ILE D 924 -13.88 -10.00 -4.29
N VAL D 925 -13.60 -8.79 -4.78
CA VAL D 925 -12.22 -8.43 -5.11
C VAL D 925 -11.27 -8.57 -3.91
N VAL D 926 -11.71 -8.06 -2.76
CA VAL D 926 -10.89 -8.07 -1.55
C VAL D 926 -10.53 -9.50 -1.11
N VAL D 927 -11.50 -10.40 -1.14
CA VAL D 927 -11.21 -11.79 -0.77
C VAL D 927 -10.44 -12.49 -1.88
N GLN D 928 -10.59 -12.01 -3.11
CA GLN D 928 -9.84 -12.57 -4.23
C GLN D 928 -8.39 -12.14 -4.18
N TRP D 929 -8.07 -11.12 -3.38
CA TRP D 929 -6.67 -10.82 -3.08
C TRP D 929 -6.03 -12.03 -2.41
N ALA D 930 -6.60 -12.39 -1.27
CA ALA D 930 -6.10 -13.48 -0.47
C ALA D 930 -6.14 -14.79 -1.25
N ASP D 931 -7.25 -15.01 -1.96
CA ASP D 931 -7.41 -16.22 -2.76
C ASP D 931 -6.35 -16.29 -3.85
N LEU D 932 -5.99 -15.14 -4.41
CA LEU D 932 -4.96 -15.09 -5.45
C LEU D 932 -3.59 -15.41 -4.88
N VAL D 933 -3.31 -14.88 -3.69
CA VAL D 933 -2.01 -15.10 -3.06
C VAL D 933 -1.83 -16.55 -2.61
N ILE D 934 -2.90 -17.15 -2.10
CA ILE D 934 -2.81 -18.54 -1.65
C ILE D 934 -2.92 -19.55 -2.80
N CYS D 935 -3.58 -19.18 -3.89
CA CYS D 935 -3.69 -20.07 -5.05
C CYS D 935 -2.36 -20.09 -5.80
N LYS D 936 -1.54 -19.09 -5.50
CA LYS D 936 -0.22 -18.96 -6.09
C LYS D 936 0.63 -20.19 -5.84
N THR D 937 0.40 -20.82 -4.69
CA THR D 937 1.18 -22.00 -4.29
C THR D 937 0.28 -23.12 -3.83
N ARG D 938 0.50 -24.30 -4.39
CA ARG D 938 -0.23 -25.49 -3.99
C ARG D 938 0.33 -26.13 -2.71
N ARG D 939 1.64 -26.02 -2.52
CA ARG D 939 2.31 -26.67 -1.39
C ARG D 939 3.12 -25.67 -0.57
N ASN D 940 4.10 -25.04 -1.20
CA ASN D 940 4.98 -24.10 -0.52
C ASN D 940 4.23 -22.99 0.20
N SER D 941 4.75 -22.58 1.35
CA SER D 941 4.22 -21.41 2.03
C SER D 941 4.62 -20.18 1.23
N VAL D 942 3.77 -19.15 1.24
CA VAL D 942 3.97 -17.96 0.42
C VAL D 942 5.28 -17.25 0.78
N PHE D 943 5.82 -17.53 1.97
CA PHE D 943 7.06 -16.90 2.37
C PHE D 943 8.28 -17.62 1.82
N GLN D 944 8.03 -18.70 1.07
CA GLN D 944 9.09 -19.45 0.41
C GLN D 944 9.12 -19.11 -1.07
N GLN D 945 8.09 -19.56 -1.79
CA GLN D 945 7.96 -19.32 -3.22
C GLN D 945 7.91 -17.83 -3.49
N GLY D 946 6.92 -17.17 -2.92
CA GLY D 946 6.93 -15.72 -2.82
C GLY D 946 6.37 -14.90 -3.97
N MET D 947 6.41 -13.59 -3.75
CA MET D 947 5.71 -12.59 -4.55
C MET D 947 6.53 -12.11 -5.75
N LYS D 948 7.63 -12.82 -6.02
CA LYS D 948 8.53 -12.47 -7.12
C LYS D 948 7.81 -12.39 -8.46
N ASN D 949 6.57 -12.84 -8.53
CA ASN D 949 5.76 -12.72 -9.74
C ASN D 949 5.26 -11.29 -9.88
N LYS D 950 5.68 -10.62 -10.95
CA LYS D 950 5.39 -9.20 -11.15
C LYS D 950 3.98 -9.02 -11.72
N ILE D 951 3.63 -9.87 -12.67
CA ILE D 951 2.32 -9.84 -13.31
C ILE D 951 1.21 -10.01 -12.27
N LEU D 952 1.53 -10.74 -11.22
CA LEU D 952 0.59 -10.98 -10.13
C LEU D 952 0.37 -9.70 -9.33
N ILE D 953 1.47 -9.04 -8.98
CA ILE D 953 1.43 -7.75 -8.28
C ILE D 953 0.57 -6.78 -9.06
N PHE D 954 0.89 -6.63 -10.34
CA PHE D 954 0.12 -5.76 -11.22
C PHE D 954 -1.33 -6.20 -11.29
N GLY D 955 -1.55 -7.51 -11.19
CA GLY D 955 -2.89 -8.05 -11.18
C GLY D 955 -3.67 -7.47 -10.02
N LEU D 956 -3.08 -7.53 -8.83
CA LEU D 956 -3.71 -6.96 -7.65
C LEU D 956 -3.98 -5.47 -7.80
N PHE D 957 -2.95 -4.72 -8.20
CA PHE D 957 -3.09 -3.27 -8.34
C PHE D 957 -4.18 -2.87 -9.33
N GLU D 958 -4.11 -3.43 -10.52
CA GLU D 958 -5.07 -3.14 -11.58
C GLU D 958 -6.47 -3.57 -11.20
N GLU D 959 -6.57 -4.72 -10.53
CA GLU D 959 -7.84 -5.23 -10.05
C GLU D 959 -8.52 -4.25 -9.09
N THR D 960 -7.79 -3.90 -8.03
CA THR D 960 -8.30 -2.97 -7.03
C THR D 960 -8.68 -1.64 -7.68
N ALA D 961 -7.79 -1.12 -8.52
CA ALA D 961 -8.02 0.16 -9.18
C ALA D 961 -9.26 0.12 -10.05
N LEU D 962 -9.48 -1.03 -10.70
CA LEU D 962 -10.63 -1.22 -11.56
C LEU D 962 -11.92 -1.20 -10.76
N ALA D 963 -11.94 -1.97 -9.68
CA ALA D 963 -13.12 -2.00 -8.82
C ALA D 963 -13.44 -0.60 -8.31
N ALA D 964 -12.41 0.09 -7.81
CA ALA D 964 -12.57 1.45 -7.30
C ALA D 964 -13.12 2.38 -8.37
N PHE D 965 -12.64 2.20 -9.60
CA PHE D 965 -13.11 3.01 -10.71
C PHE D 965 -14.59 2.76 -10.98
N LEU D 966 -14.95 1.50 -11.17
CA LEU D 966 -16.33 1.12 -11.45
C LEU D 966 -17.27 1.68 -10.40
N SER D 967 -16.83 1.63 -9.16
CA SER D 967 -17.62 2.17 -8.07
C SER D 967 -17.77 3.69 -8.18
N TYR D 968 -16.64 4.37 -8.32
CA TYR D 968 -16.64 5.84 -8.20
C TYR D 968 -16.65 6.63 -9.49
N CYS D 969 -16.68 5.97 -10.64
CA CYS D 969 -16.71 6.73 -11.89
C CYS D 969 -18.09 7.36 -12.08
N PRO D 970 -18.13 8.62 -12.52
CA PRO D 970 -19.39 9.33 -12.73
C PRO D 970 -20.30 8.67 -13.77
N GLY D 971 -21.58 8.52 -13.42
CA GLY D 971 -22.56 7.98 -14.35
C GLY D 971 -22.59 6.46 -14.41
N MET D 972 -21.81 5.82 -13.54
CA MET D 972 -21.77 4.37 -13.48
C MET D 972 -23.06 3.81 -12.88
N GLY D 973 -23.69 4.58 -12.01
CA GLY D 973 -24.97 4.20 -11.44
C GLY D 973 -26.05 4.31 -12.48
N VAL D 974 -25.81 5.17 -13.46
CA VAL D 974 -26.72 5.32 -14.58
C VAL D 974 -26.52 4.18 -15.57
N ALA D 975 -25.26 3.84 -15.82
CA ALA D 975 -24.92 2.83 -16.82
C ALA D 975 -25.01 1.40 -16.28
N LEU D 976 -24.10 1.06 -15.37
CA LEU D 976 -24.02 -0.29 -14.83
C LEU D 976 -24.83 -0.45 -13.55
N ARG D 977 -25.48 0.63 -13.12
CA ARG D 977 -26.26 0.63 -11.89
C ARG D 977 -25.33 0.28 -10.73
N MET D 978 -24.14 0.86 -10.76
CA MET D 978 -23.15 0.72 -9.70
C MET D 978 -22.89 2.07 -9.03
N TYR D 979 -22.92 2.09 -7.70
CA TYR D 979 -22.85 3.36 -6.99
C TYR D 979 -21.57 3.49 -6.17
N PRO D 980 -21.14 4.74 -5.92
CA PRO D 980 -19.92 4.99 -5.14
C PRO D 980 -20.03 4.43 -3.73
N LEU D 981 -19.01 3.67 -3.33
CA LEU D 981 -18.96 3.10 -1.99
C LEU D 981 -18.61 4.16 -0.96
N LYS D 982 -19.45 4.31 0.06
CA LYS D 982 -19.02 5.00 1.26
C LYS D 982 -17.79 4.22 1.74
N PRO D 983 -16.65 4.90 1.85
CA PRO D 983 -15.36 4.19 1.84
C PRO D 983 -15.14 3.14 2.96
N THR D 984 -15.77 3.29 4.12
CA THR D 984 -15.58 2.33 5.20
C THR D 984 -16.12 0.95 4.80
N TRP D 985 -17.07 0.94 3.86
CA TRP D 985 -17.55 -0.30 3.27
C TRP D 985 -16.38 -1.19 2.86
N TRP D 986 -15.32 -0.56 2.33
CA TRP D 986 -14.17 -1.28 1.80
C TRP D 986 -13.49 -2.19 2.83
N PHE D 987 -13.65 -1.88 4.11
CA PHE D 987 -12.94 -2.63 5.14
C PHE D 987 -13.75 -3.78 5.74
N CYS D 988 -14.98 -3.94 5.31
CA CYS D 988 -15.84 -4.99 5.84
C CYS D 988 -15.30 -6.37 5.45
N ALA D 989 -14.74 -6.46 4.26
CA ALA D 989 -14.29 -7.75 3.74
C ALA D 989 -12.94 -8.18 4.31
N PHE D 990 -12.18 -7.19 4.78
CA PHE D 990 -10.79 -7.38 5.21
C PHE D 990 -10.52 -8.58 6.13
N PRO D 991 -11.26 -8.71 7.25
CA PRO D 991 -10.94 -9.80 8.17
C PRO D 991 -11.16 -11.19 7.57
N TYR D 992 -12.08 -11.26 6.61
CA TYR D 992 -12.35 -12.52 5.93
C TYR D 992 -11.20 -12.88 5.00
N SER D 993 -10.64 -11.87 4.34
CA SER D 993 -9.48 -12.08 3.47
C SER D 993 -8.31 -12.56 4.30
N LEU D 994 -8.04 -11.86 5.40
CA LEU D 994 -6.98 -12.26 6.30
C LEU D 994 -7.19 -13.68 6.81
N LEU D 995 -8.44 -14.02 7.11
CA LEU D 995 -8.77 -15.37 7.54
C LEU D 995 -8.43 -16.40 6.46
N ILE D 996 -8.81 -16.11 5.22
CA ILE D 996 -8.52 -17.00 4.10
C ILE D 996 -7.02 -17.24 4.00
N PHE D 997 -6.26 -16.14 4.00
CA PHE D 997 -4.81 -16.22 3.90
C PHE D 997 -4.21 -17.07 5.01
N VAL D 998 -4.50 -16.73 6.25
CA VAL D 998 -3.94 -17.45 7.39
C VAL D 998 -4.29 -18.93 7.33
N TYR D 999 -5.57 -19.22 7.07
CA TYR D 999 -6.05 -20.60 6.99
C TYR D 999 -5.31 -21.42 5.93
N ASP D 1000 -5.26 -20.94 4.69
CA ASP D 1000 -4.59 -21.71 3.66
C ASP D 1000 -3.08 -21.77 3.90
N GLU D 1001 -2.56 -20.80 4.65
CA GLU D 1001 -1.14 -20.77 4.94
C GLU D 1001 -0.75 -21.84 5.96
N VAL D 1002 -1.60 -22.03 6.96
CA VAL D 1002 -1.36 -23.08 7.95
C VAL D 1002 -1.74 -24.44 7.38
N ARG D 1003 -2.61 -24.45 6.38
CA ARG D 1003 -2.90 -25.69 5.67
C ARG D 1003 -1.67 -26.11 4.89
N LYS D 1004 -1.04 -25.16 4.21
CA LYS D 1004 0.15 -25.41 3.41
C LYS D 1004 1.39 -25.48 4.29
N LEU D 1005 1.20 -25.25 5.58
CA LEU D 1005 2.23 -25.54 6.57
C LEU D 1005 2.11 -27.00 6.98
N ILE D 1006 0.97 -27.36 7.56
CA ILE D 1006 0.69 -28.72 7.99
C ILE D 1006 0.96 -29.75 6.89
N ILE D 1007 0.60 -29.41 5.65
CA ILE D 1007 0.89 -30.32 4.53
C ILE D 1007 2.39 -30.52 4.37
N ARG D 1008 3.16 -29.46 4.54
CA ARG D 1008 4.61 -29.56 4.46
C ARG D 1008 5.20 -30.38 5.60
N ARG D 1009 4.68 -30.16 6.80
CA ARG D 1009 5.21 -30.80 8.00
C ARG D 1009 4.77 -32.27 8.09
N ARG D 1010 3.53 -32.54 7.68
CA ARG D 1010 2.99 -33.88 7.75
C ARG D 1010 2.61 -34.38 6.36
N PRO D 1011 3.56 -34.95 5.62
CA PRO D 1011 3.18 -35.49 4.31
C PRO D 1011 2.67 -36.92 4.43
N GLY D 1012 1.77 -37.17 5.39
CA GLY D 1012 1.13 -38.47 5.47
C GLY D 1012 0.17 -38.67 4.32
N GLY D 1013 -0.86 -37.84 4.22
CA GLY D 1013 -1.31 -37.00 5.33
C GLY D 1013 -2.77 -36.67 5.16
N TRP D 1014 -3.48 -36.41 6.25
CA TRP D 1014 -4.93 -36.24 6.16
C TRP D 1014 -5.25 -34.94 5.44
N VAL D 1015 -4.56 -33.88 5.82
CA VAL D 1015 -4.71 -32.60 5.15
C VAL D 1015 -4.26 -32.71 3.69
N GLU D 1016 -3.21 -33.50 3.46
CA GLU D 1016 -2.67 -33.67 2.11
C GLU D 1016 -3.61 -34.50 1.24
N LYS D 1017 -4.22 -35.52 1.82
CA LYS D 1017 -5.13 -36.38 1.06
C LYS D 1017 -6.46 -35.69 0.78
N GLU D 1018 -6.97 -34.94 1.75
CA GLU D 1018 -8.28 -34.30 1.61
C GLU D 1018 -8.25 -32.98 0.84
N THR D 1019 -7.18 -32.21 0.97
CA THR D 1019 -7.14 -30.86 0.44
C THR D 1019 -6.20 -30.70 -0.74
N TYR D 1020 -4.92 -31.00 -0.55
CA TYR D 1020 -3.88 -30.78 -1.55
C TYR D 1020 -4.32 -31.35 -2.91
N TYR D 1021 -4.26 -30.50 -3.94
CA TYR D 1021 -4.89 -30.79 -5.21
C TYR D 1021 -3.96 -30.54 -6.40
N ILE E 16 -17.23 -46.90 -13.19
CA ILE E 16 -17.99 -45.88 -12.46
C ILE E 16 -18.98 -46.50 -11.44
N TRP E 17 -19.33 -47.78 -11.62
CA TRP E 17 -20.34 -48.48 -10.80
C TRP E 17 -19.99 -48.52 -9.29
N ASN E 18 -18.94 -47.78 -8.93
CA ASN E 18 -18.28 -47.76 -7.64
C ASN E 18 -19.18 -47.51 -6.42
N SER E 19 -20.48 -47.38 -6.66
CA SER E 19 -21.49 -47.06 -5.65
C SER E 19 -21.21 -47.82 -4.34
N GLU E 20 -21.25 -49.14 -4.35
CA GLU E 20 -20.75 -49.86 -3.17
C GLU E 20 -20.04 -51.17 -3.50
N LYS E 21 -18.91 -51.39 -2.81
CA LYS E 21 -18.18 -52.66 -2.85
C LYS E 21 -17.36 -52.78 -1.57
N LYS E 22 -16.43 -53.72 -1.50
CA LYS E 22 -15.68 -53.96 -0.28
C LYS E 22 -14.32 -53.25 -0.21
N GLU E 23 -14.20 -52.28 0.70
CA GLU E 23 -15.35 -51.70 1.37
C GLU E 23 -15.33 -50.19 1.27
N PHE E 24 -16.18 -49.64 0.41
CA PHE E 24 -16.37 -48.19 0.33
C PHE E 24 -17.80 -47.85 -0.07
N LEU E 25 -18.40 -46.89 0.62
CA LEU E 25 -19.67 -46.31 0.20
C LEU E 25 -19.42 -45.22 -0.83
N GLY E 26 -20.23 -45.21 -1.88
CA GLY E 26 -20.04 -44.30 -2.99
C GLY E 26 -19.96 -42.85 -2.57
N ARG E 27 -18.85 -42.22 -2.94
CA ARG E 27 -17.81 -42.89 -3.74
C ARG E 27 -16.84 -43.73 -2.90
N THR E 28 -16.06 -43.09 -2.03
CA THR E 28 -15.20 -43.84 -1.11
C THR E 28 -15.64 -43.64 0.34
N GLY E 29 -16.13 -44.71 0.97
CA GLY E 29 -16.83 -44.58 2.23
C GLY E 29 -16.16 -44.99 3.54
N GLY E 30 -14.84 -45.19 3.52
CA GLY E 30 -14.13 -45.56 4.73
C GLY E 30 -14.07 -44.45 5.76
N SER E 31 -13.59 -43.28 5.33
CA SER E 31 -13.29 -42.17 6.23
C SER E 31 -14.39 -41.14 6.36
N TRP E 32 -15.56 -41.41 5.77
CA TRP E 32 -16.64 -40.42 5.68
C TRP E 32 -16.90 -39.66 6.97
N PHE E 33 -16.83 -40.37 8.10
CA PHE E 33 -16.98 -39.74 9.40
C PHE E 33 -15.97 -38.62 9.62
N LYS E 34 -14.72 -38.88 9.25
CA LYS E 34 -13.65 -37.90 9.39
C LYS E 34 -14.01 -36.59 8.69
N ILE E 35 -14.20 -36.65 7.38
CA ILE E 35 -14.52 -35.47 6.58
C ILE E 35 -15.82 -34.78 6.98
N LEU E 36 -16.85 -35.56 7.30
CA LEU E 36 -18.13 -34.98 7.71
C LEU E 36 -17.95 -34.19 9.01
N LEU E 37 -17.20 -34.78 9.94
CA LEU E 37 -16.87 -34.11 11.19
C LEU E 37 -16.08 -32.84 10.93
N PHE E 38 -15.11 -32.93 10.02
CA PHE E 38 -14.29 -31.78 9.65
C PHE E 38 -15.12 -30.63 9.11
N TYR E 39 -16.12 -30.94 8.28
CA TYR E 39 -16.95 -29.90 7.70
C TYR E 39 -17.96 -29.38 8.71
N VAL E 40 -18.34 -30.22 9.68
CA VAL E 40 -19.20 -29.75 10.75
C VAL E 40 -18.47 -28.73 11.62
N ILE E 41 -17.26 -29.09 12.03
CA ILE E 41 -16.39 -28.19 12.79
C ILE E 41 -16.11 -26.92 12.01
N PHE E 42 -15.67 -27.09 10.77
CA PHE E 42 -15.29 -25.99 9.87
C PHE E 42 -16.43 -25.00 9.64
N TYR E 43 -17.51 -25.49 9.04
CA TYR E 43 -18.67 -24.65 8.77
C TYR E 43 -19.25 -24.07 10.06
N GLY E 44 -19.12 -24.81 11.17
CA GLY E 44 -19.53 -24.31 12.46
C GLY E 44 -18.72 -23.09 12.87
N CYS E 45 -17.41 -23.17 12.68
CA CYS E 45 -16.51 -22.08 13.04
C CYS E 45 -16.70 -20.89 12.11
N LEU E 46 -16.93 -21.18 10.83
CA LEU E 46 -17.23 -20.12 9.87
C LEU E 46 -18.49 -19.37 10.29
N ALA E 47 -19.53 -20.13 10.63
CA ALA E 47 -20.78 -19.55 11.09
C ALA E 47 -20.55 -18.68 12.31
N GLY E 48 -19.83 -19.23 13.29
CA GLY E 48 -19.47 -18.49 14.49
C GLY E 48 -18.77 -17.18 14.22
N ILE E 49 -17.74 -17.21 13.37
CA ILE E 49 -17.00 -16.02 12.98
C ILE E 49 -17.92 -14.97 12.34
N PHE E 50 -18.77 -15.44 11.43
CA PHE E 50 -19.73 -14.57 10.76
C PHE E 50 -20.63 -13.87 11.76
N ILE E 51 -21.22 -14.66 12.66
CA ILE E 51 -22.11 -14.11 13.68
C ILE E 51 -21.36 -13.13 14.57
N GLY E 52 -20.06 -13.39 14.76
CA GLY E 52 -19.24 -12.47 15.53
C GLY E 52 -19.15 -11.12 14.87
N THR E 53 -18.70 -11.11 13.61
CA THR E 53 -18.56 -9.87 12.86
C THR E 53 -19.90 -9.13 12.81
N ILE E 54 -20.97 -9.88 12.58
CA ILE E 54 -22.30 -9.30 12.51
C ILE E 54 -22.71 -8.74 13.86
N GLN E 55 -22.16 -9.30 14.94
CA GLN E 55 -22.49 -8.85 16.28
C GLN E 55 -21.80 -7.54 16.62
N VAL E 56 -20.52 -7.41 16.28
CA VAL E 56 -19.85 -6.13 16.51
C VAL E 56 -20.50 -5.06 15.64
N MET E 57 -20.78 -5.44 14.41
CA MET E 57 -21.51 -4.58 13.48
C MET E 57 -22.82 -4.10 14.12
N LEU E 58 -23.53 -5.01 14.79
CA LEU E 58 -24.78 -4.65 15.45
C LEU E 58 -24.53 -3.84 16.70
N LEU E 59 -23.31 -3.90 17.23
CA LEU E 59 -22.93 -3.06 18.36
C LEU E 59 -22.74 -1.63 17.90
N THR E 60 -22.37 -1.45 16.63
CA THR E 60 -22.09 -0.10 16.13
C THR E 60 -23.28 0.67 15.57
N ILE E 61 -24.49 0.10 15.68
CA ILE E 61 -25.67 0.81 15.19
C ILE E 61 -26.46 1.45 16.33
N SER E 62 -26.88 2.69 16.12
CA SER E 62 -27.60 3.43 17.15
C SER E 62 -29.02 2.93 17.27
N GLU E 63 -29.48 2.88 18.51
CA GLU E 63 -30.77 2.32 18.80
C GLU E 63 -31.89 3.32 18.57
N PHE E 64 -31.50 4.57 18.32
CA PHE E 64 -32.45 5.68 18.23
C PHE E 64 -32.56 6.24 16.81
N LYS E 65 -31.43 6.72 16.29
CA LYS E 65 -31.39 7.33 14.97
C LYS E 65 -30.57 6.45 14.02
N PRO E 66 -30.97 6.37 12.74
CA PRO E 66 -30.18 5.61 11.77
C PRO E 66 -28.88 6.33 11.46
N THR E 67 -27.86 5.56 11.07
CA THR E 67 -26.55 6.15 10.84
C THR E 67 -26.48 6.90 9.51
N TYR E 68 -27.37 6.58 8.57
CA TYR E 68 -27.44 7.34 7.32
C TYR E 68 -28.85 7.69 6.90
N GLN E 69 -29.16 8.98 6.91
CA GLN E 69 -30.46 9.45 6.46
C GLN E 69 -30.45 10.03 5.03
N ASP E 70 -29.29 10.09 4.39
CA ASP E 70 -29.16 10.88 3.17
C ASP E 70 -29.87 10.28 1.95
N ARG E 71 -30.30 9.04 2.06
CA ARG E 71 -30.97 8.38 0.94
C ARG E 71 -32.46 8.72 0.82
N VAL E 72 -33.10 9.02 1.95
CA VAL E 72 -34.52 9.34 1.96
C VAL E 72 -34.79 10.85 1.92
N ALA E 73 -33.73 11.64 1.77
CA ALA E 73 -33.76 13.09 2.00
C ALA E 73 -34.97 13.86 1.43
N PRO E 74 -35.34 13.62 0.15
CA PRO E 74 -36.59 14.19 -0.37
C PRO E 74 -37.82 13.30 -0.17
N PRO E 75 -38.49 13.37 0.99
CA PRO E 75 -39.58 12.43 1.28
C PRO E 75 -40.68 12.40 0.20
N GLY E 76 -41.33 11.26 0.04
CA GLY E 76 -42.31 11.08 -1.02
C GLY E 76 -43.76 11.24 -0.63
N LEU E 77 -44.62 11.43 -1.64
CA LEU E 77 -46.06 11.55 -1.43
C LEU E 77 -46.78 10.28 -1.84
N THR E 78 -47.63 9.75 -0.96
CA THR E 78 -48.29 8.48 -1.24
C THR E 78 -49.81 8.56 -1.17
N GLN E 79 -50.46 7.54 -1.72
CA GLN E 79 -51.91 7.45 -1.80
C GLN E 79 -52.43 6.34 -0.89
N ILE E 80 -53.67 6.46 -0.41
CA ILE E 80 -54.27 5.35 0.31
C ILE E 80 -54.45 4.10 -0.56
N PRO E 81 -55.24 4.21 -1.66
CA PRO E 81 -55.49 2.95 -2.33
C PRO E 81 -54.39 2.69 -3.33
N GLN E 82 -53.23 2.27 -2.84
CA GLN E 82 -52.10 2.03 -3.73
C GLN E 82 -52.53 1.02 -4.76
N SER E 83 -52.42 1.40 -6.02
CA SER E 83 -53.02 0.63 -7.10
C SER E 83 -51.99 -0.27 -7.76
N GLN E 84 -52.42 -1.05 -8.75
CA GLN E 84 -51.49 -1.94 -9.44
C GLN E 84 -50.43 -1.09 -10.12
N LYS E 85 -50.83 -0.19 -11.01
CA LYS E 85 -49.95 0.90 -11.37
C LYS E 85 -50.68 2.23 -11.32
N THR E 86 -50.51 2.97 -10.21
CA THR E 86 -50.99 4.34 -10.07
C THR E 86 -52.39 4.59 -10.64
N GLU E 87 -53.28 3.61 -10.59
CA GLU E 87 -54.55 3.75 -11.31
C GLU E 87 -55.79 3.22 -10.58
N ILE E 88 -56.77 4.10 -10.44
CA ILE E 88 -58.08 3.68 -9.94
C ILE E 88 -59.06 3.71 -11.11
N SER E 89 -59.44 2.52 -11.57
CA SER E 89 -60.44 2.38 -12.63
C SER E 89 -61.59 1.54 -12.11
N PHE E 90 -62.76 2.16 -11.95
CA PHE E 90 -63.87 1.46 -11.30
C PHE E 90 -65.25 1.92 -11.74
N ARG E 91 -66.22 1.02 -11.61
CA ARG E 91 -67.60 1.29 -11.95
C ARG E 91 -68.35 1.87 -10.75
N PRO E 92 -69.03 3.01 -10.94
CA PRO E 92 -69.82 3.68 -9.90
C PRO E 92 -70.97 2.81 -9.38
N ASN E 93 -71.33 1.78 -10.14
CA ASN E 93 -72.45 0.92 -9.79
C ASN E 93 -72.04 -0.33 -9.00
N ASP E 94 -71.25 -1.19 -9.65
CA ASP E 94 -70.83 -2.46 -9.06
C ASP E 94 -70.15 -2.26 -7.71
N PRO E 95 -70.72 -2.87 -6.66
CA PRO E 95 -70.13 -2.81 -5.31
C PRO E 95 -68.78 -3.49 -5.25
N GLN E 96 -68.58 -4.51 -6.07
CA GLN E 96 -67.32 -5.25 -6.10
C GLN E 96 -66.27 -4.53 -6.95
N SER E 97 -66.70 -3.52 -7.70
CA SER E 97 -65.78 -2.74 -8.52
C SER E 97 -64.78 -1.96 -7.66
N TYR E 98 -65.27 -1.21 -6.69
CA TYR E 98 -64.40 -0.38 -5.84
C TYR E 98 -64.00 -1.03 -4.52
N GLU E 99 -64.41 -2.28 -4.30
CA GLU E 99 -64.21 -2.95 -3.02
C GLU E 99 -62.74 -3.01 -2.55
N SER E 100 -61.83 -3.29 -3.47
CA SER E 100 -60.42 -3.36 -3.14
C SER E 100 -59.91 -2.03 -2.56
N TYR E 101 -60.18 -0.95 -3.29
CA TYR E 101 -59.81 0.40 -2.86
C TYR E 101 -60.42 0.72 -1.50
N VAL E 102 -61.74 0.52 -1.39
CA VAL E 102 -62.48 0.77 -0.15
C VAL E 102 -61.88 0.05 1.05
N VAL E 103 -61.56 -1.24 0.89
CA VAL E 103 -60.95 -2.03 1.97
C VAL E 103 -59.57 -1.50 2.34
N SER E 104 -58.77 -1.19 1.33
CA SER E 104 -57.45 -0.58 1.56
C SER E 104 -57.59 0.67 2.43
N ILE E 105 -58.56 1.52 2.09
CA ILE E 105 -58.80 2.73 2.86
C ILE E 105 -59.24 2.41 4.28
N VAL E 106 -60.17 1.47 4.40
CA VAL E 106 -60.70 1.05 5.70
C VAL E 106 -59.59 0.63 6.65
N ARG E 107 -58.72 -0.26 6.19
CA ARG E 107 -57.61 -0.72 7.03
C ARG E 107 -56.58 0.37 7.26
N PHE E 108 -56.39 1.25 6.27
CA PHE E 108 -55.44 2.35 6.41
C PHE E 108 -55.85 3.27 7.55
N LEU E 109 -57.12 3.67 7.56
CA LEU E 109 -57.62 4.63 8.55
C LEU E 109 -58.17 3.92 9.78
N GLU E 110 -58.04 2.59 9.80
CA GLU E 110 -58.46 1.81 10.96
C GLU E 110 -57.61 2.17 12.18
N LYS E 111 -56.41 2.68 11.92
CA LYS E 111 -55.50 3.08 12.98
C LYS E 111 -55.87 4.44 13.58
N TYR E 112 -56.64 5.22 12.82
CA TYR E 112 -56.88 6.63 13.14
C TYR E 112 -58.17 6.93 13.90
N LYS E 113 -58.96 5.90 14.20
CA LYS E 113 -60.26 6.12 14.83
C LYS E 113 -60.14 6.61 16.27
N ASP E 114 -61.14 7.34 16.74
CA ASP E 114 -61.05 8.03 18.02
C ASP E 114 -60.97 7.08 19.22
N LEU E 115 -61.55 5.90 19.07
CA LEU E 115 -61.48 4.88 20.12
C LEU E 115 -60.19 4.09 20.00
N ALA E 116 -59.48 4.30 18.90
CA ALA E 116 -58.17 3.69 18.71
C ALA E 116 -57.10 4.44 19.49
N GLN E 117 -57.26 5.76 19.62
CA GLN E 117 -56.45 6.47 20.60
C GLN E 117 -57.34 6.79 21.79
N LYS E 118 -57.28 5.93 22.81
CA LYS E 118 -57.92 6.19 24.09
C LYS E 118 -56.99 6.88 25.08
N ASP E 119 -55.76 6.38 25.13
CA ASP E 119 -54.84 6.70 26.20
C ASP E 119 -54.37 8.15 26.21
N ASP E 120 -54.45 8.80 27.36
CA ASP E 120 -53.85 10.11 27.52
C ASP E 120 -52.41 9.93 27.96
N MET E 121 -52.05 8.67 28.25
CA MET E 121 -50.69 8.32 28.60
C MET E 121 -49.76 8.50 27.41
N ILE E 122 -50.07 7.80 26.31
CA ILE E 122 -49.24 7.84 25.12
C ILE E 122 -49.73 8.79 24.02
N PHE E 123 -50.90 9.40 24.22
CA PHE E 123 -51.43 10.30 23.22
C PHE E 123 -51.58 11.72 23.75
N GLU E 124 -51.49 12.67 22.84
CA GLU E 124 -51.50 14.08 23.19
C GLU E 124 -52.38 14.84 22.22
N ASP E 125 -53.26 15.70 22.73
CA ASP E 125 -54.16 16.43 21.86
C ASP E 125 -53.52 17.75 21.43
N CYS E 126 -53.24 17.85 20.14
CA CYS E 126 -52.62 19.06 19.60
C CYS E 126 -53.70 20.00 19.06
N GLY E 127 -53.26 21.08 18.42
CA GLY E 127 -54.19 22.12 17.98
C GLY E 127 -55.24 21.71 16.97
N ASN E 128 -56.35 22.44 16.96
CA ASN E 128 -57.38 22.28 15.94
C ASN E 128 -57.08 23.17 14.74
N VAL E 129 -55.95 23.86 14.84
CA VAL E 129 -55.44 24.74 13.78
C VAL E 129 -53.95 24.41 13.64
N PRO E 130 -53.41 24.45 12.41
CA PRO E 130 -51.98 24.13 12.22
C PRO E 130 -51.06 24.97 13.09
N SER E 131 -50.09 24.33 13.72
CA SER E 131 -49.26 24.96 14.73
C SER E 131 -47.77 24.71 14.50
N GLU E 132 -46.94 25.42 15.25
CA GLU E 132 -45.49 25.28 15.16
C GLU E 132 -45.05 23.86 15.54
N LEU E 133 -43.91 23.45 14.98
CA LEU E 133 -43.38 22.11 15.20
C LEU E 133 -43.20 21.79 16.68
N LYS E 134 -43.49 20.56 17.06
CA LYS E 134 -43.31 20.17 18.45
C LYS E 134 -42.01 19.41 18.62
N GLU E 135 -41.05 20.06 19.26
CA GLU E 135 -39.73 19.50 19.49
C GLU E 135 -39.71 18.85 20.86
N ARG E 136 -39.42 17.56 20.91
CA ARG E 136 -39.35 16.89 22.19
C ARG E 136 -37.92 16.46 22.51
N GLY E 137 -37.29 17.19 23.42
CA GLY E 137 -35.96 16.86 23.91
C GLY E 137 -34.94 16.54 22.82
N GLU E 138 -34.13 15.52 23.11
CA GLU E 138 -33.19 14.98 22.14
C GLU E 138 -33.64 13.57 21.78
N TYR E 139 -32.87 12.88 20.95
CA TYR E 139 -33.28 11.58 20.44
C TYR E 139 -32.82 10.41 21.29
N ASN E 140 -32.20 10.70 22.43
CA ASN E 140 -31.81 9.66 23.37
C ASN E 140 -32.98 9.25 24.28
N ASN E 141 -32.73 8.29 25.16
CA ASN E 141 -33.78 7.72 26.01
C ASN E 141 -33.87 8.37 27.39
N GLU E 142 -33.10 9.43 27.60
CA GLU E 142 -33.12 10.18 28.86
C GLU E 142 -34.56 10.57 29.22
N ARG E 143 -35.28 11.12 28.24
CA ARG E 143 -36.72 11.31 28.35
C ARG E 143 -37.44 10.00 28.08
N GLY E 144 -38.63 9.84 28.65
CA GLY E 144 -39.42 8.63 28.45
C GLY E 144 -39.96 8.52 27.04
N GLU E 145 -40.74 7.48 26.79
CA GLU E 145 -41.39 7.29 25.49
C GLU E 145 -42.28 8.49 25.18
N ARG E 146 -42.08 9.09 24.01
CA ARG E 146 -42.72 10.35 23.68
C ARG E 146 -44.22 10.20 23.40
N LYS E 147 -44.98 11.22 23.77
CA LYS E 147 -46.40 11.29 23.43
C LYS E 147 -46.55 11.48 21.93
N VAL E 148 -47.71 11.11 21.39
CA VAL E 148 -47.98 11.30 19.97
C VAL E 148 -49.23 12.14 19.76
N CYS E 149 -49.12 13.15 18.89
CA CYS E 149 -50.23 14.04 18.59
C CYS E 149 -51.38 13.31 17.91
N ARG E 150 -52.60 13.60 18.35
CA ARG E 150 -53.78 12.93 17.83
C ARG E 150 -54.18 13.44 16.45
N PHE E 151 -54.79 12.56 15.66
CA PHE E 151 -55.39 12.95 14.39
C PHE E 151 -56.78 12.33 14.29
N ARG E 152 -57.78 13.20 14.25
CA ARG E 152 -59.18 12.77 14.21
C ARG E 152 -59.70 12.81 12.78
N LEU E 153 -60.41 11.76 12.38
CA LEU E 153 -60.83 11.59 10.99
C LEU E 153 -61.76 12.70 10.50
N GLU E 154 -62.29 13.49 11.44
CA GLU E 154 -63.14 14.62 11.11
C GLU E 154 -62.39 15.69 10.32
N TRP E 155 -61.06 15.72 10.46
CA TRP E 155 -60.24 16.70 9.75
C TRP E 155 -60.35 16.53 8.25
N LEU E 156 -60.77 15.34 7.84
CA LEU E 156 -61.11 15.09 6.45
C LEU E 156 -62.62 14.91 6.32
N GLY E 157 -63.28 15.92 5.75
CA GLY E 157 -64.72 15.89 5.60
C GLY E 157 -65.08 15.21 4.30
N ASN E 158 -66.25 14.57 4.27
CA ASN E 158 -66.79 13.94 3.07
C ASN E 158 -65.92 12.80 2.54
N CYS E 159 -64.70 12.67 3.05
CA CYS E 159 -63.89 11.49 2.78
C CYS E 159 -63.62 10.78 4.09
N SER E 160 -64.30 9.65 4.26
CA SER E 160 -64.22 8.87 5.49
C SER E 160 -64.56 9.67 6.73
N GLY E 161 -65.32 10.76 6.61
CA GLY E 161 -65.66 11.47 7.82
C GLY E 161 -66.58 10.55 8.59
N LEU E 162 -66.08 10.04 9.71
CA LEU E 162 -66.84 9.27 10.72
C LEU E 162 -67.87 8.31 10.11
N ASN E 163 -69.12 8.46 10.55
CA ASN E 163 -70.26 7.73 9.99
C ASN E 163 -70.83 8.43 8.76
N ASP E 164 -71.30 9.67 8.95
CA ASP E 164 -71.98 10.40 7.90
C ASP E 164 -71.15 10.50 6.64
N GLU E 165 -71.76 9.99 5.57
CA GLU E 165 -71.17 9.81 4.25
C GLU E 165 -69.80 9.07 4.33
N THR E 166 -68.90 9.17 3.33
CA THR E 166 -69.28 9.30 1.92
C THR E 166 -70.43 8.32 1.54
N TYR E 167 -70.44 7.05 1.99
CA TYR E 167 -69.31 6.31 2.57
C TYR E 167 -68.72 5.51 1.42
N GLY E 168 -69.35 5.64 0.27
CA GLY E 168 -68.93 4.97 -0.94
C GLY E 168 -67.53 5.39 -1.31
N TYR E 169 -67.01 6.33 -0.53
CA TYR E 169 -65.58 6.57 -0.44
C TYR E 169 -65.02 7.11 -1.72
N LYS E 170 -65.75 8.06 -2.33
CA LYS E 170 -65.68 8.48 -3.74
C LYS E 170 -66.65 7.80 -4.72
N ASP E 171 -67.51 6.92 -4.23
CA ASP E 171 -68.45 6.18 -5.10
C ASP E 171 -69.12 7.07 -6.15
N GLY E 172 -69.66 8.20 -5.74
CA GLY E 172 -70.17 9.17 -6.69
C GLY E 172 -69.07 9.82 -7.51
N LYS E 173 -68.11 10.46 -6.83
CA LYS E 173 -66.99 11.12 -7.49
C LYS E 173 -65.68 10.86 -6.73
N PRO E 174 -64.59 10.59 -7.47
CA PRO E 174 -63.33 10.09 -6.89
C PRO E 174 -62.63 11.01 -5.86
N CYS E 175 -62.07 10.39 -4.81
CA CYS E 175 -61.30 11.09 -3.80
C CYS E 175 -60.19 10.18 -3.25
N VAL E 176 -59.02 10.77 -3.00
CA VAL E 176 -57.85 10.05 -2.51
C VAL E 176 -57.11 10.87 -1.47
N ILE E 177 -56.76 10.23 -0.35
CA ILE E 177 -55.94 10.88 0.66
C ILE E 177 -54.47 10.72 0.35
N ILE E 178 -53.77 11.84 0.40
CA ILE E 178 -52.32 11.91 0.25
C ILE E 178 -51.64 11.98 1.62
N LYS E 179 -50.54 11.24 1.74
CA LYS E 179 -49.75 11.16 2.97
C LYS E 179 -48.28 11.46 2.69
N LEU E 180 -47.62 12.11 3.65
CA LEU E 180 -46.19 12.37 3.54
C LEU E 180 -45.39 11.24 4.17
N ASN E 181 -44.30 10.84 3.51
CA ASN E 181 -43.44 9.78 4.01
C ASN E 181 -42.80 10.14 5.34
N ARG E 182 -42.73 9.15 6.23
CA ARG E 182 -42.13 9.35 7.54
C ARG E 182 -40.60 9.34 7.47
N VAL E 183 -39.99 10.39 7.99
CA VAL E 183 -38.54 10.44 8.12
C VAL E 183 -38.16 10.94 9.51
N LEU E 184 -37.33 10.16 10.20
CA LEU E 184 -36.91 10.49 11.56
C LEU E 184 -36.14 11.80 11.57
N GLY E 185 -36.58 12.74 12.40
CA GLY E 185 -35.89 14.01 12.55
C GLY E 185 -36.22 15.06 11.52
N PHE E 186 -37.00 14.68 10.50
CA PHE E 186 -37.36 15.60 9.44
C PHE E 186 -38.30 16.69 9.96
N LYS E 187 -37.92 17.94 9.69
CA LYS E 187 -38.74 19.08 10.09
C LYS E 187 -39.07 19.91 8.85
N PRO E 188 -40.22 19.64 8.23
CA PRO E 188 -40.60 20.27 6.96
C PRO E 188 -40.62 21.80 7.02
N LYS E 189 -39.92 22.43 6.09
CA LYS E 189 -39.95 23.87 5.96
C LYS E 189 -40.78 24.24 4.74
N PRO E 190 -41.97 24.83 4.97
CA PRO E 190 -42.84 25.26 3.89
C PRO E 190 -42.18 26.35 3.05
N PRO E 191 -42.65 26.56 1.81
CA PRO E 191 -42.08 27.64 1.01
C PRO E 191 -42.31 28.99 1.69
N LYS E 192 -41.44 29.95 1.43
CA LYS E 192 -41.54 31.27 2.05
C LYS E 192 -42.81 31.97 1.60
N ASN E 193 -43.23 32.98 2.35
CA ASN E 193 -44.38 33.81 1.97
C ASN E 193 -44.05 34.60 0.70
N GLU E 194 -42.78 34.51 0.30
CA GLU E 194 -42.23 35.12 -0.90
C GLU E 194 -42.42 34.16 -2.08
N SER E 195 -43.13 33.07 -1.83
CA SER E 195 -43.24 31.91 -2.73
C SER E 195 -43.56 32.24 -4.20
N LEU E 196 -42.88 31.56 -5.11
CA LEU E 196 -43.00 31.86 -6.54
C LEU E 196 -44.14 31.09 -7.16
N GLU E 197 -45.19 31.81 -7.54
CA GLU E 197 -46.34 31.30 -8.28
C GLU E 197 -46.81 29.93 -7.79
N THR E 198 -47.38 29.88 -6.60
CA THR E 198 -47.81 28.59 -6.04
C THR E 198 -49.27 28.26 -6.34
N TYR E 199 -49.94 29.12 -7.12
CA TYR E 199 -51.31 28.86 -7.57
C TYR E 199 -52.27 29.00 -6.38
N PRO E 200 -53.60 28.97 -6.61
CA PRO E 200 -54.51 29.11 -5.47
C PRO E 200 -54.16 28.23 -4.27
N VAL E 201 -54.19 28.85 -3.09
CA VAL E 201 -53.71 28.26 -1.84
C VAL E 201 -54.02 29.27 -0.74
N MET E 202 -54.01 28.83 0.52
CA MET E 202 -54.39 29.72 1.61
C MET E 202 -53.19 30.52 2.13
N LYS E 203 -53.47 31.38 3.12
CA LYS E 203 -52.47 32.27 3.69
C LYS E 203 -51.79 31.62 4.91
N TYR E 204 -52.08 30.35 5.13
CA TYR E 204 -51.57 29.62 6.30
C TYR E 204 -50.18 29.05 6.03
N ASN E 205 -49.51 29.57 5.01
CA ASN E 205 -48.14 29.17 4.71
C ASN E 205 -47.14 29.05 5.90
N PRO E 206 -47.24 29.88 6.97
CA PRO E 206 -46.16 29.65 7.94
C PRO E 206 -46.10 28.25 8.58
N TYR E 207 -47.23 27.75 9.08
CA TYR E 207 -47.23 26.48 9.82
C TYR E 207 -47.72 25.25 9.05
N VAL E 208 -48.05 25.40 7.77
CA VAL E 208 -48.51 24.26 7.00
C VAL E 208 -47.59 23.94 5.81
N LEU E 209 -47.47 22.66 5.48
CA LEU E 209 -46.73 22.23 4.29
C LEU E 209 -47.70 21.89 3.17
N PRO E 210 -47.73 22.74 2.13
CA PRO E 210 -48.77 22.77 1.09
C PRO E 210 -48.68 21.65 0.04
N VAL E 211 -49.83 21.31 -0.55
CA VAL E 211 -49.92 20.32 -1.62
C VAL E 211 -50.96 20.76 -2.65
N HIS E 212 -50.65 20.63 -3.94
CA HIS E 212 -51.63 20.99 -4.98
C HIS E 212 -51.59 20.03 -6.18
N CYS E 213 -52.73 19.85 -6.84
CA CYS E 213 -52.87 18.87 -7.92
C CYS E 213 -53.10 19.51 -9.29
N THR E 214 -52.65 18.83 -10.34
CA THR E 214 -52.72 19.32 -11.71
C THR E 214 -52.88 18.15 -12.70
N GLY E 215 -53.56 18.37 -13.81
CA GLY E 215 -53.80 17.31 -14.78
C GLY E 215 -52.56 16.78 -15.46
N LYS E 216 -51.82 17.68 -16.13
CA LYS E 216 -50.51 17.33 -16.67
C LYS E 216 -49.50 18.34 -16.17
N ARG E 217 -48.23 17.93 -16.10
CA ARG E 217 -47.24 18.64 -15.30
C ARG E 217 -47.01 20.09 -15.70
N ASP E 218 -46.18 20.34 -16.72
CA ASP E 218 -45.99 21.71 -17.24
C ASP E 218 -46.54 21.99 -18.66
N GLU E 219 -47.11 20.98 -19.32
CA GLU E 219 -47.45 21.11 -20.74
C GLU E 219 -48.97 21.11 -20.97
N ASP E 220 -49.36 21.09 -22.24
CA ASP E 220 -50.78 21.06 -22.60
C ASP E 220 -51.49 19.92 -21.87
N LYS E 221 -52.68 20.22 -21.36
CA LYS E 221 -53.41 19.26 -20.56
C LYS E 221 -54.72 18.87 -21.22
N GLU E 222 -55.21 17.70 -20.83
CA GLU E 222 -56.51 17.19 -21.23
C GLU E 222 -57.52 17.73 -20.23
N LYS E 223 -57.05 18.69 -19.42
CA LYS E 223 -57.52 18.89 -18.07
C LYS E 223 -59.03 19.01 -17.95
N VAL E 224 -59.58 18.10 -17.15
CA VAL E 224 -60.95 18.12 -16.69
C VAL E 224 -60.88 17.82 -15.21
N GLY E 225 -61.25 18.77 -14.35
CA GLY E 225 -61.31 18.49 -12.94
C GLY E 225 -61.81 19.61 -12.06
N THR E 226 -62.34 19.23 -10.89
CA THR E 226 -62.62 20.16 -9.82
C THR E 226 -62.22 19.47 -8.51
N MET E 227 -61.26 20.06 -7.81
CA MET E 227 -60.66 19.40 -6.65
C MET E 227 -60.97 20.14 -5.35
N GLU E 228 -61.51 19.41 -4.38
CA GLU E 228 -61.77 19.97 -3.06
C GLU E 228 -60.87 19.32 -2.03
N TYR E 229 -60.16 20.14 -1.27
CA TYR E 229 -59.15 19.65 -0.34
C TYR E 229 -59.63 19.68 1.10
N PHE E 230 -59.25 18.64 1.85
CA PHE E 230 -59.50 18.58 3.28
C PHE E 230 -58.19 18.46 4.04
N GLY E 231 -57.83 19.52 4.75
CA GLY E 231 -56.71 19.49 5.66
C GLY E 231 -57.10 19.61 7.12
N LEU E 232 -56.11 19.83 7.98
CA LEU E 232 -56.36 20.20 9.37
C LEU E 232 -56.90 21.62 9.40
N GLY E 233 -58.09 21.80 9.96
CA GLY E 233 -58.70 23.12 10.03
C GLY E 233 -59.13 23.68 8.69
N GLY E 234 -58.99 22.88 7.63
CA GLY E 234 -59.41 23.30 6.30
C GLY E 234 -58.29 23.68 5.35
N TYR E 235 -57.04 23.53 5.78
CA TYR E 235 -55.90 23.95 4.98
C TYR E 235 -55.22 22.79 4.25
N PRO E 236 -55.04 22.95 2.92
CA PRO E 236 -54.57 21.87 2.03
C PRO E 236 -53.12 21.47 2.26
N GLY E 237 -52.78 21.05 3.48
CA GLY E 237 -51.41 20.67 3.78
C GLY E 237 -51.21 19.93 5.09
N PHE E 238 -49.95 19.70 5.43
CA PHE E 238 -49.59 19.01 6.67
C PHE E 238 -49.22 19.99 7.77
N PRO E 239 -49.85 19.87 8.95
CA PRO E 239 -49.52 20.71 10.10
C PRO E 239 -48.14 20.40 10.63
N LEU E 240 -47.36 21.42 10.95
CA LEU E 240 -45.98 21.21 11.37
C LEU E 240 -45.88 20.62 12.78
N GLN E 241 -47.00 20.64 13.50
CA GLN E 241 -47.02 20.22 14.90
C GLN E 241 -46.74 18.72 15.08
N TYR E 242 -46.90 17.96 14.00
CA TYR E 242 -46.67 16.51 14.08
C TYR E 242 -45.21 16.15 13.80
N TYR E 243 -44.39 17.17 13.57
CA TYR E 243 -42.98 16.96 13.26
C TYR E 243 -42.11 17.56 14.35
N PRO E 244 -40.89 17.02 14.54
CA PRO E 244 -40.28 15.88 13.84
C PRO E 244 -40.78 14.51 14.32
N TYR E 245 -40.69 13.52 13.44
CA TYR E 245 -40.98 12.12 13.80
C TYR E 245 -39.79 11.53 14.55
N TYR E 246 -40.07 10.92 15.70
CA TYR E 246 -39.01 10.45 16.58
C TYR E 246 -38.64 8.97 16.44
N GLY E 247 -39.26 8.28 15.49
CA GLY E 247 -38.90 6.90 15.22
C GLY E 247 -39.81 5.89 15.90
N LYS E 248 -39.79 4.66 15.40
CA LYS E 248 -40.69 3.62 15.86
C LYS E 248 -40.46 3.25 17.33
N LEU E 249 -39.23 3.39 17.79
CA LEU E 249 -38.89 3.04 19.17
C LEU E 249 -39.40 4.09 20.16
N LEU E 250 -39.11 5.36 19.89
CA LEU E 250 -39.51 6.43 20.79
C LEU E 250 -40.98 6.80 20.63
N GLN E 251 -41.54 6.52 19.46
CA GLN E 251 -42.95 6.82 19.20
C GLN E 251 -43.66 5.69 18.46
N PRO E 252 -43.88 4.55 19.15
CA PRO E 252 -44.77 3.58 18.53
C PRO E 252 -46.20 4.11 18.59
N LYS E 253 -47.07 3.62 17.71
CA LYS E 253 -48.44 4.11 17.58
C LYS E 253 -48.45 5.60 17.23
N TYR E 254 -47.42 6.04 16.51
CA TYR E 254 -47.35 7.42 16.04
C TYR E 254 -48.22 7.61 14.81
N LEU E 255 -49.13 8.57 14.86
CA LEU E 255 -50.00 8.83 13.72
C LEU E 255 -49.56 10.09 12.98
N GLN E 256 -49.14 9.92 11.73
CA GLN E 256 -48.69 11.03 10.88
C GLN E 256 -49.87 11.71 10.21
N PRO E 257 -49.71 12.98 9.80
CA PRO E 257 -50.79 13.73 9.17
C PRO E 257 -51.29 13.12 7.87
N LEU E 258 -52.59 13.29 7.60
CA LEU E 258 -53.20 12.85 6.34
C LEU E 258 -53.94 14.03 5.72
N MET E 259 -54.04 14.06 4.39
CA MET E 259 -54.79 15.14 3.75
C MET E 259 -55.59 14.65 2.54
N ALA E 260 -56.89 14.97 2.51
CA ALA E 260 -57.77 14.40 1.48
C ALA E 260 -57.92 15.29 0.25
N VAL E 261 -57.97 14.67 -0.93
CA VAL E 261 -58.24 15.40 -2.16
C VAL E 261 -59.39 14.76 -2.91
N GLN E 262 -60.50 15.46 -3.03
CA GLN E 262 -61.64 14.89 -3.74
C GLN E 262 -61.80 15.48 -5.13
N PHE E 263 -61.90 14.60 -6.13
CA PHE E 263 -62.27 15.03 -7.47
C PHE E 263 -63.77 14.90 -7.60
N THR E 264 -64.46 16.02 -7.65
CA THR E 264 -65.91 16.02 -7.81
C THR E 264 -66.25 15.94 -9.27
N ASN E 265 -65.80 16.94 -10.00
CA ASN E 265 -66.12 17.10 -11.41
C ASN E 265 -65.06 16.48 -12.31
N LEU E 266 -65.42 15.40 -13.00
CA LEU E 266 -64.53 14.72 -13.93
C LEU E 266 -65.33 14.15 -15.10
N THR E 267 -64.64 13.87 -16.21
CA THR E 267 -65.25 13.14 -17.31
C THR E 267 -65.19 11.65 -17.01
N MET E 268 -66.35 11.00 -16.93
CA MET E 268 -66.44 9.64 -16.41
C MET E 268 -65.69 8.57 -17.22
N ASP E 269 -66.06 8.39 -18.49
CA ASP E 269 -65.62 7.22 -19.22
C ASP E 269 -64.27 7.39 -19.91
N THR E 270 -63.65 8.54 -19.70
CA THR E 270 -62.30 8.78 -20.19
C THR E 270 -61.29 8.73 -19.04
N GLU E 271 -60.13 8.15 -19.30
CA GLU E 271 -59.06 8.13 -18.31
C GLU E 271 -58.19 9.36 -18.41
N ILE E 272 -58.04 10.08 -17.29
CA ILE E 272 -57.09 11.18 -17.23
C ILE E 272 -56.13 10.98 -16.07
N ARG E 273 -55.03 11.73 -16.12
CA ARG E 273 -53.96 11.62 -15.14
C ARG E 273 -53.87 12.85 -14.25
N ILE E 274 -53.34 12.64 -13.05
CA ILE E 274 -53.26 13.68 -12.02
C ILE E 274 -51.93 13.60 -11.28
N GLU E 275 -51.29 14.76 -11.12
CA GLU E 275 -50.05 14.86 -10.35
C GLU E 275 -50.20 15.83 -9.20
N CYS E 276 -49.86 15.37 -8.00
CA CYS E 276 -49.95 16.22 -6.81
C CYS E 276 -48.57 16.51 -6.25
N LYS E 277 -48.22 17.79 -6.25
CA LYS E 277 -46.91 18.23 -5.81
C LYS E 277 -46.98 18.87 -4.43
N ALA E 278 -46.08 18.45 -3.55
CA ALA E 278 -45.89 19.09 -2.26
C ALA E 278 -44.75 20.09 -2.36
N TYR E 279 -44.96 21.30 -1.88
CA TYR E 279 -43.97 22.36 -2.07
C TYR E 279 -43.28 22.74 -0.76
N GLY E 280 -42.00 23.08 -0.87
CA GLY E 280 -41.22 23.49 0.28
C GLY E 280 -39.72 23.49 0.01
N GLU E 281 -38.96 24.10 0.90
CA GLU E 281 -37.51 24.12 0.79
C GLU E 281 -36.95 22.78 1.24
N ASN E 282 -37.48 22.25 2.34
CA ASN E 282 -37.12 20.93 2.84
C ASN E 282 -37.58 19.83 1.90
N ILE E 283 -38.36 20.22 0.88
CA ILE E 283 -38.92 19.27 -0.07
C ILE E 283 -38.14 19.33 -1.39
N GLY E 284 -38.05 18.18 -2.05
CA GLY E 284 -37.36 18.10 -3.33
C GLY E 284 -38.00 17.06 -4.23
N TYR E 285 -37.68 17.12 -5.52
CA TYR E 285 -38.28 16.22 -6.50
C TYR E 285 -37.20 15.58 -7.38
N SER E 286 -37.42 14.32 -7.72
CA SER E 286 -36.56 13.62 -8.67
C SER E 286 -37.33 13.28 -9.93
N GLU E 287 -36.65 13.37 -11.08
CA GLU E 287 -37.30 13.05 -12.35
C GLU E 287 -37.35 11.53 -12.55
N LYS E 288 -36.38 10.83 -11.99
CA LYS E 288 -36.35 9.38 -12.11
C LYS E 288 -37.32 8.72 -11.13
N ASP E 289 -37.47 9.31 -9.95
CA ASP E 289 -38.43 8.81 -8.97
C ASP E 289 -39.67 9.70 -9.00
N ARG E 290 -40.77 9.15 -9.52
CA ARG E 290 -41.98 9.92 -9.73
C ARG E 290 -42.76 10.07 -8.43
N PHE E 291 -42.41 9.25 -7.45
CA PHE E 291 -43.04 9.29 -6.14
C PHE E 291 -42.24 10.10 -5.14
N GLN E 292 -41.14 10.70 -5.59
CA GLN E 292 -40.29 11.47 -4.69
C GLN E 292 -40.66 12.95 -4.71
N GLY E 293 -41.27 13.40 -3.62
CA GLY E 293 -41.69 14.79 -3.49
C GLY E 293 -43.00 15.07 -4.19
N ARG E 294 -43.37 14.20 -5.11
CA ARG E 294 -44.58 14.39 -5.89
C ARG E 294 -45.35 13.08 -6.05
N PHE E 295 -46.41 13.12 -6.85
CA PHE E 295 -47.45 12.11 -6.80
C PHE E 295 -48.08 11.91 -8.17
N ASP E 296 -48.46 10.68 -8.51
CA ASP E 296 -49.12 10.41 -9.79
C ASP E 296 -50.23 9.36 -9.69
N VAL E 297 -51.40 9.69 -10.22
CA VAL E 297 -52.55 8.80 -10.23
C VAL E 297 -53.38 8.92 -11.52
N LYS E 298 -53.68 7.79 -12.16
CA LYS E 298 -54.57 7.78 -13.32
C LYS E 298 -55.95 7.28 -12.90
N ILE E 299 -56.99 8.05 -13.17
CA ILE E 299 -58.32 7.62 -12.71
C ILE E 299 -59.39 7.58 -13.80
N GLU E 300 -60.04 6.43 -13.90
CA GLU E 300 -61.15 6.27 -14.83
C GLU E 300 -62.37 5.67 -14.13
N VAL E 301 -63.44 6.45 -14.01
CA VAL E 301 -64.68 5.92 -13.45
C VAL E 301 -65.67 5.66 -14.58
N LYS E 302 -65.86 4.40 -14.93
CA LYS E 302 -66.61 4.05 -16.13
C LYS E 302 -67.96 3.42 -15.83
N SER E 303 -69.00 3.95 -16.48
CA SER E 303 -70.35 3.47 -16.29
C SER E 303 -71.14 3.59 -17.59
N ASP F 17 -27.82 19.73 7.91
CA ASP F 17 -28.72 18.58 7.88
C ASP F 17 -27.96 17.28 7.66
N PRO F 18 -28.38 16.21 8.36
CA PRO F 18 -27.82 14.85 8.22
C PRO F 18 -28.09 14.25 6.84
N PHE F 19 -28.98 14.90 6.09
CA PHE F 19 -29.49 14.37 4.84
C PHE F 19 -28.61 14.71 3.65
N TYR F 20 -27.47 15.36 3.92
CA TYR F 20 -26.49 15.65 2.89
C TYR F 20 -25.22 14.85 3.14
N TYR F 21 -24.74 14.19 2.09
CA TYR F 21 -23.49 13.44 2.17
C TYR F 21 -22.52 14.04 1.17
N ASP F 22 -21.21 13.96 1.43
CA ASP F 22 -20.30 14.39 0.39
C ASP F 22 -19.96 13.14 -0.40
N TYR F 23 -20.65 12.98 -1.52
CA TYR F 23 -20.39 11.89 -2.44
C TYR F 23 -19.31 12.27 -3.44
N GLU F 24 -19.27 13.54 -3.81
CA GLU F 24 -18.33 14.03 -4.81
C GLU F 24 -16.88 13.93 -4.32
N THR F 25 -16.69 14.16 -3.02
CA THR F 25 -15.37 14.09 -2.42
C THR F 25 -14.87 12.65 -2.36
N VAL F 26 -15.72 11.75 -1.87
CA VAL F 26 -15.42 10.32 -1.83
C VAL F 26 -15.15 9.79 -3.24
N ARG F 27 -15.95 10.27 -4.19
CA ARG F 27 -15.81 9.96 -5.61
C ARG F 27 -14.42 10.34 -6.11
N ASN F 28 -14.07 11.60 -5.90
CA ASN F 28 -12.74 12.12 -6.22
C ASN F 28 -11.62 11.29 -5.61
N GLY F 29 -11.79 10.94 -4.33
CA GLY F 29 -10.79 10.14 -3.64
C GLY F 29 -10.59 8.79 -4.29
N GLY F 30 -11.70 8.11 -4.59
CA GLY F 30 -11.65 6.80 -5.21
C GLY F 30 -11.01 6.85 -6.57
N LEU F 31 -11.30 7.91 -7.32
CA LEU F 31 -10.76 8.04 -8.66
C LEU F 31 -9.26 8.33 -8.65
N ILE F 32 -8.86 9.30 -7.82
CA ILE F 32 -7.45 9.60 -7.58
C ILE F 32 -6.71 8.32 -7.21
N PHE F 33 -7.29 7.57 -6.28
CA PHE F 33 -6.75 6.29 -5.89
C PHE F 33 -6.58 5.36 -7.07
N ALA F 34 -7.62 5.24 -7.89
CA ALA F 34 -7.58 4.33 -9.04
C ALA F 34 -6.42 4.67 -9.94
N ALA F 35 -6.26 5.97 -10.21
CA ALA F 35 -5.16 6.46 -11.02
C ALA F 35 -3.79 6.07 -10.43
N LEU F 36 -3.58 6.41 -9.16
CA LEU F 36 -2.31 6.10 -8.50
C LEU F 36 -2.01 4.60 -8.49
N ALA F 37 -2.99 3.82 -8.05
CA ALA F 37 -2.83 2.37 -7.97
C ALA F 37 -2.48 1.78 -9.33
N PHE F 38 -3.18 2.23 -10.37
CA PHE F 38 -2.93 1.70 -11.70
C PHE F 38 -1.55 2.06 -12.20
N ILE F 39 -1.17 3.34 -12.09
CA ILE F 39 0.13 3.73 -12.62
C ILE F 39 1.26 3.11 -11.80
N VAL F 40 1.01 2.84 -10.53
CA VAL F 40 1.98 2.14 -9.69
C VAL F 40 2.11 0.71 -10.17
N GLY F 41 0.98 0.10 -10.50
CA GLY F 41 0.98 -1.23 -11.10
C GLY F 41 1.82 -1.23 -12.36
N LEU F 42 1.68 -0.18 -13.16
CA LEU F 42 2.44 -0.04 -14.39
C LEU F 42 3.93 0.11 -14.12
N ILE F 43 4.28 0.81 -13.06
CA ILE F 43 5.67 0.89 -12.65
C ILE F 43 6.17 -0.50 -12.30
N ILE F 44 5.31 -1.28 -11.65
CA ILE F 44 5.68 -2.62 -11.20
C ILE F 44 5.95 -3.54 -12.38
N ILE F 45 5.06 -3.60 -13.35
CA ILE F 45 5.28 -4.53 -14.47
C ILE F 45 6.40 -4.10 -15.40
N LEU F 46 6.80 -2.83 -15.32
CA LEU F 46 7.99 -2.43 -16.07
C LEU F 46 9.16 -2.30 -15.10
N SER F 47 10.04 -3.30 -15.11
CA SER F 47 11.13 -3.35 -14.15
C SER F 47 12.45 -2.87 -14.72
N LYS F 48 12.44 -2.54 -16.02
CA LYS F 48 13.65 -2.11 -16.73
C LYS F 48 14.78 -3.13 -16.59
C1 NAG G . 63.47 -30.02 13.51
C2 NAG G . 64.08 -30.52 12.20
C3 NAG G . 65.10 -31.63 12.47
C4 NAG G . 66.15 -31.14 13.45
C5 NAG G . 65.46 -30.86 14.78
C6 NAG G . 66.40 -30.48 15.89
C7 NAG G . 62.26 -30.18 10.58
C8 NAG G . 61.25 -30.85 9.68
N2 NAG G . 63.05 -30.98 11.28
O3 NAG G . 65.70 -32.01 11.24
O4 NAG G . 67.17 -32.13 13.59
O5 NAG G . 64.55 -29.78 14.59
O6 NAG G . 66.13 -31.18 17.09
O7 NAG G . 62.31 -28.97 10.71
C1 NAG G . 68.30 -31.30 13.28
C2 NAG G . 69.48 -32.16 13.70
C3 NAG G . 70.78 -31.56 13.15
C4 NAG G . 70.67 -31.33 11.65
C5 NAG G . 69.42 -30.52 11.33
C6 NAG G . 69.18 -30.34 9.86
C7 NAG G . 68.74 -33.13 15.84
C8 NAG G . 68.94 -33.13 17.33
N2 NAG G . 69.53 -32.29 15.14
O3 NAG G . 71.86 -32.45 13.42
O4 NAG G . 71.81 -30.63 11.19
O5 NAG G . 68.27 -31.19 11.86
O6 NAG G . 68.16 -29.38 9.61
O7 NAG G . 67.91 -33.84 15.29
C1 GLC H . 13.39 -12.99 -0.61
C2 GLC H . 13.92 -14.40 -0.72
C3 GLC H . 13.52 -15.16 0.53
C4 GLC H . 14.04 -14.41 1.75
C5 GLC H . 13.78 -12.89 1.69
C6 GLC H . 14.55 -12.23 2.80
O2 GLC H . 13.42 -15.05 -1.86
O3 GLC H . 14.05 -16.47 0.51
O4 GLC H . 13.48 -14.94 2.94
O5 GLC H . 14.10 -12.34 0.43
O6 GLC H . 14.33 -12.93 4.02
C1 FRU H . 11.77 -10.98 -1.47
C2 FRU H . 11.11 -12.29 -1.03
C3 FRU H . 10.68 -13.11 -2.23
C4 FRU H . 9.18 -13.06 -2.26
C5 FRU H . 8.76 -12.48 -0.91
C6 FRU H . 8.11 -13.56 -0.05
O1 FRU H . 10.82 -10.17 -2.11
O2 FRU H . 12.01 -13.06 -0.27
O3 FRU H . 11.07 -14.47 -2.10
O4 FRU H . 8.75 -12.22 -3.30
O5 FRU H . 9.94 -12.02 -0.27
O6 FRU H . 7.66 -13.00 1.18
C1 GLC I . -16.07 7.15 6.80
C2 GLC I . -17.24 7.09 5.82
C3 GLC I . -18.46 7.76 6.45
C4 GLC I . -18.09 9.11 7.05
C5 GLC I . -17.01 8.91 8.10
C6 GLC I . -17.54 9.25 9.48
O2 GLC I . -16.89 7.76 4.63
O3 GLC I . -18.97 6.92 7.48
O4 GLC I . -17.60 9.95 6.03
O5 GLC I . -16.54 7.59 8.06
O6 GLC I . -17.03 10.51 9.84
C1 FRU I . -13.87 6.62 4.80
C2 FRU I . -13.85 7.40 6.10
C3 FRU I . -12.67 8.36 5.99
C4 FRU I . -11.66 7.87 7.02
C5 FRU I . -12.23 6.54 7.49
C6 FRU I . -12.14 6.31 8.99
O1 FRU I . -14.00 5.24 5.03
O2 FRU I . -15.10 8.04 6.29
O3 FRU I . -13.08 9.67 6.23
O4 FRU I . -10.43 7.68 6.36
O5 FRU I . -13.60 6.50 7.13
O6 FRU I . -12.96 5.22 9.34
MG MG J . -11.61 50.25 29.35
MG MG K . 1.96 37.36 31.82
MG MG L . 13.51 7.25 22.60
C1 CLR M . 9.12 -17.04 9.52
C2 CLR M . 10.50 -16.93 8.93
C3 CLR M . 10.57 -15.99 7.74
C4 CLR M . 9.96 -14.69 8.08
C5 CLR M . 8.49 -14.92 8.35
C6 CLR M . 7.75 -13.59 8.30
C7 CLR M . 6.27 -13.79 8.45
C8 CLR M . 5.95 -14.64 9.68
C9 CLR M . 6.76 -15.95 9.85
C10 CLR M . 8.27 -15.77 9.59
C11 CLR M . 6.36 -16.83 11.15
C12 CLR M . 4.93 -16.81 11.63
C13 CLR M . 4.27 -15.36 11.48
C14 CLR M . 4.42 -14.96 10.03
C15 CLR M . 3.36 -13.94 9.84
C16 CLR M . 2.20 -14.47 10.67
C17 CLR M . 2.79 -15.58 11.64
C18 CLR M . 4.93 -14.36 12.46
C19 CLR M . 8.79 -15.03 10.80
C20 CLR M . 2.13 -15.51 12.97
C21 CLR M . 2.70 -16.27 14.21
C22 CLR M . 0.63 -16.00 12.84
C23 CLR M . -0.22 -16.00 14.11
C24 CLR M . -1.66 -15.50 13.99
C25 CLR M . -1.88 -14.04 13.63
C26 CLR M . -2.15 -13.81 12.15
C27 CLR M . -2.87 -13.35 14.52
O1 CLR M . 11.87 -15.78 7.34
C1 DGX N . 27.94 0.51 26.77
C2 DGX N . 27.51 -0.80 27.41
C3 DGX N . 27.59 -2.02 26.47
O3 DGX N . 28.95 -2.45 26.37
C4 DGX N . 26.83 -1.61 25.19
C5 DGX N . 27.25 -0.30 24.53
C6 DGX N . 26.41 0.01 23.28
C7 DGX N . 25.00 0.57 23.54
C8 DGX N . 25.06 1.83 24.40
C9 DGX N . 25.77 1.48 25.73
C10 DGX N . 27.21 0.92 25.46
C11 DGX N . 25.87 2.71 26.61
C12 DGX N . 24.55 3.43 26.89
O12 DGX N . 24.86 4.67 27.50
C13 DGX N . 23.76 3.77 25.59
C14 DGX N . 23.71 2.53 24.63
O14 DGX N . 23.28 3.03 23.41
C15 DGX N . 22.60 1.65 25.23
C16 DGX N . 21.77 2.56 26.16
C17 DGX N . 22.29 4.00 26.05
C18 DGX N . 24.28 5.03 24.95
C19 DGX N . 28.04 2.03 24.79
C1X DGX N . 29.50 -2.94 27.60
C1Y DGX N . 34.05 -4.03 30.31
C1Z DGX N . 38.67 -6.86 30.54
C20 DGX N . 21.50 5.04 25.30
C21 DGX N . 20.72 4.76 24.01
O21 DGX N . 20.04 5.96 23.69
C22 DGX N . 20.99 6.19 25.78
C23 DGX N . 19.99 6.74 24.81
O23 DGX N . 19.22 7.66 24.86
C2X DGX N . 30.41 -4.13 27.24
C2Y DGX N . 34.50 -4.90 31.47
C2Z DGX N . 39.24 -7.19 29.13
C3X DGX N . 31.17 -4.65 28.48
O3X DGX N . 30.22 -5.11 29.39
C3Y DGX N . 36.02 -4.87 31.59
O3Y DGX N . 36.42 -3.53 31.70
C3Z DGX N . 40.09 -8.47 29.12
O3Z DGX N . 39.25 -9.53 29.46
C4X DGX N . 31.99 -3.53 29.16
O4X DGX N . 32.61 -4.10 30.33
C4Y DGX N . 36.64 -5.50 30.30
O4Y DGX N . 38.07 -5.57 30.48
C4Z DGX N . 41.21 -8.33 30.18
O4Z DGX N . 41.85 -9.57 30.32
C5X DGX N . 30.99 -2.31 29.37
O5X DGX N . 30.35 -1.94 28.14
C5Y DGX N . 36.08 -4.65 29.10
O5Y DGX N . 34.62 -4.63 29.14
C5Z DGX N . 40.57 -7.94 31.56
O5Z DGX N . 39.76 -6.78 31.46
C6X DGX N . 31.76 -1.08 29.85
C6Y DGX N . 36.53 -5.29 27.80
C6Z DGX N . 41.73 -7.68 32.54
C1 17F O . 1.66 10.69 39.89
N1 17F O . -0.61 10.84 38.83
O1 17F O . 1.88 7.72 40.43
P1 17F O . 2.43 8.24 39.14
C2 17F O . 0.25 11.36 39.97
O2 17F O . 2.59 7.47 37.87
C3 17F O . 0.40 12.94 39.90
O3 17F O . 1.78 9.76 38.84
C4 17F O . 5.07 7.93 38.75
O4 17F O . -0.48 13.58 39.30
C5 17F O . 6.34 7.54 39.55
O5 17F O . 1.40 13.47 40.47
C6 17F O . 6.62 6.04 39.36
O6 17F O . 4.10 8.49 39.54
O7 17F O . 6.79 5.30 40.56
O9 17F O . 7.53 8.21 39.00
C1 17F P . 5.11 13.60 41.32
N1 17F P . 3.57 15.04 42.58
O1 17F P . 5.96 11.05 39.88
P1 17F P . 6.82 11.57 40.99
C2 17F P . 5.00 14.85 42.24
O2 17F P . 8.20 12.12 40.85
C3 17F P . 5.49 16.12 41.50
O3 17F P . 5.88 12.58 41.91
C4 17F P . 8.41 9.72 42.29
O4 17F P . 4.85 16.51 40.50
C5 17F P . 8.51 8.13 42.11
O5 17F P . 6.52 16.68 41.95
C6 17F P . 9.91 7.75 41.58
O6 17F P . 7.13 10.15 42.01
O9 17F P . 8.36 7.46 43.35
C1 NAG Q . 69.62 -16.35 8.98
C2 NAG Q . 70.46 -16.74 7.77
C3 NAG Q . 71.91 -16.28 7.95
C4 NAG Q . 71.95 -14.79 8.29
C5 NAG Q . 71.07 -14.52 9.50
C6 NAG Q . 71.00 -13.05 9.88
C7 NAG Q . 70.32 -18.72 6.30
C8 NAG Q . 70.22 -17.77 5.15
N2 NAG Q . 70.42 -18.17 7.53
O3 NAG Q . 72.65 -16.52 6.76
O4 NAG Q . 73.29 -14.39 8.57
O5 NAG Q . 69.73 -14.94 9.22
O6 NAG Q . 69.67 -12.56 9.77
O7 NAG Q . 70.30 -19.94 6.15
C1 17F R . -3.18 2.55 38.52
N1 17F R . -3.10 3.34 36.21
O1 17F R . -1.45 2.88 41.89
P1 17F R . -2.06 1.95 40.89
C2 17F R . -2.73 3.69 37.58
O2 17F R . -2.77 0.68 41.21
C3 17F R . -1.17 3.86 37.63
O3 17F R . -3.00 2.88 39.87
C4 17F R . -0.80 0.17 39.15
O4 17F R . -0.54 3.68 36.56
C5 17F R . 0.63 -0.45 38.83
O5 17F R . -0.66 4.19 38.72
C6 17F R . 0.59 -1.95 39.20
O6 17F R . -0.69 1.35 39.87
O7 17F R . -0.63 -2.30 39.85
O9 17F R . 0.88 -0.41 37.40
O10 17F R . 2.70 0.83 36.91
C17 17F R . 2.16 -0.26 36.96
C18 17F R . 2.90 -1.54 36.53
C19 17F R . 3.83 -1.39 35.31
C20 17F R . 4.52 -2.71 34.88
C1Y 17F R . 5.62 -2.56 33.80
C1Z 17F R . 6.80 -3.58 33.91
C31 17F R . 7.72 -3.71 32.65
C1 CLR S . 10.51 -5.82 -1.44
C2 CLR S . 11.78 -6.21 -2.13
C3 CLR S . 12.72 -5.04 -2.34
C4 CLR S . 12.95 -4.29 -1.08
C5 CLR S . 11.64 -3.74 -0.59
C6 CLR S . 11.88 -2.81 0.60
C7 CLR S . 10.60 -2.11 1.01
C8 CLR S . 9.46 -3.10 1.19
C9 CLR S . 9.25 -4.09 0.01
C10 CLR S . 10.56 -4.79 -0.34
C11 CLR S . 7.94 -5.02 0.12
C12 CLR S . 6.69 -4.37 0.65
C13 CLR S . 7.02 -3.59 1.99
C14 CLR S . 8.05 -2.53 1.66
C15 CLR S . 7.98 -1.64 2.84
C16 CLR S . 6.49 -1.52 3.05
C17 CLR S . 5.82 -2.75 2.31
C18 CLR S . 7.46 -4.60 3.08
C19 CLR S . 10.86 -5.54 0.92
C20 CLR S . 4.72 -3.29 3.16
C21 CLR S . 3.88 -4.52 2.70
C22 CLR S . 3.67 -2.14 3.46
C23 CLR S . 2.98 -2.19 4.82
C24 CLR S . 1.56 -1.63 4.94
C25 CLR S . 0.42 -2.63 5.15
C26 CLR S . -0.93 -2.04 4.85
C27 CLR S . 0.68 -3.97 4.48
O1 CLR S . 13.93 -5.49 -2.85
MG MG T . 16.16 -41.55 -39.33
MG MG U . -1.05 -35.77 -34.12
MG MG V . -18.58 -16.90 -11.99
C1 CLR W . -18.31 -2.17 11.63
C2 CLR W . -19.20 -1.17 10.96
C3 CLR W . -18.45 -0.19 10.06
C4 CLR W . -17.49 -0.88 9.18
C5 CLR W . -16.49 -1.60 10.03
C6 CLR W . -15.28 -1.98 9.17
C7 CLR W . -14.21 -2.64 10.01
C8 CLR W . -14.80 -3.80 10.81
C9 CLR W . -16.06 -3.48 11.64
C10 CLR W . -17.13 -2.72 10.84
C11 CLR W . -16.61 -4.71 12.56
C12 CLR W . -15.58 -5.64 13.17
C13 CLR W . -14.47 -6.01 12.10
C14 CLR W . -13.82 -4.70 11.70
C15 CLR W . -12.48 -5.12 11.17
C16 CLR W . -12.08 -6.25 12.09
C17 CLR W . -13.38 -6.75 12.84
C18 CLR W . -15.09 -6.78 10.90
C19 CLR W . -17.71 -3.73 9.90
C20 CLR W . -13.42 -8.24 12.92
C21 CLR W . -14.63 -8.95 13.60
C22 CLR W . -12.13 -8.83 13.63
C23 CLR W . -12.24 -10.23 14.24
C24 CLR W . -11.18 -11.28 13.85
C25 CLR W . -11.66 -12.63 13.31
C26 CLR W . -10.74 -13.22 12.28
C27 CLR W . -12.09 -13.60 14.36
O1 CLR W . -19.32 0.54 9.28
C1 DGX X . -34.49 -14.02 -11.97
C2 DGX X . -34.85 -14.49 -10.59
C3 DGX X . -35.03 -13.35 -9.58
O3 DGX X . -36.26 -12.70 -9.85
C4 DGX X . -33.73 -12.53 -9.64
C5 DGX X . -33.27 -12.08 -11.04
C6 DGX X . -31.94 -11.32 -10.98
C7 DGX X . -30.72 -12.22 -10.80
C8 DGX X . -30.62 -13.26 -11.94
C9 DGX X . -31.91 -14.11 -11.92
C10 DGX X . -33.19 -13.21 -12.07
C11 DGX X . -31.87 -15.14 -13.05
C12 DGX X . -30.63 -16.04 -13.07
O12 DGX X . -30.62 -16.77 -14.27
C13 DGX X . -29.29 -15.22 -13.06
C14 DGX X . -29.35 -14.13 -11.92
O14 DGX X . -28.24 -13.30 -12.14
C15 DGX X . -29.10 -14.96 -10.66
C16 DGX X . -28.32 -16.21 -11.11
C17 DGX X . -28.17 -16.23 -12.63
C18 DGX X . -28.96 -14.66 -14.43
C19 DGX X . -33.14 -12.55 -13.47
C1X DGX X . -37.41 -13.52 -9.62
C1Y DGX X . -42.69 -14.14 -10.61
C1Z DGX X . -47.65 -11.90 -10.21
C20 DGX X . -26.81 -16.06 -13.27
C21 DGX X . -25.76 -15.06 -12.82
O21 DGX X . -24.65 -15.24 -13.68
C22 DGX X . -26.13 -16.96 -14.02
C23 DGX X . -24.71 -16.53 -14.13
O23 DGX X . -23.70 -17.08 -14.51
C2X DGX X . -38.48 -12.64 -8.96
C2Y DGX X . -43.92 -14.82 -10.01
C2Z DGX X . -47.57 -10.34 -10.14
C3X DGX X . -39.83 -13.37 -8.81
O3X DGX X . -39.62 -14.46 -7.95
C3Y DGX X . -45.20 -14.33 -10.71
O3Y DGX X . -45.06 -14.56 -12.09
C3Z DGX X . -48.76 -9.76 -9.35
O3Z DGX X . -48.68 -10.23 -8.04
C4X DGX X . -40.34 -13.91 -10.17
O4X DGX X . -41.55 -14.64 -9.90
C4Y DGX X . -45.37 -12.80 -10.46
O4Y DGX X . -46.60 -12.37 -11.05
C4Z DGX X . -50.09 -10.24 -10.00
O4Z DGX X . -51.14 -9.90 -9.14
C5X DGX X . -39.12 -14.70 -10.82
O5X DGX X . -37.94 -13.90 -10.89
C5Y DGX X . -44.04 -12.15 -11.02
O5Y DGX X . -42.88 -12.72 -10.37
C5Z DGX X . -50.05 -11.79 -10.13
O5Z DGX X . -48.90 -12.25 -10.83
C6X DGX X . -39.48 -15.05 -12.27
C6Y DGX X . -44.07 -10.65 -10.71
C6Z DGX X . -51.31 -12.20 -10.90
C1 CLR Y . -9.94 6.16 -0.29
C2 CLR Y . -11.04 7.18 -0.24
C3 CLR Y . -11.92 7.09 -1.48
C4 CLR Y . -12.41 5.71 -1.74
C5 CLR Y . -11.25 4.75 -1.85
C6 CLR Y . -11.78 3.39 -2.29
C7 CLR Y . -10.69 2.34 -2.45
C8 CLR Y . -9.76 2.35 -1.25
C9 CLR Y . -9.19 3.73 -0.87
C10 CLR Y . -10.33 4.74 -0.63
C11 CLR Y . -7.95 3.75 0.16
C12 CLR Y . -7.03 2.54 0.17
C13 CLR Y . -7.89 1.21 0.14
C14 CLR Y . -8.61 1.23 -1.19
C15 CLR Y . -8.95 -0.20 -1.40
C16 CLR Y . -7.77 -0.96 -0.84
C17 CLR Y . -6.92 0.09 0.00
C18 CLR Y . -8.80 1.12 1.38
C19 CLR Y . -11.09 4.25 0.58
C20 CLR Y . -6.37 -0.58 1.21
C21 CLR Y . -5.26 0.14 2.04
C22 CLR Y . -5.75 -1.98 0.81
C23 CLR Y . -4.37 -1.94 0.17
C24 CLR Y . -3.53 -3.22 0.24
C25 CLR Y . -3.25 -3.79 1.62
C26 CLR Y . -4.10 -5.00 1.93
C27 CLR Y . -1.79 -4.00 1.87
O1 CLR Y . -12.99 7.94 -1.35
C1 NAG Z . -70.14 16.93 1.19
C2 NAG Z . -70.11 18.13 0.22
C3 NAG Z . -71.32 19.03 0.45
C4 NAG Z . -72.61 18.23 0.42
C5 NAG Z . -72.52 17.08 1.41
C6 NAG Z . -73.76 16.20 1.42
C7 NAG Z . -67.74 18.60 -0.29
C8 NAG Z . -66.58 19.50 -0.01
N2 NAG Z . -68.88 18.88 0.37
O3 NAG Z . -71.35 20.04 -0.56
O4 NAG Z . -73.71 19.06 0.78
O5 NAG Z . -71.40 16.24 1.08
O6 NAG Z . -74.59 16.48 2.54
O7 NAG Z . -67.66 17.66 -1.07
C1 NAG AA . -47.35 37.48 2.79
C2 NAG AA . -48.34 37.58 3.96
C3 NAG AA . -49.63 38.26 3.52
C4 NAG AA . -49.32 39.61 2.86
C5 NAG AA . -48.30 39.42 1.75
C6 NAG AA . -47.85 40.73 1.13
C7 NAG AA . -48.67 35.98 5.81
C8 NAG AA . -48.37 37.13 6.73
N2 NAG AA . -48.63 36.25 4.51
O3 NAG AA . -50.49 38.46 4.65
O4 NAG AA . -50.51 40.17 2.31
O5 NAG AA . -47.12 38.80 2.27
O6 NAG AA . -48.71 41.13 0.06
O7 NAG AA . -48.93 34.86 6.24
C1 NAG BA . -68.34 20.66 -14.05
C2 NAG BA . -68.40 22.20 -13.94
C3 NAG BA . -69.15 22.80 -15.12
C4 NAG BA . -68.50 22.33 -16.42
C5 NAG BA . -68.47 20.81 -16.46
C6 NAG BA . -67.75 20.26 -17.68
C7 NAG BA . -68.41 23.02 -11.60
C8 NAG BA . -66.91 23.09 -11.72
N2 NAG BA . -69.07 22.60 -12.68
O3 NAG BA . -69.12 24.21 -15.05
O4 NAG BA . -69.24 22.83 -17.54
O5 NAG BA . -67.76 20.33 -15.32
O6 NAG BA . -66.61 19.51 -17.30
O7 NAG BA . -68.99 23.34 -10.57
#